data_6EOT
#
_entry.id   6EOT
#
_cell.length_a   148.159
_cell.length_b   264.675
_cell.length_c   268.937
_cell.angle_alpha   90.00
_cell.angle_beta   90.00
_cell.angle_gamma   90.00
#
_symmetry.space_group_name_H-M   'P 21 21 21'
#
loop_
_entity.id
_entity.type
_entity.pdbx_description
1 polymer 'Dipeptidyl peptidase 8'
2 polymer SER-LEU-ARG-PHE-LEU-TYR-GLU-GLY
3 water water
#
loop_
_entity_poly.entity_id
_entity_poly.type
_entity_poly.pdbx_seq_one_letter_code
_entity_poly.pdbx_strand_id
1 'polypeptide(L)'
;MWKRSEQMKIKSGKCNMAAAMETEQLGVEIFETADCEENIESQDRPKLEPFYVERYSWSQLKKLLADTRKYHGYMMAKAP
HDFMFVKRNDPDGPHSDRIYYLAMSGENRENTLFYSEIPKTINRAAVLMLSWKPLLDLFQATLDYGMYSREEELLRERKR
IGTVGIASYDYHQGSGTFLFQAGSGIYHVKDGGPQGFTQQPLRPNLVETSCPNIRMDPKLCPADPDWIAFIHSNDIWISN
IVTREERRLTYVHNELANMEEDARSAGVATFVLQEEFDRYSGYWWCPKAETTPSGGKILRILYEENDESEVEIIHVTSPM
LETRRADSFRYPKTGTANPKVTFKMSEIMIDAEGRIIDVIDKELIQPFEILFEGVEYIARAGWTPEGKYAWSILLDRSQT
RLQIVLISPELFIPVEDDVMERQRLIESVPDSVTPLIIYEETTDIWINIHDIFHVFPQSHEEEIEFIFASECKTGFRHLY
KITSILKESKYKRSSGGLPAPSDFKCPIKEEIAITSGEWEVLGRHGSNIQVDEVRRLVYFEGTKDSPLEHHLYVVSYVNP
GEVTRLTDRGYSHSCCISQHCDFFISKYSNQKNPHCVSLYKLSSPEDDPTCKTKEFWATILDSAGPLPDYTPPEIFSFES
TTGFTLYGMLYKPHDLQPGKKYPTVLFIYGGPQVQLVNNRFKGVKYFRLNTLASLGYVVVVIDNRGSCHRGLKFEGAFKY
KMGQIEIDDQVEGLQYLASRYDFIDLDRVGIHGWSYGGYLSLMALMQRSDIFRVAIAGAPVTLWIFYDTGYTERYMGHPD
QNEQGYYLGSVAMQAEKFPSEPNRLLLLHGFLDENVHFAHTSILLSFLVRAGKPYDLQIYPQERHSIRVPESGEHYELHL
LHYLQENLGSRIAALKVI
;
A,B,D,G,I,K
2 'polypeptide(L)' SLRFLYEG F,C,E,H,J,L
#
# COMPACT_ATOMS: atom_id res chain seq x y z
N LEU A 48 -6.94 -10.28 -62.69
CA LEU A 48 -7.02 -11.07 -61.40
C LEU A 48 -8.35 -10.87 -60.68
N GLU A 49 -8.73 -11.85 -59.85
CA GLU A 49 -10.00 -11.80 -59.08
C GLU A 49 -9.74 -12.13 -57.62
N PRO A 50 -10.43 -11.47 -56.67
CA PRO A 50 -10.08 -11.73 -55.26
C PRO A 50 -10.69 -13.03 -54.74
N PHE A 51 -9.92 -13.74 -53.92
CA PHE A 51 -10.41 -14.94 -53.23
C PHE A 51 -10.95 -14.52 -51.88
N TYR A 52 -12.07 -15.14 -51.50
CA TYR A 52 -12.70 -14.92 -50.23
C TYR A 52 -12.70 -16.22 -49.46
N VAL A 53 -12.22 -16.16 -48.22
CA VAL A 53 -12.17 -17.33 -47.35
C VAL A 53 -13.57 -17.64 -46.84
N GLU A 54 -13.72 -18.87 -46.38
CA GLU A 54 -15.01 -19.38 -45.93
C GLU A 54 -15.44 -18.72 -44.63
N ARG A 55 -16.65 -18.15 -44.61
CA ARG A 55 -17.25 -17.62 -43.38
C ARG A 55 -17.73 -18.74 -42.47
N TYR A 56 -16.88 -19.16 -41.54
CA TYR A 56 -17.32 -20.09 -40.49
C TYR A 56 -17.83 -19.30 -39.29
N SER A 57 -18.80 -19.84 -38.55
CA SER A 57 -19.27 -19.22 -37.30
C SER A 57 -18.25 -19.34 -36.17
N TRP A 58 -18.53 -18.65 -35.07
CA TRP A 58 -17.70 -18.72 -33.86
C TRP A 58 -17.62 -20.15 -33.35
N SER A 59 -18.79 -20.79 -33.23
CA SER A 59 -18.86 -22.17 -32.76
C SER A 59 -18.16 -23.13 -33.71
N GLN A 60 -18.31 -22.86 -35.01
CA GLN A 60 -17.65 -23.66 -36.05
C GLN A 60 -16.12 -23.50 -36.02
N LEU A 61 -15.66 -22.25 -36.03
CA LEU A 61 -14.23 -21.95 -35.90
C LEU A 61 -13.58 -22.56 -34.65
N LYS A 62 -14.36 -22.70 -33.56
CA LYS A 62 -13.86 -23.36 -32.36
C LYS A 62 -13.67 -24.85 -32.59
N LYS A 63 -14.64 -25.48 -33.25
CA LYS A 63 -14.52 -26.90 -33.66
C LYS A 63 -13.28 -27.12 -34.53
N LEU A 64 -13.04 -26.20 -35.46
CA LEU A 64 -11.88 -26.26 -36.36
C LEU A 64 -10.58 -26.20 -35.56
N LEU A 65 -10.45 -25.18 -34.72
CA LEU A 65 -9.27 -25.00 -33.87
C LEU A 65 -9.13 -26.08 -32.80
N ALA A 66 -10.24 -26.64 -32.33
CA ALA A 66 -10.21 -27.77 -31.40
C ALA A 66 -9.65 -29.04 -32.04
N ASP A 67 -10.09 -29.31 -33.27
CA ASP A 67 -9.72 -30.54 -33.98
C ASP A 67 -8.30 -30.53 -34.57
N THR A 68 -7.85 -29.39 -35.09
CA THR A 68 -6.46 -29.26 -35.57
C THR A 68 -5.44 -29.35 -34.42
N ARG A 69 -5.85 -28.85 -33.25
CA ARG A 69 -5.08 -28.97 -32.01
C ARG A 69 -4.98 -30.42 -31.49
N LYS A 70 -5.99 -31.24 -31.83
CA LYS A 70 -6.23 -32.57 -31.23
C LYS A 70 -5.03 -33.52 -31.07
N TYR A 71 -3.96 -33.35 -31.87
CA TYR A 71 -2.72 -34.12 -31.70
C TYR A 71 -1.50 -33.23 -31.43
N HIS A 72 -1.04 -33.22 -30.17
CA HIS A 72 0.19 -32.52 -29.75
C HIS A 72 0.84 -33.26 -28.58
N LYS A 78 8.19 -31.73 -25.46
CA LYS A 78 9.47 -31.01 -25.33
C LYS A 78 10.66 -31.97 -25.12
N ALA A 79 11.71 -31.75 -25.93
CA ALA A 79 12.90 -32.62 -26.00
C ALA A 79 13.68 -32.67 -24.68
N PRO A 80 14.67 -33.56 -24.56
CA PRO A 80 15.48 -33.55 -23.36
C PRO A 80 16.51 -32.43 -23.31
N HIS A 81 17.06 -32.16 -22.13
CA HIS A 81 18.01 -31.06 -21.94
C HIS A 81 18.84 -31.25 -20.67
N ASP A 82 19.78 -30.33 -20.44
CA ASP A 82 20.71 -30.34 -19.30
C ASP A 82 21.48 -31.68 -19.19
N PHE A 83 22.13 -32.06 -20.29
CA PHE A 83 22.89 -33.31 -20.34
C PHE A 83 24.17 -33.22 -19.53
N MET A 84 24.65 -34.37 -19.07
CA MET A 84 25.90 -34.44 -18.35
C MET A 84 26.54 -35.80 -18.64
N PHE A 85 27.83 -35.79 -18.96
CA PHE A 85 28.56 -37.03 -19.27
C PHE A 85 29.42 -37.41 -18.07
N VAL A 86 29.16 -38.60 -17.53
CA VAL A 86 29.92 -39.14 -16.41
C VAL A 86 30.53 -40.47 -16.83
N LYS A 87 31.84 -40.61 -16.69
CA LYS A 87 32.54 -41.85 -17.08
C LYS A 87 32.25 -42.99 -16.13
N ARG A 88 32.04 -44.18 -16.68
CA ARG A 88 31.70 -45.37 -15.90
C ARG A 88 32.94 -45.96 -15.22
N ASN A 89 34.10 -45.81 -15.85
CA ASN A 89 35.38 -46.33 -15.36
C ASN A 89 35.31 -47.82 -15.10
N ASP A 90 34.77 -48.54 -16.09
CA ASP A 90 34.56 -49.97 -16.02
C ASP A 90 35.51 -50.59 -17.05
N PRO A 91 36.67 -51.11 -16.59
CA PRO A 91 37.53 -51.90 -17.47
C PRO A 91 36.75 -53.01 -18.19
N ASP A 92 36.01 -53.81 -17.43
CA ASP A 92 35.28 -54.96 -17.96
C ASP A 92 33.91 -54.63 -18.57
N GLY A 93 33.43 -53.42 -18.35
CA GLY A 93 32.05 -53.05 -18.68
C GLY A 93 31.80 -52.77 -20.15
N PRO A 94 30.54 -52.95 -20.58
CA PRO A 94 30.14 -52.59 -21.94
C PRO A 94 30.05 -51.08 -22.19
N HIS A 95 29.75 -50.30 -21.15
CA HIS A 95 29.50 -48.87 -21.31
C HIS A 95 30.70 -48.03 -20.87
N SER A 96 30.99 -46.98 -21.62
CA SER A 96 32.07 -46.03 -21.31
C SER A 96 31.59 -44.90 -20.40
N ASP A 97 30.49 -44.26 -20.82
CA ASP A 97 29.85 -43.17 -20.08
C ASP A 97 28.44 -43.55 -19.59
N ARG A 98 27.90 -42.71 -18.73
CA ARG A 98 26.45 -42.64 -18.50
C ARG A 98 26.04 -41.17 -18.53
N ILE A 99 25.00 -40.88 -19.32
CA ILE A 99 24.49 -39.52 -19.44
C ILE A 99 23.25 -39.37 -18.60
N TYR A 100 23.08 -38.19 -18.03
CA TYR A 100 21.90 -37.83 -17.26
C TYR A 100 21.29 -36.63 -17.95
N TYR A 101 19.98 -36.45 -17.79
CA TYR A 101 19.26 -35.36 -18.46
C TYR A 101 17.81 -35.24 -18.01
N LEU A 102 17.23 -34.06 -18.22
CA LEU A 102 15.83 -33.81 -17.87
C LEU A 102 14.93 -34.04 -19.06
N ALA A 103 13.87 -34.82 -18.88
CA ALA A 103 12.93 -35.10 -19.96
C ALA A 103 11.50 -35.23 -19.47
N MET A 104 10.57 -35.11 -20.41
CA MET A 104 9.15 -35.04 -20.15
C MET A 104 8.46 -36.40 -20.35
N ARG A 109 2.20 -35.58 -18.26
CA ARG A 109 3.54 -35.40 -18.81
C ARG A 109 4.38 -34.44 -17.95
N GLU A 110 5.06 -35.01 -16.94
CA GLU A 110 5.89 -34.27 -15.95
C GLU A 110 7.24 -33.77 -16.53
N ASN A 111 8.26 -33.50 -15.70
CA ASN A 111 9.63 -33.28 -16.20
C ASN A 111 10.71 -33.72 -15.18
N THR A 112 11.32 -34.89 -15.44
CA THR A 112 12.18 -35.61 -14.46
C THR A 112 13.55 -35.95 -15.01
N LEU A 113 14.50 -36.14 -14.09
CA LEU A 113 15.81 -36.72 -14.37
C LEU A 113 15.76 -38.14 -14.91
N PHE A 114 16.26 -38.32 -16.14
CA PHE A 114 16.53 -39.63 -16.74
C PHE A 114 18.03 -39.87 -16.86
N TYR A 115 18.38 -41.11 -17.16
CA TYR A 115 19.73 -41.49 -17.58
C TYR A 115 19.69 -42.51 -18.70
N SER A 116 20.80 -42.64 -19.42
CA SER A 116 20.94 -43.60 -20.53
C SER A 116 22.38 -44.06 -20.63
N GLU A 117 22.56 -45.33 -20.96
CA GLU A 117 23.88 -45.97 -20.92
C GLU A 117 24.59 -45.77 -22.26
N ILE A 118 25.87 -45.42 -22.23
CA ILE A 118 26.68 -45.16 -23.42
C ILE A 118 27.66 -46.30 -23.69
N PRO A 119 27.43 -47.10 -24.75
CA PRO A 119 28.28 -48.27 -25.01
C PRO A 119 29.61 -47.93 -25.70
N LYS A 120 30.66 -48.66 -25.33
CA LYS A 120 32.01 -48.46 -25.87
C LYS A 120 32.09 -48.71 -27.38
N THR A 121 31.29 -49.64 -27.90
CA THR A 121 31.21 -49.99 -29.34
C THR A 121 29.76 -49.89 -29.80
N ILE A 122 29.54 -49.85 -31.11
CA ILE A 122 28.21 -49.97 -31.71
C ILE A 122 28.22 -50.90 -32.92
N ASN A 123 27.07 -51.51 -33.18
CA ASN A 123 26.87 -52.26 -34.41
C ASN A 123 26.52 -51.25 -35.49
N ARG A 124 27.39 -51.12 -36.49
CA ARG A 124 27.28 -50.05 -37.48
C ARG A 124 26.30 -50.31 -38.63
N ALA A 125 25.74 -51.52 -38.71
CA ALA A 125 24.64 -51.78 -39.63
C ALA A 125 23.36 -51.15 -39.09
N ALA A 126 23.13 -51.30 -37.78
CA ALA A 126 21.91 -50.82 -37.11
C ALA A 126 22.02 -49.44 -36.46
N VAL A 127 20.85 -48.86 -36.19
CA VAL A 127 20.71 -47.61 -35.43
C VAL A 127 20.47 -47.96 -33.97
N LEU A 128 21.43 -47.66 -33.10
CA LEU A 128 21.25 -47.81 -31.66
C LEU A 128 20.29 -46.74 -31.16
N MET A 129 19.12 -47.19 -30.70
CA MET A 129 18.16 -46.34 -29.99
C MET A 129 18.48 -46.38 -28.51
N LEU A 130 19.07 -45.30 -27.99
CA LEU A 130 19.35 -45.17 -26.55
C LEU A 130 18.03 -45.20 -25.77
N SER A 131 17.94 -46.14 -24.82
CA SER A 131 16.75 -46.30 -23.98
C SER A 131 16.88 -45.43 -22.72
N TRP A 132 15.74 -44.89 -22.31
CA TRP A 132 15.64 -43.90 -21.23
C TRP A 132 15.32 -44.60 -19.91
N LYS A 133 16.28 -44.63 -19.00
CA LYS A 133 16.06 -45.11 -17.63
C LYS A 133 15.73 -43.89 -16.79
N PRO A 134 14.65 -43.95 -15.98
CA PRO A 134 14.41 -42.85 -15.05
C PRO A 134 15.28 -42.96 -13.79
N LEU A 135 15.94 -41.85 -13.44
CA LEU A 135 16.77 -41.74 -12.25
C LEU A 135 15.91 -41.66 -10.99
N LEU A 136 14.68 -41.17 -11.12
CA LEU A 136 13.84 -40.82 -9.97
C LEU A 136 12.51 -41.57 -9.84
N ASP A 137 12.30 -42.09 -8.63
CA ASP A 137 11.15 -42.88 -8.21
C ASP A 137 10.11 -41.91 -7.62
N LEU A 138 8.82 -42.13 -7.92
CA LEU A 138 7.78 -41.14 -7.60
C LEU A 138 7.29 -41.24 -6.14
N TYR A 148 1.41 -23.60 -6.81
CA TYR A 148 2.48 -22.67 -7.20
C TYR A 148 2.60 -21.46 -6.28
N SER A 149 3.82 -21.19 -5.80
CA SER A 149 4.10 -19.95 -5.04
C SER A 149 4.26 -18.77 -6.01
N ARG A 150 4.35 -17.56 -5.45
CA ARG A 150 4.57 -16.35 -6.23
C ARG A 150 6.00 -16.27 -6.69
N GLU A 151 6.91 -16.61 -5.79
CA GLU A 151 8.34 -16.64 -6.07
C GLU A 151 8.69 -17.57 -7.26
N GLU A 152 7.98 -18.69 -7.39
CA GLU A 152 8.10 -19.57 -8.55
C GLU A 152 7.41 -18.96 -9.76
N GLU A 153 6.13 -18.63 -9.65
CA GLU A 153 5.34 -18.24 -10.84
C GLU A 153 5.86 -16.98 -11.54
N LEU A 154 6.45 -16.06 -10.77
CA LEU A 154 7.16 -14.90 -11.32
C LEU A 154 8.47 -15.31 -12.00
N LEU A 155 9.29 -16.11 -11.31
CA LEU A 155 10.53 -16.66 -11.86
C LEU A 155 10.29 -17.40 -13.17
N ARG A 156 9.25 -18.23 -13.19
CA ARG A 156 8.85 -18.94 -14.41
C ARG A 156 8.50 -18.01 -15.58
N GLU A 157 7.95 -16.84 -15.28
CA GLU A 157 7.80 -15.75 -16.28
C GLU A 157 9.15 -15.20 -16.70
N ARG A 158 10.03 -14.92 -15.73
CA ARG A 158 11.35 -14.35 -16.02
C ARG A 158 12.21 -15.27 -16.87
N LYS A 159 12.28 -16.54 -16.45
CA LYS A 159 12.97 -17.60 -17.23
C LYS A 159 12.23 -18.08 -18.51
N ARG A 160 11.00 -17.62 -18.72
CA ARG A 160 10.22 -17.97 -19.92
C ARG A 160 10.08 -19.50 -20.04
N ILE A 161 9.82 -20.19 -18.92
CA ILE A 161 9.72 -21.67 -18.89
C ILE A 161 8.26 -22.09 -18.73
N GLY A 162 7.69 -22.60 -19.83
CA GLY A 162 6.27 -22.94 -19.90
C GLY A 162 5.84 -24.20 -19.17
N THR A 163 6.74 -25.17 -18.99
CA THR A 163 6.36 -26.53 -18.57
C THR A 163 6.84 -26.93 -17.18
N VAL A 164 5.96 -27.61 -16.43
CA VAL A 164 6.19 -27.90 -15.02
C VAL A 164 7.09 -29.12 -14.83
N GLY A 165 7.85 -29.08 -13.74
CA GLY A 165 8.60 -30.23 -13.25
C GLY A 165 9.85 -29.76 -12.53
N ILE A 166 10.98 -30.32 -12.95
CA ILE A 166 12.29 -29.92 -12.44
C ILE A 166 12.96 -29.14 -13.55
N ALA A 167 13.09 -27.83 -13.37
CA ALA A 167 13.63 -26.94 -14.40
C ALA A 167 15.12 -27.16 -14.62
N SER A 168 15.84 -27.41 -13.53
CA SER A 168 17.29 -27.64 -13.60
C SER A 168 17.78 -28.46 -12.42
N TYR A 169 19.06 -28.81 -12.47
CA TYR A 169 19.72 -29.48 -11.37
C TYR A 169 21.21 -29.12 -11.24
N ASP A 170 21.74 -29.40 -10.05
CA ASP A 170 23.13 -29.24 -9.71
C ASP A 170 23.71 -30.64 -9.53
N TYR A 171 25.03 -30.77 -9.62
CA TYR A 171 25.73 -32.06 -9.44
C TYR A 171 27.19 -31.86 -9.02
N HIS A 172 27.65 -32.68 -8.09
CA HIS A 172 29.03 -32.63 -7.61
C HIS A 172 29.75 -33.88 -8.07
N GLN A 173 30.87 -33.66 -8.75
CA GLN A 173 31.63 -34.71 -9.42
C GLN A 173 32.18 -35.74 -8.43
N GLY A 174 32.95 -35.26 -7.46
CA GLY A 174 33.70 -36.10 -6.52
C GLY A 174 32.86 -37.03 -5.65
N SER A 175 31.63 -36.61 -5.36
CA SER A 175 30.71 -37.32 -4.46
C SER A 175 29.66 -38.12 -5.20
N GLY A 176 29.04 -37.48 -6.20
CA GLY A 176 27.92 -38.04 -6.96
C GLY A 176 26.60 -37.36 -6.66
N THR A 177 26.62 -36.42 -5.72
CA THR A 177 25.40 -35.77 -5.21
C THR A 177 24.70 -34.90 -6.25
N PHE A 178 23.46 -35.25 -6.58
CA PHE A 178 22.57 -34.38 -7.33
C PHE A 178 21.84 -33.50 -6.34
N LEU A 179 21.27 -32.39 -6.83
CA LEU A 179 20.52 -31.46 -5.98
C LEU A 179 19.58 -30.63 -6.83
N PHE A 180 18.30 -30.66 -6.50
CA PHE A 180 17.28 -30.10 -7.37
C PHE A 180 16.00 -29.82 -6.62
N GLN A 181 15.17 -29.00 -7.22
CA GLN A 181 13.98 -28.49 -6.58
C GLN A 181 12.76 -28.90 -7.39
N ALA A 182 12.09 -29.96 -6.95
CA ALA A 182 10.81 -30.39 -7.53
C ALA A 182 9.67 -29.92 -6.64
N GLY A 183 8.80 -29.07 -7.18
CA GLY A 183 7.76 -28.43 -6.39
C GLY A 183 8.33 -27.54 -5.29
N SER A 184 7.56 -27.40 -4.20
CA SER A 184 8.00 -26.67 -3.01
C SER A 184 9.28 -27.29 -2.44
N GLY A 185 9.42 -28.62 -2.55
CA GLY A 185 10.58 -29.32 -1.99
C GLY A 185 11.91 -29.16 -2.72
N ILE A 186 13.01 -29.18 -1.95
CA ILE A 186 14.39 -29.35 -2.45
C ILE A 186 14.80 -30.77 -2.12
N TYR A 187 15.41 -31.46 -3.09
CA TYR A 187 15.78 -32.88 -2.93
C TYR A 187 17.21 -33.12 -3.30
N HIS A 188 17.71 -34.32 -2.98
CA HIS A 188 19.04 -34.76 -3.40
C HIS A 188 19.08 -36.27 -3.59
N VAL A 189 19.90 -36.74 -4.54
CA VAL A 189 20.19 -38.17 -4.75
C VAL A 189 21.66 -38.36 -5.12
N LYS A 190 22.17 -39.59 -4.98
CA LYS A 190 23.56 -39.90 -5.36
C LYS A 190 23.67 -40.97 -6.46
N ASP A 191 24.37 -40.63 -7.53
CA ASP A 191 24.74 -41.59 -8.55
C ASP A 191 25.92 -41.09 -9.38
N GLY A 192 26.83 -42.00 -9.71
CA GLY A 192 28.00 -41.67 -10.53
C GLY A 192 29.33 -41.60 -9.81
N GLY A 193 29.30 -41.29 -8.51
CA GLY A 193 30.54 -41.12 -7.75
C GLY A 193 31.18 -42.43 -7.35
N PRO A 194 32.08 -42.39 -6.34
CA PRO A 194 32.61 -43.60 -5.70
C PRO A 194 31.52 -44.57 -5.27
N GLN A 195 30.35 -44.05 -4.88
CA GLN A 195 29.24 -44.88 -4.37
C GLN A 195 28.48 -45.69 -5.44
N GLY A 196 28.82 -45.51 -6.72
CA GLY A 196 28.49 -46.48 -7.78
C GLY A 196 27.45 -46.02 -8.79
N PHE A 197 26.96 -46.98 -9.57
CA PHE A 197 25.93 -46.75 -10.59
C PHE A 197 24.70 -47.65 -10.38
N THR A 198 23.58 -47.02 -10.01
CA THR A 198 22.31 -47.73 -9.79
C THR A 198 21.74 -48.28 -11.10
N GLN A 199 21.03 -49.41 -10.99
CA GLN A 199 20.30 -50.01 -12.10
C GLN A 199 18.78 -49.85 -11.95
N GLN A 200 18.35 -49.15 -10.90
CA GLN A 200 16.92 -48.91 -10.64
C GLN A 200 16.72 -47.44 -10.25
N PRO A 201 15.48 -46.93 -10.38
CA PRO A 201 15.15 -45.59 -9.89
C PRO A 201 15.61 -45.32 -8.45
N LEU A 202 16.00 -44.07 -8.19
CA LEU A 202 16.37 -43.63 -6.85
C LEU A 202 15.21 -42.88 -6.21
N ARG A 203 15.11 -43.02 -4.89
CA ARG A 203 14.05 -42.42 -4.09
C ARG A 203 14.58 -41.06 -3.60
N PRO A 204 13.91 -39.93 -3.96
CA PRO A 204 14.51 -38.61 -3.67
C PRO A 204 14.51 -38.22 -2.19
N ASN A 205 15.67 -37.78 -1.71
CA ASN A 205 15.87 -37.44 -0.31
C ASN A 205 15.51 -35.99 -0.11
N LEU A 206 14.41 -35.74 0.61
CA LEU A 206 13.99 -34.39 0.95
C LEU A 206 15.00 -33.73 1.88
N VAL A 207 15.50 -32.57 1.48
CA VAL A 207 16.26 -31.72 2.36
C VAL A 207 15.22 -31.11 3.30
N GLU A 208 15.37 -31.34 4.61
CA GLU A 208 14.42 -30.86 5.62
C GLU A 208 14.79 -29.47 6.12
N THR A 209 13.78 -28.74 6.60
CA THR A 209 13.97 -27.35 7.04
C THR A 209 13.05 -26.89 8.19
N SER A 210 13.45 -25.79 8.82
CA SER A 210 12.62 -25.00 9.76
C SER A 210 12.14 -23.69 9.10
N CYS A 211 12.46 -23.52 7.82
CA CYS A 211 12.06 -22.36 7.04
C CYS A 211 10.58 -22.43 6.70
N PRO A 212 9.81 -21.39 7.08
CA PRO A 212 8.37 -21.41 6.83
C PRO A 212 7.97 -21.36 5.36
N ASN A 213 8.39 -20.31 4.66
CA ASN A 213 8.10 -20.13 3.25
C ASN A 213 9.02 -20.94 2.35
N ILE A 214 8.66 -20.91 1.06
CA ILE A 214 9.40 -21.56 -0.01
C ILE A 214 10.88 -21.16 -0.05
N ARG A 215 11.72 -22.09 -0.51
CA ARG A 215 13.15 -21.89 -0.67
C ARG A 215 13.53 -21.90 -2.16
N MET A 216 14.29 -20.91 -2.62
CA MET A 216 14.67 -20.76 -4.04
C MET A 216 16.17 -21.04 -4.28
N ASP A 217 16.53 -21.19 -5.55
CA ASP A 217 17.93 -21.13 -6.03
C ASP A 217 18.91 -22.04 -5.27
N PRO A 218 18.51 -23.29 -4.96
CA PRO A 218 19.43 -24.12 -4.20
C PRO A 218 20.64 -24.60 -5.02
N LYS A 219 21.81 -24.54 -4.39
CA LYS A 219 23.10 -24.83 -5.00
C LYS A 219 23.97 -25.69 -4.06
N LEU A 220 24.58 -26.73 -4.61
CA LEU A 220 25.63 -27.48 -3.92
C LEU A 220 26.91 -26.67 -3.76
N CYS A 221 27.45 -26.64 -2.55
CA CYS A 221 28.81 -26.16 -2.33
C CYS A 221 29.79 -27.10 -3.03
N PRO A 222 30.62 -26.58 -3.97
CA PRO A 222 31.55 -27.48 -4.67
C PRO A 222 32.63 -28.07 -3.77
N ALA A 223 33.06 -27.31 -2.77
CA ALA A 223 34.11 -27.76 -1.86
C ALA A 223 33.66 -28.90 -0.96
N ASP A 224 32.54 -28.69 -0.25
CA ASP A 224 31.91 -29.71 0.60
C ASP A 224 30.50 -30.00 0.11
N PRO A 225 30.27 -31.16 -0.52
CA PRO A 225 28.95 -31.44 -1.09
C PRO A 225 27.87 -31.75 -0.07
N ASP A 226 28.23 -31.90 1.21
CA ASP A 226 27.25 -32.00 2.28
C ASP A 226 26.48 -30.68 2.41
N TRP A 227 27.19 -29.55 2.37
CA TRP A 227 26.55 -28.23 2.45
C TRP A 227 25.87 -27.83 1.15
N ILE A 228 24.74 -27.15 1.32
CA ILE A 228 24.01 -26.51 0.20
C ILE A 228 23.55 -25.15 0.72
N ALA A 229 23.34 -24.22 -0.19
CA ALA A 229 22.76 -22.94 0.15
C ALA A 229 21.43 -22.82 -0.52
N PHE A 230 20.62 -21.88 -0.06
CA PHE A 230 19.41 -21.51 -0.77
C PHE A 230 18.94 -20.15 -0.32
N ILE A 231 18.03 -19.58 -1.10
CA ILE A 231 17.37 -18.32 -0.75
C ILE A 231 16.12 -18.67 0.07
N HIS A 232 15.83 -17.83 1.07
CA HIS A 232 14.58 -17.92 1.81
C HIS A 232 14.18 -16.54 2.28
N SER A 233 13.08 -16.04 1.73
CA SER A 233 12.59 -14.70 2.03
C SER A 233 13.69 -13.66 1.81
N ASN A 234 14.28 -13.74 0.61
CA ASN A 234 15.38 -12.89 0.16
C ASN A 234 16.59 -12.82 1.09
N ASP A 235 16.91 -13.96 1.70
CA ASP A 235 18.12 -14.08 2.50
C ASP A 235 18.75 -15.45 2.24
N ILE A 236 20.05 -15.56 2.51
CA ILE A 236 20.78 -16.77 2.24
C ILE A 236 20.77 -17.64 3.48
N TRP A 237 20.59 -18.94 3.25
CA TRP A 237 20.63 -19.97 4.29
C TRP A 237 21.51 -21.10 3.79
N ILE A 238 22.04 -21.91 4.70
CA ILE A 238 22.87 -23.05 4.30
C ILE A 238 22.59 -24.32 5.10
N SER A 239 21.55 -25.05 4.73
CA SER A 239 21.26 -26.37 5.31
C SER A 239 22.41 -27.32 4.98
N ASN A 240 22.63 -28.31 5.85
CA ASN A 240 23.58 -29.40 5.59
C ASN A 240 22.78 -30.68 5.34
N ILE A 241 23.01 -31.36 4.21
CA ILE A 241 22.22 -32.55 3.83
C ILE A 241 22.53 -33.78 4.69
N VAL A 242 23.56 -33.69 5.54
CA VAL A 242 23.94 -34.78 6.44
C VAL A 242 23.71 -34.42 7.93
N THR A 243 24.44 -33.45 8.48
CA THR A 243 24.23 -33.04 9.88
C THR A 243 22.85 -32.43 10.14
N ARG A 244 22.17 -31.99 9.07
CA ARG A 244 20.86 -31.33 9.15
C ARG A 244 20.93 -29.98 9.85
N GLU A 245 22.14 -29.46 9.99
CA GLU A 245 22.33 -28.16 10.59
C GLU A 245 21.87 -27.13 9.57
N GLU A 246 21.13 -26.14 10.05
CA GLU A 246 20.58 -25.09 9.20
C GLU A 246 20.86 -23.74 9.82
N ARG A 247 21.22 -22.76 8.97
CA ARG A 247 21.60 -21.46 9.49
C ARG A 247 21.30 -20.38 8.49
N ARG A 248 20.86 -19.24 9.00
CA ARG A 248 20.61 -18.07 8.20
C ARG A 248 21.91 -17.24 8.14
N LEU A 249 22.44 -17.04 6.94
CA LEU A 249 23.71 -16.33 6.74
C LEU A 249 23.59 -14.83 6.53
N THR A 250 22.42 -14.39 6.08
CA THR A 250 22.13 -12.97 5.90
C THR A 250 20.84 -12.59 6.65
N TYR A 251 20.91 -11.52 7.44
CA TYR A 251 19.74 -10.99 8.12
C TYR A 251 19.47 -9.59 7.55
N VAL A 252 18.86 -9.56 6.38
CA VAL A 252 18.78 -8.36 5.55
C VAL A 252 17.34 -7.93 5.28
N HIS A 253 16.43 -8.90 5.14
CA HIS A 253 15.04 -8.67 4.80
C HIS A 253 14.16 -9.38 5.81
N ASN A 254 13.27 -8.62 6.46
CA ASN A 254 12.23 -9.19 7.31
C ASN A 254 10.99 -9.58 6.49
N GLU A 255 10.88 -10.89 6.25
CA GLU A 255 9.71 -11.56 5.63
C GLU A 255 8.32 -11.06 5.99
N LEU A 256 8.13 -10.61 7.24
CA LEU A 256 6.85 -10.10 7.72
C LEU A 256 6.58 -8.66 7.25
N ALA A 257 7.56 -7.77 7.39
CA ALA A 257 7.38 -6.36 7.08
C ALA A 257 7.12 -6.17 5.60
N ASN A 258 6.11 -5.35 5.29
CA ASN A 258 5.64 -5.15 3.90
C ASN A 258 6.73 -4.52 3.02
N MET A 259 6.57 -4.71 1.71
CA MET A 259 7.59 -4.37 0.72
C MET A 259 7.85 -2.85 0.64
N GLU A 260 6.80 -2.04 0.78
CA GLU A 260 6.90 -0.57 0.70
C GLU A 260 8.02 0.04 1.54
N GLU A 261 8.27 -0.53 2.73
CA GLU A 261 9.27 -0.01 3.66
C GLU A 261 10.42 -0.99 3.94
N ASP A 262 10.54 -2.06 3.14
CA ASP A 262 11.56 -3.11 3.32
C ASP A 262 12.01 -3.69 1.96
N ALA A 263 13.02 -3.06 1.38
CA ALA A 263 13.44 -3.34 -0.01
C ALA A 263 14.81 -4.00 -0.13
N ARG A 264 15.50 -4.21 0.99
CA ARG A 264 16.81 -4.86 0.96
C ARG A 264 16.61 -6.36 0.76
N SER A 265 17.65 -7.01 0.24
CA SER A 265 17.59 -8.43 -0.16
C SER A 265 18.97 -8.92 -0.57
N ALA A 266 19.36 -10.07 -0.05
CA ALA A 266 20.69 -10.63 -0.28
C ALA A 266 20.62 -11.94 -1.07
N GLY A 267 21.58 -12.14 -1.96
CA GLY A 267 21.67 -13.38 -2.72
C GLY A 267 20.70 -13.52 -3.88
N VAL A 268 19.96 -12.45 -4.20
CA VAL A 268 18.91 -12.52 -5.22
C VAL A 268 19.26 -11.61 -6.39
N ALA A 269 18.76 -12.00 -7.56
CA ALA A 269 18.79 -11.20 -8.76
C ALA A 269 17.55 -10.29 -8.81
N THR A 270 17.75 -8.98 -8.87
CA THR A 270 16.67 -8.00 -9.08
C THR A 270 15.79 -8.36 -10.29
N PHE A 271 14.55 -7.86 -10.31
CA PHE A 271 13.68 -8.01 -11.49
C PHE A 271 14.40 -7.70 -12.80
N VAL A 272 15.13 -6.59 -12.84
CA VAL A 272 15.80 -6.15 -14.07
C VAL A 272 16.89 -7.12 -14.54
N LEU A 273 17.69 -7.65 -13.60
CA LEU A 273 18.71 -8.62 -13.96
C LEU A 273 18.13 -9.95 -14.43
N GLN A 274 17.01 -10.38 -13.85
CA GLN A 274 16.31 -11.60 -14.32
C GLN A 274 15.60 -11.40 -15.66
N GLU A 275 15.02 -10.21 -15.84
CA GLU A 275 14.21 -9.94 -17.03
C GLU A 275 15.06 -9.56 -18.22
N GLU A 276 16.01 -8.66 -18.03
CA GLU A 276 16.75 -8.04 -19.14
C GLU A 276 18.19 -8.51 -19.35
N PHE A 277 18.81 -9.08 -18.33
CA PHE A 277 20.15 -9.65 -18.46
C PHE A 277 20.20 -11.15 -18.23
N ASP A 278 19.04 -11.82 -18.32
CA ASP A 278 18.90 -13.25 -18.03
C ASP A 278 19.93 -13.77 -17.01
N ARG A 279 19.92 -13.16 -15.82
CA ARG A 279 20.70 -13.64 -14.67
C ARG A 279 19.74 -13.86 -13.50
N TYR A 280 19.67 -15.10 -13.01
CA TYR A 280 18.58 -15.56 -12.14
C TYR A 280 19.05 -15.89 -10.71
N SER A 281 20.25 -15.42 -10.36
CA SER A 281 20.89 -15.77 -9.08
C SER A 281 21.86 -14.67 -8.66
N GLY A 282 21.94 -14.45 -7.35
CA GLY A 282 22.81 -13.42 -6.79
C GLY A 282 23.81 -13.92 -5.76
N TYR A 283 24.16 -15.20 -5.79
CA TYR A 283 25.19 -15.71 -4.89
C TYR A 283 25.96 -16.85 -5.53
N TRP A 284 27.26 -16.95 -5.22
CA TRP A 284 28.15 -17.91 -5.88
C TRP A 284 29.10 -18.56 -4.89
N TRP A 285 28.91 -19.87 -4.67
CA TRP A 285 29.79 -20.64 -3.80
C TRP A 285 31.21 -20.61 -4.34
N CYS A 286 32.18 -20.40 -3.46
CA CYS A 286 33.61 -20.48 -3.82
C CYS A 286 34.06 -21.93 -3.93
N PRO A 287 34.61 -22.35 -5.10
CA PRO A 287 34.83 -23.79 -5.36
C PRO A 287 35.75 -24.53 -4.39
N LYS A 288 36.70 -23.82 -3.79
CA LYS A 288 37.66 -24.43 -2.86
C LYS A 288 37.38 -24.03 -1.43
N ALA A 289 37.77 -24.91 -0.50
CA ALA A 289 37.72 -24.63 0.93
C ALA A 289 39.14 -24.46 1.45
N GLU A 290 39.38 -23.36 2.16
CA GLU A 290 40.65 -23.10 2.84
C GLU A 290 40.66 -23.88 4.18
N THR A 291 41.79 -24.52 4.49
CA THR A 291 41.94 -25.31 5.72
C THR A 291 42.09 -24.40 6.94
N THR A 292 41.79 -24.94 8.12
CA THR A 292 41.99 -24.24 9.39
C THR A 292 43.18 -24.84 10.15
N PRO A 293 43.67 -24.12 11.19
CA PRO A 293 44.70 -24.70 12.05
C PRO A 293 44.26 -25.98 12.77
N SER A 294 43.19 -25.89 13.57
CA SER A 294 42.70 -27.01 14.35
C SER A 294 42.37 -28.25 13.50
N GLY A 295 41.80 -28.02 12.31
CA GLY A 295 41.41 -29.13 11.42
C GLY A 295 40.14 -28.96 10.59
N GLY A 296 39.31 -27.97 10.94
CA GLY A 296 38.12 -27.64 10.15
C GLY A 296 38.44 -26.96 8.82
N LYS A 297 37.47 -26.23 8.28
CA LYS A 297 37.60 -25.56 6.98
C LYS A 297 36.72 -24.32 6.85
N ILE A 298 37.18 -23.37 6.06
CA ILE A 298 36.46 -22.12 5.80
C ILE A 298 35.89 -22.16 4.38
N LEU A 299 34.57 -22.23 4.28
CA LEU A 299 33.84 -22.04 3.02
C LEU A 299 33.57 -20.57 2.81
N ARG A 300 33.14 -20.23 1.60
CA ARG A 300 32.82 -18.85 1.28
C ARG A 300 31.65 -18.78 0.29
N ILE A 301 30.75 -17.82 0.51
CA ILE A 301 29.74 -17.47 -0.48
C ILE A 301 29.86 -15.98 -0.75
N LEU A 302 30.02 -15.64 -2.03
CA LEU A 302 29.98 -14.27 -2.54
C LEU A 302 28.54 -13.99 -2.91
N TYR A 303 28.02 -12.83 -2.51
CA TYR A 303 26.67 -12.43 -2.92
C TYR A 303 26.49 -10.95 -3.27
N GLU A 304 25.39 -10.67 -3.95
CA GLU A 304 24.98 -9.34 -4.31
C GLU A 304 23.94 -8.91 -3.28
N GLU A 305 24.22 -7.84 -2.52
CA GLU A 305 23.22 -7.22 -1.64
C GLU A 305 22.57 -6.02 -2.35
N ASN A 306 21.29 -6.18 -2.69
CA ASN A 306 20.51 -5.14 -3.36
C ASN A 306 19.80 -4.29 -2.32
N ASP A 307 19.69 -3.01 -2.59
CA ASP A 307 18.83 -2.14 -1.82
C ASP A 307 17.91 -1.40 -2.79
N GLU A 308 16.68 -1.89 -2.90
CA GLU A 308 15.71 -1.33 -3.87
C GLU A 308 14.86 -0.22 -3.24
N SER A 309 15.28 0.33 -2.10
CA SER A 309 14.58 1.42 -1.42
C SER A 309 14.14 2.52 -2.36
N GLU A 310 15.11 3.03 -3.13
CA GLU A 310 14.89 4.16 -4.02
C GLU A 310 14.18 3.85 -5.33
N VAL A 311 14.04 2.57 -5.69
CA VAL A 311 13.42 2.16 -6.97
C VAL A 311 11.91 2.43 -6.92
N GLU A 312 11.34 2.68 -8.09
CA GLU A 312 9.91 2.95 -8.19
C GLU A 312 9.05 1.76 -7.72
N ILE A 313 7.86 2.07 -7.19
CA ILE A 313 6.86 1.09 -6.79
C ILE A 313 5.71 1.17 -7.76
N ILE A 314 5.40 0.05 -8.41
CA ILE A 314 4.32 -0.05 -9.38
C ILE A 314 3.23 -0.93 -8.77
N HIS A 315 2.00 -0.76 -9.23
CA HIS A 315 0.89 -1.61 -8.84
C HIS A 315 0.41 -2.37 -10.05
N VAL A 316 0.46 -3.69 -9.95
CA VAL A 316 -0.10 -4.59 -10.96
C VAL A 316 -1.28 -5.34 -10.32
N THR A 317 -2.38 -5.52 -11.06
CA THR A 317 -3.58 -6.18 -10.54
C THR A 317 -3.26 -7.55 -9.95
N SER A 318 -3.89 -7.89 -8.82
CA SER A 318 -3.70 -9.20 -8.20
C SER A 318 -4.48 -10.23 -9.00
N PRO A 319 -3.89 -11.43 -9.25
CA PRO A 319 -4.55 -12.47 -10.04
C PRO A 319 -5.93 -12.90 -9.54
N MET A 320 -6.05 -13.00 -8.20
CA MET A 320 -7.32 -13.22 -7.52
C MET A 320 -8.16 -11.96 -7.71
N LEU A 321 -8.91 -11.91 -8.81
CA LEU A 321 -9.64 -10.71 -9.22
C LEU A 321 -10.74 -10.35 -8.24
N GLU A 322 -11.20 -11.35 -7.48
CA GLU A 322 -12.21 -11.18 -6.44
C GLU A 322 -11.73 -10.29 -5.28
N THR A 323 -10.43 -10.31 -5.01
CA THR A 323 -9.83 -9.44 -4.00
C THR A 323 -9.92 -7.99 -4.43
N ARG A 324 -9.79 -7.76 -5.74
CA ARG A 324 -9.87 -6.44 -6.36
C ARG A 324 -8.73 -5.52 -5.86
N ARG A 325 -7.60 -6.13 -5.49
CA ARG A 325 -6.44 -5.45 -4.93
C ARG A 325 -5.25 -5.55 -5.90
N ALA A 326 -4.16 -4.87 -5.54
CA ALA A 326 -2.97 -4.80 -6.38
C ALA A 326 -1.76 -5.22 -5.57
N ASP A 327 -0.84 -5.88 -6.26
CA ASP A 327 0.44 -6.29 -5.67
C ASP A 327 1.40 -5.16 -5.98
N SER A 328 2.19 -4.78 -4.99
CA SER A 328 3.17 -3.73 -5.18
C SER A 328 4.51 -4.39 -5.45
N PHE A 329 5.08 -4.15 -6.63
CA PHE A 329 6.43 -4.65 -6.93
C PHE A 329 7.30 -3.60 -7.61
N ARG A 330 8.62 -3.78 -7.47
CA ARG A 330 9.62 -2.77 -7.84
C ARG A 330 9.95 -2.83 -9.33
N TYR A 331 9.78 -1.70 -10.03
CA TYR A 331 9.94 -1.62 -11.49
C TYR A 331 10.78 -0.40 -11.84
N PRO A 332 12.10 -0.60 -12.08
CA PRO A 332 12.92 0.52 -12.49
C PRO A 332 12.50 1.00 -13.87
N LYS A 333 11.54 1.91 -13.87
CA LYS A 333 11.10 2.62 -15.06
C LYS A 333 12.31 3.32 -15.71
N THR A 334 12.30 3.41 -17.04
CA THR A 334 13.37 4.07 -17.80
C THR A 334 13.66 5.45 -17.29
N GLY A 335 14.94 5.79 -17.18
CA GLY A 335 15.34 7.10 -16.69
C GLY A 335 15.35 7.27 -15.17
N THR A 336 14.69 6.34 -14.45
CA THR A 336 14.71 6.32 -12.99
C THR A 336 15.90 5.49 -12.52
N ALA A 337 15.99 5.30 -11.21
CA ALA A 337 17.12 4.64 -10.61
C ALA A 337 16.91 3.14 -10.52
N ASN A 338 18.00 2.41 -10.75
CA ASN A 338 18.10 0.98 -10.44
C ASN A 338 18.43 0.84 -8.97
N PRO A 339 18.40 -0.40 -8.44
CA PRO A 339 18.73 -0.56 -7.01
C PRO A 339 20.18 -0.29 -6.71
N LYS A 340 20.45 -0.10 -5.42
CA LYS A 340 21.79 0.20 -4.92
C LYS A 340 22.49 -1.14 -4.63
N VAL A 341 23.03 -1.71 -5.69
CA VAL A 341 23.78 -2.95 -5.63
C VAL A 341 25.13 -2.77 -4.95
N THR A 342 25.69 -3.91 -4.53
CA THR A 342 27.03 -4.00 -3.96
C THR A 342 27.40 -5.48 -3.74
N PHE A 343 28.69 -5.73 -3.58
CA PHE A 343 29.18 -7.09 -3.31
C PHE A 343 29.43 -7.28 -1.84
N LYS A 344 29.40 -8.55 -1.45
CA LYS A 344 29.56 -8.99 -0.07
C LYS A 344 29.93 -10.47 -0.07
N MET A 345 30.42 -10.96 1.06
CA MET A 345 30.89 -12.35 1.17
C MET A 345 30.75 -12.93 2.58
N SER A 346 30.14 -14.11 2.68
CA SER A 346 30.02 -14.87 3.95
C SER A 346 31.18 -15.84 4.09
N GLU A 347 31.84 -15.80 5.25
CA GLU A 347 32.92 -16.73 5.60
C GLU A 347 32.40 -17.75 6.60
N ILE A 348 31.93 -18.88 6.08
CA ILE A 348 31.38 -19.94 6.90
C ILE A 348 32.55 -20.78 7.44
N MET A 349 32.91 -20.55 8.71
CA MET A 349 33.92 -21.36 9.40
C MET A 349 33.27 -22.66 9.91
N ILE A 350 34.02 -23.76 9.82
CA ILE A 350 33.58 -25.11 10.24
C ILE A 350 34.72 -25.82 10.99
N ASP A 351 34.36 -26.75 11.89
CA ASP A 351 35.34 -27.63 12.60
C ASP A 351 35.47 -28.98 11.86
N ALA A 352 36.34 -29.87 12.35
CA ALA A 352 36.52 -31.19 11.70
C ALA A 352 35.23 -32.06 11.65
N GLU A 353 34.32 -31.80 12.57
CA GLU A 353 33.04 -32.51 12.65
C GLU A 353 31.97 -32.04 11.64
N GLY A 354 32.25 -30.99 10.87
CA GLY A 354 31.24 -30.40 9.97
C GLY A 354 30.19 -29.57 10.69
N ARG A 355 30.50 -29.13 11.91
CA ARG A 355 29.64 -28.23 12.68
C ARG A 355 30.08 -26.81 12.43
N ILE A 356 29.14 -25.88 12.35
CA ILE A 356 29.46 -24.49 12.05
C ILE A 356 29.99 -23.87 13.34
N ILE A 357 31.27 -23.52 13.34
CA ILE A 357 31.92 -22.82 14.46
C ILE A 357 31.30 -21.43 14.57
N ASP A 358 31.33 -20.71 13.46
CA ASP A 358 30.94 -19.31 13.41
C ASP A 358 30.77 -18.90 11.96
N VAL A 359 30.02 -17.82 11.73
CA VAL A 359 29.82 -17.22 10.42
C VAL A 359 30.13 -15.74 10.52
N ILE A 360 31.25 -15.32 9.92
CA ILE A 360 31.62 -13.92 9.83
C ILE A 360 31.10 -13.44 8.48
N ASP A 361 30.46 -12.27 8.46
CA ASP A 361 29.88 -11.69 7.26
C ASP A 361 30.61 -10.40 6.92
N LYS A 362 31.21 -10.35 5.72
CA LYS A 362 32.16 -9.29 5.34
C LYS A 362 31.63 -8.38 4.25
N GLU A 363 32.22 -7.19 4.16
CA GLU A 363 31.83 -6.17 3.19
C GLU A 363 33.06 -5.53 2.60
N LEU A 364 32.87 -4.87 1.46
CA LEU A 364 33.97 -4.21 0.74
C LEU A 364 34.63 -3.16 1.61
N ILE A 365 35.95 -3.08 1.50
CA ILE A 365 36.73 -2.14 2.30
C ILE A 365 36.41 -0.66 1.98
N GLN A 366 35.91 -0.43 0.77
CA GLN A 366 35.42 0.88 0.37
C GLN A 366 34.07 0.68 -0.33
N PRO A 367 33.30 1.77 -0.50
CA PRO A 367 32.04 1.61 -1.23
C PRO A 367 32.21 1.04 -2.63
N PHE A 368 31.14 0.41 -3.11
CA PHE A 368 31.06 -0.14 -4.46
C PHE A 368 31.13 0.97 -5.54
N GLU A 369 30.73 2.19 -5.20
CA GLU A 369 30.76 3.33 -6.13
C GLU A 369 32.18 3.85 -6.42
N ILE A 370 33.14 3.49 -5.57
CA ILE A 370 34.53 3.90 -5.71
C ILE A 370 35.36 2.82 -6.41
N LEU A 371 35.35 1.62 -5.83
CA LEU A 371 36.15 0.49 -6.31
C LEU A 371 35.74 0.01 -7.69
N PHE A 372 34.46 0.21 -8.02
CA PHE A 372 33.91 -0.13 -9.32
C PHE A 372 33.23 1.10 -9.92
N GLU A 373 34.04 2.14 -10.08
CA GLU A 373 33.58 3.46 -10.51
C GLU A 373 32.82 3.37 -11.84
N GLY A 374 31.59 3.84 -11.85
CA GLY A 374 30.77 3.87 -13.05
C GLY A 374 29.94 2.63 -13.31
N VAL A 375 30.20 1.54 -12.56
CA VAL A 375 29.46 0.28 -12.72
C VAL A 375 28.01 0.45 -12.21
N GLU A 376 27.07 0.16 -13.09
CA GLU A 376 25.60 0.21 -12.80
C GLU A 376 24.92 -1.18 -12.79
N TYR A 377 25.61 -2.24 -13.21
CA TYR A 377 25.04 -3.58 -13.30
C TYR A 377 26.08 -4.65 -13.04
N ILE A 378 25.69 -5.65 -12.26
CA ILE A 378 26.49 -6.86 -12.11
C ILE A 378 25.79 -7.83 -13.05
N ALA A 379 26.34 -7.95 -14.26
CA ALA A 379 25.74 -8.78 -15.30
C ALA A 379 25.97 -10.26 -15.03
N ARG A 380 27.20 -10.61 -14.65
CA ARG A 380 27.54 -11.99 -14.25
C ARG A 380 28.58 -11.95 -13.15
N ALA A 381 28.79 -13.11 -12.53
CA ALA A 381 29.83 -13.29 -11.51
C ALA A 381 30.08 -14.76 -11.20
N GLY A 382 31.20 -15.01 -10.52
CA GLY A 382 31.62 -16.36 -10.14
C GLY A 382 33.01 -16.35 -9.53
N TRP A 383 33.71 -17.48 -9.66
CA TRP A 383 35.03 -17.66 -9.07
C TRP A 383 36.02 -18.22 -10.08
N THR A 384 37.29 -17.93 -9.84
CA THR A 384 38.38 -18.54 -10.61
C THR A 384 38.47 -20.01 -10.22
N PRO A 385 38.71 -20.93 -11.18
CA PRO A 385 38.85 -22.38 -10.90
C PRO A 385 39.37 -22.83 -9.52
N GLU A 386 40.42 -22.17 -9.02
CA GLU A 386 41.09 -22.56 -7.76
C GLU A 386 40.66 -21.73 -6.54
N GLY A 387 39.64 -20.88 -6.72
CA GLY A 387 39.06 -20.09 -5.64
C GLY A 387 39.88 -18.92 -5.12
N LYS A 388 40.91 -18.53 -5.85
CA LYS A 388 41.87 -17.53 -5.36
C LYS A 388 41.29 -16.11 -5.44
N TYR A 389 40.75 -15.78 -6.61
CA TYR A 389 39.98 -14.57 -6.84
C TYR A 389 38.54 -14.93 -7.18
N ALA A 390 37.61 -14.04 -6.82
CA ALA A 390 36.26 -14.08 -7.36
C ALA A 390 36.20 -13.06 -8.48
N TRP A 391 35.53 -13.41 -9.58
CA TRP A 391 35.44 -12.52 -10.75
C TRP A 391 34.05 -11.95 -10.91
N SER A 392 33.94 -10.95 -11.78
CA SER A 392 32.67 -10.30 -12.05
C SER A 392 32.66 -9.49 -13.33
N ILE A 393 31.67 -9.74 -14.17
CA ILE A 393 31.44 -8.98 -15.39
C ILE A 393 30.51 -7.82 -15.05
N LEU A 394 30.88 -6.61 -15.46
CA LEU A 394 30.26 -5.36 -14.98
C LEU A 394 30.04 -4.32 -16.08
N LEU A 395 28.76 -3.96 -16.29
CA LEU A 395 28.38 -2.94 -17.27
C LEU A 395 28.24 -1.58 -16.65
N ASP A 396 28.61 -0.53 -17.39
CA ASP A 396 28.19 0.83 -17.08
C ASP A 396 26.69 0.96 -17.36
N ARG A 397 26.10 2.11 -17.03
CA ARG A 397 24.64 2.23 -17.13
C ARG A 397 24.15 2.20 -18.56
N SER A 398 24.79 2.99 -19.42
CA SER A 398 24.43 3.05 -20.85
C SER A 398 24.72 1.74 -21.59
N GLN A 399 25.43 0.81 -20.94
CA GLN A 399 25.66 -0.56 -21.42
C GLN A 399 26.51 -0.56 -22.69
N THR A 400 27.43 0.38 -22.77
CA THR A 400 28.39 0.46 -23.85
C THR A 400 29.83 0.23 -23.38
N ARG A 401 30.03 0.02 -22.07
CA ARG A 401 31.35 -0.22 -21.47
C ARG A 401 31.28 -1.42 -20.52
N LEU A 402 31.83 -2.56 -20.98
CA LEU A 402 31.91 -3.78 -20.16
C LEU A 402 33.27 -3.88 -19.49
N GLN A 403 33.28 -4.47 -18.30
CA GLN A 403 34.52 -4.79 -17.58
C GLN A 403 34.51 -6.24 -17.14
N ILE A 404 35.68 -6.73 -16.76
CA ILE A 404 35.85 -8.07 -16.18
C ILE A 404 36.82 -7.86 -15.02
N VAL A 405 36.33 -7.99 -13.79
CA VAL A 405 37.08 -7.56 -12.62
C VAL A 405 37.26 -8.68 -11.60
N LEU A 406 38.51 -9.09 -11.40
CA LEU A 406 38.85 -9.98 -10.30
C LEU A 406 38.73 -9.20 -9.01
N ILE A 407 38.20 -9.88 -7.99
CA ILE A 407 37.92 -9.29 -6.69
C ILE A 407 38.45 -10.26 -5.65
N SER A 408 39.58 -9.91 -5.03
CA SER A 408 40.21 -10.73 -4.00
C SER A 408 39.36 -10.77 -2.74
N PRO A 409 39.19 -11.97 -2.12
CA PRO A 409 38.53 -12.01 -0.80
C PRO A 409 39.19 -11.13 0.27
N GLU A 410 40.48 -10.79 0.08
CA GLU A 410 41.17 -9.83 0.93
C GLU A 410 40.64 -8.38 0.78
N LEU A 411 39.84 -8.09 -0.25
CA LEU A 411 39.08 -6.83 -0.32
C LEU A 411 37.95 -6.70 0.73
N PHE A 412 37.44 -7.84 1.19
CA PHE A 412 36.30 -7.86 2.12
C PHE A 412 36.78 -7.95 3.57
N ILE A 413 36.24 -7.08 4.41
CA ILE A 413 36.55 -7.06 5.85
C ILE A 413 35.25 -7.26 6.61
N PRO A 414 35.33 -7.82 7.85
CA PRO A 414 34.10 -8.02 8.65
C PRO A 414 33.30 -6.75 8.88
N VAL A 415 31.98 -6.91 8.98
CA VAL A 415 31.08 -5.80 9.30
C VAL A 415 31.30 -5.48 10.76
N GLU A 416 31.43 -4.19 11.08
CA GLU A 416 31.63 -3.74 12.46
C GLU A 416 30.85 -2.48 12.81
N ASP A 417 30.17 -2.55 13.96
CA ASP A 417 29.39 -1.44 14.47
C ASP A 417 30.30 -0.44 15.20
N ASP A 418 31.15 -0.97 16.10
CA ASP A 418 32.16 -0.19 16.82
C ASP A 418 33.07 0.56 15.84
N VAL A 419 33.16 1.88 16.01
CA VAL A 419 33.78 2.73 14.99
C VAL A 419 35.32 2.56 14.89
N MET A 420 36.00 2.37 16.01
CA MET A 420 37.48 2.25 16.03
C MET A 420 38.01 0.81 15.87
N GLU A 421 37.10 -0.15 15.76
CA GLU A 421 37.44 -1.50 15.32
C GLU A 421 37.45 -1.56 13.80
N ARG A 422 36.42 -0.96 13.17
CA ARG A 422 36.40 -0.73 11.70
C ARG A 422 37.71 -0.13 11.23
N GLN A 423 38.08 1.01 11.85
CA GLN A 423 39.34 1.73 11.57
C GLN A 423 40.56 0.83 11.55
N ARG A 424 40.67 0.02 12.62
CA ARG A 424 41.74 -0.97 12.77
C ARG A 424 41.74 -1.95 11.58
N LEU A 425 40.57 -2.56 11.32
CA LEU A 425 40.41 -3.59 10.25
C LEU A 425 40.75 -3.09 8.85
N ILE A 426 40.48 -1.81 8.59
CA ILE A 426 40.79 -1.22 7.28
C ILE A 426 42.30 -1.20 7.08
N GLU A 427 43.04 -0.81 8.13
CA GLU A 427 44.49 -0.65 8.04
C GLU A 427 45.27 -1.97 8.02
N SER A 428 44.66 -3.05 8.50
CA SER A 428 45.24 -4.40 8.39
C SER A 428 45.25 -4.91 6.93
N VAL A 429 44.31 -4.40 6.13
CA VAL A 429 44.23 -4.74 4.72
C VAL A 429 45.31 -3.98 3.95
N PRO A 430 46.18 -4.70 3.22
CA PRO A 430 47.19 -3.99 2.42
C PRO A 430 46.63 -3.05 1.36
N ASP A 431 47.46 -2.11 0.92
CA ASP A 431 47.16 -1.25 -0.24
C ASP A 431 47.22 -2.04 -1.52
N SER A 432 48.20 -2.95 -1.58
CA SER A 432 48.41 -3.85 -2.71
C SER A 432 47.23 -4.74 -3.13
N VAL A 433 46.32 -5.00 -2.18
CA VAL A 433 45.04 -5.67 -2.46
C VAL A 433 44.09 -4.69 -3.15
N THR A 434 43.60 -5.07 -4.33
CA THR A 434 42.93 -4.12 -5.20
C THR A 434 42.08 -4.84 -6.26
N PRO A 435 40.95 -4.24 -6.68
CA PRO A 435 40.25 -4.78 -7.84
C PRO A 435 41.14 -4.73 -9.08
N LEU A 436 41.22 -5.86 -9.76
CA LEU A 436 42.06 -6.04 -10.94
C LEU A 436 41.14 -6.17 -12.13
N ILE A 437 41.03 -5.09 -12.90
CA ILE A 437 40.20 -5.07 -14.10
C ILE A 437 41.02 -5.78 -15.20
N ILE A 438 40.65 -7.02 -15.51
CA ILE A 438 41.42 -7.85 -16.45
C ILE A 438 40.99 -7.73 -17.92
N TYR A 439 39.91 -6.99 -18.17
CA TYR A 439 39.47 -6.69 -19.53
C TYR A 439 38.47 -5.55 -19.52
N GLU A 440 38.59 -4.63 -20.47
CA GLU A 440 37.63 -3.54 -20.64
C GLU A 440 37.35 -3.38 -22.14
N GLU A 441 36.09 -3.23 -22.51
CA GLU A 441 35.72 -2.99 -23.90
C GLU A 441 34.62 -1.94 -24.00
N THR A 442 34.55 -1.28 -25.15
CA THR A 442 33.59 -0.22 -25.41
C THR A 442 32.94 -0.40 -26.77
N THR A 443 31.91 0.39 -27.04
CA THR A 443 31.27 0.38 -28.35
C THR A 443 30.33 1.57 -28.48
N ASP A 444 29.99 1.91 -29.72
CA ASP A 444 29.01 2.97 -29.99
C ASP A 444 27.61 2.41 -30.26
N ILE A 445 27.41 1.10 -30.05
CA ILE A 445 26.09 0.49 -30.13
C ILE A 445 25.72 -0.06 -28.74
N TRP A 446 26.09 -1.31 -28.43
CA TRP A 446 25.88 -1.84 -27.07
C TRP A 446 26.60 -3.16 -26.81
N ILE A 447 26.82 -3.44 -25.53
CA ILE A 447 27.28 -4.75 -25.12
C ILE A 447 26.07 -5.65 -25.11
N ASN A 448 26.24 -6.86 -25.65
CA ASN A 448 25.28 -7.93 -25.45
C ASN A 448 25.94 -8.94 -24.51
N ILE A 449 25.39 -9.08 -23.30
CA ILE A 449 25.94 -10.01 -22.33
C ILE A 449 25.72 -11.44 -22.81
N HIS A 450 26.67 -12.30 -22.49
CA HIS A 450 26.55 -13.74 -22.76
C HIS A 450 27.08 -14.53 -21.56
N ASP A 451 27.04 -15.86 -21.68
CA ASP A 451 27.51 -16.78 -20.62
C ASP A 451 28.97 -17.24 -20.82
N ILE A 452 29.50 -17.05 -22.02
CA ILE A 452 30.90 -17.38 -22.36
C ILE A 452 31.90 -16.62 -21.48
N PHE A 453 32.72 -17.41 -20.80
CA PHE A 453 33.90 -16.92 -20.07
C PHE A 453 34.55 -18.22 -19.62
N HIS A 454 35.81 -18.42 -19.97
CA HIS A 454 36.58 -19.55 -19.48
C HIS A 454 37.91 -19.05 -18.97
N VAL A 455 38.15 -19.26 -17.68
CA VAL A 455 39.45 -18.97 -17.06
C VAL A 455 40.22 -20.28 -16.96
N PHE A 456 41.44 -20.28 -17.49
CA PHE A 456 42.33 -21.42 -17.38
C PHE A 456 42.96 -21.42 -16.00
N PRO A 457 43.48 -22.58 -15.56
CA PRO A 457 44.24 -22.57 -14.31
C PRO A 457 45.47 -21.66 -14.35
N GLN A 458 45.91 -21.26 -13.16
CA GLN A 458 46.98 -20.27 -12.99
C GLN A 458 48.34 -20.94 -13.25
N SER A 459 48.91 -20.66 -14.42
CA SER A 459 50.25 -21.10 -14.76
C SER A 459 51.27 -20.28 -13.98
N HIS A 460 51.26 -18.97 -14.24
CA HIS A 460 52.12 -18.01 -13.54
C HIS A 460 51.25 -17.25 -12.54
N GLU A 461 51.80 -16.97 -11.36
CA GLU A 461 51.04 -16.25 -10.31
C GLU A 461 50.84 -14.76 -10.61
N GLU A 462 51.58 -14.25 -11.59
CA GLU A 462 51.49 -12.85 -12.03
C GLU A 462 50.45 -12.59 -13.14
N GLU A 463 49.74 -13.63 -13.57
CA GLU A 463 48.92 -13.58 -14.79
C GLU A 463 47.61 -14.35 -14.65
N ILE A 464 46.74 -14.17 -15.64
CA ILE A 464 45.51 -14.93 -15.75
C ILE A 464 45.19 -15.10 -17.23
N GLU A 465 45.31 -16.33 -17.73
CA GLU A 465 44.83 -16.68 -19.07
C GLU A 465 43.32 -16.87 -18.98
N PHE A 466 42.60 -16.40 -20.00
CA PHE A 466 41.17 -16.67 -20.12
C PHE A 466 40.67 -16.49 -21.56
N ILE A 467 39.58 -17.17 -21.91
CA ILE A 467 38.87 -16.94 -23.16
C ILE A 467 37.61 -16.15 -22.84
N PHE A 468 37.28 -15.20 -23.73
CA PHE A 468 36.06 -14.41 -23.64
C PHE A 468 35.58 -14.18 -25.06
N ALA A 469 34.30 -13.81 -25.21
CA ALA A 469 33.77 -13.39 -26.51
C ALA A 469 33.49 -11.89 -26.52
N SER A 470 33.51 -11.31 -27.70
CA SER A 470 33.28 -9.87 -27.85
C SER A 470 32.81 -9.53 -29.26
N GLU A 471 31.67 -8.86 -29.32
CA GLU A 471 31.25 -8.17 -30.54
C GLU A 471 32.08 -6.92 -30.86
N CYS A 472 32.68 -6.31 -29.82
CA CYS A 472 33.24 -4.96 -29.93
C CYS A 472 34.40 -4.77 -30.89
N LYS A 473 35.17 -5.82 -31.14
CA LYS A 473 36.34 -5.69 -32.02
C LYS A 473 35.86 -5.60 -33.48
N THR A 474 35.45 -6.72 -34.06
CA THR A 474 35.21 -6.82 -35.50
C THR A 474 33.86 -6.23 -35.97
N GLY A 475 32.94 -5.96 -35.04
CA GLY A 475 31.53 -5.73 -35.37
C GLY A 475 30.66 -6.99 -35.34
N PHE A 476 31.29 -8.15 -35.13
CA PHE A 476 30.66 -9.48 -35.00
C PHE A 476 31.23 -10.21 -33.77
N ARG A 477 30.47 -11.13 -33.17
CA ARG A 477 30.91 -11.82 -31.94
C ARG A 477 31.90 -12.95 -32.22
N HIS A 478 33.11 -12.83 -31.67
CA HIS A 478 34.15 -13.84 -31.84
C HIS A 478 34.88 -14.10 -30.53
N LEU A 479 35.61 -15.21 -30.51
CA LEU A 479 36.35 -15.65 -29.32
C LEU A 479 37.77 -15.06 -29.32
N TYR A 480 38.26 -14.69 -28.14
CA TYR A 480 39.59 -14.07 -27.98
C TYR A 480 40.24 -14.66 -26.74
N LYS A 481 41.44 -15.21 -26.90
CA LYS A 481 42.28 -15.65 -25.77
C LYS A 481 43.10 -14.47 -25.25
N ILE A 482 43.06 -14.27 -23.94
CA ILE A 482 43.69 -13.11 -23.31
C ILE A 482 44.49 -13.54 -22.09
N THR A 483 45.71 -13.04 -21.99
CA THR A 483 46.51 -13.13 -20.78
C THR A 483 46.61 -11.70 -20.25
N SER A 484 46.18 -11.50 -19.01
CA SER A 484 46.22 -10.19 -18.34
C SER A 484 47.21 -10.24 -17.20
N ILE A 485 47.97 -9.16 -17.03
CA ILE A 485 49.06 -9.13 -16.05
C ILE A 485 48.51 -8.44 -14.80
N LEU A 486 48.60 -9.15 -13.67
CA LEU A 486 48.04 -8.66 -12.40
C LEU A 486 49.04 -7.74 -11.69
N LYS A 487 49.11 -6.51 -12.20
CA LYS A 487 50.02 -5.46 -11.72
C LYS A 487 49.61 -4.97 -10.33
N GLU A 488 50.59 -4.63 -9.49
CA GLU A 488 50.30 -3.91 -8.25
C GLU A 488 49.81 -2.52 -8.64
N SER A 489 48.62 -2.15 -8.16
CA SER A 489 47.97 -0.89 -8.55
C SER A 489 48.71 0.33 -7.99
N LYS A 490 48.82 1.37 -8.83
CA LYS A 490 49.50 2.62 -8.45
C LYS A 490 48.82 3.22 -7.25
N TYR A 491 47.48 3.25 -7.30
CA TYR A 491 46.63 3.73 -6.22
C TYR A 491 46.96 3.02 -4.91
N LYS A 492 47.14 3.82 -3.85
CA LYS A 492 47.37 3.30 -2.51
C LYS A 492 46.37 3.93 -1.58
N ARG A 493 45.41 3.10 -1.14
CA ARG A 493 44.34 3.48 -0.21
C ARG A 493 44.80 4.23 1.05
N SER A 494 45.98 3.84 1.58
CA SER A 494 46.56 4.44 2.79
C SER A 494 46.55 5.96 2.74
N SER A 495 47.15 6.50 1.67
CA SER A 495 47.15 7.96 1.42
C SER A 495 45.76 8.60 1.48
N GLY A 496 44.73 7.82 1.13
CA GLY A 496 43.34 8.23 1.34
C GLY A 496 42.90 9.11 0.19
N GLY A 497 42.22 8.51 -0.77
CA GLY A 497 41.76 9.22 -1.96
C GLY A 497 40.93 8.34 -2.86
N LEU A 498 40.30 8.95 -3.87
CA LEU A 498 39.50 8.20 -4.84
C LEU A 498 40.43 7.78 -5.97
N PRO A 499 40.43 6.49 -6.33
CA PRO A 499 41.28 6.06 -7.44
C PRO A 499 41.01 6.77 -8.77
N ALA A 500 42.09 7.09 -9.48
CA ALA A 500 42.02 7.71 -10.81
C ALA A 500 41.29 6.80 -11.79
N PRO A 501 40.69 7.37 -12.85
CA PRO A 501 39.97 6.57 -13.86
C PRO A 501 40.70 5.34 -14.43
N SER A 502 42.04 5.32 -14.39
CA SER A 502 42.83 4.17 -14.87
C SER A 502 43.66 3.42 -13.82
N ASP A 503 43.49 3.73 -12.53
CA ASP A 503 44.36 3.15 -11.49
C ASP A 503 44.24 1.63 -11.28
N PHE A 504 43.10 1.03 -11.64
CA PHE A 504 42.87 -0.40 -11.47
C PHE A 504 43.04 -1.23 -12.73
N LYS A 505 43.15 -0.57 -13.89
CA LYS A 505 43.34 -1.27 -15.16
C LYS A 505 44.60 -2.13 -15.12
N CYS A 506 44.55 -3.27 -15.80
CA CYS A 506 45.71 -4.17 -15.94
C CYS A 506 46.25 -4.11 -17.36
N PRO A 507 47.55 -4.43 -17.55
CA PRO A 507 48.04 -4.56 -18.90
C PRO A 507 47.62 -5.90 -19.53
N ILE A 508 47.30 -5.83 -20.82
CA ILE A 508 46.95 -6.98 -21.63
C ILE A 508 48.28 -7.49 -22.24
N LYS A 509 48.76 -8.66 -21.81
CA LYS A 509 50.01 -9.24 -22.35
C LYS A 509 49.82 -9.81 -23.76
N GLU A 510 48.81 -10.64 -23.93
CA GLU A 510 48.44 -11.13 -25.25
C GLU A 510 46.94 -10.97 -25.48
N GLU A 511 46.56 -10.97 -26.76
CA GLU A 511 45.16 -10.99 -27.17
C GLU A 511 45.09 -11.66 -28.54
N ILE A 512 44.99 -12.99 -28.54
CA ILE A 512 45.00 -13.78 -29.78
C ILE A 512 43.54 -14.05 -30.14
N ALA A 513 43.08 -13.49 -31.26
CA ALA A 513 41.72 -13.76 -31.74
C ALA A 513 41.63 -15.20 -32.21
N ILE A 514 40.76 -15.99 -31.56
CA ILE A 514 40.59 -17.41 -31.87
C ILE A 514 39.80 -17.59 -33.14
N THR A 515 38.68 -16.89 -33.23
CA THR A 515 37.86 -16.86 -34.42
C THR A 515 37.80 -15.44 -34.98
N SER A 516 37.35 -15.32 -36.23
CA SER A 516 37.23 -14.03 -36.92
C SER A 516 36.44 -14.22 -38.20
N GLY A 517 35.76 -13.16 -38.63
CA GLY A 517 34.97 -13.21 -39.86
C GLY A 517 33.65 -12.48 -39.77
N GLU A 518 32.87 -12.56 -40.85
CA GLU A 518 31.58 -11.88 -40.98
C GLU A 518 30.44 -12.82 -40.55
N TRP A 519 30.57 -13.32 -39.33
CA TRP A 519 29.61 -14.24 -38.73
C TRP A 519 29.86 -14.20 -37.22
N GLU A 520 28.96 -14.78 -36.43
CA GLU A 520 29.07 -14.70 -34.98
C GLU A 520 29.13 -16.05 -34.24
N VAL A 521 29.84 -16.02 -33.11
CA VAL A 521 29.86 -17.09 -32.13
C VAL A 521 28.63 -16.88 -31.23
N LEU A 522 28.13 -17.97 -30.65
CA LEU A 522 26.86 -17.94 -29.93
C LEU A 522 27.07 -18.14 -28.44
N GLY A 523 26.56 -17.18 -27.65
CA GLY A 523 26.71 -17.16 -26.19
C GLY A 523 25.44 -17.10 -25.36
N ARG A 524 24.40 -16.44 -25.89
CA ARG A 524 23.10 -16.38 -25.21
C ARG A 524 22.43 -17.76 -25.13
N HIS A 525 21.43 -17.84 -24.25
CA HIS A 525 20.43 -18.94 -24.21
C HIS A 525 21.03 -20.35 -24.18
N GLY A 526 22.10 -20.53 -23.42
CA GLY A 526 22.68 -21.86 -23.18
C GLY A 526 23.66 -22.38 -24.23
N SER A 527 23.83 -21.64 -25.32
CA SER A 527 25.01 -21.83 -26.19
C SER A 527 26.19 -21.33 -25.38
N ASN A 528 27.29 -22.07 -25.43
CA ASN A 528 28.49 -21.72 -24.67
C ASN A 528 29.72 -22.25 -25.41
N ILE A 529 30.83 -22.38 -24.70
CA ILE A 529 32.02 -23.02 -25.23
C ILE A 529 32.36 -24.19 -24.34
N GLN A 530 32.83 -25.27 -24.95
CA GLN A 530 33.45 -26.36 -24.23
C GLN A 530 34.91 -26.30 -24.63
N VAL A 531 35.78 -26.13 -23.65
CA VAL A 531 37.20 -26.00 -23.88
C VAL A 531 37.86 -27.32 -23.56
N ASP A 532 38.69 -27.83 -24.48
CA ASP A 532 39.55 -28.99 -24.21
C ASP A 532 40.94 -28.48 -23.82
N GLU A 533 41.19 -28.39 -22.52
CA GLU A 533 42.50 -27.94 -21.99
C GLU A 533 43.64 -28.94 -22.17
N VAL A 534 43.33 -30.16 -22.62
CA VAL A 534 44.34 -31.18 -22.95
C VAL A 534 44.83 -30.93 -24.38
N ARG A 535 43.94 -31.10 -25.35
CA ARG A 535 44.27 -30.87 -26.77
C ARG A 535 44.36 -29.41 -27.14
N ARG A 536 43.90 -28.55 -26.25
CA ARG A 536 44.04 -27.09 -26.39
C ARG A 536 43.20 -26.61 -27.58
N LEU A 537 41.92 -26.99 -27.50
CA LEU A 537 40.90 -26.67 -28.48
C LEU A 537 39.75 -25.99 -27.77
N VAL A 538 38.80 -25.47 -28.54
CA VAL A 538 37.62 -24.80 -28.01
C VAL A 538 36.46 -25.01 -28.98
N TYR A 539 35.40 -25.63 -28.50
CA TYR A 539 34.22 -25.93 -29.31
C TYR A 539 33.19 -24.83 -29.08
N PHE A 540 32.33 -24.59 -30.07
CA PHE A 540 31.38 -23.48 -30.03
C PHE A 540 30.36 -23.57 -31.14
N GLU A 541 29.13 -23.16 -30.86
CA GLU A 541 28.12 -23.04 -31.90
C GLU A 541 28.36 -21.72 -32.63
N GLY A 542 27.87 -21.61 -33.86
CA GLY A 542 28.05 -20.39 -34.66
C GLY A 542 27.25 -20.27 -35.95
N THR A 543 27.27 -19.07 -36.53
CA THR A 543 26.56 -18.75 -37.77
C THR A 543 27.49 -18.67 -39.00
N LYS A 544 28.60 -19.41 -38.99
CA LYS A 544 29.61 -19.30 -40.06
C LYS A 544 29.11 -19.87 -41.37
N ASP A 545 28.56 -21.08 -41.33
CA ASP A 545 28.05 -21.73 -42.53
C ASP A 545 26.82 -21.05 -43.10
N SER A 546 25.98 -20.52 -42.22
CA SER A 546 24.80 -19.78 -42.66
C SER A 546 24.26 -18.99 -41.47
N PRO A 547 23.58 -17.86 -41.72
CA PRO A 547 22.79 -17.19 -40.67
C PRO A 547 21.51 -17.94 -40.27
N LEU A 548 21.02 -18.80 -41.17
CA LEU A 548 19.79 -19.53 -40.96
C LEU A 548 20.01 -20.90 -40.28
N GLU A 549 21.26 -21.28 -40.08
CA GLU A 549 21.61 -22.53 -39.42
C GLU A 549 22.69 -22.29 -38.37
N HIS A 550 22.42 -22.79 -37.16
CA HIS A 550 23.38 -22.74 -36.05
C HIS A 550 24.14 -24.05 -36.03
N HIS A 551 25.44 -24.02 -36.28
CA HIS A 551 26.24 -25.24 -36.39
C HIS A 551 27.35 -25.26 -35.36
N LEU A 552 27.75 -26.48 -34.97
CA LEU A 552 28.88 -26.66 -34.07
C LEU A 552 30.19 -26.63 -34.85
N TYR A 553 31.19 -25.99 -34.24
CA TYR A 553 32.53 -25.89 -34.78
C TYR A 553 33.57 -26.20 -33.70
N VAL A 554 34.83 -26.25 -34.12
CA VAL A 554 35.98 -26.51 -33.24
C VAL A 554 37.22 -25.87 -33.87
N VAL A 555 38.18 -25.51 -33.03
CA VAL A 555 39.40 -24.84 -33.48
C VAL A 555 40.41 -24.83 -32.34
N SER A 556 41.70 -24.82 -32.67
CA SER A 556 42.75 -24.65 -31.68
C SER A 556 42.76 -23.21 -31.13
N TYR A 557 42.95 -23.07 -29.82
CA TYR A 557 43.06 -21.73 -29.18
C TYR A 557 44.51 -21.21 -29.03
N VAL A 558 45.48 -22.06 -29.40
CA VAL A 558 46.91 -21.73 -29.36
C VAL A 558 47.39 -21.30 -30.74
N ASN A 559 47.09 -22.13 -31.75
CA ASN A 559 47.36 -21.85 -33.16
C ASN A 559 46.05 -21.68 -33.91
N PRO A 560 45.34 -20.56 -33.69
CA PRO A 560 44.07 -20.37 -34.42
C PRO A 560 44.25 -20.45 -35.94
N GLY A 561 43.28 -21.08 -36.60
CA GLY A 561 43.32 -21.26 -38.04
C GLY A 561 42.04 -21.88 -38.57
N GLU A 562 42.16 -23.02 -39.22
CA GLU A 562 41.03 -23.69 -39.83
C GLU A 562 40.01 -24.08 -38.75
N VAL A 563 38.83 -23.47 -38.84
CA VAL A 563 37.67 -23.90 -38.09
C VAL A 563 37.15 -25.18 -38.77
N THR A 564 36.68 -26.14 -37.99
CA THR A 564 36.14 -27.40 -38.50
C THR A 564 34.69 -27.53 -38.03
N ARG A 565 33.74 -27.45 -38.97
CA ARG A 565 32.33 -27.72 -38.69
C ARG A 565 32.13 -29.20 -38.38
N LEU A 566 31.40 -29.48 -37.32
CA LEU A 566 31.13 -30.86 -36.91
C LEU A 566 29.73 -31.27 -37.30
N THR A 567 28.73 -30.45 -36.96
CA THR A 567 27.35 -30.72 -37.35
C THR A 567 27.12 -30.76 -38.86
N ASP A 568 26.15 -31.57 -39.30
CA ASP A 568 25.84 -31.76 -40.73
C ASP A 568 25.05 -30.61 -41.32
N ARG A 569 25.34 -30.28 -42.59
CA ARG A 569 24.63 -29.21 -43.30
C ARG A 569 23.13 -29.47 -43.45
N GLY A 570 22.38 -28.43 -43.79
CA GLY A 570 20.93 -28.52 -43.95
C GLY A 570 20.06 -28.52 -42.70
N TYR A 571 20.68 -28.41 -41.51
CA TYR A 571 19.96 -28.44 -40.23
C TYR A 571 20.43 -27.33 -39.28
N SER A 572 19.67 -27.11 -38.21
CA SER A 572 20.01 -26.12 -37.16
C SER A 572 20.12 -26.82 -35.81
N HIS A 573 21.35 -26.91 -35.31
CA HIS A 573 21.68 -27.72 -34.14
C HIS A 573 21.84 -26.86 -32.90
N SER A 574 21.74 -27.52 -31.76
CA SER A 574 21.94 -26.90 -30.47
C SER A 574 22.64 -27.96 -29.65
N CYS A 575 23.96 -27.95 -29.73
CA CYS A 575 24.75 -29.04 -29.23
C CYS A 575 25.05 -28.90 -27.75
N CYS A 576 25.44 -30.01 -27.13
CA CYS A 576 25.79 -30.02 -25.71
C CYS A 576 26.95 -30.98 -25.52
N ILE A 577 28.17 -30.44 -25.71
CA ILE A 577 29.41 -31.24 -25.76
C ILE A 577 29.76 -31.80 -24.38
N SER A 578 30.22 -33.05 -24.37
CA SER A 578 30.64 -33.73 -23.13
C SER A 578 31.74 -32.94 -22.42
N GLN A 579 31.74 -32.99 -21.10
CA GLN A 579 32.80 -32.35 -20.32
C GLN A 579 34.17 -32.94 -20.61
N HIS A 580 34.19 -34.17 -21.10
CA HIS A 580 35.42 -34.85 -21.51
C HIS A 580 35.81 -34.61 -22.99
N CYS A 581 35.00 -33.86 -23.72
CA CYS A 581 35.25 -33.50 -25.13
C CYS A 581 35.44 -34.69 -26.08
N ASP A 582 34.76 -35.79 -25.80
CA ASP A 582 34.83 -37.00 -26.64
C ASP A 582 33.46 -37.45 -27.14
N PHE A 583 32.51 -36.53 -27.11
CA PHE A 583 31.11 -36.79 -27.43
C PHE A 583 30.41 -35.44 -27.55
N PHE A 584 29.31 -35.40 -28.30
CA PHE A 584 28.44 -34.23 -28.30
C PHE A 584 27.05 -34.60 -28.77
N ILE A 585 26.03 -34.03 -28.14
CA ILE A 585 24.64 -34.28 -28.48
C ILE A 585 24.22 -33.14 -29.37
N SER A 586 23.15 -33.34 -30.13
CA SER A 586 22.63 -32.29 -30.98
C SER A 586 21.11 -32.44 -31.19
N LYS A 587 20.35 -31.46 -30.70
CA LYS A 587 18.95 -31.29 -31.06
C LYS A 587 18.96 -30.50 -32.36
N TYR A 588 18.60 -31.17 -33.45
CA TYR A 588 18.57 -30.55 -34.79
C TYR A 588 17.20 -30.70 -35.43
N SER A 589 16.91 -29.81 -36.38
CA SER A 589 15.72 -29.91 -37.22
C SER A 589 15.90 -29.08 -38.48
N ASN A 590 14.88 -29.06 -39.31
CA ASN A 590 14.83 -28.13 -40.43
C ASN A 590 13.38 -27.72 -40.67
N GLN A 591 13.16 -26.93 -41.70
CA GLN A 591 11.83 -26.43 -42.05
C GLN A 591 10.82 -27.55 -42.30
N LYS A 592 11.29 -28.62 -42.95
CA LYS A 592 10.49 -29.82 -43.25
C LYS A 592 10.31 -30.82 -42.08
N ASN A 593 11.41 -31.18 -41.40
CA ASN A 593 11.39 -32.26 -40.40
C ASN A 593 11.27 -31.72 -38.97
N PRO A 594 10.63 -32.49 -38.06
CA PRO A 594 10.68 -32.13 -36.63
C PRO A 594 12.09 -32.25 -36.05
N HIS A 595 12.20 -32.17 -34.72
CA HIS A 595 13.52 -32.12 -34.09
C HIS A 595 13.99 -33.45 -33.49
N CYS A 596 14.83 -34.16 -34.23
CA CYS A 596 15.55 -35.32 -33.71
C CYS A 596 16.59 -34.85 -32.70
N VAL A 597 16.97 -35.76 -31.81
CA VAL A 597 18.08 -35.54 -30.87
C VAL A 597 18.97 -36.75 -30.92
N SER A 598 20.19 -36.58 -31.40
CA SER A 598 21.09 -37.70 -31.62
C SER A 598 22.45 -37.43 -30.99
N LEU A 599 23.14 -38.50 -30.60
CA LEU A 599 24.46 -38.46 -30.00
C LEU A 599 25.52 -38.73 -31.07
N TYR A 600 26.65 -38.01 -30.97
CA TYR A 600 27.76 -38.11 -31.92
C TYR A 600 29.10 -38.21 -31.16
N LYS A 601 29.97 -39.14 -31.60
CA LYS A 601 31.30 -39.38 -30.99
C LYS A 601 32.43 -38.76 -31.81
N LEU A 602 33.38 -38.14 -31.12
CA LEU A 602 34.50 -37.44 -31.75
C LEU A 602 35.76 -38.31 -31.81
N SER A 603 36.68 -37.98 -32.73
CA SER A 603 37.93 -38.73 -32.92
C SER A 603 39.08 -37.91 -33.51
N SER A 604 40.21 -37.86 -32.79
CA SER A 604 41.46 -37.30 -33.29
C SER A 604 42.26 -38.42 -33.96
N PRO A 605 42.67 -38.25 -35.25
CA PRO A 605 43.63 -39.21 -35.83
C PRO A 605 44.99 -39.13 -35.14
N GLU A 606 45.67 -40.27 -35.06
CA GLU A 606 46.96 -40.36 -34.36
C GLU A 606 47.99 -39.28 -34.75
N ASP A 607 48.00 -38.93 -36.04
CA ASP A 607 48.94 -37.95 -36.61
C ASP A 607 48.56 -36.45 -36.48
N ASP A 608 47.33 -36.14 -36.05
CA ASP A 608 46.80 -34.76 -36.11
C ASP A 608 45.63 -34.49 -35.11
N PRO A 609 45.96 -34.13 -33.85
CA PRO A 609 44.94 -33.73 -32.87
C PRO A 609 44.00 -32.55 -33.23
N THR A 610 44.37 -31.67 -34.15
CA THR A 610 43.47 -30.55 -34.55
C THR A 610 42.23 -31.07 -35.25
N CYS A 611 42.47 -31.88 -36.28
CA CYS A 611 41.40 -32.55 -37.02
C CYS A 611 40.64 -33.46 -36.05
N LYS A 612 39.46 -33.00 -35.64
CA LYS A 612 38.47 -33.83 -34.97
C LYS A 612 37.49 -34.28 -36.04
N THR A 613 37.24 -35.59 -36.10
CA THR A 613 36.18 -36.15 -36.94
C THR A 613 35.07 -36.73 -36.08
N LYS A 614 33.89 -36.79 -36.70
CA LYS A 614 32.64 -37.11 -36.04
C LYS A 614 32.08 -38.42 -36.62
N GLU A 615 31.43 -39.19 -35.75
CA GLU A 615 30.69 -40.37 -36.16
C GLU A 615 29.41 -40.44 -35.34
N PHE A 616 28.27 -40.52 -36.01
CA PHE A 616 26.99 -40.82 -35.36
C PHE A 616 27.15 -42.07 -34.50
N TRP A 617 26.66 -42.00 -33.28
CA TRP A 617 26.79 -43.07 -32.28
C TRP A 617 25.44 -43.70 -31.94
N ALA A 618 24.50 -42.86 -31.50
CA ALA A 618 23.16 -43.31 -31.15
C ALA A 618 22.12 -42.21 -31.25
N THR A 619 20.85 -42.61 -31.32
CA THR A 619 19.74 -41.67 -31.29
C THR A 619 19.11 -41.66 -29.90
N ILE A 620 18.94 -40.45 -29.34
CA ILE A 620 18.29 -40.23 -28.06
C ILE A 620 16.78 -40.10 -28.24
N LEU A 621 16.36 -39.35 -29.26
CA LEU A 621 14.93 -39.18 -29.57
C LEU A 621 14.68 -39.06 -31.08
N ASP A 622 14.04 -40.07 -31.66
CA ASP A 622 13.61 -40.03 -33.07
C ASP A 622 12.57 -38.94 -33.27
N SER A 623 12.58 -38.30 -34.43
CA SER A 623 11.54 -37.34 -34.77
C SER A 623 10.21 -38.05 -35.01
N ALA A 624 9.12 -37.33 -34.72
CA ALA A 624 7.77 -37.75 -35.08
C ALA A 624 7.66 -38.02 -36.60
N GLY A 625 8.38 -37.22 -37.39
CA GLY A 625 8.30 -37.25 -38.83
C GLY A 625 7.41 -36.09 -39.24
N PRO A 626 7.51 -35.63 -40.52
CA PRO A 626 6.72 -34.48 -40.95
C PRO A 626 5.25 -34.59 -40.56
N LEU A 627 4.78 -33.63 -39.78
CA LEU A 627 3.40 -33.58 -39.30
C LEU A 627 2.41 -33.69 -40.47
N PRO A 628 1.41 -34.61 -40.38
CA PRO A 628 0.37 -34.59 -41.41
C PRO A 628 -0.48 -33.32 -41.33
N ASP A 629 -0.84 -32.77 -42.49
CA ASP A 629 -1.60 -31.52 -42.63
C ASP A 629 -0.82 -30.27 -42.20
N TYR A 630 0.49 -30.25 -42.49
CA TYR A 630 1.35 -29.07 -42.26
C TYR A 630 2.32 -28.91 -43.43
N THR A 631 1.90 -28.15 -44.44
CA THR A 631 2.81 -27.58 -45.44
C THR A 631 3.73 -26.52 -44.79
N PRO A 632 5.06 -26.77 -44.74
CA PRO A 632 5.95 -25.75 -44.17
C PRO A 632 6.16 -24.60 -45.14
N PRO A 633 6.68 -23.47 -44.65
CA PRO A 633 6.93 -22.32 -45.52
C PRO A 633 8.24 -22.48 -46.28
N GLU A 634 8.43 -21.66 -47.29
CA GLU A 634 9.72 -21.61 -47.99
C GLU A 634 10.43 -20.33 -47.61
N ILE A 635 11.75 -20.46 -47.39
CA ILE A 635 12.58 -19.40 -46.80
C ILE A 635 13.20 -18.54 -47.91
N PHE A 636 12.61 -17.36 -48.14
CA PHE A 636 13.08 -16.45 -49.18
C PHE A 636 13.97 -15.33 -48.65
N SER A 637 14.58 -14.61 -49.60
CA SER A 637 15.38 -13.42 -49.32
C SER A 637 15.18 -12.37 -50.43
N PHE A 638 15.74 -11.20 -50.20
CA PHE A 638 15.78 -10.15 -51.22
C PHE A 638 16.96 -9.23 -50.90
N GLU A 639 17.47 -8.55 -51.92
CA GLU A 639 18.46 -7.50 -51.70
C GLU A 639 17.71 -6.23 -51.31
N SER A 640 17.99 -5.74 -50.10
CA SER A 640 17.30 -4.57 -49.56
C SER A 640 17.93 -3.28 -50.09
N THR A 641 17.12 -2.24 -50.21
CA THR A 641 17.57 -0.89 -50.51
C THR A 641 18.56 -0.38 -49.45
N THR A 642 18.59 -1.05 -48.30
CA THR A 642 19.42 -0.73 -47.16
C THR A 642 20.77 -1.48 -47.14
N GLY A 643 21.07 -2.17 -48.24
CA GLY A 643 22.36 -2.83 -48.42
C GLY A 643 22.53 -4.10 -47.62
N PHE A 644 21.41 -4.83 -47.43
CA PHE A 644 21.41 -6.09 -46.66
C PHE A 644 20.54 -7.15 -47.35
N THR A 645 20.91 -8.42 -47.15
CA THR A 645 20.12 -9.56 -47.61
C THR A 645 19.08 -9.89 -46.52
N LEU A 646 17.93 -9.20 -46.54
CA LEU A 646 16.88 -9.44 -45.54
C LEU A 646 16.11 -10.73 -45.83
N TYR A 647 16.09 -11.64 -44.87
CA TYR A 647 15.43 -12.94 -45.05
C TYR A 647 13.99 -12.90 -44.59
N GLY A 648 13.17 -13.72 -45.24
CA GLY A 648 11.73 -13.85 -44.92
C GLY A 648 11.25 -15.30 -45.06
N MET A 649 10.03 -15.56 -44.57
CA MET A 649 9.37 -16.87 -44.72
C MET A 649 7.98 -16.68 -45.34
N LEU A 650 7.63 -17.55 -46.28
CA LEU A 650 6.35 -17.45 -47.00
C LEU A 650 5.52 -18.72 -46.90
N TYR A 651 4.34 -18.59 -46.32
CA TYR A 651 3.33 -19.63 -46.34
C TYR A 651 2.37 -19.33 -47.48
N LYS A 652 2.57 -20.00 -48.62
CA LYS A 652 1.62 -19.90 -49.74
C LYS A 652 0.28 -20.53 -49.30
N PRO A 653 -0.85 -19.97 -49.76
CA PRO A 653 -2.13 -20.58 -49.41
C PRO A 653 -2.24 -21.99 -49.96
N HIS A 654 -2.76 -22.91 -49.16
CA HIS A 654 -2.85 -24.34 -49.54
C HIS A 654 -3.87 -24.54 -50.65
N ASP A 655 -3.52 -25.41 -51.61
CA ASP A 655 -4.37 -25.67 -52.76
C ASP A 655 -4.67 -24.35 -53.48
N LEU A 656 -3.62 -23.74 -54.04
CA LEU A 656 -3.74 -22.46 -54.77
C LEU A 656 -4.74 -22.52 -55.92
N GLN A 657 -5.30 -21.37 -56.27
CA GLN A 657 -6.09 -21.23 -57.50
C GLN A 657 -5.28 -20.45 -58.52
N PRO A 658 -5.51 -20.71 -59.82
CA PRO A 658 -4.97 -19.80 -60.82
C PRO A 658 -5.88 -18.58 -60.99
N GLY A 659 -5.27 -17.41 -61.18
CA GLY A 659 -6.01 -16.18 -61.42
C GLY A 659 -6.84 -15.66 -60.27
N LYS A 660 -6.50 -16.04 -59.04
CA LYS A 660 -7.17 -15.54 -57.84
C LYS A 660 -6.17 -15.01 -56.80
N LYS A 661 -6.28 -13.72 -56.49
CA LYS A 661 -5.47 -13.08 -55.45
C LYS A 661 -6.04 -13.39 -54.07
N TYR A 662 -5.15 -13.54 -53.08
CA TYR A 662 -5.47 -14.01 -51.73
C TYR A 662 -5.21 -12.92 -50.66
N PRO A 663 -6.01 -12.91 -49.58
CA PRO A 663 -5.76 -11.98 -48.48
C PRO A 663 -4.50 -12.38 -47.72
N THR A 664 -3.70 -11.38 -47.34
CA THR A 664 -2.36 -11.60 -46.79
C THR A 664 -2.29 -11.20 -45.31
N VAL A 665 -1.79 -12.11 -44.48
CA VAL A 665 -1.49 -11.83 -43.07
C VAL A 665 0.02 -11.80 -42.90
N LEU A 666 0.53 -10.81 -42.18
CA LEU A 666 1.97 -10.67 -41.91
C LEU A 666 2.23 -10.84 -40.42
N PHE A 667 2.73 -12.00 -40.01
CA PHE A 667 3.17 -12.18 -38.62
C PHE A 667 4.50 -11.45 -38.45
N ILE A 668 4.76 -10.99 -37.22
CA ILE A 668 5.90 -10.12 -36.99
C ILE A 668 6.37 -10.15 -35.54
N TYR A 669 7.67 -9.97 -35.38
CA TYR A 669 8.28 -9.56 -34.14
C TYR A 669 9.37 -8.57 -34.51
N GLY A 670 10.40 -9.05 -35.21
CA GLY A 670 11.45 -8.18 -35.76
C GLY A 670 11.90 -7.10 -34.78
N GLY A 671 12.36 -7.57 -33.62
CA GLY A 671 12.92 -6.73 -32.58
C GLY A 671 14.25 -7.31 -32.21
N PRO A 672 14.89 -6.79 -31.15
CA PRO A 672 16.22 -7.26 -30.79
C PRO A 672 16.18 -8.60 -30.06
N GLN A 673 17.34 -9.28 -30.05
CA GLN A 673 17.56 -10.61 -29.42
C GLN A 673 16.90 -11.82 -30.13
N VAL A 674 16.22 -11.60 -31.27
CA VAL A 674 15.29 -12.60 -31.87
C VAL A 674 15.38 -12.70 -33.40
N GLN A 675 15.55 -13.95 -33.85
CA GLN A 675 15.40 -14.32 -35.26
C GLN A 675 14.20 -15.27 -35.40
N LEU A 676 13.25 -14.93 -36.27
CA LEU A 676 12.13 -15.82 -36.64
C LEU A 676 12.40 -16.59 -37.93
N VAL A 677 13.12 -15.95 -38.85
CA VAL A 677 13.37 -16.49 -40.18
C VAL A 677 14.71 -17.21 -40.19
N ASN A 678 14.63 -18.53 -40.10
CA ASN A 678 15.80 -19.42 -40.19
C ASN A 678 15.33 -20.87 -40.34
N ASN A 679 16.27 -21.78 -40.62
CA ASN A 679 15.90 -23.16 -40.96
C ASN A 679 15.63 -24.05 -39.74
N ARG A 680 14.42 -23.91 -39.19
CA ARG A 680 13.92 -24.75 -38.08
C ARG A 680 12.48 -25.15 -38.34
N PHE A 681 12.02 -26.16 -37.62
CA PHE A 681 10.65 -26.66 -37.79
C PHE A 681 9.64 -25.68 -37.19
N LYS A 682 8.83 -25.05 -38.04
CA LYS A 682 7.82 -24.10 -37.58
C LYS A 682 6.43 -24.75 -37.45
N GLY A 683 6.40 -25.98 -36.95
CA GLY A 683 5.16 -26.71 -36.72
C GLY A 683 4.73 -26.79 -35.27
N VAL A 684 5.68 -26.56 -34.36
CA VAL A 684 5.41 -26.61 -32.92
C VAL A 684 4.67 -25.33 -32.51
N LYS A 685 5.43 -24.23 -32.47
CA LYS A 685 5.00 -22.97 -31.87
C LYS A 685 4.24 -22.12 -32.88
N TYR A 686 4.76 -22.07 -34.11
CA TYR A 686 4.13 -21.31 -35.22
C TYR A 686 3.25 -22.21 -36.09
N PHE A 687 2.51 -23.10 -35.42
CA PHE A 687 1.61 -24.06 -36.05
C PHE A 687 0.50 -23.34 -36.81
N ARG A 688 -0.12 -22.36 -36.15
CA ARG A 688 -1.31 -21.69 -36.69
C ARG A 688 -1.07 -20.84 -37.93
N LEU A 689 0.18 -20.40 -38.15
CA LEU A 689 0.56 -19.72 -39.39
C LEU A 689 0.18 -20.57 -40.57
N ASN A 690 0.39 -21.87 -40.41
CA ASN A 690 0.03 -22.88 -41.39
C ASN A 690 -1.48 -23.17 -41.40
N THR A 691 -2.12 -23.28 -40.23
CA THR A 691 -3.58 -23.39 -40.17
C THR A 691 -4.23 -22.18 -40.87
N LEU A 692 -3.69 -20.97 -40.64
CA LEU A 692 -4.16 -19.76 -41.32
C LEU A 692 -4.11 -19.94 -42.83
N ALA A 693 -2.90 -20.25 -43.32
CA ALA A 693 -2.65 -20.45 -44.75
C ALA A 693 -3.67 -21.39 -45.39
N SER A 694 -3.90 -22.53 -44.74
CA SER A 694 -4.84 -23.55 -45.23
C SER A 694 -6.26 -23.03 -45.40
N LEU A 695 -6.66 -22.09 -44.55
CA LEU A 695 -7.97 -21.46 -44.66
C LEU A 695 -8.03 -20.46 -45.82
N GLY A 696 -6.85 -20.04 -46.30
CA GLY A 696 -6.68 -19.25 -47.51
C GLY A 696 -6.13 -17.84 -47.31
N TYR A 697 -5.18 -17.70 -46.38
CA TYR A 697 -4.45 -16.45 -46.20
C TYR A 697 -3.02 -16.68 -46.66
N VAL A 698 -2.44 -15.72 -47.35
CA VAL A 698 -0.99 -15.68 -47.52
C VAL A 698 -0.45 -15.33 -46.14
N VAL A 699 0.61 -16.00 -45.71
CA VAL A 699 1.30 -15.60 -44.47
C VAL A 699 2.77 -15.32 -44.74
N VAL A 700 3.18 -14.09 -44.41
CA VAL A 700 4.55 -13.61 -44.57
C VAL A 700 5.15 -13.37 -43.17
N VAL A 701 6.45 -13.60 -43.07
CA VAL A 701 7.23 -13.30 -41.86
C VAL A 701 8.51 -12.69 -42.38
N ILE A 702 8.92 -11.55 -41.81
CA ILE A 702 10.15 -10.89 -42.21
C ILE A 702 10.94 -10.51 -40.97
N ASP A 703 12.27 -10.61 -41.09
CA ASP A 703 13.22 -10.16 -40.07
C ASP A 703 13.81 -8.83 -40.50
N ASN A 704 13.14 -7.75 -40.09
CA ASN A 704 13.64 -6.39 -40.29
C ASN A 704 15.01 -6.15 -39.62
N ARG A 705 15.62 -5.02 -39.95
CA ARG A 705 16.90 -4.64 -39.36
C ARG A 705 16.68 -4.48 -37.86
N GLY A 706 17.51 -5.16 -37.07
CA GLY A 706 17.28 -5.34 -35.66
C GLY A 706 17.32 -6.78 -35.20
N SER A 707 16.99 -7.72 -36.09
CA SER A 707 17.04 -9.14 -35.74
C SER A 707 18.47 -9.62 -35.38
N CYS A 708 18.55 -10.64 -34.54
CA CYS A 708 19.82 -11.19 -34.07
C CYS A 708 20.46 -12.14 -35.09
N HIS A 709 21.65 -12.64 -34.73
CA HIS A 709 22.43 -13.62 -35.51
C HIS A 709 22.94 -13.09 -36.85
N ARG A 710 23.12 -11.76 -36.94
CA ARG A 710 23.58 -11.10 -38.16
C ARG A 710 24.47 -9.88 -37.87
N GLY A 711 25.25 -9.95 -36.79
CA GLY A 711 26.18 -8.89 -36.47
C GLY A 711 25.60 -7.69 -35.73
N LEU A 712 26.50 -6.97 -35.07
CA LEU A 712 26.15 -5.85 -34.22
C LEU A 712 25.63 -4.68 -35.04
N LYS A 713 26.32 -4.33 -36.12
CA LYS A 713 25.99 -3.11 -36.88
C LYS A 713 24.57 -3.21 -37.50
N PHE A 714 24.18 -4.44 -37.89
CA PHE A 714 22.82 -4.74 -38.41
C PHE A 714 21.80 -4.58 -37.30
N GLU A 715 22.07 -5.21 -36.17
CA GLU A 715 21.22 -5.11 -34.98
C GLU A 715 21.10 -3.65 -34.48
N GLY A 716 22.20 -2.91 -34.55
CA GLY A 716 22.27 -1.53 -34.10
C GLY A 716 21.52 -0.50 -34.91
N ALA A 717 21.10 -0.84 -36.13
CA ALA A 717 20.46 0.12 -37.04
C ALA A 717 19.32 0.92 -36.40
N PHE A 718 18.49 0.25 -35.60
CA PHE A 718 17.39 0.97 -34.91
C PHE A 718 17.74 1.66 -33.59
N LYS A 719 19.03 1.69 -33.19
CA LYS A 719 19.42 2.34 -31.93
C LYS A 719 18.99 3.81 -31.94
N TYR A 720 18.41 4.24 -30.82
CA TYR A 720 17.77 5.55 -30.69
C TYR A 720 16.57 5.78 -31.64
N LYS A 721 16.14 4.74 -32.36
CA LYS A 721 15.21 4.89 -33.51
C LYS A 721 14.12 3.81 -33.55
N MET A 722 13.81 3.18 -32.41
CA MET A 722 12.96 1.99 -32.44
C MET A 722 11.56 2.36 -32.95
N GLY A 723 10.99 1.46 -33.73
CA GLY A 723 9.71 1.68 -34.44
C GLY A 723 9.71 2.55 -35.69
N GLN A 724 10.87 3.07 -36.09
CA GLN A 724 10.99 4.01 -37.24
C GLN A 724 11.55 3.39 -38.52
N ILE A 725 12.29 2.29 -38.40
CA ILE A 725 12.94 1.67 -39.56
C ILE A 725 12.35 0.30 -39.95
N GLU A 726 11.44 -0.23 -39.13
CA GLU A 726 11.05 -1.65 -39.18
C GLU A 726 10.06 -1.93 -40.29
N ILE A 727 8.97 -1.17 -40.28
CA ILE A 727 7.90 -1.34 -41.26
C ILE A 727 8.45 -1.17 -42.70
N ASP A 728 9.39 -0.23 -42.87
CA ASP A 728 10.08 -0.05 -44.16
C ASP A 728 10.52 -1.37 -44.79
N ASP A 729 11.07 -2.27 -43.97
CA ASP A 729 11.52 -3.59 -44.43
C ASP A 729 10.41 -4.61 -44.60
N GLN A 730 9.42 -4.55 -43.72
CA GLN A 730 8.26 -5.43 -43.83
C GLN A 730 7.56 -5.17 -45.16
N VAL A 731 7.32 -3.89 -45.45
CA VAL A 731 6.69 -3.48 -46.71
C VAL A 731 7.62 -3.78 -47.89
N GLU A 732 8.91 -3.51 -47.75
CA GLU A 732 9.87 -3.81 -48.81
C GLU A 732 9.77 -5.25 -49.28
N GLY A 733 9.85 -6.18 -48.32
CA GLY A 733 9.74 -7.60 -48.61
C GLY A 733 8.35 -8.01 -49.11
N LEU A 734 7.31 -7.40 -48.54
CA LEU A 734 5.93 -7.64 -48.98
C LEU A 734 5.71 -7.22 -50.46
N GLN A 735 6.39 -6.15 -50.88
CA GLN A 735 6.30 -5.63 -52.27
C GLN A 735 7.17 -6.40 -53.24
N TYR A 736 8.40 -6.76 -52.82
CA TYR A 736 9.25 -7.73 -53.53
C TYR A 736 8.53 -9.05 -53.79
N LEU A 737 7.78 -9.50 -52.78
CA LEU A 737 6.93 -10.70 -52.91
C LEU A 737 5.76 -10.47 -53.85
N ALA A 738 5.02 -9.39 -53.64
CA ALA A 738 3.79 -9.11 -54.40
C ALA A 738 3.98 -8.97 -55.92
N SER A 739 5.17 -8.56 -56.35
CA SER A 739 5.54 -8.53 -57.78
C SER A 739 5.65 -9.95 -58.35
N ARG A 740 6.50 -10.77 -57.72
CA ARG A 740 6.71 -12.17 -58.11
C ARG A 740 5.46 -13.02 -57.99
N TYR A 741 4.77 -12.86 -56.87
CA TYR A 741 3.59 -13.66 -56.54
C TYR A 741 2.31 -12.84 -56.77
N ASP A 742 1.79 -12.99 -57.99
CA ASP A 742 0.52 -12.40 -58.42
C ASP A 742 -0.72 -12.83 -57.62
N PHE A 743 -0.58 -13.90 -56.82
CA PHE A 743 -1.63 -14.30 -55.84
C PHE A 743 -1.68 -13.50 -54.51
N ILE A 744 -0.72 -12.61 -54.28
CA ILE A 744 -0.69 -11.75 -53.08
C ILE A 744 -1.55 -10.50 -53.27
N ASP A 745 -2.72 -10.45 -52.63
CA ASP A 745 -3.57 -9.24 -52.62
C ASP A 745 -3.01 -8.22 -51.61
N LEU A 746 -2.36 -7.18 -52.11
CA LEU A 746 -1.83 -6.11 -51.25
C LEU A 746 -2.89 -5.17 -50.71
N ASP A 747 -4.09 -5.14 -51.31
CA ASP A 747 -5.18 -4.32 -50.75
C ASP A 747 -5.77 -4.90 -49.46
N ARG A 748 -5.60 -6.21 -49.25
CA ARG A 748 -6.03 -6.88 -48.03
C ARG A 748 -4.84 -7.49 -47.31
N VAL A 749 -4.00 -6.63 -46.74
CA VAL A 749 -2.94 -7.08 -45.84
C VAL A 749 -3.34 -6.82 -44.40
N GLY A 750 -3.17 -7.84 -43.56
CA GLY A 750 -3.23 -7.71 -42.10
C GLY A 750 -1.86 -7.92 -41.48
N ILE A 751 -1.65 -7.38 -40.27
CA ILE A 751 -0.41 -7.58 -39.50
C ILE A 751 -0.74 -7.93 -38.05
N HIS A 752 0.13 -8.69 -37.40
CA HIS A 752 -0.09 -9.11 -36.01
C HIS A 752 1.15 -9.66 -35.35
N GLY A 753 1.36 -9.27 -34.10
CA GLY A 753 2.49 -9.76 -33.31
C GLY A 753 2.26 -9.55 -31.83
N TRP A 754 3.18 -10.11 -31.03
CA TRP A 754 3.17 -9.94 -29.58
C TRP A 754 4.42 -9.22 -29.09
N SER A 755 4.22 -8.36 -28.09
CA SER A 755 5.27 -7.56 -27.47
C SER A 755 5.79 -6.51 -28.47
N TYR A 756 7.10 -6.54 -28.79
CA TYR A 756 7.64 -5.77 -29.91
C TYR A 756 6.85 -6.03 -31.21
N GLY A 757 6.29 -7.22 -31.34
CA GLY A 757 5.39 -7.55 -32.45
C GLY A 757 4.17 -6.65 -32.49
N GLY A 758 3.49 -6.56 -31.35
CA GLY A 758 2.31 -5.70 -31.21
C GLY A 758 2.66 -4.23 -31.32
N TYR A 759 3.85 -3.89 -30.85
CA TYR A 759 4.41 -2.56 -31.01
C TYR A 759 4.41 -2.16 -32.47
N LEU A 760 5.03 -2.98 -33.31
CA LEU A 760 5.16 -2.68 -34.73
C LEU A 760 3.82 -2.74 -35.46
N SER A 761 2.99 -3.71 -35.10
CA SER A 761 1.64 -3.77 -35.67
C SER A 761 0.90 -2.43 -35.52
N LEU A 762 1.02 -1.80 -34.36
CA LEU A 762 0.44 -0.46 -34.14
C LEU A 762 1.13 0.58 -35.00
N MET A 763 2.46 0.51 -35.07
CA MET A 763 3.25 1.38 -35.94
C MET A 763 2.80 1.22 -37.39
N ALA A 764 2.79 -0.03 -37.86
CA ALA A 764 2.30 -0.41 -39.19
C ALA A 764 0.99 0.28 -39.54
N LEU A 765 0.02 0.24 -38.64
CA LEU A 765 -1.28 0.86 -38.87
C LEU A 765 -1.23 2.38 -38.77
N MET A 766 -0.41 2.91 -37.85
CA MET A 766 -0.25 4.36 -37.66
C MET A 766 0.44 4.97 -38.87
N GLN A 767 1.57 4.38 -39.27
CA GLN A 767 2.35 4.86 -40.41
C GLN A 767 1.65 4.52 -41.73
N ARG A 768 1.50 3.23 -41.98
CA ARG A 768 1.12 2.70 -43.30
C ARG A 768 -0.33 2.18 -43.35
N SER A 769 -1.28 3.08 -43.11
CA SER A 769 -2.70 2.81 -43.38
C SER A 769 -2.91 2.31 -44.81
N ASP A 770 -2.10 2.83 -45.74
CA ASP A 770 -2.11 2.38 -47.15
C ASP A 770 -1.84 0.88 -47.32
N ILE A 771 -0.77 0.36 -46.71
CA ILE A 771 -0.38 -1.05 -46.90
C ILE A 771 -1.28 -1.96 -46.08
N PHE A 772 -1.40 -1.67 -44.77
CA PHE A 772 -2.09 -2.56 -43.82
C PHE A 772 -3.54 -2.15 -43.53
N ARG A 773 -4.47 -3.04 -43.86
CA ARG A 773 -5.90 -2.83 -43.58
C ARG A 773 -6.20 -2.99 -42.09
N VAL A 774 -5.68 -4.04 -41.48
CA VAL A 774 -5.92 -4.34 -40.07
C VAL A 774 -4.62 -4.61 -39.32
N ALA A 775 -4.58 -4.20 -38.04
CA ALA A 775 -3.46 -4.49 -37.16
C ALA A 775 -3.97 -5.04 -35.85
N ILE A 776 -3.39 -6.16 -35.40
CA ILE A 776 -3.74 -6.80 -34.13
C ILE A 776 -2.53 -6.78 -33.21
N ALA A 777 -2.56 -5.91 -32.21
CA ALA A 777 -1.42 -5.69 -31.32
C ALA A 777 -1.58 -6.44 -30.00
N GLY A 778 -0.65 -7.35 -29.73
CA GLY A 778 -0.65 -8.14 -28.49
C GLY A 778 0.34 -7.62 -27.47
N ALA A 779 -0.14 -7.28 -26.27
CA ALA A 779 0.67 -6.68 -25.19
C ALA A 779 1.78 -5.74 -25.69
N PRO A 780 1.39 -4.64 -26.35
CA PRO A 780 2.35 -3.78 -27.02
C PRO A 780 2.92 -2.69 -26.11
N VAL A 781 4.08 -2.16 -26.50
CA VAL A 781 4.69 -0.99 -25.87
C VAL A 781 4.13 0.22 -26.59
N THR A 782 3.17 0.88 -25.96
CA THR A 782 2.65 2.14 -26.46
C THR A 782 3.38 3.39 -25.95
N LEU A 783 4.37 3.21 -25.06
CA LEU A 783 5.02 4.35 -24.38
C LEU A 783 6.37 3.97 -23.71
N TRP A 784 7.49 4.44 -24.27
CA TRP A 784 8.83 4.05 -23.78
C TRP A 784 9.18 4.54 -22.38
N ILE A 785 8.57 5.65 -21.97
CA ILE A 785 8.77 6.16 -20.63
C ILE A 785 8.20 5.18 -19.58
N PHE A 786 7.45 4.16 -20.00
CA PHE A 786 6.84 3.10 -19.15
C PHE A 786 7.61 1.79 -19.07
N TYR A 787 8.57 1.55 -19.97
CA TYR A 787 9.38 0.33 -19.91
C TYR A 787 10.53 0.50 -18.92
N ASP A 788 11.40 -0.52 -18.79
CA ASP A 788 12.47 -0.55 -17.79
C ASP A 788 13.86 -0.11 -18.29
N THR A 789 14.77 0.03 -17.34
CA THR A 789 16.12 0.52 -17.62
C THR A 789 16.97 -0.44 -18.44
N GLY A 790 17.17 -1.65 -17.92
CA GLY A 790 17.93 -2.69 -18.60
C GLY A 790 17.75 -2.81 -20.11
N TYR A 791 16.52 -2.59 -20.59
CA TYR A 791 16.17 -2.70 -22.03
C TYR A 791 16.23 -1.37 -22.75
N THR A 792 15.42 -0.42 -22.31
CA THR A 792 15.21 0.81 -23.06
C THR A 792 16.45 1.67 -23.13
N GLU A 793 17.22 1.71 -22.06
CA GLU A 793 18.48 2.45 -22.03
C GLU A 793 19.54 1.83 -22.96
N ARG A 794 19.56 0.50 -23.02
CA ARG A 794 20.41 -0.24 -23.96
C ARG A 794 20.16 0.15 -25.42
N TYR A 795 18.89 0.29 -25.80
CA TYR A 795 18.47 0.50 -27.21
C TYR A 795 18.08 1.93 -27.56
N MET A 796 17.56 2.69 -26.59
CA MET A 796 17.16 4.10 -26.78
C MET A 796 17.89 5.12 -25.91
N GLY A 797 18.62 4.67 -24.89
CA GLY A 797 19.27 5.57 -23.94
C GLY A 797 18.33 6.27 -22.98
N HIS A 798 18.90 7.01 -22.03
CA HIS A 798 18.16 7.90 -21.11
C HIS A 798 17.17 8.76 -21.93
N PRO A 799 15.95 9.01 -21.41
CA PRO A 799 14.97 9.78 -22.19
C PRO A 799 15.32 11.25 -22.50
N ASP A 800 16.24 11.81 -21.72
CA ASP A 800 16.80 13.14 -21.96
C ASP A 800 17.79 13.15 -23.12
N GLN A 801 18.60 12.10 -23.24
CA GLN A 801 19.55 11.96 -24.36
C GLN A 801 18.92 11.41 -25.68
N ASN A 802 17.60 11.23 -25.68
CA ASN A 802 16.85 10.87 -26.88
C ASN A 802 15.41 11.38 -26.77
N GLU A 803 15.26 12.70 -26.58
CA GLU A 803 13.94 13.37 -26.52
C GLU A 803 13.02 13.00 -27.69
N GLN A 804 13.60 12.98 -28.90
CA GLN A 804 12.83 12.85 -30.14
C GLN A 804 12.59 11.40 -30.57
N GLY A 805 13.54 10.50 -30.32
CA GLY A 805 13.35 9.09 -30.63
C GLY A 805 12.26 8.44 -29.80
N TYR A 806 12.25 8.75 -28.50
CA TYR A 806 11.19 8.30 -27.58
C TYR A 806 9.80 8.69 -28.10
N TYR A 807 9.64 9.96 -28.47
CA TYR A 807 8.35 10.50 -28.93
C TYR A 807 7.88 9.86 -30.23
N LEU A 808 8.80 9.67 -31.17
CA LEU A 808 8.48 9.01 -32.44
C LEU A 808 8.23 7.52 -32.22
N GLY A 809 9.07 6.88 -31.41
CA GLY A 809 8.87 5.49 -31.00
C GLY A 809 7.74 5.16 -30.03
N SER A 810 6.94 6.15 -29.63
CA SER A 810 5.82 5.93 -28.70
C SER A 810 4.47 6.16 -29.39
N VAL A 811 3.79 5.08 -29.76
CA VAL A 811 2.52 5.22 -30.51
C VAL A 811 1.41 5.97 -29.76
N ALA A 812 1.35 5.87 -28.45
CA ALA A 812 0.30 6.55 -27.68
C ALA A 812 0.46 8.07 -27.63
N MET A 813 1.65 8.58 -27.89
CA MET A 813 1.84 10.01 -28.04
C MET A 813 1.28 10.52 -29.38
N GLN A 814 1.23 9.64 -30.39
CA GLN A 814 0.74 9.97 -31.74
C GLN A 814 -0.63 9.32 -32.03
N ALA A 815 -1.55 9.46 -31.09
CA ALA A 815 -2.86 8.80 -31.17
C ALA A 815 -3.72 9.29 -32.34
N GLU A 816 -3.56 10.55 -32.70
CA GLU A 816 -4.31 11.17 -33.81
C GLU A 816 -3.90 10.63 -35.18
N LYS A 817 -2.70 10.06 -35.28
CA LYS A 817 -2.26 9.41 -36.51
C LYS A 817 -2.99 8.09 -36.83
N PHE A 818 -3.66 7.48 -35.86
CA PHE A 818 -4.43 6.25 -36.09
C PHE A 818 -5.65 6.47 -37.01
N PRO A 819 -6.10 5.42 -37.73
CA PRO A 819 -7.15 5.62 -38.75
C PRO A 819 -8.54 5.78 -38.15
N SER A 820 -9.32 6.71 -38.71
CA SER A 820 -10.72 6.91 -38.31
C SER A 820 -11.67 5.84 -38.86
N GLU A 821 -11.20 4.95 -39.72
CA GLU A 821 -11.94 3.72 -40.06
C GLU A 821 -11.98 2.79 -38.83
N PRO A 822 -13.16 2.28 -38.45
CA PRO A 822 -13.20 1.19 -37.46
C PRO A 822 -12.78 -0.16 -38.06
N ASN A 823 -12.86 -1.23 -37.26
CA ASN A 823 -12.56 -2.61 -37.70
C ASN A 823 -11.16 -2.73 -38.31
N ARG A 824 -10.19 -2.11 -37.66
CA ARG A 824 -8.83 -2.02 -38.18
C ARG A 824 -7.79 -2.18 -37.08
N LEU A 825 -8.02 -1.49 -35.95
CA LEU A 825 -7.22 -1.68 -34.76
C LEU A 825 -7.88 -2.71 -33.83
N LEU A 826 -7.09 -3.69 -33.37
CA LEU A 826 -7.48 -4.64 -32.31
C LEU A 826 -6.35 -4.74 -31.29
N LEU A 827 -6.68 -4.46 -30.03
CA LEU A 827 -5.72 -4.58 -28.93
C LEU A 827 -6.00 -5.83 -28.11
N LEU A 828 -4.93 -6.60 -27.86
CA LEU A 828 -4.96 -7.73 -26.95
C LEU A 828 -3.95 -7.44 -25.86
N HIS A 829 -4.28 -7.76 -24.61
CA HIS A 829 -3.32 -7.58 -23.51
C HIS A 829 -3.61 -8.45 -22.30
N GLY A 830 -2.56 -9.09 -21.78
CA GLY A 830 -2.64 -9.74 -20.47
C GLY A 830 -2.87 -8.73 -19.35
N PHE A 831 -3.98 -8.87 -18.61
CA PHE A 831 -4.38 -7.86 -17.60
C PHE A 831 -3.47 -7.79 -16.37
N LEU A 832 -2.77 -8.88 -16.09
CA LEU A 832 -1.87 -8.96 -14.96
C LEU A 832 -0.42 -8.77 -15.38
N ASP A 833 -0.21 -8.12 -16.54
CA ASP A 833 1.14 -8.02 -17.14
C ASP A 833 2.05 -7.19 -16.23
N GLU A 834 3.02 -7.88 -15.63
CA GLU A 834 4.01 -7.23 -14.76
C GLU A 834 5.09 -6.52 -15.62
N ASN A 835 5.40 -7.09 -16.78
CA ASN A 835 6.43 -6.57 -17.67
C ASN A 835 5.92 -5.39 -18.50
N VAL A 836 5.19 -5.68 -19.58
CA VAL A 836 4.59 -4.64 -20.43
C VAL A 836 3.26 -4.31 -19.79
N HIS A 837 3.31 -3.41 -18.81
CA HIS A 837 2.16 -3.12 -17.95
C HIS A 837 0.90 -2.79 -18.75
N PHE A 838 -0.26 -3.22 -18.24
CA PHE A 838 -1.52 -3.01 -18.95
C PHE A 838 -1.78 -1.53 -19.26
N ALA A 839 -1.27 -0.65 -18.41
CA ALA A 839 -1.32 0.79 -18.64
C ALA A 839 -1.06 1.15 -20.09
N HIS A 840 -0.03 0.54 -20.69
CA HIS A 840 0.30 0.73 -22.11
C HIS A 840 -0.96 0.74 -22.98
N THR A 841 -1.79 -0.29 -22.84
CA THR A 841 -3.07 -0.35 -23.55
C THR A 841 -4.00 0.74 -23.01
N SER A 842 -4.24 0.72 -21.70
CA SER A 842 -5.22 1.64 -21.07
C SER A 842 -4.97 3.12 -21.42
N ILE A 843 -3.71 3.55 -21.42
CA ILE A 843 -3.34 4.92 -21.78
C ILE A 843 -3.42 5.19 -23.29
N LEU A 844 -3.06 4.22 -24.13
CA LEU A 844 -3.23 4.32 -25.59
C LEU A 844 -4.70 4.57 -25.86
N LEU A 845 -5.55 3.74 -25.26
CA LEU A 845 -7.00 3.87 -25.36
C LEU A 845 -7.47 5.24 -24.90
N SER A 846 -6.95 5.72 -23.76
CA SER A 846 -7.29 7.06 -23.22
C SER A 846 -7.10 8.16 -24.25
N PHE A 847 -5.91 8.17 -24.88
CA PHE A 847 -5.56 9.14 -25.93
C PHE A 847 -6.29 8.87 -27.26
N LEU A 848 -6.52 7.60 -27.58
CA LEU A 848 -7.39 7.25 -28.70
C LEU A 848 -8.78 7.81 -28.47
N VAL A 849 -9.35 7.52 -27.31
CA VAL A 849 -10.70 7.97 -26.95
C VAL A 849 -10.84 9.46 -27.17
N ARG A 850 -9.86 10.24 -26.70
CA ARG A 850 -9.93 11.70 -26.79
C ARG A 850 -9.44 12.26 -28.14
N ALA A 851 -8.68 11.47 -28.91
CA ALA A 851 -8.44 11.80 -30.32
C ALA A 851 -9.61 11.43 -31.24
N GLY A 852 -10.61 10.71 -30.71
CA GLY A 852 -11.82 10.35 -31.45
C GLY A 852 -11.68 9.15 -32.38
N LYS A 853 -10.65 8.33 -32.17
CA LYS A 853 -10.37 7.16 -33.01
C LYS A 853 -10.96 5.90 -32.36
N PRO A 854 -11.49 4.96 -33.17
CA PRO A 854 -12.01 3.72 -32.62
C PRO A 854 -10.93 2.65 -32.40
N TYR A 855 -11.29 1.67 -31.59
CA TYR A 855 -10.49 0.46 -31.34
C TYR A 855 -11.43 -0.68 -31.00
N ASP A 856 -10.98 -1.90 -31.24
CA ASP A 856 -11.61 -3.09 -30.68
C ASP A 856 -10.59 -3.63 -29.68
N LEU A 857 -11.07 -4.03 -28.51
CA LEU A 857 -10.19 -4.45 -27.42
C LEU A 857 -10.58 -5.85 -26.98
N GLN A 858 -9.57 -6.65 -26.62
CA GLN A 858 -9.80 -7.87 -25.89
C GLN A 858 -8.72 -8.05 -24.80
N ILE A 859 -9.20 -8.40 -23.60
CA ILE A 859 -8.36 -8.60 -22.42
C ILE A 859 -8.37 -10.08 -22.06
N TYR A 860 -7.25 -10.54 -21.50
CA TYR A 860 -7.12 -11.92 -21.05
C TYR A 860 -6.79 -11.89 -19.55
N PRO A 861 -7.84 -11.82 -18.69
CA PRO A 861 -7.71 -11.45 -17.28
C PRO A 861 -6.85 -12.32 -16.39
N GLN A 862 -6.64 -13.57 -16.77
CA GLN A 862 -5.83 -14.47 -15.96
C GLN A 862 -4.35 -14.45 -16.34
N GLU A 863 -3.93 -13.53 -17.23
CA GLU A 863 -2.62 -13.62 -17.91
C GLU A 863 -1.65 -12.44 -17.71
N ARG A 864 -0.39 -12.68 -18.06
CA ARG A 864 0.69 -11.70 -17.91
C ARG A 864 1.41 -11.48 -19.27
N HIS A 865 2.75 -11.36 -19.25
CA HIS A 865 3.53 -11.39 -20.50
C HIS A 865 3.78 -12.85 -20.95
N SER A 866 2.65 -13.52 -21.19
CA SER A 866 2.54 -14.96 -21.45
C SER A 866 1.06 -15.30 -21.47
N ILE A 867 0.71 -16.35 -22.21
CA ILE A 867 -0.60 -17.00 -22.10
C ILE A 867 -0.39 -18.43 -21.56
N ARG A 868 -0.79 -18.64 -20.30
CA ARG A 868 -0.58 -19.90 -19.56
C ARG A 868 -1.81 -20.77 -19.34
N VAL A 869 -2.98 -20.17 -19.10
CA VAL A 869 -4.22 -20.93 -18.99
C VAL A 869 -4.61 -21.40 -20.38
N PRO A 870 -4.98 -22.70 -20.53
CA PRO A 870 -5.32 -23.20 -21.87
C PRO A 870 -6.54 -22.52 -22.51
N GLU A 871 -7.59 -22.29 -21.72
CA GLU A 871 -8.82 -21.66 -22.21
C GLU A 871 -8.65 -20.19 -22.62
N SER A 872 -7.66 -19.51 -22.07
CA SER A 872 -7.29 -18.15 -22.50
C SER A 872 -6.67 -18.16 -23.91
N GLY A 873 -5.80 -19.13 -24.16
CA GLY A 873 -5.13 -19.27 -25.46
C GLY A 873 -6.05 -19.70 -26.58
N GLU A 874 -6.97 -20.60 -26.25
CA GLU A 874 -8.06 -21.00 -27.15
C GLU A 874 -8.90 -19.80 -27.58
N HIS A 875 -9.14 -18.88 -26.64
CA HIS A 875 -9.95 -17.69 -26.94
C HIS A 875 -9.20 -16.70 -27.83
N TYR A 876 -7.93 -16.46 -27.52
CA TYR A 876 -7.07 -15.63 -28.37
C TYR A 876 -7.06 -16.13 -29.82
N GLU A 877 -6.77 -17.42 -30.00
CA GLU A 877 -6.72 -18.01 -31.34
C GLU A 877 -8.07 -17.90 -32.04
N LEU A 878 -9.13 -18.37 -31.38
CA LEU A 878 -10.49 -18.30 -31.93
C LEU A 878 -10.84 -16.89 -32.37
N HIS A 879 -10.63 -15.94 -31.48
CA HIS A 879 -10.99 -14.56 -31.76
C HIS A 879 -10.18 -13.97 -32.92
N LEU A 880 -8.85 -14.10 -32.85
CA LEU A 880 -7.95 -13.61 -33.93
C LEU A 880 -8.35 -14.14 -35.31
N LEU A 881 -8.74 -15.42 -35.38
CA LEU A 881 -9.20 -16.02 -36.64
C LEU A 881 -10.52 -15.42 -37.09
N HIS A 882 -11.45 -15.36 -36.15
CA HIS A 882 -12.75 -14.77 -36.39
C HIS A 882 -12.65 -13.30 -36.82
N TYR A 883 -11.82 -12.54 -36.09
CA TYR A 883 -11.52 -11.15 -36.45
C TYR A 883 -10.89 -11.05 -37.85
N LEU A 884 -9.91 -11.90 -38.13
CA LEU A 884 -9.23 -11.91 -39.43
C LEU A 884 -10.22 -12.22 -40.54
N GLN A 885 -11.03 -13.26 -40.34
CA GLN A 885 -12.13 -13.62 -41.23
C GLN A 885 -13.05 -12.43 -41.47
N GLU A 886 -13.65 -11.92 -40.39
CA GLU A 886 -14.66 -10.86 -40.51
C GLU A 886 -14.20 -9.47 -40.97
N ASN A 887 -12.89 -9.20 -40.91
CA ASN A 887 -12.35 -7.89 -41.32
C ASN A 887 -11.22 -7.90 -42.36
N LEU A 888 -10.79 -9.08 -42.82
CA LEU A 888 -9.79 -9.17 -43.89
C LEU A 888 -10.22 -10.16 -44.98
N GLY A 889 -10.26 -11.45 -44.61
CA GLY A 889 -10.36 -12.56 -45.58
C GLY A 889 -11.69 -12.71 -46.30
N SER A 890 -12.77 -12.83 -45.54
CA SER A 890 -14.09 -13.17 -46.08
C SER A 890 -14.68 -12.14 -47.03
N ARG A 891 -15.74 -12.53 -47.71
CA ARG A 891 -16.41 -11.62 -48.66
C ARG A 891 -17.21 -10.54 -47.94
N ILE A 892 -17.80 -10.88 -46.79
CA ILE A 892 -18.51 -9.90 -45.95
C ILE A 892 -17.57 -8.78 -45.45
N ALA A 893 -16.29 -9.09 -45.26
CA ALA A 893 -15.30 -8.12 -44.81
C ALA A 893 -15.05 -7.01 -45.81
N ALA A 894 -14.84 -7.39 -47.07
CA ALA A 894 -14.64 -6.42 -48.14
C ALA A 894 -15.93 -5.69 -48.53
N LEU A 895 -17.10 -6.25 -48.21
CA LEU A 895 -18.39 -5.56 -48.36
C LEU A 895 -18.52 -4.33 -47.45
N LYS A 896 -18.20 -4.52 -46.17
CA LYS A 896 -18.27 -3.47 -45.13
C LYS A 896 -17.70 -2.10 -45.53
N VAL A 897 -16.55 -2.12 -46.18
CA VAL A 897 -15.72 -0.92 -46.46
C VAL A 897 -16.51 0.36 -46.80
N SER B 1 13.43 -9.24 -21.70
CA SER B 1 13.12 -8.95 -23.13
C SER B 1 11.74 -8.34 -23.30
N LEU B 2 11.43 -7.94 -24.54
CA LEU B 2 10.07 -7.60 -24.95
C LEU B 2 9.58 -8.80 -25.73
N ARG B 3 9.22 -9.86 -25.00
CA ARG B 3 9.02 -11.18 -25.62
C ARG B 3 7.98 -11.99 -24.86
N PHE B 4 6.89 -12.31 -25.54
CA PHE B 4 5.73 -13.01 -24.96
C PHE B 4 6.08 -14.51 -24.85
N LEU B 5 5.11 -15.31 -24.43
CA LEU B 5 5.26 -16.76 -24.32
C LEU B 5 3.92 -17.44 -24.48
N TYR B 6 3.57 -17.75 -25.72
CA TYR B 6 2.45 -18.64 -26.03
C TYR B 6 3.01 -19.87 -26.78
N GLU B 7 2.42 -21.03 -26.52
CA GLU B 7 2.91 -22.31 -27.06
C GLU B 7 1.70 -23.19 -27.48
N GLY B 8 1.19 -22.92 -28.69
CA GLY B 8 0.03 -23.66 -29.22
C GLY B 8 0.41 -25.04 -29.77
N LEU C 48 -44.89 -7.11 -44.39
CA LEU C 48 -44.02 -6.11 -43.69
C LEU C 48 -42.55 -6.23 -44.11
N GLU C 49 -42.08 -5.27 -44.92
CA GLU C 49 -40.69 -5.23 -45.38
C GLU C 49 -39.83 -4.48 -44.35
N PRO C 50 -38.64 -5.00 -44.00
CA PRO C 50 -37.81 -4.29 -43.02
C PRO C 50 -37.16 -3.00 -43.54
N PHE C 51 -37.27 -1.93 -42.76
CA PHE C 51 -36.48 -0.70 -42.95
C PHE C 51 -35.08 -0.92 -42.40
N TYR C 52 -34.09 -0.41 -43.13
CA TYR C 52 -32.70 -0.44 -42.71
C TYR C 52 -32.19 0.99 -42.61
N VAL C 53 -31.40 1.27 -41.59
CA VAL C 53 -30.88 2.62 -41.36
C VAL C 53 -29.79 2.94 -42.36
N GLU C 54 -29.60 4.23 -42.62
CA GLU C 54 -28.54 4.73 -43.47
C GLU C 54 -27.20 4.40 -42.85
N ARG C 55 -26.34 3.72 -43.62
CA ARG C 55 -24.99 3.38 -43.16
C ARG C 55 -24.09 4.59 -43.35
N TYR C 56 -23.66 5.17 -42.24
CA TYR C 56 -22.62 6.22 -42.24
C TYR C 56 -21.30 5.71 -41.67
N SER C 57 -20.20 6.33 -42.09
CA SER C 57 -18.88 6.05 -41.54
C SER C 57 -18.72 6.61 -40.12
N TRP C 58 -17.62 6.23 -39.48
CA TRP C 58 -17.26 6.76 -38.17
C TRP C 58 -17.22 8.28 -38.22
N SER C 59 -16.37 8.82 -39.11
CA SER C 59 -16.16 10.27 -39.23
C SER C 59 -17.46 11.03 -39.55
N GLN C 60 -18.36 10.39 -40.30
CA GLN C 60 -19.66 10.98 -40.62
C GLN C 60 -20.58 11.04 -39.40
N LEU C 61 -20.69 9.90 -38.70
CA LEU C 61 -21.50 9.83 -37.49
C LEU C 61 -21.00 10.80 -36.42
N LYS C 62 -19.69 10.91 -36.26
CA LYS C 62 -19.08 11.91 -35.39
C LYS C 62 -19.60 13.32 -35.72
N LYS C 63 -19.59 13.65 -37.01
CA LYS C 63 -20.09 14.94 -37.50
C LYS C 63 -21.59 15.11 -37.31
N LEU C 64 -22.36 14.03 -37.50
CA LEU C 64 -23.81 14.06 -37.24
C LEU C 64 -24.06 14.39 -35.78
N LEU C 65 -23.42 13.61 -34.90
CA LEU C 65 -23.58 13.79 -33.46
C LEU C 65 -23.12 15.17 -32.98
N ALA C 66 -21.98 15.64 -33.50
CA ALA C 66 -21.46 16.98 -33.16
C ALA C 66 -22.35 18.14 -33.66
N ASP C 67 -23.11 17.92 -34.73
CA ASP C 67 -24.03 18.92 -35.26
C ASP C 67 -25.43 18.86 -34.64
N THR C 68 -25.89 17.69 -34.23
CA THR C 68 -27.11 17.60 -33.41
C THR C 68 -26.85 18.08 -31.97
N ARG C 69 -25.58 18.02 -31.53
CA ARG C 69 -25.16 18.66 -30.28
C ARG C 69 -25.09 20.20 -30.38
N LYS C 70 -24.90 20.71 -31.61
CA LYS C 70 -24.65 22.14 -31.88
C LYS C 70 -25.31 23.10 -30.89
N TYR C 71 -26.64 23.07 -30.86
CA TYR C 71 -27.42 23.93 -29.97
C TYR C 71 -27.74 23.21 -28.64
N HIS C 72 -26.94 23.51 -27.61
CA HIS C 72 -27.19 23.10 -26.22
C HIS C 72 -26.62 24.16 -25.27
N LYS C 78 -29.19 25.03 -17.76
CA LYS C 78 -29.20 24.53 -16.38
C LYS C 78 -29.95 25.50 -15.43
N ALA C 79 -31.00 24.98 -14.78
CA ALA C 79 -31.97 25.81 -14.03
C ALA C 79 -31.53 26.20 -12.61
N PRO C 80 -32.22 27.18 -11.97
CA PRO C 80 -31.90 27.57 -10.57
C PRO C 80 -32.46 26.66 -9.47
N HIS C 81 -32.00 26.91 -8.24
CA HIS C 81 -32.24 26.04 -7.09
C HIS C 81 -31.82 26.71 -5.79
N ASP C 82 -32.06 26.03 -4.67
CA ASP C 82 -31.69 26.48 -3.30
C ASP C 82 -32.24 27.88 -2.99
N PHE C 83 -33.54 28.04 -3.24
CA PHE C 83 -34.21 29.31 -3.01
C PHE C 83 -34.43 29.60 -1.52
N MET C 84 -34.43 30.88 -1.18
CA MET C 84 -34.68 31.36 0.17
C MET C 84 -35.40 32.70 0.11
N PHE C 85 -36.43 32.85 0.95
CA PHE C 85 -37.21 34.09 1.01
C PHE C 85 -36.82 34.87 2.25
N VAL C 86 -36.60 36.18 2.08
CA VAL C 86 -36.23 37.07 3.16
C VAL C 86 -37.04 38.35 2.99
N LYS C 87 -37.83 38.68 4.01
CA LYS C 87 -38.72 39.85 3.98
C LYS C 87 -37.92 41.14 4.07
N ARG C 88 -38.44 42.20 3.43
CA ARG C 88 -37.78 43.51 3.43
C ARG C 88 -38.16 44.37 4.62
N ASN C 89 -39.37 44.13 5.19
CA ASN C 89 -39.90 44.90 6.32
C ASN C 89 -39.79 46.40 6.05
N ASP C 90 -40.16 46.76 4.82
CA ASP C 90 -40.04 48.09 4.28
C ASP C 90 -41.48 48.50 3.95
N PRO C 91 -42.18 49.15 4.89
CA PRO C 91 -43.58 49.50 4.64
C PRO C 91 -43.76 50.53 3.52
N ASP C 92 -42.76 51.41 3.34
CA ASP C 92 -42.77 52.43 2.29
C ASP C 92 -42.18 51.96 0.95
N GLY C 93 -41.55 50.78 0.92
CA GLY C 93 -40.92 50.27 -0.29
C GLY C 93 -41.88 49.53 -1.21
N PRO C 94 -41.43 49.13 -2.42
CA PRO C 94 -42.26 48.38 -3.35
C PRO C 94 -42.15 46.86 -3.24
N HIS C 95 -41.19 46.34 -2.47
CA HIS C 95 -40.92 44.89 -2.41
C HIS C 95 -41.23 44.27 -1.05
N SER C 96 -41.98 43.17 -1.07
CA SER C 96 -42.34 42.40 0.13
C SER C 96 -41.17 41.54 0.56
N ASP C 97 -40.72 40.73 -0.39
CA ASP C 97 -39.60 39.82 -0.22
C ASP C 97 -38.43 40.16 -1.16
N ARG C 98 -37.26 39.65 -0.80
CA ARG C 98 -36.14 39.48 -1.72
C ARG C 98 -35.73 38.03 -1.59
N ILE C 99 -35.60 37.36 -2.72
CA ILE C 99 -35.22 35.96 -2.73
C ILE C 99 -33.79 35.83 -3.17
N TYR C 100 -33.13 34.79 -2.67
CA TYR C 100 -31.78 34.43 -3.06
C TYR C 100 -31.79 33.01 -3.60
N TYR C 101 -30.86 32.70 -4.49
CA TYR C 101 -30.79 31.36 -5.09
C TYR C 101 -29.45 31.12 -5.78
N LEU C 102 -29.18 29.86 -6.09
CA LEU C 102 -27.99 29.47 -6.84
C LEU C 102 -28.36 29.20 -8.27
N ALA C 103 -27.54 29.71 -9.20
CA ALA C 103 -27.87 29.70 -10.63
C ALA C 103 -26.64 29.86 -11.52
N MET C 104 -26.80 29.50 -12.79
CA MET C 104 -25.71 29.38 -13.76
C MET C 104 -25.82 30.42 -14.87
N ARG C 109 -19.53 27.93 -18.18
CA ARG C 109 -20.06 28.94 -17.28
C ARG C 109 -20.29 28.39 -15.85
N GLU C 110 -19.74 29.10 -14.86
CA GLU C 110 -19.88 28.76 -13.43
C GLU C 110 -21.29 29.02 -12.87
N ASN C 111 -21.48 28.62 -11.62
CA ASN C 111 -22.77 28.62 -10.91
C ASN C 111 -22.66 29.39 -9.58
N THR C 112 -23.29 30.59 -9.49
CA THR C 112 -23.08 31.53 -8.36
C THR C 112 -24.41 31.90 -7.66
N LEU C 113 -24.31 32.52 -6.47
CA LEU C 113 -25.43 33.19 -5.81
C LEU C 113 -25.97 34.41 -6.55
N PHE C 114 -27.25 34.33 -6.92
CA PHE C 114 -28.03 35.46 -7.46
C PHE C 114 -29.12 35.88 -6.47
N TYR C 115 -29.82 36.96 -6.81
CA TYR C 115 -31.04 37.36 -6.09
C TYR C 115 -32.02 38.10 -6.99
N SER C 116 -33.26 38.16 -6.53
CA SER C 116 -34.31 38.91 -7.19
C SER C 116 -35.25 39.52 -6.14
N GLU C 117 -35.92 40.59 -6.53
CA GLU C 117 -36.83 41.32 -5.66
C GLU C 117 -38.26 40.88 -5.97
N ILE C 118 -39.07 40.70 -4.94
CA ILE C 118 -40.48 40.30 -5.10
C ILE C 118 -41.36 41.52 -4.82
N PRO C 119 -42.02 42.07 -5.86
CA PRO C 119 -42.83 43.26 -5.60
C PRO C 119 -44.13 42.96 -4.83
N LYS C 120 -44.60 43.96 -4.08
CA LYS C 120 -45.82 43.84 -3.27
C LYS C 120 -47.06 43.75 -4.14
N THR C 121 -46.97 44.28 -5.35
CA THR C 121 -48.02 44.15 -6.36
C THR C 121 -47.42 43.70 -7.70
N ILE C 122 -48.31 43.34 -8.62
CA ILE C 122 -47.94 43.02 -10.00
C ILE C 122 -49.02 43.54 -10.93
N ASN C 123 -48.62 43.98 -12.11
CA ASN C 123 -49.61 44.34 -13.13
C ASN C 123 -50.19 43.03 -13.68
N ARG C 124 -51.39 42.68 -13.23
CA ARG C 124 -51.99 41.37 -13.54
C ARG C 124 -52.35 41.13 -15.01
N ALA C 125 -52.34 42.19 -15.82
CA ALA C 125 -52.41 42.07 -17.29
C ALA C 125 -51.11 41.47 -17.83
N ALA C 126 -50.00 42.11 -17.48
CA ALA C 126 -48.66 41.68 -17.92
C ALA C 126 -48.09 40.52 -17.10
N VAL C 127 -47.05 39.91 -17.68
CA VAL C 127 -46.26 38.89 -17.01
C VAL C 127 -45.00 39.60 -16.53
N LEU C 128 -44.57 39.29 -15.30
CA LEU C 128 -43.30 39.79 -14.78
C LEU C 128 -42.19 38.75 -14.88
N MET C 129 -41.20 39.00 -15.75
CA MET C 129 -39.92 38.26 -15.70
C MET C 129 -39.11 38.90 -14.55
N LEU C 130 -38.62 38.08 -13.61
CA LEU C 130 -37.85 38.60 -12.46
C LEU C 130 -36.41 38.83 -12.86
N SER C 131 -35.89 40.01 -12.50
CA SER C 131 -34.53 40.40 -12.87
C SER C 131 -33.54 39.65 -11.99
N TRP C 132 -32.53 39.05 -12.62
CA TRP C 132 -31.47 38.33 -11.89
C TRP C 132 -30.32 39.26 -11.51
N LYS C 133 -30.02 39.34 -10.22
CA LYS C 133 -28.95 40.19 -9.71
C LYS C 133 -27.80 39.33 -9.21
N PRO C 134 -26.57 39.59 -9.68
CA PRO C 134 -25.46 38.88 -9.05
C PRO C 134 -25.30 39.34 -7.62
N LEU C 135 -25.35 38.42 -6.66
CA LEU C 135 -25.04 38.75 -5.27
C LEU C 135 -23.54 38.91 -5.06
N LEU C 136 -22.74 38.12 -5.78
CA LEU C 136 -21.29 38.14 -5.60
C LEU C 136 -20.54 38.78 -6.76
N ASP C 137 -19.30 39.17 -6.45
CA ASP C 137 -18.47 40.01 -7.30
C ASP C 137 -17.20 39.19 -7.61
N LEU C 138 -17.12 38.65 -8.82
CA LEU C 138 -16.09 37.66 -9.12
C LEU C 138 -14.78 38.30 -9.47
N TYR C 148 -9.65 20.84 -8.88
CA TYR C 148 -10.31 20.08 -7.81
C TYR C 148 -9.34 19.20 -7.03
N SER C 149 -9.62 18.99 -5.75
CA SER C 149 -8.90 18.01 -4.91
C SER C 149 -9.52 16.63 -5.09
N ARG C 150 -8.90 15.61 -4.48
CA ARG C 150 -9.51 14.28 -4.46
C ARG C 150 -10.79 14.31 -3.63
N GLU C 151 -10.70 14.87 -2.42
CA GLU C 151 -11.86 15.08 -1.53
C GLU C 151 -13.08 15.56 -2.33
N GLU C 152 -12.91 16.69 -3.02
CA GLU C 152 -13.95 17.28 -3.86
C GLU C 152 -14.39 16.31 -4.96
N GLU C 153 -13.41 15.78 -5.70
CA GLU C 153 -13.66 14.89 -6.85
C GLU C 153 -14.60 13.73 -6.49
N LEU C 154 -14.43 13.19 -5.27
CA LEU C 154 -15.27 12.09 -4.75
C LEU C 154 -16.62 12.56 -4.25
N LEU C 155 -16.63 13.60 -3.43
CA LEU C 155 -17.86 14.23 -2.95
C LEU C 155 -18.82 14.51 -4.12
N ARG C 156 -18.28 15.07 -5.20
CA ARG C 156 -19.02 15.34 -6.44
C ARG C 156 -19.64 14.10 -7.08
N GLU C 157 -18.84 13.03 -7.15
CA GLU C 157 -19.32 11.72 -7.60
C GLU C 157 -20.47 11.22 -6.74
N ARG C 158 -20.25 11.20 -5.43
CA ARG C 158 -21.22 10.68 -4.46
C ARG C 158 -22.53 11.49 -4.41
N LYS C 159 -22.45 12.78 -4.73
CA LYS C 159 -23.62 13.69 -4.78
C LYS C 159 -24.32 13.78 -6.16
N ARG C 160 -23.77 13.14 -7.19
CA ARG C 160 -24.28 13.30 -8.57
C ARG C 160 -24.45 14.77 -8.99
N ILE C 161 -23.43 15.58 -8.66
CA ILE C 161 -23.32 16.96 -9.15
C ILE C 161 -22.23 17.00 -10.19
N GLY C 162 -22.55 17.50 -11.38
CA GLY C 162 -21.59 17.69 -12.47
C GLY C 162 -21.75 19.08 -13.05
N THR C 163 -21.68 20.08 -12.18
CA THR C 163 -21.86 21.48 -12.55
C THR C 163 -20.92 22.31 -11.69
N VAL C 164 -19.95 22.96 -12.33
CA VAL C 164 -18.93 23.72 -11.59
C VAL C 164 -19.57 24.99 -11.03
N GLY C 165 -19.27 25.26 -9.75
CA GLY C 165 -19.72 26.48 -9.08
C GLY C 165 -19.87 26.30 -7.59
N ILE C 166 -20.80 27.04 -7.00
CA ILE C 166 -21.17 26.88 -5.59
C ILE C 166 -22.29 25.82 -5.51
N ALA C 167 -22.02 24.74 -4.80
CA ALA C 167 -22.96 23.61 -4.67
C ALA C 167 -24.12 23.99 -3.76
N SER C 168 -23.79 24.52 -2.60
CA SER C 168 -24.81 25.01 -1.66
C SER C 168 -24.23 26.06 -0.72
N TYR C 169 -25.11 26.63 0.08
CA TYR C 169 -24.73 27.64 1.06
C TYR C 169 -25.47 27.47 2.36
N ASP C 170 -25.02 28.24 3.35
CA ASP C 170 -25.59 28.26 4.69
C ASP C 170 -25.85 29.73 5.03
N TYR C 171 -27.05 30.03 5.51
CA TYR C 171 -27.48 31.39 5.84
C TYR C 171 -27.89 31.43 7.31
N HIS C 172 -27.55 32.54 7.98
CA HIS C 172 -28.02 32.81 9.36
C HIS C 172 -29.05 33.93 9.30
N GLN C 173 -30.30 33.56 9.56
CA GLN C 173 -31.42 34.49 9.50
C GLN C 173 -31.15 35.80 10.24
N GLY C 174 -30.74 35.67 11.50
CA GLY C 174 -30.60 36.79 12.42
C GLY C 174 -29.64 37.89 12.03
N SER C 175 -28.51 37.51 11.45
CA SER C 175 -27.41 38.44 11.11
C SER C 175 -27.33 38.84 9.64
N GLY C 176 -27.78 37.92 8.77
CA GLY C 176 -27.66 38.06 7.32
C GLY C 176 -26.48 37.31 6.72
N THR C 177 -25.70 36.59 7.54
CA THR C 177 -24.44 35.99 7.12
C THR C 177 -24.60 34.76 6.20
N PHE C 178 -24.13 34.87 4.96
CA PHE C 178 -23.96 33.70 4.06
C PHE C 178 -22.64 33.00 4.33
N LEU C 179 -22.54 31.71 4.02
CA LEU C 179 -21.29 30.95 4.18
C LEU C 179 -21.25 29.80 3.21
N PHE C 180 -20.34 29.86 2.24
CA PHE C 180 -20.34 28.94 1.10
C PHE C 180 -18.92 28.61 0.71
N GLN C 181 -18.63 27.32 0.57
CA GLN C 181 -17.37 26.87 0.00
C GLN C 181 -17.43 27.14 -1.50
N ALA C 182 -16.36 27.70 -2.04
CA ALA C 182 -16.25 27.93 -3.49
C ALA C 182 -14.80 27.76 -3.90
N GLY C 183 -14.52 26.64 -4.56
CA GLY C 183 -13.15 26.20 -4.78
C GLY C 183 -12.55 25.71 -3.47
N SER C 184 -11.27 26.01 -3.30
CA SER C 184 -10.54 25.64 -2.08
C SER C 184 -11.12 26.39 -0.89
N GLY C 185 -11.26 27.70 -1.06
CA GLY C 185 -11.64 28.60 0.02
C GLY C 185 -13.06 28.50 0.51
N ILE C 186 -13.29 29.13 1.66
CA ILE C 186 -14.60 29.30 2.28
C ILE C 186 -14.81 30.80 2.42
N TYR C 187 -16.01 31.26 2.06
CA TYR C 187 -16.30 32.68 1.96
C TYR C 187 -17.55 33.00 2.76
N HIS C 188 -17.72 34.29 3.11
CA HIS C 188 -18.96 34.79 3.71
C HIS C 188 -19.27 36.19 3.20
N VAL C 189 -20.56 36.53 3.12
CA VAL C 189 -21.01 37.92 2.91
C VAL C 189 -22.27 38.14 3.71
N LYS C 190 -22.47 39.36 4.20
CA LYS C 190 -23.67 39.71 4.95
C LYS C 190 -24.64 40.42 4.02
N ASP C 191 -25.88 39.97 3.98
CA ASP C 191 -26.94 40.69 3.27
C ASP C 191 -28.32 40.22 3.66
N GLY C 192 -29.18 41.16 4.05
CA GLY C 192 -30.57 40.87 4.37
C GLY C 192 -30.91 40.59 5.82
N GLY C 193 -30.05 41.07 6.73
CA GLY C 193 -30.31 41.04 8.17
C GLY C 193 -30.66 42.43 8.68
N PRO C 194 -30.27 42.75 9.93
CA PRO C 194 -30.44 44.12 10.42
C PRO C 194 -29.73 45.11 9.51
N GLN C 195 -28.55 44.73 9.04
CA GLN C 195 -27.71 45.61 8.27
C GLN C 195 -28.11 45.63 6.79
N GLY C 196 -29.32 46.11 6.52
CA GLY C 196 -29.81 46.42 5.17
C GLY C 196 -29.84 45.35 4.09
N PHE C 197 -30.01 45.83 2.85
CA PHE C 197 -30.07 45.01 1.63
C PHE C 197 -29.24 45.69 0.53
N THR C 198 -28.13 45.07 0.12
CA THR C 198 -27.26 45.67 -0.89
C THR C 198 -27.94 45.74 -2.26
N GLN C 199 -27.70 46.84 -2.98
CA GLN C 199 -28.26 47.07 -4.32
C GLN C 199 -27.24 46.76 -5.42
N GLN C 200 -26.12 46.14 -5.06
CA GLN C 200 -24.97 45.95 -5.96
C GLN C 200 -24.16 44.74 -5.50
N PRO C 201 -23.35 44.14 -6.39
CA PRO C 201 -22.68 42.89 -6.02
C PRO C 201 -21.71 43.06 -4.85
N LEU C 202 -21.69 42.06 -3.96
CA LEU C 202 -20.80 42.04 -2.78
C LEU C 202 -19.52 41.29 -3.07
N ARG C 203 -18.45 41.73 -2.41
CA ARG C 203 -17.14 41.11 -2.52
C ARG C 203 -17.14 39.94 -1.54
N PRO C 204 -16.82 38.71 -2.00
CA PRO C 204 -16.73 37.57 -1.08
C PRO C 204 -15.57 37.74 -0.13
N ASN C 205 -15.81 37.52 1.17
CA ASN C 205 -14.79 37.65 2.20
C ASN C 205 -14.23 36.27 2.59
N LEU C 206 -12.99 36.00 2.16
CA LEU C 206 -12.28 34.75 2.44
C LEU C 206 -12.05 34.56 3.94
N VAL C 207 -12.40 33.39 4.44
CA VAL C 207 -12.06 33.00 5.81
C VAL C 207 -10.62 32.56 5.75
N GLU C 208 -9.75 33.21 6.52
CA GLU C 208 -8.32 32.88 6.54
C GLU C 208 -8.09 31.57 7.26
N THR C 209 -7.00 30.87 6.89
CA THR C 209 -6.63 29.62 7.56
C THR C 209 -5.12 29.33 7.61
N SER C 210 -4.75 28.61 8.66
CA SER C 210 -3.43 27.99 8.84
C SER C 210 -3.46 26.48 8.53
N CYS C 211 -4.62 25.96 8.12
CA CYS C 211 -4.74 24.57 7.69
C CYS C 211 -4.12 24.45 6.27
N PRO C 212 -3.27 23.43 6.04
CA PRO C 212 -2.59 23.28 4.75
C PRO C 212 -3.42 22.67 3.61
N ASN C 213 -4.55 22.04 3.93
CA ASN C 213 -5.33 21.19 3.02
C ASN C 213 -6.76 21.71 2.90
N ILE C 214 -7.52 21.12 1.99
CA ILE C 214 -8.84 21.63 1.67
C ILE C 214 -9.80 21.48 2.85
N ARG C 215 -10.63 22.50 3.03
CA ARG C 215 -11.60 22.58 4.12
C ARG C 215 -12.97 22.24 3.54
N MET C 216 -13.39 21.00 3.76
CA MET C 216 -14.70 20.52 3.31
C MET C 216 -15.79 20.83 4.37
N ASP C 217 -17.03 20.91 3.89
CA ASP C 217 -18.26 20.96 4.74
C ASP C 217 -18.30 22.08 5.78
N PRO C 218 -18.14 23.34 5.35
CA PRO C 218 -18.38 24.41 6.28
C PRO C 218 -19.85 24.49 6.67
N LYS C 219 -20.10 24.90 7.91
CA LYS C 219 -21.44 25.14 8.41
C LYS C 219 -21.39 26.28 9.40
N LEU C 220 -22.32 27.22 9.27
CA LEU C 220 -22.52 28.27 10.28
C LEU C 220 -23.09 27.71 11.58
N CYS C 221 -22.58 28.21 12.71
CA CYS C 221 -23.23 28.00 14.00
C CYS C 221 -24.50 28.85 14.04
N PRO C 222 -25.69 28.23 14.24
CA PRO C 222 -26.91 29.04 14.22
C PRO C 222 -27.02 29.94 15.44
N ALA C 223 -26.42 29.53 16.56
CA ALA C 223 -26.39 30.33 17.78
C ALA C 223 -25.52 31.60 17.66
N ASP C 224 -24.45 31.51 16.88
CA ASP C 224 -23.48 32.61 16.75
C ASP C 224 -22.89 32.68 15.32
N PRO C 225 -23.28 33.69 14.52
CA PRO C 225 -22.77 33.77 13.15
C PRO C 225 -21.26 34.06 13.02
N ASP C 226 -20.66 34.56 14.10
CA ASP C 226 -19.21 34.76 14.16
C ASP C 226 -18.44 33.43 14.10
N TRP C 227 -19.04 32.36 14.62
CA TRP C 227 -18.41 31.04 14.59
C TRP C 227 -18.87 30.21 13.40
N ILE C 228 -17.93 29.52 12.78
CA ILE C 228 -18.21 28.46 11.81
C ILE C 228 -17.41 27.23 12.21
N ALA C 229 -17.79 26.10 11.64
CA ALA C 229 -16.98 24.88 11.74
C ALA C 229 -16.75 24.38 10.35
N PHE C 230 -15.67 23.63 10.17
CA PHE C 230 -15.44 22.85 8.96
C PHE C 230 -14.74 21.54 9.27
N ILE C 231 -14.64 20.70 8.25
CA ILE C 231 -13.83 19.48 8.32
C ILE C 231 -12.51 19.71 7.58
N HIS C 232 -11.44 19.15 8.11
CA HIS C 232 -10.10 19.25 7.52
C HIS C 232 -9.25 18.03 7.89
N SER C 233 -8.91 17.23 6.88
CA SER C 233 -8.24 15.94 7.09
C SER C 233 -8.97 15.14 8.16
N ASN C 234 -10.28 15.00 7.94
CA ASN C 234 -11.20 14.25 8.80
C ASN C 234 -11.23 14.62 10.27
N ASP C 235 -11.07 15.90 10.56
CA ASP C 235 -11.24 16.39 11.91
C ASP C 235 -11.97 17.72 11.89
N ILE C 236 -12.58 18.03 13.02
CA ILE C 236 -13.52 19.14 13.09
C ILE C 236 -12.77 20.34 13.62
N TRP C 237 -12.71 21.38 12.80
CA TRP C 237 -12.12 22.65 13.19
C TRP C 237 -13.25 23.68 13.29
N ILE C 238 -13.01 24.72 14.09
CA ILE C 238 -13.88 25.90 14.13
C ILE C 238 -13.06 27.17 13.90
N SER C 239 -13.64 28.10 13.17
CA SER C 239 -12.95 29.31 12.78
C SER C 239 -13.90 30.47 13.03
N ASN C 240 -13.41 31.52 13.69
CA ASN C 240 -14.20 32.70 13.98
C ASN C 240 -14.05 33.74 12.86
N ILE C 241 -15.14 34.06 12.18
CA ILE C 241 -15.08 34.95 11.01
C ILE C 241 -14.83 36.41 11.34
N VAL C 242 -14.77 36.75 12.63
CA VAL C 242 -14.42 38.13 13.08
C VAL C 242 -13.24 38.22 14.06
N THR C 243 -13.08 37.27 14.99
CA THR C 243 -11.89 37.22 15.88
C THR C 243 -10.75 36.38 15.29
N ARG C 244 -10.97 35.82 14.10
CA ARG C 244 -9.97 35.05 13.35
C ARG C 244 -9.49 33.76 14.01
N GLU C 245 -9.99 33.47 15.20
CA GLU C 245 -9.48 32.35 16.00
C GLU C 245 -9.84 31.04 15.32
N GLU C 246 -8.86 30.15 15.24
CA GLU C 246 -9.00 28.88 14.56
C GLU C 246 -8.62 27.82 15.58
N ARG C 247 -9.27 26.68 15.53
CA ARG C 247 -9.07 25.66 16.54
C ARG C 247 -9.49 24.28 16.10
N ARG C 248 -8.57 23.32 16.20
CA ARG C 248 -8.88 21.91 15.96
C ARG C 248 -9.61 21.30 17.17
N LEU C 249 -10.83 20.77 16.96
CA LEU C 249 -11.67 20.20 18.04
C LEU C 249 -11.52 18.70 18.26
N THR C 250 -11.02 17.99 17.24
CA THR C 250 -10.89 16.54 17.26
C THR C 250 -9.50 16.17 16.73
N TYR C 251 -8.83 15.19 17.33
CA TYR C 251 -7.48 14.77 16.86
C TYR C 251 -7.53 13.27 16.63
N VAL C 252 -8.41 12.90 15.71
CA VAL C 252 -8.80 11.51 15.46
C VAL C 252 -7.98 10.90 14.31
N HIS C 253 -7.87 11.65 13.21
CA HIS C 253 -7.07 11.29 12.04
C HIS C 253 -5.73 12.01 12.10
N ASN C 254 -4.73 11.41 11.48
CA ASN C 254 -3.41 11.99 11.32
C ASN C 254 -3.15 12.18 9.81
N GLU C 255 -3.11 13.43 9.35
CA GLU C 255 -2.93 13.75 7.91
C GLU C 255 -1.65 13.20 7.29
N LEU C 256 -0.60 13.04 8.10
CA LEU C 256 0.67 12.44 7.66
C LEU C 256 0.62 10.91 7.62
N ALA C 257 -0.24 10.30 8.43
CA ALA C 257 -0.49 8.84 8.37
C ALA C 257 -1.20 8.43 7.09
N ASN C 258 -1.04 7.16 6.71
CA ASN C 258 -1.54 6.66 5.41
C ASN C 258 -2.54 5.49 5.53
N MET C 259 -3.75 5.74 5.05
CA MET C 259 -4.79 4.74 4.73
C MET C 259 -4.89 3.49 5.62
N GLU C 260 -3.94 2.58 5.45
CA GLU C 260 -3.99 1.24 6.03
C GLU C 260 -3.85 1.33 7.56
N GLU C 261 -2.91 2.15 8.02
CA GLU C 261 -2.64 2.36 9.47
C GLU C 261 -3.71 3.21 10.18
N ASP C 262 -3.93 4.44 9.70
CA ASP C 262 -4.86 5.39 10.32
C ASP C 262 -6.19 5.42 9.57
N ALA C 263 -7.27 5.09 10.26
CA ALA C 263 -8.59 4.97 9.64
C ALA C 263 -9.72 5.40 10.55
N ARG C 264 -9.47 6.41 11.37
CA ARG C 264 -10.53 7.04 12.16
C ARG C 264 -10.74 8.46 11.66
N SER C 265 -11.93 8.99 11.96
CA SER C 265 -12.40 10.25 11.37
C SER C 265 -13.58 10.82 12.15
N ALA C 266 -13.66 12.15 12.20
CA ALA C 266 -14.68 12.85 12.97
C ALA C 266 -15.41 13.86 12.12
N GLY C 267 -16.73 13.90 12.24
CA GLY C 267 -17.57 14.86 11.51
C GLY C 267 -17.82 14.55 10.04
N VAL C 268 -17.66 13.28 9.67
CA VAL C 268 -17.59 12.86 8.28
C VAL C 268 -18.52 11.70 8.03
N ALA C 269 -19.10 11.68 6.84
CA ALA C 269 -19.95 10.59 6.39
C ALA C 269 -19.10 9.58 5.62
N THR C 270 -19.10 8.33 6.07
CA THR C 270 -18.44 7.21 5.36
C THR C 270 -19.01 7.03 3.95
N PHE C 271 -18.18 6.49 3.05
CA PHE C 271 -18.60 6.13 1.68
C PHE C 271 -20.06 5.64 1.55
N VAL C 272 -20.47 4.71 2.39
CA VAL C 272 -21.79 4.07 2.26
C VAL C 272 -22.90 5.06 2.60
N LEU C 273 -22.75 5.79 3.71
CA LEU C 273 -23.68 6.88 4.03
C LEU C 273 -23.85 7.90 2.90
N GLN C 274 -22.77 8.22 2.18
CA GLN C 274 -22.83 9.18 1.06
C GLN C 274 -23.46 8.58 -0.19
N GLU C 275 -23.01 7.39 -0.58
CA GLU C 275 -23.46 6.75 -1.82
C GLU C 275 -24.82 6.07 -1.68
N GLU C 276 -25.19 5.66 -0.46
CA GLU C 276 -26.41 4.88 -0.22
C GLU C 276 -27.50 5.49 0.63
N PHE C 277 -27.19 6.58 1.34
CA PHE C 277 -28.18 7.25 2.20
C PHE C 277 -28.20 8.78 1.98
N ASP C 278 -27.65 9.23 0.85
CA ASP C 278 -27.43 10.65 0.56
C ASP C 278 -27.31 11.53 1.81
N ARG C 279 -26.35 11.14 2.66
CA ARG C 279 -25.98 11.89 3.84
C ARG C 279 -24.50 12.14 3.72
N TYR C 280 -24.14 13.42 3.62
CA TYR C 280 -22.77 13.85 3.31
C TYR C 280 -22.02 14.43 4.51
N SER C 281 -22.75 15.02 5.45
CA SER C 281 -22.17 15.61 6.66
C SER C 281 -22.24 14.62 7.81
N GLY C 282 -21.27 14.72 8.73
CA GLY C 282 -21.23 13.90 9.95
C GLY C 282 -21.18 14.66 11.27
N TYR C 283 -21.45 15.97 11.25
CA TYR C 283 -21.46 16.81 12.46
C TYR C 283 -22.59 17.86 12.42
N TRP C 284 -23.14 18.19 13.58
CA TRP C 284 -24.35 19.01 13.70
C TRP C 284 -24.24 20.00 14.84
N TRP C 285 -24.04 21.27 14.49
CA TRP C 285 -24.05 22.38 15.45
C TRP C 285 -25.31 22.33 16.32
N CYS C 286 -25.18 22.56 17.62
CA CYS C 286 -26.36 22.80 18.47
C CYS C 286 -26.88 24.20 18.18
N PRO C 287 -28.20 24.33 17.93
CA PRO C 287 -28.76 25.62 17.50
C PRO C 287 -28.78 26.73 18.55
N LYS C 288 -28.66 26.39 19.83
CA LYS C 288 -28.67 27.39 20.90
C LYS C 288 -27.45 27.20 21.78
N ALA C 289 -26.98 28.32 22.34
CA ALA C 289 -25.84 28.34 23.24
C ALA C 289 -26.33 28.52 24.67
N GLU C 290 -25.77 27.72 25.57
CA GLU C 290 -26.04 27.76 27.01
C GLU C 290 -25.10 28.75 27.68
N THR C 291 -25.62 29.54 28.64
CA THR C 291 -24.86 30.63 29.24
C THR C 291 -24.07 30.20 30.49
N THR C 292 -22.85 30.74 30.62
CA THR C 292 -22.00 30.55 31.79
C THR C 292 -22.25 31.67 32.81
N PRO C 293 -21.98 31.40 34.11
CA PRO C 293 -22.04 32.45 35.13
C PRO C 293 -21.28 33.72 34.74
N SER C 294 -20.03 33.56 34.32
CA SER C 294 -19.09 34.67 34.07
C SER C 294 -19.48 35.71 33.01
N GLY C 295 -20.51 35.44 32.21
CA GLY C 295 -20.90 36.30 31.10
C GLY C 295 -20.66 35.64 29.75
N GLY C 296 -19.79 34.63 29.71
CA GLY C 296 -19.53 33.86 28.50
C GLY C 296 -20.65 32.91 28.13
N LYS C 297 -20.33 31.91 27.30
CA LYS C 297 -21.31 30.89 26.87
C LYS C 297 -20.67 29.57 26.42
N ILE C 298 -21.51 28.55 26.28
CA ILE C 298 -21.10 27.24 25.79
C ILE C 298 -21.77 27.00 24.44
N LEU C 299 -20.94 26.62 23.46
CA LEU C 299 -21.38 26.19 22.14
C LEU C 299 -21.13 24.70 22.03
N ARG C 300 -22.06 23.97 21.43
CA ARG C 300 -21.97 22.51 21.30
C ARG C 300 -22.01 22.05 19.84
N ILE C 301 -21.32 20.94 19.58
CA ILE C 301 -21.31 20.29 18.27
C ILE C 301 -21.37 18.77 18.48
N LEU C 302 -22.49 18.17 18.05
CA LEU C 302 -22.65 16.72 17.96
C LEU C 302 -21.92 16.23 16.71
N TYR C 303 -21.33 15.05 16.77
CA TYR C 303 -20.70 14.47 15.59
C TYR C 303 -20.56 12.94 15.60
N GLU C 304 -20.45 12.38 14.38
CA GLU C 304 -20.19 10.96 14.17
C GLU C 304 -18.68 10.73 14.21
N GLU C 305 -18.26 9.71 14.98
CA GLU C 305 -16.86 9.25 14.98
C GLU C 305 -16.81 7.82 14.45
N ASN C 306 -16.31 7.67 13.22
CA ASN C 306 -16.21 6.38 12.55
C ASN C 306 -14.81 5.81 12.78
N ASP C 307 -14.73 4.47 12.91
CA ASP C 307 -13.46 3.74 12.85
C ASP C 307 -13.57 2.71 11.73
N GLU C 308 -12.77 2.91 10.69
CA GLU C 308 -12.79 2.08 9.49
C GLU C 308 -11.62 1.07 9.44
N SER C 309 -11.07 0.72 10.61
CA SER C 309 -9.97 -0.23 10.68
C SER C 309 -10.40 -1.61 10.25
N GLU C 310 -11.61 -2.01 10.65
CA GLU C 310 -12.14 -3.33 10.32
C GLU C 310 -12.78 -3.43 8.95
N VAL C 311 -12.98 -2.30 8.26
CA VAL C 311 -13.58 -2.32 6.91
C VAL C 311 -12.55 -2.87 5.94
N GLU C 312 -12.99 -3.62 4.94
CA GLU C 312 -12.09 -4.10 3.90
C GLU C 312 -11.42 -2.92 3.17
N ILE C 313 -10.32 -3.21 2.48
CA ILE C 313 -9.57 -2.19 1.75
C ILE C 313 -9.51 -2.57 0.28
N ILE C 314 -10.03 -1.69 -0.57
CA ILE C 314 -10.02 -1.92 -1.99
C ILE C 314 -9.11 -0.96 -2.78
N HIS C 315 -8.41 -1.53 -3.75
CA HIS C 315 -7.58 -0.77 -4.68
C HIS C 315 -8.38 -0.43 -5.93
N VAL C 316 -8.68 0.85 -6.10
CA VAL C 316 -9.25 1.41 -7.33
C VAL C 316 -8.08 2.08 -8.09
N THR C 317 -8.04 1.93 -9.40
CA THR C 317 -6.97 2.52 -10.24
C THR C 317 -6.86 4.03 -10.04
N SER C 318 -5.65 4.57 -10.16
CA SER C 318 -5.44 6.02 -10.01
C SER C 318 -5.75 6.73 -11.33
N PRO C 319 -6.30 7.97 -11.28
CA PRO C 319 -6.57 8.68 -12.53
C PRO C 319 -5.31 9.04 -13.34
N MET C 320 -4.20 9.26 -12.63
CA MET C 320 -2.90 9.48 -13.28
C MET C 320 -2.40 8.13 -13.81
N LEU C 321 -2.71 7.84 -15.07
CA LEU C 321 -2.36 6.55 -15.68
C LEU C 321 -0.87 6.42 -15.87
N GLU C 322 -0.19 7.54 -16.13
CA GLU C 322 1.29 7.60 -16.18
C GLU C 322 1.97 6.99 -14.94
N THR C 323 1.36 7.16 -13.76
CA THR C 323 1.93 6.65 -12.49
C THR C 323 1.87 5.13 -12.40
N ARG C 324 0.80 4.56 -12.96
CA ARG C 324 0.58 3.10 -13.02
C ARG C 324 0.44 2.58 -11.61
N ARG C 325 -0.50 3.19 -10.90
CA ARG C 325 -0.76 2.94 -9.49
C ARG C 325 -2.25 3.04 -9.20
N ALA C 326 -2.62 2.64 -7.99
CA ALA C 326 -4.01 2.54 -7.61
C ALA C 326 -4.17 3.10 -6.22
N ASP C 327 -5.17 3.95 -6.07
CA ASP C 327 -5.53 4.55 -4.79
C ASP C 327 -6.20 3.46 -3.97
N SER C 328 -5.88 3.41 -2.68
CA SER C 328 -6.53 2.49 -1.77
C SER C 328 -7.67 3.24 -1.09
N PHE C 329 -8.84 2.61 -0.99
CA PHE C 329 -9.90 3.10 -0.09
C PHE C 329 -10.86 2.01 0.45
N ARG C 330 -11.60 2.36 1.50
CA ARG C 330 -12.38 1.40 2.28
C ARG C 330 -13.72 1.12 1.65
N TYR C 331 -13.94 -0.12 1.23
CA TYR C 331 -15.19 -0.54 0.61
C TYR C 331 -15.84 -1.61 1.45
N PRO C 332 -16.91 -1.25 2.20
CA PRO C 332 -17.69 -2.27 2.90
C PRO C 332 -18.47 -3.16 1.93
N LYS C 333 -17.79 -4.19 1.45
CA LYS C 333 -18.37 -5.23 0.61
C LYS C 333 -19.60 -5.79 1.32
N THR C 334 -20.56 -6.28 0.54
CA THR C 334 -21.69 -7.02 1.08
C THR C 334 -21.22 -8.16 1.99
N GLY C 335 -21.78 -8.23 3.19
CA GLY C 335 -21.41 -9.26 4.16
C GLY C 335 -20.23 -8.95 5.06
N THR C 336 -19.41 -7.98 4.68
CA THR C 336 -18.26 -7.57 5.48
C THR C 336 -18.67 -6.51 6.47
N ALA C 337 -17.71 -6.02 7.24
CA ALA C 337 -17.95 -4.98 8.23
C ALA C 337 -18.20 -3.60 7.61
N ASN C 338 -19.12 -2.85 8.23
CA ASN C 338 -19.23 -1.39 8.07
C ASN C 338 -18.33 -0.74 9.12
N PRO C 339 -18.12 0.59 9.04
CA PRO C 339 -17.41 1.23 10.15
C PRO C 339 -18.17 1.06 11.43
N LYS C 340 -17.45 0.75 12.51
CA LYS C 340 -18.04 0.74 13.84
C LYS C 340 -18.09 2.21 14.26
N VAL C 341 -19.26 2.66 14.71
CA VAL C 341 -19.57 4.09 14.88
C VAL C 341 -19.98 4.42 16.30
N THR C 342 -19.97 5.72 16.59
CA THR C 342 -20.52 6.24 17.82
C THR C 342 -20.90 7.71 17.64
N PHE C 343 -21.56 8.25 18.65
CA PHE C 343 -21.77 9.68 18.80
C PHE C 343 -20.76 10.25 19.80
N LYS C 344 -20.46 11.53 19.60
CA LYS C 344 -19.54 12.27 20.44
C LYS C 344 -20.08 13.68 20.57
N MET C 345 -19.51 14.46 21.48
CA MET C 345 -19.92 15.86 21.63
C MET C 345 -18.76 16.76 22.09
N SER C 346 -18.64 17.93 21.45
CA SER C 346 -17.60 18.89 21.74
C SER C 346 -18.26 20.10 22.36
N GLU C 347 -17.93 20.42 23.61
CA GLU C 347 -18.42 21.63 24.29
C GLU C 347 -17.34 22.71 24.24
N ILE C 348 -17.64 23.79 23.54
CA ILE C 348 -16.69 24.86 23.35
C ILE C 348 -17.15 25.93 24.34
N MET C 349 -16.38 26.14 25.41
CA MET C 349 -16.61 27.27 26.34
C MET C 349 -16.01 28.53 25.76
N ILE C 350 -16.88 29.47 25.37
CA ILE C 350 -16.46 30.80 24.92
C ILE C 350 -16.63 31.77 26.10
N ASP C 351 -15.69 32.70 26.25
CA ASP C 351 -15.80 33.76 27.27
C ASP C 351 -16.64 34.91 26.74
N ALA C 352 -16.97 35.82 27.64
CA ALA C 352 -17.75 37.03 27.31
C ALA C 352 -17.12 37.86 26.17
N GLU C 353 -15.79 37.84 26.10
CA GLU C 353 -15.05 38.55 25.05
C GLU C 353 -15.34 37.99 23.64
N GLY C 354 -15.47 36.66 23.52
CA GLY C 354 -15.54 35.96 22.21
C GLY C 354 -14.37 35.00 21.93
N ARG C 355 -13.52 34.82 22.93
CA ARG C 355 -12.36 33.93 22.88
C ARG C 355 -12.77 32.56 23.41
N ILE C 356 -12.11 31.51 22.93
CA ILE C 356 -12.39 30.15 23.39
C ILE C 356 -11.66 29.97 24.71
N ILE C 357 -12.39 29.85 25.81
CA ILE C 357 -11.77 29.47 27.11
C ILE C 357 -11.12 28.09 26.97
N ASP C 358 -11.90 27.14 26.47
CA ASP C 358 -11.52 25.72 26.49
C ASP C 358 -12.55 24.89 25.70
N VAL C 359 -12.09 23.74 25.20
CA VAL C 359 -12.94 22.77 24.53
C VAL C 359 -12.85 21.47 25.29
N ILE C 360 -14.00 20.85 25.54
CA ILE C 360 -14.08 19.53 26.15
C ILE C 360 -14.69 18.60 25.12
N ASP C 361 -13.96 17.54 24.77
CA ASP C 361 -14.52 16.46 23.98
C ASP C 361 -15.27 15.48 24.89
N LYS C 362 -16.33 14.85 24.36
CA LYS C 362 -17.19 13.97 25.16
C LYS C 362 -17.68 12.70 24.47
N GLU C 363 -17.55 11.58 25.19
CA GLU C 363 -17.96 10.25 24.78
C GLU C 363 -19.29 9.90 25.47
N LEU C 364 -20.07 9.00 24.87
CA LEU C 364 -21.30 8.49 25.50
C LEU C 364 -20.99 7.76 26.79
N ILE C 365 -21.89 7.90 27.76
CA ILE C 365 -21.72 7.28 29.08
C ILE C 365 -21.58 5.76 29.03
N GLN C 366 -22.27 5.16 28.08
CA GLN C 366 -22.09 3.75 27.78
C GLN C 366 -21.76 3.61 26.30
N PRO C 367 -21.16 2.46 25.91
CA PRO C 367 -20.86 2.19 24.49
C PRO C 367 -22.08 2.28 23.56
N PHE C 368 -21.83 2.68 22.31
CA PHE C 368 -22.88 2.88 21.31
C PHE C 368 -23.80 1.67 21.16
N GLU C 369 -23.21 0.48 21.08
CA GLU C 369 -23.97 -0.76 20.83
C GLU C 369 -24.82 -1.16 22.04
N ILE C 370 -24.55 -0.59 23.21
CA ILE C 370 -25.37 -0.83 24.40
C ILE C 370 -26.60 0.08 24.38
N LEU C 371 -26.36 1.39 24.32
CA LEU C 371 -27.43 2.40 24.35
C LEU C 371 -28.35 2.29 23.14
N PHE C 372 -27.75 2.07 21.98
CA PHE C 372 -28.46 1.96 20.70
C PHE C 372 -28.35 0.54 20.17
N GLU C 373 -29.06 -0.35 20.87
CA GLU C 373 -28.94 -1.80 20.66
C GLU C 373 -29.54 -2.16 19.30
N GLY C 374 -28.75 -2.89 18.50
CA GLY C 374 -29.14 -3.31 17.16
C GLY C 374 -28.78 -2.35 16.05
N VAL C 375 -28.51 -1.08 16.39
CA VAL C 375 -28.24 -0.02 15.40
C VAL C 375 -26.91 -0.25 14.70
N GLU C 376 -26.95 -0.17 13.38
CA GLU C 376 -25.78 -0.33 12.50
C GLU C 376 -25.45 0.98 11.81
N TYR C 377 -26.47 1.64 11.25
CA TYR C 377 -26.30 2.91 10.53
C TYR C 377 -26.94 4.08 11.28
N ILE C 378 -26.35 5.26 11.06
CA ILE C 378 -26.91 6.52 11.54
C ILE C 378 -27.38 7.28 10.31
N ALA C 379 -28.67 7.13 10.01
CA ALA C 379 -29.22 7.62 8.76
C ALA C 379 -29.22 9.14 8.70
N ARG C 380 -29.81 9.74 9.73
CA ARG C 380 -29.87 11.19 9.84
C ARG C 380 -29.68 11.55 11.29
N ALA C 381 -29.41 12.82 11.54
CA ALA C 381 -29.26 13.33 12.90
C ALA C 381 -29.40 14.82 12.89
N GLY C 382 -29.45 15.39 14.08
CA GLY C 382 -29.58 16.83 14.26
C GLY C 382 -30.01 17.16 15.66
N TRP C 383 -30.54 18.37 15.84
CA TRP C 383 -31.01 18.83 17.12
C TRP C 383 -32.44 19.28 17.01
N THR C 384 -33.10 19.35 18.16
CA THR C 384 -34.45 19.90 18.30
C THR C 384 -34.39 21.42 18.31
N PRO C 385 -35.45 22.10 17.86
CA PRO C 385 -35.33 23.56 17.66
C PRO C 385 -34.86 24.32 18.91
N GLU C 386 -35.17 23.78 20.09
CA GLU C 386 -34.78 24.37 21.38
C GLU C 386 -33.34 24.04 21.73
N GLY C 387 -32.87 22.87 21.31
CA GLY C 387 -31.48 22.44 21.57
C GLY C 387 -31.32 21.55 22.77
N LYS C 388 -32.43 21.23 23.44
CA LYS C 388 -32.43 20.45 24.69
C LYS C 388 -31.95 19.02 24.47
N TYR C 389 -32.50 18.38 23.44
CA TYR C 389 -32.06 17.06 22.97
C TYR C 389 -31.54 17.18 21.55
N ALA C 390 -30.66 16.25 21.19
CA ALA C 390 -30.22 16.05 19.82
C ALA C 390 -30.89 14.77 19.32
N TRP C 391 -31.53 14.85 18.16
CA TRP C 391 -32.21 13.70 17.58
C TRP C 391 -31.32 12.92 16.61
N SER C 392 -31.76 11.70 16.33
CA SER C 392 -31.06 10.80 15.43
C SER C 392 -31.97 9.69 14.91
N ILE C 393 -32.03 9.53 13.60
CA ILE C 393 -32.76 8.44 12.97
C ILE C 393 -31.81 7.27 12.71
N LEU C 394 -32.10 6.11 13.31
CA LEU C 394 -31.18 4.97 13.35
C LEU C 394 -31.77 3.66 12.78
N LEU C 395 -31.05 3.10 11.80
CA LEU C 395 -31.44 1.83 11.21
C LEU C 395 -30.64 0.68 11.81
N ASP C 396 -31.26 -0.50 11.87
CA ASP C 396 -30.52 -1.75 12.06
C ASP C 396 -29.83 -2.15 10.74
N ARG C 397 -29.00 -3.18 10.79
CA ARG C 397 -28.18 -3.55 9.63
C ARG C 397 -29.04 -3.94 8.43
N SER C 398 -30.10 -4.70 8.69
CA SER C 398 -30.97 -5.19 7.62
C SER C 398 -31.93 -4.12 7.09
N GLN C 399 -31.93 -2.93 7.70
CA GLN C 399 -32.70 -1.77 7.20
C GLN C 399 -34.21 -2.04 7.14
N THR C 400 -34.67 -2.83 8.11
CA THR C 400 -36.07 -3.15 8.29
C THR C 400 -36.48 -2.79 9.71
N ARG C 401 -35.80 -1.79 10.28
CA ARG C 401 -36.13 -1.27 11.58
C ARG C 401 -35.57 0.13 11.70
N LEU C 402 -36.46 1.12 11.62
CA LEU C 402 -36.10 2.53 11.82
C LEU C 402 -36.50 2.95 13.21
N GLN C 403 -35.69 3.83 13.81
CA GLN C 403 -35.98 4.40 15.13
C GLN C 403 -35.53 5.86 15.21
N ILE C 404 -36.43 6.75 15.63
CA ILE C 404 -36.10 8.13 15.92
C ILE C 404 -35.80 8.19 17.41
N VAL C 405 -34.58 8.61 17.75
CA VAL C 405 -34.09 8.60 19.12
C VAL C 405 -33.59 10.00 19.53
N LEU C 406 -34.03 10.44 20.71
CA LEU C 406 -33.56 11.69 21.31
C LEU C 406 -32.40 11.41 22.27
N ILE C 407 -31.37 12.23 22.17
CA ILE C 407 -30.08 12.02 22.84
C ILE C 407 -29.75 13.31 23.59
N SER C 408 -29.91 13.29 24.91
CA SER C 408 -29.61 14.45 25.77
C SER C 408 -28.10 14.63 25.96
N PRO C 409 -27.59 15.87 25.94
CA PRO C 409 -26.17 16.10 26.26
C PRO C 409 -25.71 15.58 27.64
N GLU C 410 -26.62 15.46 28.60
CA GLU C 410 -26.32 14.81 29.88
C GLU C 410 -25.87 13.33 29.73
N LEU C 411 -26.22 12.67 28.61
CA LEU C 411 -25.67 11.34 28.27
C LEU C 411 -24.18 11.31 27.95
N PHE C 412 -23.64 12.44 27.51
CA PHE C 412 -22.22 12.57 27.20
C PHE C 412 -21.41 13.02 28.43
N ILE C 413 -20.25 12.40 28.60
CA ILE C 413 -19.32 12.72 29.70
C ILE C 413 -17.98 13.03 29.08
N PRO C 414 -17.08 13.72 29.81
CA PRO C 414 -15.74 13.93 29.30
C PRO C 414 -14.96 12.65 29.00
N VAL C 415 -14.23 12.67 27.89
CA VAL C 415 -13.20 11.68 27.60
C VAL C 415 -12.21 11.86 28.73
N GLU C 416 -11.91 10.78 29.45
CA GLU C 416 -10.94 10.84 30.55
C GLU C 416 -10.11 9.56 30.56
N ASP C 417 -8.80 9.70 30.42
CA ASP C 417 -7.89 8.55 30.45
C ASP C 417 -7.68 8.03 31.87
N ASP C 418 -7.63 8.94 32.85
CA ASP C 418 -7.52 8.58 34.28
C ASP C 418 -8.77 7.82 34.75
N VAL C 419 -8.57 6.63 35.31
CA VAL C 419 -9.67 5.70 35.58
C VAL C 419 -10.43 5.98 36.88
N MET C 420 -9.78 6.60 37.87
CA MET C 420 -10.47 7.02 39.12
C MET C 420 -11.39 8.23 38.92
N GLU C 421 -11.01 9.12 38.00
CA GLU C 421 -11.84 10.26 37.61
C GLU C 421 -12.99 9.83 36.69
N ARG C 422 -12.74 8.90 35.76
CA ARG C 422 -13.79 8.46 34.79
C ARG C 422 -14.90 7.66 35.47
N GLN C 423 -14.52 6.83 36.43
CA GLN C 423 -15.48 6.18 37.34
C GLN C 423 -16.37 7.19 38.05
N ARG C 424 -15.75 8.25 38.57
CA ARG C 424 -16.44 9.30 39.31
C ARG C 424 -17.39 10.17 38.43
N LEU C 425 -17.05 10.31 37.15
CA LEU C 425 -17.89 11.04 36.18
C LEU C 425 -19.16 10.28 35.82
N ILE C 426 -18.99 9.00 35.48
CA ILE C 426 -20.11 8.11 35.11
C ILE C 426 -21.16 8.05 36.22
N GLU C 427 -20.70 7.93 37.46
CA GLU C 427 -21.57 7.89 38.63
C GLU C 427 -22.34 9.21 38.81
N SER C 428 -21.69 10.32 38.49
CA SER C 428 -22.30 11.65 38.62
C SER C 428 -23.54 11.83 37.72
N VAL C 429 -23.49 11.33 36.50
CA VAL C 429 -24.65 11.32 35.60
C VAL C 429 -25.71 10.36 36.15
N PRO C 430 -26.99 10.77 36.18
CA PRO C 430 -27.96 9.90 36.85
C PRO C 430 -28.44 8.77 35.96
N ASP C 431 -28.95 7.71 36.58
CA ASP C 431 -29.60 6.59 35.87
C ASP C 431 -30.81 7.03 35.07
N SER C 432 -31.49 8.08 35.56
CA SER C 432 -32.67 8.63 34.90
C SER C 432 -32.42 9.22 33.51
N VAL C 433 -31.21 9.74 33.27
CA VAL C 433 -30.81 10.26 31.93
C VAL C 433 -30.57 9.09 31.00
N THR C 434 -31.32 9.05 29.91
CA THR C 434 -31.32 7.90 29.02
C THR C 434 -31.73 8.31 27.61
N PRO C 435 -31.28 7.54 26.58
CA PRO C 435 -31.87 7.78 25.27
C PRO C 435 -33.36 7.48 25.27
N LEU C 436 -34.07 8.18 24.40
CA LEU C 436 -35.51 8.10 24.34
C LEU C 436 -35.89 7.81 22.90
N ILE C 437 -36.24 6.54 22.65
CA ILE C 437 -36.74 6.12 21.33
C ILE C 437 -38.18 6.65 21.21
N ILE C 438 -38.31 7.83 20.60
CA ILE C 438 -39.63 8.46 20.42
C ILE C 438 -40.48 7.84 19.33
N TYR C 439 -39.91 6.93 18.53
CA TYR C 439 -40.64 6.25 17.47
C TYR C 439 -39.84 5.06 16.95
N GLU C 440 -40.52 4.00 16.54
CA GLU C 440 -39.87 2.80 15.99
C GLU C 440 -40.87 2.05 15.11
N GLU C 441 -40.38 1.52 13.98
CA GLU C 441 -41.24 0.79 13.03
C GLU C 441 -40.45 -0.23 12.19
N THR C 442 -41.13 -1.34 11.88
CA THR C 442 -40.59 -2.39 11.04
C THR C 442 -41.38 -2.50 9.74
N THR C 443 -40.76 -3.20 8.80
CA THR C 443 -41.37 -3.55 7.54
C THR C 443 -40.81 -4.90 7.12
N ASP C 444 -41.56 -5.58 6.26
CA ASP C 444 -41.08 -6.81 5.63
C ASP C 444 -40.37 -6.57 4.28
N ILE C 445 -40.30 -5.31 3.85
CA ILE C 445 -39.66 -4.94 2.57
C ILE C 445 -38.38 -4.19 2.87
N TRP C 446 -38.43 -2.86 3.06
CA TRP C 446 -37.26 -2.07 3.54
C TRP C 446 -37.61 -0.64 3.87
N ILE C 447 -36.74 0.00 4.64
CA ILE C 447 -36.91 1.38 5.07
C ILE C 447 -36.22 2.28 4.05
N ASN C 448 -37.02 3.01 3.27
CA ASN C 448 -36.53 4.15 2.49
C ASN C 448 -36.43 5.38 3.40
N ILE C 449 -35.18 5.74 3.69
CA ILE C 449 -34.86 6.93 4.46
C ILE C 449 -35.16 8.15 3.61
N HIS C 450 -35.67 9.18 4.25
CA HIS C 450 -36.02 10.41 3.57
C HIS C 450 -35.67 11.57 4.48
N ASP C 451 -35.71 12.75 3.88
CA ASP C 451 -35.34 13.96 4.56
C ASP C 451 -36.50 14.55 5.36
N ILE C 452 -37.70 13.95 5.31
CA ILE C 452 -38.81 14.37 6.21
C ILE C 452 -38.62 13.97 7.69
N PHE C 453 -38.74 14.99 8.54
CA PHE C 453 -38.84 14.89 10.01
C PHE C 453 -38.94 16.35 10.47
N HIS C 454 -40.02 16.69 11.17
CA HIS C 454 -40.27 18.07 11.64
C HIS C 454 -40.73 18.07 13.09
N VAL C 455 -39.92 18.61 13.98
CA VAL C 455 -40.26 18.72 15.39
C VAL C 455 -40.93 20.05 15.66
N PHE C 456 -42.04 20.01 16.40
CA PHE C 456 -42.73 21.21 16.89
C PHE C 456 -42.10 21.68 18.20
N PRO C 457 -42.29 22.97 18.54
CA PRO C 457 -41.83 23.45 19.83
C PRO C 457 -42.45 22.74 21.02
N GLN C 458 -41.80 22.88 22.16
CA GLN C 458 -42.21 22.20 23.38
C GLN C 458 -43.41 22.94 23.98
N SER C 459 -44.61 22.38 23.83
CA SER C 459 -45.80 22.91 24.51
C SER C 459 -45.71 22.50 25.98
N HIS C 460 -45.64 21.19 26.21
CA HIS C 460 -45.50 20.62 27.55
C HIS C 460 -44.09 20.03 27.66
N GLU C 461 -43.50 20.11 28.85
CA GLU C 461 -42.16 19.51 29.12
C GLU C 461 -42.17 17.97 29.07
N GLU C 462 -43.35 17.36 29.14
CA GLU C 462 -43.51 15.89 29.21
C GLU C 462 -43.24 15.18 27.89
N GLU C 463 -43.51 15.88 26.78
CA GLU C 463 -43.76 15.28 25.46
C GLU C 463 -42.91 15.90 24.33
N ILE C 464 -43.08 15.37 23.13
CA ILE C 464 -42.59 16.02 21.90
C ILE C 464 -43.53 15.67 20.73
N GLU C 465 -43.98 16.70 20.00
CA GLU C 465 -44.81 16.52 18.79
C GLU C 465 -43.94 16.60 17.56
N PHE C 466 -44.21 15.77 16.57
CA PHE C 466 -43.47 15.81 15.31
C PHE C 466 -44.18 15.10 14.17
N ILE C 467 -43.89 15.56 12.95
CA ILE C 467 -44.36 14.92 11.71
C ILE C 467 -43.21 14.10 11.13
N PHE C 468 -43.49 12.83 10.86
CA PHE C 468 -42.56 11.93 10.20
C PHE C 468 -43.31 11.27 9.07
N ALA C 469 -42.58 10.78 8.07
CA ALA C 469 -43.19 10.04 6.95
C ALA C 469 -42.86 8.55 7.03
N SER C 470 -43.79 7.68 6.62
CA SER C 470 -43.58 6.23 6.71
C SER C 470 -44.38 5.43 5.70
N GLU C 471 -43.73 4.43 5.12
CA GLU C 471 -44.37 3.46 4.22
C GLU C 471 -44.89 2.18 4.92
N CYS C 472 -44.39 1.92 6.13
CA CYS C 472 -44.72 0.72 6.89
C CYS C 472 -46.21 0.56 7.17
N LYS C 473 -46.89 1.69 7.38
CA LYS C 473 -48.28 1.70 7.87
C LYS C 473 -49.23 1.10 6.82
N THR C 474 -49.34 1.76 5.66
CA THR C 474 -50.23 1.33 4.59
C THR C 474 -49.53 0.53 3.47
N GLY C 475 -48.26 0.81 3.24
CA GLY C 475 -47.55 0.39 2.02
C GLY C 475 -47.19 1.56 1.11
N PHE C 476 -47.60 2.77 1.50
CA PHE C 476 -47.30 4.02 0.79
C PHE C 476 -46.80 5.05 1.81
N ARG C 477 -45.91 5.94 1.36
CA ARG C 477 -45.34 6.97 2.24
C ARG C 477 -46.35 8.07 2.52
N HIS C 478 -46.62 8.33 3.79
CA HIS C 478 -47.57 9.37 4.21
C HIS C 478 -47.10 10.12 5.43
N LEU C 479 -47.76 11.23 5.73
CA LEU C 479 -47.39 12.12 6.83
C LEU C 479 -48.19 11.75 8.09
N TYR C 480 -47.48 11.57 9.22
CA TYR C 480 -48.08 11.16 10.49
C TYR C 480 -47.61 12.09 11.61
N LYS C 481 -48.51 12.92 12.14
CA LYS C 481 -48.18 13.76 13.30
C LYS C 481 -48.28 12.96 14.58
N ILE C 482 -47.12 12.54 15.09
CA ILE C 482 -47.02 11.74 16.29
C ILE C 482 -46.73 12.64 17.49
N THR C 483 -47.21 12.22 18.66
CA THR C 483 -47.00 12.91 19.92
C THR C 483 -46.55 11.88 20.97
N SER C 484 -45.24 11.81 21.24
CA SER C 484 -44.67 10.81 22.16
C SER C 484 -44.44 11.38 23.56
N ILE C 485 -44.30 10.47 24.53
CA ILE C 485 -44.15 10.82 25.95
C ILE C 485 -42.78 10.40 26.47
N LEU C 486 -42.09 11.31 27.16
CA LEU C 486 -40.68 11.12 27.56
C LEU C 486 -40.50 10.53 28.96
N LYS C 487 -41.00 9.31 29.13
CA LYS C 487 -40.99 8.58 30.39
C LYS C 487 -39.55 8.29 30.87
N GLU C 488 -39.39 8.22 32.19
CA GLU C 488 -38.13 7.80 32.82
C GLU C 488 -37.97 6.31 32.60
N SER C 489 -36.89 5.92 31.94
CA SER C 489 -36.68 4.51 31.62
C SER C 489 -36.56 3.66 32.87
N LYS C 490 -36.87 2.38 32.70
CA LYS C 490 -36.82 1.41 33.80
C LYS C 490 -35.37 1.04 34.09
N TYR C 491 -34.54 1.12 33.04
CA TYR C 491 -33.11 0.85 33.14
C TYR C 491 -32.42 1.66 34.22
N LYS C 492 -31.45 1.03 34.89
CA LYS C 492 -30.62 1.68 35.88
C LYS C 492 -29.16 1.22 35.68
N ARG C 493 -28.31 2.11 35.13
CA ARG C 493 -26.86 1.85 35.02
C ARG C 493 -26.30 1.40 36.35
N SER C 494 -26.56 2.22 37.37
CA SER C 494 -26.23 1.94 38.77
C SER C 494 -26.33 0.47 39.15
N SER C 495 -27.44 -0.18 38.77
CA SER C 495 -27.65 -1.61 39.02
C SER C 495 -26.51 -2.44 38.46
N GLY C 496 -26.16 -2.19 37.20
CA GLY C 496 -24.95 -2.76 36.59
C GLY C 496 -25.12 -3.44 35.24
N GLY C 497 -26.21 -4.19 35.08
CA GLY C 497 -26.48 -4.92 33.85
C GLY C 497 -26.89 -4.03 32.68
N LEU C 498 -27.05 -4.67 31.52
CA LEU C 498 -27.37 -3.98 30.27
C LEU C 498 -28.90 -3.83 30.14
N PRO C 499 -29.38 -3.00 29.19
CA PRO C 499 -30.83 -2.79 29.15
C PRO C 499 -31.60 -3.90 28.46
N ALA C 500 -32.83 -4.13 28.94
CA ALA C 500 -33.79 -5.03 28.30
C ALA C 500 -34.24 -4.46 26.95
N PRO C 501 -34.73 -5.32 26.03
CA PRO C 501 -35.03 -4.88 24.65
C PRO C 501 -35.85 -3.58 24.50
N SER C 502 -36.83 -3.39 25.39
CA SER C 502 -37.76 -2.26 25.27
C SER C 502 -37.40 -1.04 26.10
N ASP C 503 -36.47 -1.16 27.04
CA ASP C 503 -36.20 -0.13 28.09
C ASP C 503 -36.12 1.35 27.68
N PHE C 504 -35.87 1.65 26.39
CA PHE C 504 -35.84 3.04 25.91
C PHE C 504 -36.95 3.40 24.89
N LYS C 505 -37.97 2.55 24.77
CA LYS C 505 -39.13 2.84 23.90
C LYS C 505 -40.13 3.76 24.61
N CYS C 506 -40.32 4.97 24.09
CA CYS C 506 -41.34 5.89 24.60
C CYS C 506 -42.74 5.48 24.15
N PRO C 507 -43.76 5.70 25.00
CA PRO C 507 -45.11 5.39 24.56
C PRO C 507 -45.67 6.50 23.67
N ILE C 508 -46.47 6.12 22.70
CA ILE C 508 -47.09 7.08 21.78
C ILE C 508 -48.43 7.51 22.38
N LYS C 509 -48.56 8.80 22.71
CA LYS C 509 -49.83 9.37 23.20
C LYS C 509 -50.91 9.49 22.10
N GLU C 510 -50.47 9.65 20.84
CA GLU C 510 -51.35 9.61 19.65
C GLU C 510 -50.51 9.61 18.37
N GLU C 511 -50.96 8.87 17.36
CA GLU C 511 -50.31 8.85 16.06
C GLU C 511 -51.39 9.18 15.04
N ILE C 512 -51.62 10.47 14.81
CA ILE C 512 -52.58 10.93 13.78
C ILE C 512 -51.97 10.76 12.38
N ALA C 513 -52.72 10.15 11.47
CA ALA C 513 -52.38 10.11 10.05
C ALA C 513 -52.96 11.34 9.32
N ILE C 514 -52.11 12.10 8.65
CA ILE C 514 -52.49 13.37 8.00
C ILE C 514 -52.86 13.14 6.53
N THR C 515 -52.09 12.31 5.85
CA THR C 515 -52.42 11.86 4.51
C THR C 515 -52.52 10.33 4.48
N SER C 516 -53.22 9.82 3.46
CA SER C 516 -53.33 8.36 3.21
C SER C 516 -54.08 8.10 1.91
N GLY C 517 -53.65 7.07 1.19
CA GLY C 517 -54.16 6.77 -0.15
C GLY C 517 -53.28 5.81 -0.95
N GLU C 518 -53.55 5.71 -2.24
CA GLU C 518 -52.80 4.84 -3.17
C GLU C 518 -51.71 5.66 -3.91
N TRP C 519 -50.98 6.46 -3.14
CA TRP C 519 -50.03 7.44 -3.67
C TRP C 519 -49.07 7.83 -2.58
N GLU C 520 -47.94 8.44 -2.95
CA GLU C 520 -46.90 8.74 -1.96
C GLU C 520 -46.59 10.22 -1.83
N VAL C 521 -46.15 10.57 -0.61
CA VAL C 521 -45.50 11.84 -0.32
C VAL C 521 -44.02 11.70 -0.71
N LEU C 522 -43.44 12.76 -1.25
CA LEU C 522 -42.04 12.73 -1.66
C LEU C 522 -41.20 13.28 -0.51
N GLY C 523 -40.10 12.58 -0.22
CA GLY C 523 -39.16 12.97 0.83
C GLY C 523 -37.66 12.97 0.53
N ARG C 524 -37.26 12.60 -0.69
CA ARG C 524 -35.85 12.58 -1.09
C ARG C 524 -35.52 13.64 -2.13
N HIS C 525 -34.22 13.85 -2.34
CA HIS C 525 -33.68 14.79 -3.35
C HIS C 525 -34.18 16.23 -3.18
N GLY C 526 -34.36 16.66 -1.93
CA GLY C 526 -34.79 18.03 -1.64
C GLY C 526 -36.28 18.29 -1.76
N SER C 527 -37.06 17.26 -2.11
CA SER C 527 -38.49 17.28 -1.86
C SER C 527 -38.61 17.03 -0.35
N ASN C 528 -39.56 17.71 0.26
CA ASN C 528 -39.72 17.70 1.72
C ASN C 528 -41.11 18.27 2.06
N ILE C 529 -41.29 18.71 3.30
CA ILE C 529 -42.51 19.39 3.75
C ILE C 529 -42.17 20.80 4.24
N GLN C 530 -43.05 21.76 3.99
CA GLN C 530 -43.01 23.05 4.70
C GLN C 530 -44.24 23.10 5.61
N VAL C 531 -44.08 23.72 6.78
CA VAL C 531 -45.10 23.66 7.83
C VAL C 531 -45.48 25.05 8.31
N ASP C 532 -46.73 25.45 8.03
CA ASP C 532 -47.32 26.65 8.61
C ASP C 532 -47.73 26.24 10.01
N GLU C 533 -47.13 26.84 11.04
CA GLU C 533 -47.48 26.55 12.45
C GLU C 533 -48.53 27.50 13.03
N VAL C 534 -48.76 28.62 12.35
CA VAL C 534 -49.81 29.57 12.71
C VAL C 534 -51.13 28.98 12.22
N ARG C 535 -51.21 28.71 10.93
CA ARG C 535 -52.37 28.08 10.31
C ARG C 535 -52.48 26.58 10.57
N ARG C 536 -51.38 25.97 11.02
CA ARG C 536 -51.36 24.54 11.34
C ARG C 536 -51.72 23.72 10.09
N LEU C 537 -50.90 23.96 9.08
CA LEU C 537 -50.92 23.32 7.77
C LEU C 537 -49.57 22.65 7.51
N VAL C 538 -49.53 21.83 6.46
CA VAL C 538 -48.29 21.25 5.98
C VAL C 538 -48.33 21.10 4.45
N TYR C 539 -47.40 21.77 3.79
CA TYR C 539 -47.24 21.69 2.34
C TYR C 539 -46.27 20.56 2.12
N PHE C 540 -46.62 19.66 1.20
CA PHE C 540 -45.75 18.54 0.83
C PHE C 540 -45.82 18.32 -0.68
N GLU C 541 -44.93 17.49 -1.22
CA GLU C 541 -45.01 17.10 -2.63
C GLU C 541 -45.53 15.67 -2.72
N GLY C 542 -46.37 15.38 -3.72
CA GLY C 542 -46.99 14.05 -3.87
C GLY C 542 -47.43 13.58 -5.25
N THR C 543 -47.81 12.30 -5.33
CA THR C 543 -48.28 11.64 -6.57
C THR C 543 -49.80 11.41 -6.60
N LYS C 544 -50.56 12.14 -5.79
CA LYS C 544 -52.00 11.86 -5.60
C LYS C 544 -52.81 11.95 -6.89
N ASP C 545 -52.48 12.92 -7.74
CA ASP C 545 -53.12 13.07 -9.04
C ASP C 545 -52.66 12.02 -10.05
N SER C 546 -51.40 11.63 -9.98
CA SER C 546 -50.81 10.69 -10.92
C SER C 546 -49.40 10.33 -10.45
N PRO C 547 -48.92 9.09 -10.76
CA PRO C 547 -47.49 8.80 -10.53
C PRO C 547 -46.55 9.51 -11.50
N LEU C 548 -47.11 9.92 -12.64
CA LEU C 548 -46.36 10.59 -13.68
C LEU C 548 -46.14 12.08 -13.37
N GLU C 549 -46.89 12.65 -12.41
CA GLU C 549 -46.79 14.07 -12.05
C GLU C 549 -46.66 14.30 -10.55
N HIS C 550 -45.54 14.93 -10.18
CA HIS C 550 -45.27 15.35 -8.82
C HIS C 550 -45.90 16.72 -8.66
N HIS C 551 -46.85 16.86 -7.73
CA HIS C 551 -47.54 18.13 -7.51
C HIS C 551 -47.38 18.58 -6.07
N LEU C 552 -47.53 19.88 -5.87
CA LEU C 552 -47.50 20.48 -4.53
C LEU C 552 -48.91 20.41 -3.98
N TYR C 553 -49.06 19.79 -2.80
CA TYR C 553 -50.34 19.72 -2.09
C TYR C 553 -50.18 20.38 -0.72
N VAL C 554 -51.31 20.70 -0.09
CA VAL C 554 -51.36 21.27 1.26
C VAL C 554 -52.47 20.58 2.04
N VAL C 555 -52.31 20.49 3.35
CA VAL C 555 -53.29 19.82 4.21
C VAL C 555 -53.15 20.32 5.66
N SER C 556 -54.26 20.40 6.38
CA SER C 556 -54.22 20.67 7.82
C SER C 556 -53.75 19.44 8.56
N TYR C 557 -52.89 19.63 9.55
CA TYR C 557 -52.43 18.52 10.39
C TYR C 557 -53.18 18.42 11.73
N VAL C 558 -53.96 19.44 12.09
CA VAL C 558 -54.73 19.46 13.36
C VAL C 558 -55.91 18.50 13.25
N ASN C 559 -56.89 18.87 12.42
CA ASN C 559 -57.96 17.98 12.01
C ASN C 559 -57.73 17.79 10.51
N PRO C 560 -57.08 16.67 10.11
CA PRO C 560 -56.77 16.47 8.69
C PRO C 560 -57.98 16.03 7.88
N GLY C 561 -57.82 15.98 6.56
CA GLY C 561 -58.92 15.67 5.66
C GLY C 561 -58.59 16.08 4.23
N GLU C 562 -59.21 17.16 3.76
CA GLU C 562 -59.05 17.63 2.38
C GLU C 562 -57.58 17.89 2.02
N VAL C 563 -57.26 17.79 0.74
CA VAL C 563 -55.89 17.94 0.26
C VAL C 563 -55.91 18.85 -0.97
N THR C 564 -55.66 20.14 -0.79
CA THR C 564 -55.72 21.11 -1.89
C THR C 564 -54.43 21.05 -2.73
N ARG C 565 -54.55 20.72 -4.00
CA ARG C 565 -53.43 20.76 -4.94
C ARG C 565 -53.17 22.20 -5.32
N LEU C 566 -51.93 22.66 -5.16
CA LEU C 566 -51.56 24.04 -5.46
C LEU C 566 -50.90 24.25 -6.81
N THR C 567 -50.36 23.20 -7.43
CA THR C 567 -49.79 23.32 -8.79
C THR C 567 -50.85 23.06 -9.86
N ASP C 568 -50.50 23.31 -11.11
CA ASP C 568 -51.42 23.09 -12.24
C ASP C 568 -51.19 21.74 -12.88
N ARG C 569 -52.27 20.98 -13.12
CA ARG C 569 -52.20 19.71 -13.87
C ARG C 569 -51.54 19.87 -15.21
N GLY C 570 -51.08 18.76 -15.78
CA GLY C 570 -50.44 18.75 -17.10
C GLY C 570 -48.92 18.72 -17.08
N TYR C 571 -48.30 19.04 -15.95
CA TYR C 571 -46.83 19.01 -15.78
C TYR C 571 -46.45 18.33 -14.45
N SER C 572 -45.20 17.90 -14.33
CA SER C 572 -44.63 17.44 -13.04
C SER C 572 -43.81 18.57 -12.46
N HIS C 573 -43.85 18.72 -11.14
CA HIS C 573 -43.28 19.91 -10.47
C HIS C 573 -42.25 19.54 -9.41
N SER C 574 -41.32 20.46 -9.19
CA SER C 574 -40.39 20.42 -8.08
C SER C 574 -40.49 21.79 -7.44
N CYS C 575 -40.84 21.83 -6.15
CA CYS C 575 -41.22 23.07 -5.50
C CYS C 575 -40.48 23.34 -4.20
N CYS C 576 -39.98 24.57 -4.09
CA CYS C 576 -39.58 25.17 -2.82
C CYS C 576 -40.77 26.02 -2.35
N ILE C 577 -41.02 26.04 -1.04
CA ILE C 577 -42.07 26.88 -0.44
C ILE C 577 -41.37 27.88 0.48
N SER C 578 -41.73 29.16 0.39
CA SER C 578 -41.18 30.21 1.26
C SER C 578 -41.31 29.76 2.71
N GLN C 579 -40.26 29.96 3.50
CA GLN C 579 -40.29 29.63 4.93
C GLN C 579 -41.42 30.32 5.67
N HIS C 580 -41.88 31.46 5.12
CA HIS C 580 -43.06 32.20 5.62
C HIS C 580 -44.41 31.65 5.14
N CYS C 581 -44.37 30.72 4.18
CA CYS C 581 -45.55 30.02 3.66
C CYS C 581 -46.53 30.94 2.92
N ASP C 582 -46.03 32.04 2.37
CA ASP C 582 -46.89 33.00 1.65
C ASP C 582 -46.46 33.18 0.20
N PHE C 583 -45.79 32.14 -0.34
CA PHE C 583 -45.16 32.17 -1.66
C PHE C 583 -44.67 30.75 -1.95
N PHE C 584 -44.60 30.37 -3.22
CA PHE C 584 -43.89 29.14 -3.59
C PHE C 584 -43.42 29.18 -5.04
N ILE C 585 -42.29 28.51 -5.27
CA ILE C 585 -41.68 28.41 -6.59
C ILE C 585 -41.88 26.98 -7.06
N SER C 586 -42.06 26.82 -8.36
CA SER C 586 -42.15 25.51 -8.99
C SER C 586 -41.31 25.49 -10.26
N LYS C 587 -40.43 24.50 -10.36
CA LYS C 587 -39.78 24.12 -11.62
C LYS C 587 -40.67 23.06 -12.24
N TYR C 588 -41.22 23.34 -13.42
CA TYR C 588 -42.24 22.47 -14.00
C TYR C 588 -42.04 22.22 -15.50
N SER C 589 -42.30 20.99 -15.94
CA SER C 589 -42.25 20.60 -17.35
C SER C 589 -43.20 19.41 -17.64
N ASN C 590 -43.63 19.29 -18.89
CA ASN C 590 -44.25 18.07 -19.40
C ASN C 590 -43.34 17.44 -20.44
N GLN C 591 -43.78 16.32 -21.00
CA GLN C 591 -43.11 15.65 -22.10
C GLN C 591 -42.81 16.54 -23.34
N LYS C 592 -43.70 17.51 -23.60
CA LYS C 592 -43.64 18.39 -24.78
C LYS C 592 -42.85 19.70 -24.58
N ASN C 593 -43.10 20.41 -23.48
CA ASN C 593 -42.49 21.72 -23.20
C ASN C 593 -41.32 21.57 -22.22
N PRO C 594 -40.18 22.26 -22.46
CA PRO C 594 -39.12 22.24 -21.44
C PRO C 594 -39.46 22.99 -20.16
N HIS C 595 -38.91 22.49 -19.06
CA HIS C 595 -38.80 23.17 -17.76
C HIS C 595 -38.84 24.71 -17.79
N CYS C 596 -39.81 25.27 -17.06
CA CYS C 596 -39.81 26.68 -16.65
C CYS C 596 -39.65 26.71 -15.12
N VAL C 597 -39.44 27.91 -14.58
CA VAL C 597 -39.50 28.16 -13.14
C VAL C 597 -40.33 29.39 -12.92
N SER C 598 -41.34 29.28 -12.06
CA SER C 598 -42.25 30.38 -11.78
C SER C 598 -42.59 30.44 -10.30
N LEU C 599 -43.07 31.61 -9.88
CA LEU C 599 -43.30 31.96 -8.48
C LEU C 599 -44.77 32.31 -8.27
N TYR C 600 -45.44 31.53 -7.43
CA TYR C 600 -46.87 31.71 -7.16
C TYR C 600 -47.08 32.25 -5.75
N LYS C 601 -47.99 33.23 -5.63
CA LYS C 601 -48.28 33.84 -4.33
C LYS C 601 -49.37 33.06 -3.61
N LEU C 602 -49.06 32.58 -2.40
CA LEU C 602 -50.04 31.91 -1.55
C LEU C 602 -50.90 32.90 -0.83
N SER C 603 -52.10 32.45 -0.49
CA SER C 603 -53.17 33.32 -0.05
C SER C 603 -54.31 32.45 0.44
N SER C 604 -55.07 32.99 1.37
CA SER C 604 -56.18 32.30 1.97
C SER C 604 -57.41 33.19 1.86
N PRO C 605 -58.61 32.59 1.66
CA PRO C 605 -59.83 33.38 1.83
C PRO C 605 -59.98 33.82 3.27
N GLU C 606 -60.50 35.03 3.49
CA GLU C 606 -60.59 35.65 4.83
C GLU C 606 -61.31 34.78 5.86
N ASP C 607 -62.33 34.05 5.40
CA ASP C 607 -63.21 33.25 6.26
C ASP C 607 -62.70 31.84 6.63
N ASP C 608 -61.56 31.40 6.09
CA ASP C 608 -61.02 30.07 6.43
C ASP C 608 -59.55 29.95 6.00
N PRO C 609 -58.63 30.35 6.90
CA PRO C 609 -57.20 30.07 6.78
C PRO C 609 -56.76 28.60 6.56
N THR C 610 -57.60 27.59 6.86
CA THR C 610 -57.33 26.21 6.42
C THR C 610 -57.18 26.17 4.92
N CYS C 611 -58.08 26.85 4.24
CA CYS C 611 -58.11 26.87 2.79
C CYS C 611 -57.03 27.81 2.26
N LYS C 612 -56.38 27.37 1.18
CA LYS C 612 -55.31 28.12 0.52
C LYS C 612 -55.53 28.17 -0.98
N THR C 613 -55.04 29.25 -1.59
CA THR C 613 -55.07 29.45 -3.04
C THR C 613 -53.78 30.08 -3.52
N LYS C 614 -53.58 30.06 -4.83
CA LYS C 614 -52.39 30.59 -5.47
C LYS C 614 -52.73 31.55 -6.58
N GLU C 615 -51.75 32.36 -6.96
CA GLU C 615 -51.85 33.29 -8.07
C GLU C 615 -50.48 33.37 -8.70
N PHE C 616 -50.41 33.41 -10.03
CA PHE C 616 -49.14 33.64 -10.71
C PHE C 616 -48.60 35.04 -10.40
N TRP C 617 -47.37 35.10 -9.89
CA TRP C 617 -46.74 36.35 -9.51
C TRP C 617 -45.71 36.77 -10.56
N ALA C 618 -44.73 35.88 -10.80
CA ALA C 618 -43.62 36.16 -11.72
C ALA C 618 -42.97 34.91 -12.31
N THR C 619 -42.49 35.03 -13.55
CA THR C 619 -41.55 34.09 -14.13
C THR C 619 -40.17 34.34 -13.55
N ILE C 620 -39.42 33.28 -13.29
CA ILE C 620 -37.99 33.37 -12.92
C ILE C 620 -37.14 32.93 -14.11
N LEU C 621 -37.40 31.70 -14.56
CA LEU C 621 -36.80 31.18 -15.76
C LEU C 621 -37.91 30.87 -16.76
N ASP C 622 -37.91 31.62 -17.86
CA ASP C 622 -38.76 31.29 -19.01
C ASP C 622 -38.11 30.08 -19.70
N SER C 623 -38.94 29.19 -20.24
CA SER C 623 -38.43 28.02 -20.99
C SER C 623 -37.83 28.43 -22.34
N ALA C 624 -37.03 27.53 -22.90
CA ALA C 624 -36.48 27.72 -24.25
C ALA C 624 -37.57 27.72 -25.36
N GLY C 625 -38.71 27.08 -25.11
CA GLY C 625 -39.77 26.88 -26.10
C GLY C 625 -39.44 25.62 -26.91
N PRO C 626 -40.43 24.71 -27.13
CA PRO C 626 -40.13 23.35 -27.58
C PRO C 626 -38.92 23.24 -28.53
N LEU C 627 -37.90 22.48 -28.11
CA LEU C 627 -36.64 22.30 -28.86
C LEU C 627 -36.92 22.00 -30.35
N PRO C 628 -36.07 22.50 -31.28
CA PRO C 628 -36.34 22.26 -32.70
C PRO C 628 -35.94 20.83 -33.13
N ASP C 629 -36.52 20.34 -34.23
CA ASP C 629 -36.31 18.96 -34.74
C ASP C 629 -36.45 17.82 -33.69
N TYR C 630 -37.10 18.11 -32.56
CA TYR C 630 -37.21 17.19 -31.43
C TYR C 630 -38.63 16.65 -31.39
N THR C 631 -38.76 15.33 -31.39
CA THR C 631 -40.05 14.65 -31.30
C THR C 631 -40.13 13.99 -29.93
N PRO C 632 -41.00 14.52 -29.03
CA PRO C 632 -41.16 13.81 -27.75
C PRO C 632 -41.82 12.44 -27.93
N PRO C 633 -41.50 11.48 -27.05
CA PRO C 633 -42.11 10.16 -27.15
C PRO C 633 -43.54 10.19 -26.66
N GLU C 634 -44.27 9.11 -26.91
CA GLU C 634 -45.62 8.96 -26.38
C GLU C 634 -45.56 8.14 -25.10
N ILE C 635 -46.12 8.67 -24.01
CA ILE C 635 -46.27 7.90 -22.77
C ILE C 635 -47.40 6.92 -23.00
N PHE C 636 -47.11 5.63 -22.81
CA PHE C 636 -48.12 4.57 -22.92
C PHE C 636 -48.16 3.75 -21.64
N SER C 637 -49.16 2.88 -21.56
CA SER C 637 -49.35 2.00 -20.40
C SER C 637 -50.06 0.72 -20.81
N PHE C 638 -49.95 -0.28 -19.94
CA PHE C 638 -50.64 -1.56 -20.15
C PHE C 638 -50.85 -2.30 -18.82
N GLU C 639 -52.05 -2.87 -18.67
CA GLU C 639 -52.44 -3.63 -17.47
C GLU C 639 -51.77 -5.00 -17.59
N SER C 640 -50.70 -5.22 -16.84
CA SER C 640 -49.85 -6.40 -17.03
C SER C 640 -50.44 -7.64 -16.38
N THR C 641 -49.87 -8.78 -16.76
CA THR C 641 -50.14 -10.10 -16.16
C THR C 641 -49.98 -10.12 -14.62
N THR C 642 -49.03 -9.33 -14.11
CA THR C 642 -48.79 -9.18 -12.66
C THR C 642 -49.85 -8.41 -11.88
N GLY C 643 -50.70 -7.66 -12.59
CA GLY C 643 -51.80 -6.92 -11.97
C GLY C 643 -51.46 -5.48 -11.63
N PHE C 644 -50.33 -5.01 -12.14
CA PHE C 644 -49.89 -3.62 -12.01
C PHE C 644 -49.92 -2.96 -13.37
N THR C 645 -50.38 -1.72 -13.40
CA THR C 645 -50.43 -0.92 -14.61
C THR C 645 -49.02 -0.37 -14.90
N LEU C 646 -48.20 -1.16 -15.59
CA LEU C 646 -46.84 -0.70 -15.93
C LEU C 646 -46.88 0.38 -17.00
N TYR C 647 -45.92 1.31 -16.94
CA TYR C 647 -45.83 2.44 -17.89
C TYR C 647 -44.61 2.36 -18.83
N GLY C 648 -44.63 3.21 -19.85
CA GLY C 648 -43.52 3.29 -20.82
C GLY C 648 -43.46 4.57 -21.63
N MET C 649 -42.53 4.60 -22.57
CA MET C 649 -42.32 5.75 -23.46
C MET C 649 -41.97 5.24 -24.85
N LEU C 650 -42.86 5.47 -25.82
CA LEU C 650 -42.61 5.04 -27.20
C LEU C 650 -42.10 6.21 -28.04
N TYR C 651 -40.88 6.06 -28.54
CA TYR C 651 -40.35 6.90 -29.59
C TYR C 651 -40.62 6.17 -30.89
N LYS C 652 -41.59 6.67 -31.66
CA LYS C 652 -41.82 6.20 -33.03
C LYS C 652 -40.67 6.76 -33.89
N PRO C 653 -40.24 6.02 -34.94
CA PRO C 653 -39.23 6.60 -35.82
C PRO C 653 -39.79 7.75 -36.65
N HIS C 654 -38.95 8.72 -36.97
CA HIS C 654 -39.41 9.95 -37.64
C HIS C 654 -39.63 9.63 -39.11
N ASP C 655 -40.69 10.22 -39.68
CA ASP C 655 -41.08 10.00 -41.07
C ASP C 655 -41.33 8.49 -41.31
N LEU C 656 -42.25 7.95 -40.51
CA LEU C 656 -42.75 6.57 -40.65
C LEU C 656 -43.12 6.26 -42.09
N GLN C 657 -42.25 5.52 -42.78
CA GLN C 657 -42.59 5.00 -44.10
C GLN C 657 -43.53 3.82 -43.85
N PRO C 658 -44.81 3.91 -44.29
CA PRO C 658 -45.69 2.77 -44.00
C PRO C 658 -45.35 1.51 -44.82
N GLY C 659 -45.96 0.39 -44.43
CA GLY C 659 -45.64 -0.92 -45.00
C GLY C 659 -44.32 -1.51 -44.52
N LYS C 660 -43.71 -0.89 -43.50
CA LYS C 660 -42.36 -1.26 -43.04
C LYS C 660 -42.28 -1.51 -41.52
N LYS C 661 -41.13 -2.05 -41.11
CA LYS C 661 -40.81 -2.28 -39.71
C LYS C 661 -39.33 -1.97 -39.46
N TYR C 662 -39.04 -1.46 -38.28
CA TYR C 662 -37.74 -0.85 -37.97
C TYR C 662 -37.04 -1.61 -36.84
N PRO C 663 -35.71 -1.44 -36.72
CA PRO C 663 -35.01 -1.95 -35.54
C PRO C 663 -35.44 -1.21 -34.28
N THR C 664 -35.46 -1.91 -33.15
CA THR C 664 -35.96 -1.35 -31.91
C THR C 664 -34.92 -1.42 -30.78
N VAL C 665 -34.42 -0.25 -30.37
CA VAL C 665 -33.53 -0.14 -29.21
C VAL C 665 -34.42 0.07 -27.98
N LEU C 666 -34.37 -0.88 -27.06
CA LEU C 666 -34.96 -0.72 -25.75
C LEU C 666 -33.95 -0.08 -24.79
N PHE C 667 -34.25 1.13 -24.31
CA PHE C 667 -33.46 1.73 -23.20
C PHE C 667 -34.07 1.27 -21.88
N ILE C 668 -33.21 1.06 -20.90
CA ILE C 668 -33.60 0.45 -19.63
C ILE C 668 -32.79 0.98 -18.44
N TYR C 669 -33.49 1.16 -17.34
CA TYR C 669 -32.88 1.21 -16.04
C TYR C 669 -33.63 0.22 -15.15
N GLY C 670 -34.90 0.55 -14.84
CA GLY C 670 -35.78 -0.31 -14.03
C GLY C 670 -35.18 -1.02 -12.83
N GLY C 671 -34.38 -0.27 -12.07
CA GLY C 671 -33.87 -0.69 -10.78
C GLY C 671 -34.55 0.22 -9.77
N PRO C 672 -34.19 0.07 -8.48
CA PRO C 672 -34.87 0.79 -7.41
C PRO C 672 -34.49 2.26 -7.37
N GLN C 673 -35.31 3.05 -6.69
CA GLN C 673 -35.05 4.48 -6.43
C GLN C 673 -35.20 5.39 -7.67
N VAL C 674 -35.75 4.86 -8.78
CA VAL C 674 -35.76 5.59 -10.05
C VAL C 674 -36.98 5.23 -10.89
N GLN C 675 -37.71 6.26 -11.33
CA GLN C 675 -38.79 6.17 -12.31
C GLN C 675 -38.37 6.89 -13.61
N LEU C 676 -38.06 6.11 -14.65
CA LEU C 676 -37.67 6.68 -15.95
C LEU C 676 -38.81 7.32 -16.76
N VAL C 677 -40.03 6.88 -16.48
CA VAL C 677 -41.19 7.19 -17.29
C VAL C 677 -42.18 8.00 -16.47
N ASN C 678 -42.20 9.30 -16.75
CA ASN C 678 -43.19 10.20 -16.16
C ASN C 678 -43.32 11.45 -17.02
N ASN C 679 -44.27 12.32 -16.68
CA ASN C 679 -44.62 13.48 -17.51
C ASN C 679 -43.64 14.63 -17.32
N ARG C 680 -42.42 14.39 -17.80
CA ARG C 680 -41.32 15.35 -17.75
C ARG C 680 -40.66 15.37 -19.13
N PHE C 681 -40.07 16.51 -19.48
CA PHE C 681 -39.36 16.67 -20.75
C PHE C 681 -38.11 15.77 -20.76
N LYS C 682 -38.03 14.84 -21.71
CA LYS C 682 -36.88 13.94 -21.83
C LYS C 682 -36.06 14.30 -23.07
N GLY C 683 -35.80 15.59 -23.23
CA GLY C 683 -35.05 16.10 -24.38
C GLY C 683 -33.75 16.79 -24.05
N VAL C 684 -33.46 16.95 -22.76
CA VAL C 684 -32.15 17.41 -22.32
C VAL C 684 -31.34 16.15 -22.04
N LYS C 685 -31.64 15.49 -20.93
CA LYS C 685 -30.82 14.39 -20.48
C LYS C 685 -30.85 13.25 -21.49
N TYR C 686 -32.05 12.93 -21.98
CA TYR C 686 -32.25 11.85 -22.95
C TYR C 686 -32.41 12.40 -24.37
N PHE C 687 -31.51 13.30 -24.74
CA PHE C 687 -31.48 13.88 -26.07
C PHE C 687 -31.30 12.80 -27.15
N ARG C 688 -30.34 11.90 -26.95
CA ARG C 688 -30.02 10.87 -27.94
C ARG C 688 -31.13 9.87 -28.22
N LEU C 689 -32.03 9.64 -27.26
CA LEU C 689 -33.18 8.75 -27.51
C LEU C 689 -34.02 9.28 -28.65
N ASN C 690 -34.04 10.60 -28.81
CA ASN C 690 -34.62 11.25 -30.00
C ASN C 690 -33.75 11.05 -31.25
N THR C 691 -32.43 11.22 -31.14
CA THR C 691 -31.52 10.96 -32.26
C THR C 691 -31.69 9.54 -32.80
N LEU C 692 -31.75 8.55 -31.92
CA LEU C 692 -31.95 7.16 -32.33
C LEU C 692 -33.20 6.98 -33.19
N ALA C 693 -34.29 7.63 -32.84
CA ALA C 693 -35.46 7.65 -33.73
C ALA C 693 -35.23 8.49 -34.99
N SER C 694 -34.46 9.58 -34.90
CA SER C 694 -34.08 10.41 -36.08
C SER C 694 -33.37 9.61 -37.18
N LEU C 695 -32.76 8.48 -36.83
CA LEU C 695 -32.09 7.59 -37.78
C LEU C 695 -32.93 6.38 -38.19
N GLY C 696 -34.11 6.23 -37.61
CA GLY C 696 -35.01 5.12 -37.90
C GLY C 696 -34.95 3.95 -36.94
N TYR C 697 -34.57 4.18 -35.66
CA TYR C 697 -34.70 3.16 -34.61
C TYR C 697 -35.91 3.46 -33.75
N VAL C 698 -36.78 2.45 -33.57
CA VAL C 698 -37.84 2.55 -32.55
C VAL C 698 -37.12 2.55 -31.23
N VAL C 699 -37.48 3.47 -30.34
CA VAL C 699 -36.93 3.49 -29.00
C VAL C 699 -38.07 3.26 -28.03
N VAL C 700 -37.83 2.37 -27.06
CA VAL C 700 -38.79 2.03 -26.04
C VAL C 700 -38.10 2.13 -24.68
N VAL C 701 -38.83 2.64 -23.70
CA VAL C 701 -38.43 2.64 -22.29
C VAL C 701 -39.61 2.09 -21.50
N ILE C 702 -39.32 1.28 -20.47
CA ILE C 702 -40.36 0.75 -19.59
C ILE C 702 -39.91 0.90 -18.13
N ASP C 703 -40.88 1.24 -17.28
CA ASP C 703 -40.74 1.19 -15.82
C ASP C 703 -41.34 -0.13 -15.37
N ASN C 704 -40.48 -1.14 -15.36
CA ASN C 704 -40.79 -2.43 -14.75
C ASN C 704 -40.94 -2.33 -13.23
N ARG C 705 -41.46 -3.42 -12.66
CA ARG C 705 -41.63 -3.54 -11.22
C ARG C 705 -40.28 -3.34 -10.52
N GLY C 706 -40.31 -2.65 -9.38
CA GLY C 706 -39.08 -2.24 -8.70
C GLY C 706 -38.74 -0.78 -8.87
N SER C 707 -39.34 -0.12 -9.88
CA SER C 707 -39.24 1.34 -10.01
C SER C 707 -39.92 2.06 -8.82
N CYS C 708 -39.66 3.37 -8.70
CA CYS C 708 -40.21 4.15 -7.59
C CYS C 708 -41.43 4.96 -8.04
N HIS C 709 -42.10 5.56 -7.05
CA HIS C 709 -43.33 6.38 -7.22
C HIS C 709 -44.59 5.56 -7.52
N ARG C 710 -44.53 4.25 -7.32
CA ARG C 710 -45.67 3.35 -7.57
C ARG C 710 -46.00 2.51 -6.34
N GLY C 711 -45.79 3.10 -5.16
CA GLY C 711 -45.97 2.39 -3.90
C GLY C 711 -44.72 1.59 -3.56
N LEU C 712 -44.76 0.98 -2.37
CA LEU C 712 -43.65 0.21 -1.83
C LEU C 712 -43.67 -1.26 -2.27
N LYS C 713 -44.83 -1.90 -2.14
CA LYS C 713 -44.97 -3.31 -2.49
C LYS C 713 -44.60 -3.58 -3.96
N PHE C 714 -44.86 -2.60 -4.81
CA PHE C 714 -44.38 -2.58 -6.19
C PHE C 714 -42.85 -2.52 -6.25
N GLU C 715 -42.27 -1.64 -5.43
CA GLU C 715 -40.81 -1.55 -5.28
C GLU C 715 -40.21 -2.80 -4.63
N GLY C 716 -40.96 -3.46 -3.75
CA GLY C 716 -40.56 -4.71 -3.09
C GLY C 716 -40.61 -6.00 -3.91
N ALA C 717 -41.11 -5.92 -5.15
CA ALA C 717 -41.22 -7.05 -6.09
C ALA C 717 -39.93 -7.85 -6.28
N PHE C 718 -38.80 -7.16 -6.42
CA PHE C 718 -37.50 -7.86 -6.59
C PHE C 718 -36.72 -8.17 -5.31
N LYS C 719 -37.30 -7.96 -4.12
CA LYS C 719 -36.55 -8.26 -2.88
C LYS C 719 -36.09 -9.70 -2.89
N TYR C 720 -34.79 -9.89 -2.67
CA TYR C 720 -34.11 -11.19 -2.77
C TYR C 720 -34.12 -11.81 -4.19
N LYS C 721 -34.48 -11.03 -5.20
CA LYS C 721 -34.79 -11.55 -6.54
C LYS C 721 -34.28 -10.64 -7.66
N MET C 722 -33.21 -9.89 -7.44
CA MET C 722 -32.78 -8.91 -8.45
C MET C 722 -32.24 -9.64 -9.67
N GLY C 723 -32.54 -9.07 -10.84
CA GLY C 723 -32.31 -9.70 -12.15
C GLY C 723 -33.39 -10.66 -12.67
N GLN C 724 -34.16 -11.24 -11.76
CA GLN C 724 -35.12 -12.29 -12.13
C GLN C 724 -36.41 -11.70 -12.74
N ILE C 725 -37.01 -10.71 -12.07
CA ILE C 725 -38.36 -10.22 -12.41
C ILE C 725 -38.46 -9.13 -13.49
N GLU C 726 -37.34 -8.49 -13.81
CA GLU C 726 -37.36 -7.20 -14.48
C GLU C 726 -37.55 -7.34 -15.99
N ILE C 727 -36.81 -8.27 -16.60
CA ILE C 727 -36.88 -8.48 -18.07
C ILE C 727 -38.24 -9.01 -18.52
N ASP C 728 -38.87 -9.84 -17.69
CA ASP C 728 -40.24 -10.33 -17.95
C ASP C 728 -41.28 -9.23 -18.19
N ASP C 729 -41.06 -8.06 -17.58
CA ASP C 729 -41.87 -6.87 -17.80
C ASP C 729 -41.43 -6.05 -19.01
N GLN C 730 -40.11 -5.96 -19.21
CA GLN C 730 -39.58 -5.26 -20.38
C GLN C 730 -39.97 -6.03 -21.66
N VAL C 731 -40.00 -7.36 -21.60
CA VAL C 731 -40.48 -8.18 -22.73
C VAL C 731 -42.00 -8.07 -22.90
N GLU C 732 -42.76 -8.30 -21.83
CA GLU C 732 -44.23 -8.17 -21.87
C GLU C 732 -44.67 -6.85 -22.53
N GLY C 733 -44.17 -5.74 -22.00
CA GLY C 733 -44.47 -4.42 -22.54
C GLY C 733 -44.00 -4.23 -23.97
N LEU C 734 -42.83 -4.77 -24.30
CA LEU C 734 -42.28 -4.72 -25.65
C LEU C 734 -43.14 -5.48 -26.66
N GLN C 735 -43.76 -6.57 -26.21
CA GLN C 735 -44.71 -7.35 -27.02
C GLN C 735 -46.03 -6.60 -27.20
N TYR C 736 -46.60 -6.13 -26.09
CA TYR C 736 -47.79 -5.28 -26.11
C TYR C 736 -47.69 -4.21 -27.19
N LEU C 737 -46.56 -3.50 -27.20
CA LEU C 737 -46.31 -2.44 -28.17
C LEU C 737 -46.29 -2.99 -29.60
N ALA C 738 -45.56 -4.08 -29.80
CA ALA C 738 -45.43 -4.70 -31.12
C ALA C 738 -46.79 -5.02 -31.76
N SER C 739 -47.75 -5.47 -30.96
CA SER C 739 -49.10 -5.79 -31.43
C SER C 739 -49.83 -4.55 -31.98
N ARG C 740 -50.00 -3.54 -31.14
CA ARG C 740 -50.61 -2.26 -31.54
C ARG C 740 -49.82 -1.55 -32.66
N TYR C 741 -48.50 -1.55 -32.53
CA TYR C 741 -47.60 -0.79 -33.40
C TYR C 741 -46.70 -1.76 -34.18
N ASP C 742 -47.23 -2.24 -35.31
CA ASP C 742 -46.54 -3.24 -36.12
C ASP C 742 -45.23 -2.79 -36.83
N PHE C 743 -44.92 -1.49 -36.76
CA PHE C 743 -43.59 -0.96 -37.16
C PHE C 743 -42.40 -1.40 -36.28
N ILE C 744 -42.69 -2.12 -35.19
CA ILE C 744 -41.67 -2.76 -34.33
C ILE C 744 -41.24 -4.12 -34.88
N ASP C 745 -40.05 -4.18 -35.48
CA ASP C 745 -39.44 -5.45 -35.89
C ASP C 745 -38.86 -6.13 -34.64
N LEU C 746 -39.41 -7.27 -34.25
CA LEU C 746 -38.87 -8.03 -33.12
C LEU C 746 -37.58 -8.81 -33.45
N ASP C 747 -37.37 -9.16 -34.72
CA ASP C 747 -36.18 -9.90 -35.16
C ASP C 747 -34.86 -9.15 -34.91
N ARG C 748 -34.95 -7.82 -34.87
CA ARG C 748 -33.82 -6.94 -34.59
C ARG C 748 -34.16 -5.96 -33.45
N VAL C 749 -34.11 -6.46 -32.22
CA VAL C 749 -34.36 -5.64 -31.02
C VAL C 749 -33.07 -5.55 -30.21
N GLY C 750 -32.58 -4.32 -30.02
CA GLY C 750 -31.44 -4.05 -29.12
C GLY C 750 -31.89 -3.62 -27.73
N ILE C 751 -31.00 -3.79 -26.74
CA ILE C 751 -31.22 -3.28 -25.38
C ILE C 751 -29.97 -2.56 -24.86
N HIS C 752 -30.17 -1.48 -24.11
CA HIS C 752 -29.05 -0.71 -23.55
C HIS C 752 -29.42 0.07 -22.31
N GLY C 753 -28.49 0.12 -21.37
CA GLY C 753 -28.65 0.88 -20.13
C GLY C 753 -27.34 1.01 -19.38
N TRP C 754 -27.30 1.94 -18.43
CA TRP C 754 -26.14 2.18 -17.59
C TRP C 754 -26.40 1.78 -16.15
N SER C 755 -25.36 1.22 -15.52
CA SER C 755 -25.37 0.79 -14.13
C SER C 755 -26.34 -0.37 -13.91
N TYR C 756 -27.40 -0.22 -13.11
CA TYR C 756 -28.48 -1.20 -13.11
C TYR C 756 -29.09 -1.39 -14.50
N GLY C 757 -29.06 -0.33 -15.33
CA GLY C 757 -29.42 -0.43 -16.75
C GLY C 757 -28.59 -1.47 -17.49
N GLY C 758 -27.27 -1.39 -17.34
CA GLY C 758 -26.36 -2.32 -17.98
C GLY C 758 -26.44 -3.71 -17.38
N TYR C 759 -26.78 -3.76 -16.09
CA TYR C 759 -27.05 -5.01 -15.39
C TYR C 759 -28.16 -5.78 -16.08
N LEU C 760 -29.28 -5.11 -16.30
CA LEU C 760 -30.41 -5.73 -16.98
C LEU C 760 -30.20 -5.86 -18.48
N SER C 761 -29.33 -5.06 -19.08
CA SER C 761 -28.91 -5.32 -20.46
C SER C 761 -28.26 -6.70 -20.54
N LEU C 762 -27.39 -7.01 -19.58
CA LEU C 762 -26.74 -8.32 -19.50
C LEU C 762 -27.71 -9.44 -19.18
N MET C 763 -28.68 -9.16 -18.31
CA MET C 763 -29.71 -10.14 -18.02
C MET C 763 -30.59 -10.41 -19.23
N ALA C 764 -31.00 -9.35 -19.92
CA ALA C 764 -31.73 -9.49 -21.16
C ALA C 764 -31.05 -10.52 -22.07
N LEU C 765 -29.77 -10.30 -22.37
CA LEU C 765 -29.01 -11.18 -23.29
C LEU C 765 -28.84 -12.60 -22.76
N MET C 766 -28.60 -12.71 -21.46
CA MET C 766 -28.33 -13.99 -20.82
C MET C 766 -29.61 -14.82 -20.68
N GLN C 767 -30.74 -14.16 -20.38
CA GLN C 767 -32.04 -14.82 -20.19
C GLN C 767 -32.84 -15.00 -21.48
N ARG C 768 -32.80 -14.00 -22.35
CA ARG C 768 -33.62 -13.97 -23.56
C ARG C 768 -32.80 -13.65 -24.82
N SER C 769 -31.97 -14.62 -25.21
CA SER C 769 -31.24 -14.60 -26.50
C SER C 769 -32.21 -14.37 -27.67
N ASP C 770 -33.34 -15.05 -27.60
CA ASP C 770 -34.44 -14.94 -28.57
C ASP C 770 -35.04 -13.53 -28.82
N ILE C 771 -35.26 -12.74 -27.77
CA ILE C 771 -35.86 -11.39 -27.92
C ILE C 771 -34.82 -10.35 -28.36
N PHE C 772 -33.63 -10.39 -27.75
CA PHE C 772 -32.65 -9.30 -27.84
C PHE C 772 -31.44 -9.64 -28.69
N ARG C 773 -31.26 -8.93 -29.81
CA ARG C 773 -30.16 -9.21 -30.77
C ARG C 773 -28.83 -8.73 -30.24
N VAL C 774 -28.79 -7.47 -29.85
CA VAL C 774 -27.63 -6.90 -29.18
C VAL C 774 -28.04 -6.44 -27.81
N ALA C 775 -27.09 -6.51 -26.88
CA ALA C 775 -27.23 -5.87 -25.59
C ALA C 775 -25.95 -5.10 -25.32
N ILE C 776 -26.10 -3.84 -24.91
CA ILE C 776 -24.98 -2.95 -24.65
C ILE C 776 -25.03 -2.57 -23.17
N ALA C 777 -24.05 -3.05 -22.39
CA ALA C 777 -24.09 -3.02 -20.92
C ALA C 777 -23.08 -2.04 -20.30
N GLY C 778 -23.59 -0.94 -19.75
CA GLY C 778 -22.77 0.12 -19.18
C GLY C 778 -22.53 -0.04 -17.68
N ALA C 779 -21.26 -0.27 -17.31
CA ALA C 779 -20.83 -0.44 -15.92
C ALA C 779 -21.81 -1.33 -15.14
N PRO C 780 -21.95 -2.58 -15.59
CA PRO C 780 -22.93 -3.50 -15.02
C PRO C 780 -22.50 -4.14 -13.71
N VAL C 781 -23.48 -4.53 -12.91
CA VAL C 781 -23.24 -5.35 -11.72
C VAL C 781 -23.21 -6.80 -12.16
N THR C 782 -22.04 -7.23 -12.59
CA THR C 782 -21.85 -8.62 -12.97
C THR C 782 -21.92 -9.54 -11.76
N LEU C 783 -21.40 -9.08 -10.61
CA LEU C 783 -21.30 -9.93 -9.43
C LEU C 783 -21.67 -9.17 -8.15
N TRP C 784 -22.69 -9.64 -7.42
CA TRP C 784 -23.30 -8.88 -6.29
C TRP C 784 -22.45 -8.77 -5.06
N ILE C 785 -21.75 -9.85 -4.75
CA ILE C 785 -20.78 -9.85 -3.64
C ILE C 785 -19.75 -8.70 -3.69
N PHE C 786 -19.42 -8.17 -4.87
CA PHE C 786 -18.54 -6.97 -4.99
C PHE C 786 -19.22 -5.62 -4.75
N TYR C 787 -20.47 -5.63 -4.29
CA TYR C 787 -21.18 -4.38 -4.06
C TYR C 787 -21.41 -4.07 -2.57
N ASP C 788 -21.50 -2.77 -2.26
CA ASP C 788 -21.51 -2.29 -0.89
C ASP C 788 -22.67 -2.82 -0.08
N THR C 789 -22.54 -2.70 1.24
CA THR C 789 -23.51 -3.26 2.18
C THR C 789 -24.83 -2.54 2.08
N GLY C 790 -24.79 -1.22 2.28
CA GLY C 790 -25.97 -0.37 2.36
C GLY C 790 -27.01 -0.53 1.25
N TYR C 791 -26.57 -0.91 0.05
CA TYR C 791 -27.47 -1.14 -1.08
C TYR C 791 -27.88 -2.60 -1.15
N THR C 792 -26.87 -3.47 -1.27
CA THR C 792 -27.08 -4.89 -1.56
C THR C 792 -27.89 -5.55 -0.45
N GLU C 793 -27.48 -5.33 0.78
CA GLU C 793 -28.20 -5.90 1.91
C GLU C 793 -29.64 -5.35 2.01
N ARG C 794 -29.86 -4.11 1.58
CA ARG C 794 -31.20 -3.51 1.57
C ARG C 794 -32.15 -4.27 0.65
N TYR C 795 -31.71 -4.45 -0.60
CA TYR C 795 -32.53 -5.06 -1.67
C TYR C 795 -32.39 -6.59 -1.81
N MET C 796 -31.24 -7.16 -1.47
CA MET C 796 -30.97 -8.61 -1.62
C MET C 796 -30.67 -9.39 -0.33
N GLY C 797 -30.30 -8.72 0.75
CA GLY C 797 -30.06 -9.37 2.04
C GLY C 797 -28.63 -9.88 2.19
N HIS C 798 -28.32 -10.38 3.38
CA HIS C 798 -26.96 -10.87 3.69
C HIS C 798 -26.68 -12.16 2.90
N PRO C 799 -25.56 -12.23 2.13
CA PRO C 799 -25.27 -13.33 1.17
C PRO C 799 -25.50 -14.74 1.69
N ASP C 800 -25.09 -14.99 2.94
CA ASP C 800 -25.39 -16.24 3.66
C ASP C 800 -26.89 -16.66 3.68
N GLN C 801 -27.80 -15.70 3.58
CA GLN C 801 -29.24 -15.93 3.71
C GLN C 801 -30.04 -15.70 2.41
N ASN C 802 -29.34 -15.53 1.29
CA ASN C 802 -30.00 -15.43 -0.02
C ASN C 802 -29.08 -16.04 -1.08
N GLU C 803 -28.53 -17.21 -0.76
CA GLU C 803 -27.46 -17.85 -1.55
C GLU C 803 -27.83 -17.98 -3.01
N GLN C 804 -29.05 -18.46 -3.22
CA GLN C 804 -29.61 -18.68 -4.53
C GLN C 804 -29.95 -17.38 -5.26
N GLY C 805 -30.63 -16.46 -4.56
CA GLY C 805 -30.96 -15.15 -5.12
C GLY C 805 -29.76 -14.40 -5.68
N TYR C 806 -28.63 -14.52 -4.98
CA TYR C 806 -27.34 -13.98 -5.41
C TYR C 806 -26.79 -14.66 -6.67
N TYR C 807 -26.70 -15.99 -6.64
CA TYR C 807 -26.23 -16.78 -7.81
C TYR C 807 -26.97 -16.30 -9.05
N LEU C 808 -28.30 -16.38 -9.00
CA LEU C 808 -29.14 -16.02 -10.14
C LEU C 808 -28.93 -14.58 -10.54
N GLY C 809 -28.92 -13.68 -9.57
CA GLY C 809 -28.69 -12.25 -9.83
C GLY C 809 -27.29 -11.84 -10.28
N SER C 810 -26.29 -12.67 -9.98
CA SER C 810 -24.92 -12.37 -10.37
C SER C 810 -24.60 -12.99 -11.76
N VAL C 811 -24.67 -12.19 -12.82
CA VAL C 811 -24.43 -12.69 -14.18
C VAL C 811 -22.98 -13.11 -14.44
N ALA C 812 -22.05 -12.64 -13.62
CA ALA C 812 -20.65 -13.13 -13.65
C ALA C 812 -20.56 -14.65 -13.41
N MET C 813 -21.54 -15.20 -12.67
CA MET C 813 -21.60 -16.62 -12.40
C MET C 813 -22.04 -17.43 -13.61
N GLN C 814 -23.11 -16.98 -14.25
CA GLN C 814 -23.72 -17.72 -15.35
C GLN C 814 -23.18 -17.26 -16.71
N ALA C 815 -21.86 -17.18 -16.81
CA ALA C 815 -21.17 -16.85 -18.05
C ALA C 815 -21.46 -17.89 -19.13
N GLU C 816 -21.59 -19.16 -18.71
CA GLU C 816 -21.96 -20.26 -19.60
C GLU C 816 -23.25 -19.98 -20.38
N LYS C 817 -24.20 -19.30 -19.75
CA LYS C 817 -25.49 -18.96 -20.36
C LYS C 817 -25.46 -17.80 -21.38
N PHE C 818 -24.29 -17.27 -21.71
CA PHE C 818 -24.20 -16.20 -22.72
C PHE C 818 -24.15 -16.77 -24.14
N PRO C 819 -24.59 -15.98 -25.15
CA PRO C 819 -24.54 -16.36 -26.57
C PRO C 819 -23.17 -16.75 -27.10
N SER C 820 -23.11 -17.86 -27.83
CA SER C 820 -21.91 -18.25 -28.55
C SER C 820 -21.75 -17.53 -29.90
N GLU C 821 -22.66 -16.61 -30.23
CA GLU C 821 -22.45 -15.67 -31.34
C GLU C 821 -21.72 -14.41 -30.87
N PRO C 822 -20.90 -13.79 -31.75
CA PRO C 822 -20.31 -12.48 -31.50
C PRO C 822 -21.20 -11.35 -32.03
N ASN C 823 -20.77 -10.10 -31.84
CA ASN C 823 -21.53 -8.90 -32.25
C ASN C 823 -22.93 -8.79 -31.63
N ARG C 824 -23.04 -9.29 -30.39
CA ARG C 824 -24.27 -9.25 -29.58
C ARG C 824 -24.06 -8.62 -28.21
N LEU C 825 -22.91 -8.89 -27.58
CA LEU C 825 -22.54 -8.35 -26.27
C LEU C 825 -21.45 -7.28 -26.36
N LEU C 826 -21.81 -6.04 -26.02
CA LEU C 826 -20.87 -4.95 -25.83
C LEU C 826 -20.84 -4.54 -24.35
N LEU C 827 -19.64 -4.35 -23.83
CA LEU C 827 -19.43 -3.96 -22.45
C LEU C 827 -18.72 -2.62 -22.41
N LEU C 828 -19.34 -1.67 -21.72
CA LEU C 828 -18.81 -0.33 -21.51
C LEU C 828 -18.52 -0.17 -20.02
N HIS C 829 -17.37 0.40 -19.68
CA HIS C 829 -17.05 0.67 -18.27
C HIS C 829 -16.02 1.78 -18.06
N GLY C 830 -16.26 2.63 -17.06
CA GLY C 830 -15.23 3.52 -16.53
C GLY C 830 -14.11 2.75 -15.84
N PHE C 831 -12.87 3.03 -16.20
CA PHE C 831 -11.71 2.28 -15.67
C PHE C 831 -11.46 2.58 -14.19
N LEU C 832 -11.74 3.82 -13.81
CA LEU C 832 -11.50 4.35 -12.47
C LEU C 832 -12.73 4.22 -11.56
N ASP C 833 -13.77 3.54 -12.07
CA ASP C 833 -15.03 3.33 -11.35
C ASP C 833 -14.69 2.76 -10.00
N GLU C 834 -15.09 3.51 -8.95
CA GLU C 834 -14.88 3.16 -7.54
C GLU C 834 -16.14 2.61 -6.85
N ASN C 835 -17.30 2.86 -7.47
CA ASN C 835 -18.62 2.35 -7.06
C ASN C 835 -18.87 0.94 -7.64
N VAL C 836 -19.20 0.86 -8.93
CA VAL C 836 -19.29 -0.42 -9.63
C VAL C 836 -17.88 -0.72 -10.12
N HIS C 837 -17.07 -1.28 -9.23
CA HIS C 837 -15.65 -1.44 -9.50
C HIS C 837 -15.41 -2.13 -10.85
N PHE C 838 -14.40 -1.66 -11.58
CA PHE C 838 -14.08 -2.24 -12.89
C PHE C 838 -13.96 -3.77 -12.86
N ALA C 839 -13.50 -4.32 -11.73
CA ALA C 839 -13.43 -5.77 -11.54
C ALA C 839 -14.73 -6.55 -11.82
N HIS C 840 -15.87 -5.87 -11.82
CA HIS C 840 -17.13 -6.45 -12.26
C HIS C 840 -17.03 -6.87 -13.72
N THR C 841 -16.59 -5.94 -14.57
CA THR C 841 -16.45 -6.22 -15.99
C THR C 841 -15.31 -7.22 -16.23
N SER C 842 -14.14 -6.95 -15.67
CA SER C 842 -12.96 -7.80 -15.90
C SER C 842 -13.09 -9.25 -15.40
N ILE C 843 -13.97 -9.51 -14.43
CA ILE C 843 -14.24 -10.88 -13.96
C ILE C 843 -15.26 -11.61 -14.83
N LEU C 844 -16.28 -10.89 -15.32
CA LEU C 844 -17.21 -11.44 -16.29
C LEU C 844 -16.41 -11.85 -17.53
N LEU C 845 -15.55 -10.95 -17.99
CA LEU C 845 -14.61 -11.24 -19.09
C LEU C 845 -13.72 -12.46 -18.82
N SER C 846 -13.23 -12.62 -17.59
CA SER C 846 -12.46 -13.80 -17.20
C SER C 846 -13.26 -15.05 -17.49
N PHE C 847 -14.53 -15.06 -17.03
CA PHE C 847 -15.43 -16.22 -17.20
C PHE C 847 -16.00 -16.41 -18.61
N LEU C 848 -16.24 -15.33 -19.34
CA LEU C 848 -16.71 -15.44 -20.73
C LEU C 848 -15.65 -16.09 -21.61
N VAL C 849 -14.41 -15.67 -21.43
CA VAL C 849 -13.26 -16.29 -22.08
C VAL C 849 -13.33 -17.78 -21.76
N ARG C 850 -13.18 -18.13 -20.49
CA ARG C 850 -13.01 -19.54 -20.13
C ARG C 850 -14.29 -20.39 -20.28
N ALA C 851 -15.44 -19.74 -20.39
CA ALA C 851 -16.67 -20.41 -20.84
C ALA C 851 -16.86 -20.36 -22.37
N GLY C 852 -15.81 -19.97 -23.10
CA GLY C 852 -15.77 -20.02 -24.57
C GLY C 852 -16.46 -18.91 -25.36
N LYS C 853 -17.07 -17.94 -24.69
CA LYS C 853 -17.97 -16.96 -25.33
C LYS C 853 -17.21 -15.71 -25.77
N PRO C 854 -17.72 -15.01 -26.82
CA PRO C 854 -17.12 -13.75 -27.27
C PRO C 854 -17.68 -12.49 -26.58
N TYR C 855 -16.90 -11.42 -26.63
CA TYR C 855 -17.34 -10.11 -26.18
C TYR C 855 -16.68 -9.02 -27.00
N ASP C 856 -17.32 -7.85 -26.98
CA ASP C 856 -16.72 -6.61 -27.46
C ASP C 856 -16.55 -5.74 -26.21
N LEU C 857 -15.39 -5.09 -26.06
CA LEU C 857 -15.09 -4.24 -24.88
C LEU C 857 -14.74 -2.81 -25.25
N GLN C 858 -15.24 -1.88 -24.44
CA GLN C 858 -14.87 -0.47 -24.51
C GLN C 858 -14.62 0.04 -23.09
N ILE C 859 -13.49 0.70 -22.90
CA ILE C 859 -13.08 1.27 -21.63
C ILE C 859 -12.91 2.77 -21.80
N TYR C 860 -13.19 3.53 -20.74
CA TYR C 860 -12.98 4.98 -20.69
C TYR C 860 -12.04 5.30 -19.52
N PRO C 861 -10.72 5.35 -19.79
CA PRO C 861 -9.73 5.43 -18.71
C PRO C 861 -9.77 6.65 -17.81
N GLN C 862 -10.45 7.72 -18.24
CA GLN C 862 -10.57 8.94 -17.41
C GLN C 862 -11.93 9.07 -16.71
N GLU C 863 -12.62 7.95 -16.48
CA GLU C 863 -14.01 7.98 -15.99
C GLU C 863 -14.20 7.05 -14.82
N ARG C 864 -14.97 7.51 -13.84
CA ARG C 864 -15.33 6.72 -12.65
C ARG C 864 -16.72 6.08 -12.88
N HIS C 865 -17.64 6.19 -11.91
CA HIS C 865 -19.05 5.85 -12.17
C HIS C 865 -19.83 7.03 -12.72
N SER C 866 -19.35 7.51 -13.87
CA SER C 866 -19.81 8.76 -14.52
C SER C 866 -18.91 9.04 -15.72
N ILE C 867 -19.47 9.71 -16.72
CA ILE C 867 -18.71 10.20 -17.87
C ILE C 867 -18.63 11.73 -17.78
N ARG C 868 -17.45 12.23 -17.44
CA ARG C 868 -17.20 13.65 -17.17
C ARG C 868 -16.31 14.40 -18.19
N VAL C 869 -15.31 13.73 -18.75
CA VAL C 869 -14.54 14.31 -19.86
C VAL C 869 -15.50 14.32 -21.06
N PRO C 870 -15.60 15.47 -21.77
CA PRO C 870 -16.54 15.49 -22.89
C PRO C 870 -16.09 14.55 -24.02
N GLU C 871 -14.79 14.61 -24.34
CA GLU C 871 -14.15 13.73 -25.33
C GLU C 871 -14.44 12.23 -25.10
N SER C 872 -14.53 11.81 -23.84
CA SER C 872 -14.91 10.43 -23.47
C SER C 872 -16.37 10.14 -23.81
N GLY C 873 -17.26 11.09 -23.50
CA GLY C 873 -18.68 10.96 -23.86
C GLY C 873 -18.94 10.98 -25.35
N GLU C 874 -18.25 11.89 -26.05
CA GLU C 874 -18.32 11.99 -27.52
C GLU C 874 -18.08 10.63 -28.16
N HIS C 875 -16.98 9.99 -27.77
CA HIS C 875 -16.60 8.65 -28.24
C HIS C 875 -17.67 7.59 -27.95
N TYR C 876 -18.23 7.63 -26.75
CA TYR C 876 -19.25 6.65 -26.32
C TYR C 876 -20.49 6.64 -27.21
N GLU C 877 -21.11 7.81 -27.35
CA GLU C 877 -22.31 8.00 -28.17
C GLU C 877 -22.07 7.56 -29.61
N LEU C 878 -20.90 7.94 -30.13
CA LEU C 878 -20.43 7.57 -31.47
C LEU C 878 -20.28 6.07 -31.63
N HIS C 879 -19.61 5.45 -30.66
CA HIS C 879 -19.42 4.02 -30.62
C HIS C 879 -20.76 3.32 -30.58
N LEU C 880 -21.62 3.74 -29.64
CA LEU C 880 -23.00 3.22 -29.54
C LEU C 880 -23.82 3.34 -30.83
N LEU C 881 -23.80 4.51 -31.46
CA LEU C 881 -24.48 4.72 -32.74
C LEU C 881 -23.94 3.81 -33.82
N HIS C 882 -22.62 3.81 -33.96
CA HIS C 882 -21.95 2.96 -34.95
C HIS C 882 -22.17 1.47 -34.68
N TYR C 883 -22.13 1.06 -33.42
CA TYR C 883 -22.32 -0.34 -33.02
C TYR C 883 -23.72 -0.86 -33.38
N LEU C 884 -24.74 -0.09 -33.00
CA LEU C 884 -26.12 -0.45 -33.30
C LEU C 884 -26.36 -0.50 -34.83
N GLN C 885 -25.79 0.47 -35.54
CA GLN C 885 -25.81 0.49 -37.00
C GLN C 885 -25.22 -0.78 -37.63
N GLU C 886 -23.98 -1.11 -37.28
CA GLU C 886 -23.29 -2.24 -37.86
C GLU C 886 -23.72 -3.63 -37.35
N ASN C 887 -24.35 -3.70 -36.17
CA ASN C 887 -24.78 -5.00 -35.59
C ASN C 887 -26.27 -5.17 -35.31
N LEU C 888 -27.09 -4.17 -35.67
CA LEU C 888 -28.55 -4.25 -35.50
C LEU C 888 -29.30 -3.59 -36.67
N GLY C 889 -29.25 -2.27 -36.73
CA GLY C 889 -30.18 -1.49 -37.53
C GLY C 889 -30.02 -1.50 -39.04
N SER C 890 -28.77 -1.47 -39.52
CA SER C 890 -28.50 -1.34 -40.96
C SER C 890 -28.63 -2.67 -41.69
N ARG C 891 -28.49 -2.59 -43.02
CA ARG C 891 -28.69 -3.75 -43.88
C ARG C 891 -27.53 -4.72 -43.79
N ILE C 892 -26.30 -4.20 -43.76
CA ILE C 892 -25.11 -5.04 -43.55
C ILE C 892 -25.22 -5.90 -42.27
N ALA C 893 -25.92 -5.38 -41.26
CA ALA C 893 -26.11 -6.07 -39.97
C ALA C 893 -26.92 -7.37 -40.09
N ALA C 894 -28.09 -7.29 -40.72
CA ALA C 894 -28.95 -8.47 -40.91
C ALA C 894 -28.37 -9.45 -41.95
N LEU C 895 -27.41 -9.00 -42.77
CA LEU C 895 -26.64 -9.90 -43.65
C LEU C 895 -25.61 -10.73 -42.86
N LYS C 896 -24.87 -10.07 -41.98
CA LYS C 896 -23.83 -10.71 -41.13
C LYS C 896 -24.23 -12.04 -40.45
N VAL C 897 -25.51 -12.22 -40.17
CA VAL C 897 -25.99 -13.43 -39.46
C VAL C 897 -25.85 -14.71 -40.30
N SER D 1 -25.46 3.15 -4.85
CA SER D 1 -26.63 3.19 -5.75
C SER D 1 -26.16 3.03 -7.18
N LEU D 2 -26.71 2.04 -7.86
CA LEU D 2 -26.27 1.66 -9.20
C LEU D 2 -26.89 2.65 -10.16
N ARG D 3 -26.36 3.87 -10.15
CA ARG D 3 -26.99 4.98 -10.80
C ARG D 3 -25.90 5.85 -11.45
N PHE D 4 -25.75 5.70 -12.76
CA PHE D 4 -24.67 6.37 -13.50
C PHE D 4 -25.00 7.86 -13.69
N LEU D 5 -23.95 8.68 -13.83
CA LEU D 5 -24.08 10.12 -14.10
C LEU D 5 -23.56 10.44 -15.50
N TYR D 6 -24.42 10.98 -16.36
CA TYR D 6 -24.02 11.49 -17.67
C TYR D 6 -25.06 12.49 -18.16
N GLU D 7 -24.59 13.51 -18.87
CA GLU D 7 -25.42 14.64 -19.32
C GLU D 7 -24.97 15.08 -20.72
N GLY D 8 -25.73 14.67 -21.74
CA GLY D 8 -25.43 15.06 -23.12
C GLY D 8 -26.36 14.44 -24.16
N LEU E 48 -19.30 -92.63 -0.76
CA LEU E 48 -19.45 -91.15 -0.98
C LEU E 48 -18.14 -90.42 -0.69
N GLU E 49 -17.31 -90.23 -1.71
CA GLU E 49 -15.97 -89.62 -1.56
C GLU E 49 -16.11 -88.09 -1.37
N PRO E 50 -15.22 -87.46 -0.56
CA PRO E 50 -15.32 -86.00 -0.35
C PRO E 50 -14.87 -85.10 -1.51
N PHE E 51 -15.66 -84.07 -1.78
CA PHE E 51 -15.30 -82.98 -2.69
C PHE E 51 -14.49 -81.94 -1.94
N TYR E 52 -13.39 -81.49 -2.56
CA TYR E 52 -12.58 -80.40 -2.02
C TYR E 52 -12.59 -79.20 -2.98
N VAL E 53 -12.77 -78.00 -2.42
CA VAL E 53 -12.86 -76.77 -3.22
C VAL E 53 -11.46 -76.37 -3.66
N GLU E 54 -11.40 -75.65 -4.77
CA GLU E 54 -10.12 -75.23 -5.31
C GLU E 54 -9.43 -74.25 -4.35
N ARG E 55 -8.13 -74.48 -4.12
CA ARG E 55 -7.28 -73.58 -3.31
C ARG E 55 -6.75 -72.42 -4.13
N TYR E 56 -7.51 -71.33 -4.18
CA TYR E 56 -7.02 -70.04 -4.71
C TYR E 56 -6.32 -69.22 -3.62
N SER E 57 -5.23 -68.55 -3.97
CA SER E 57 -4.57 -67.61 -3.06
C SER E 57 -5.44 -66.37 -2.80
N TRP E 58 -5.06 -65.58 -1.80
CA TRP E 58 -5.77 -64.32 -1.45
C TRP E 58 -5.86 -63.38 -2.65
N SER E 59 -4.73 -63.20 -3.34
CA SER E 59 -4.64 -62.41 -4.57
C SER E 59 -5.59 -62.88 -5.66
N GLN E 60 -5.63 -64.20 -5.88
CA GLN E 60 -6.53 -64.82 -6.87
C GLN E 60 -8.01 -64.67 -6.51
N LEU E 61 -8.35 -65.04 -5.28
CA LEU E 61 -9.72 -64.87 -4.75
C LEU E 61 -10.18 -63.41 -4.87
N LYS E 62 -9.27 -62.46 -4.64
CA LYS E 62 -9.59 -61.04 -4.84
C LYS E 62 -10.06 -60.79 -6.28
N LYS E 63 -9.27 -61.26 -7.25
CA LYS E 63 -9.60 -61.11 -8.69
C LYS E 63 -10.88 -61.82 -9.08
N LEU E 64 -11.14 -62.98 -8.47
CA LEU E 64 -12.38 -63.72 -8.68
C LEU E 64 -13.55 -62.84 -8.30
N LEU E 65 -13.50 -62.32 -7.08
CA LEU E 65 -14.57 -61.48 -6.54
C LEU E 65 -14.69 -60.15 -7.30
N ALA E 66 -13.56 -59.63 -7.79
CA ALA E 66 -13.56 -58.42 -8.62
C ALA E 66 -14.43 -58.57 -9.86
N ASP E 67 -14.28 -59.70 -10.54
CA ASP E 67 -14.94 -59.94 -11.82
C ASP E 67 -16.43 -60.25 -11.65
N THR E 68 -16.75 -61.09 -10.66
CA THR E 68 -18.15 -61.53 -10.40
C THR E 68 -19.05 -60.42 -9.83
N ARG E 69 -18.50 -59.56 -8.97
CA ARG E 69 -19.23 -58.39 -8.47
C ARG E 69 -19.47 -57.33 -9.55
N LYS E 70 -18.61 -57.29 -10.58
CA LYS E 70 -18.64 -56.22 -11.59
C LYS E 70 -19.95 -56.05 -12.38
N TYR E 71 -20.80 -57.10 -12.43
CA TYR E 71 -22.14 -56.98 -13.03
C TYR E 71 -23.28 -57.04 -11.99
N HIS E 72 -23.73 -55.85 -11.55
CA HIS E 72 -24.88 -55.67 -10.67
C HIS E 72 -25.77 -54.51 -11.16
N LYS E 78 -31.31 -50.54 -8.94
CA LYS E 78 -32.23 -49.97 -7.95
C LYS E 78 -33.60 -49.60 -8.58
N ALA E 79 -34.66 -49.68 -7.76
CA ALA E 79 -36.05 -49.51 -8.22
C ALA E 79 -36.68 -48.21 -7.73
N PRO E 80 -37.81 -47.80 -8.37
CA PRO E 80 -38.64 -46.69 -7.87
C PRO E 80 -39.35 -46.92 -6.53
N HIS E 81 -39.80 -45.82 -5.90
CA HIS E 81 -40.51 -45.85 -4.61
C HIS E 81 -41.18 -44.50 -4.29
N ASP E 82 -41.91 -44.44 -3.18
CA ASP E 82 -42.63 -43.21 -2.72
C ASP E 82 -43.48 -42.60 -3.85
N PHE E 83 -44.41 -43.41 -4.37
CA PHE E 83 -45.27 -43.03 -5.50
C PHE E 83 -46.40 -42.10 -5.09
N MET E 84 -46.85 -41.28 -6.03
CA MET E 84 -48.01 -40.43 -5.81
C MET E 84 -48.79 -40.33 -7.10
N PHE E 85 -50.10 -40.06 -6.98
CA PHE E 85 -51.01 -39.95 -8.11
C PHE E 85 -51.75 -38.61 -8.06
N VAL E 86 -51.62 -37.81 -9.11
CA VAL E 86 -52.31 -36.52 -9.21
C VAL E 86 -53.14 -36.49 -10.50
N LYS E 87 -54.37 -36.00 -10.38
CA LYS E 87 -55.34 -35.97 -11.49
C LYS E 87 -55.08 -34.77 -12.39
N ARG E 88 -55.04 -35.01 -13.70
CA ARG E 88 -54.77 -33.95 -14.68
C ARG E 88 -56.03 -33.13 -15.00
N ASN E 89 -57.21 -33.68 -14.70
CA ASN E 89 -58.51 -33.02 -14.90
C ASN E 89 -58.65 -32.34 -16.27
N ASP E 90 -58.18 -33.06 -17.30
CA ASP E 90 -58.22 -32.58 -18.67
C ASP E 90 -59.16 -33.54 -19.41
N PRO E 91 -60.44 -33.15 -19.63
CA PRO E 91 -61.33 -34.01 -20.44
C PRO E 91 -60.92 -34.05 -21.93
N ASP E 92 -60.40 -32.92 -22.42
CA ASP E 92 -59.78 -32.84 -23.75
C ASP E 92 -58.47 -33.65 -23.86
N GLY E 93 -57.75 -33.80 -22.75
CA GLY E 93 -56.39 -34.35 -22.76
C GLY E 93 -56.33 -35.87 -22.83
N PRO E 94 -55.21 -36.42 -23.33
CA PRO E 94 -55.00 -37.87 -23.39
C PRO E 94 -54.67 -38.52 -22.05
N HIS E 95 -54.01 -37.78 -21.16
CA HIS E 95 -53.57 -38.34 -19.89
C HIS E 95 -54.57 -38.09 -18.76
N SER E 96 -54.85 -39.12 -17.96
CA SER E 96 -55.76 -39.04 -16.80
C SER E 96 -55.03 -38.61 -15.55
N ASP E 97 -54.01 -39.39 -15.20
CA ASP E 97 -53.16 -39.13 -14.05
C ASP E 97 -51.79 -38.61 -14.48
N ARG E 98 -51.05 -38.07 -13.51
CA ARG E 98 -49.59 -37.98 -13.57
C ARG E 98 -49.10 -38.50 -12.23
N ILE E 99 -48.04 -39.30 -12.27
CA ILE E 99 -47.45 -39.88 -11.07
C ILE E 99 -46.06 -39.31 -10.78
N TYR E 100 -45.78 -39.11 -9.50
CA TYR E 100 -44.46 -38.67 -9.04
C TYR E 100 -43.90 -39.76 -8.13
N TYR E 101 -42.58 -39.91 -8.16
CA TYR E 101 -41.90 -41.02 -7.49
C TYR E 101 -40.39 -40.78 -7.47
N LEU E 102 -39.71 -41.25 -6.43
CA LEU E 102 -38.26 -41.17 -6.32
C LEU E 102 -37.62 -42.37 -7.02
N ALA E 103 -36.47 -42.14 -7.65
CA ALA E 103 -35.73 -43.20 -8.37
C ALA E 103 -34.31 -42.73 -8.67
N MET E 104 -33.51 -43.56 -9.33
CA MET E 104 -32.12 -43.20 -9.69
C MET E 104 -31.98 -42.63 -11.11
N ARG E 109 -25.69 -43.72 -8.28
CA ARG E 109 -26.30 -42.52 -8.84
C ARG E 109 -26.88 -41.61 -7.78
N GLU E 110 -27.22 -40.40 -8.20
CA GLU E 110 -28.14 -39.53 -7.48
C GLU E 110 -29.54 -40.16 -7.48
N ASN E 111 -30.35 -39.75 -6.52
CA ASN E 111 -31.68 -40.31 -6.30
C ASN E 111 -32.67 -39.13 -6.22
N THR E 112 -33.24 -38.74 -7.38
CA THR E 112 -34.07 -37.52 -7.55
C THR E 112 -35.54 -37.85 -7.88
N LEU E 113 -36.41 -36.84 -7.77
CA LEU E 113 -37.81 -36.95 -8.19
C LEU E 113 -37.97 -37.03 -9.71
N PHE E 114 -38.71 -38.05 -10.17
CA PHE E 114 -39.15 -38.19 -11.55
C PHE E 114 -40.67 -38.14 -11.60
N TYR E 115 -41.24 -37.78 -12.75
CA TYR E 115 -42.69 -37.92 -13.03
C TYR E 115 -42.95 -38.74 -14.28
N SER E 116 -44.10 -39.42 -14.29
CA SER E 116 -44.57 -40.16 -15.47
C SER E 116 -46.05 -39.90 -15.70
N GLU E 117 -46.42 -39.90 -16.98
CA GLU E 117 -47.78 -39.59 -17.41
C GLU E 117 -48.59 -40.87 -17.55
N ILE E 118 -49.89 -40.78 -17.30
CA ILE E 118 -50.81 -41.93 -17.36
C ILE E 118 -51.89 -41.68 -18.41
N PRO E 119 -51.87 -42.44 -19.52
CA PRO E 119 -52.86 -42.19 -20.56
C PRO E 119 -54.22 -42.78 -20.20
N LYS E 120 -55.28 -42.13 -20.66
CA LYS E 120 -56.65 -42.61 -20.42
C LYS E 120 -56.92 -43.91 -21.19
N THR E 121 -56.28 -44.09 -22.34
CA THR E 121 -56.40 -45.32 -23.14
C THR E 121 -55.03 -45.91 -23.47
N ILE E 122 -55.03 -47.19 -23.86
CA ILE E 122 -53.81 -47.95 -24.11
C ILE E 122 -54.06 -49.03 -25.15
N ASN E 123 -53.02 -49.31 -25.94
CA ASN E 123 -53.07 -50.36 -26.96
C ASN E 123 -52.83 -51.72 -26.30
N ARG E 124 -53.86 -52.55 -26.30
CA ARG E 124 -53.85 -53.80 -25.51
C ARG E 124 -53.14 -54.99 -26.16
N ALA E 125 -52.53 -54.77 -27.32
CA ALA E 125 -51.61 -55.75 -27.92
C ALA E 125 -50.14 -55.41 -27.71
N ALA E 126 -49.84 -54.15 -27.37
CA ALA E 126 -48.47 -53.70 -27.11
C ALA E 126 -48.25 -53.48 -25.61
N VAL E 127 -46.97 -53.47 -25.21
CA VAL E 127 -46.55 -53.27 -23.82
C VAL E 127 -46.04 -51.82 -23.67
N LEU E 128 -46.79 -50.99 -22.96
CA LEU E 128 -46.40 -49.59 -22.76
C LEU E 128 -45.30 -49.46 -21.69
N MET E 129 -44.08 -49.15 -22.13
CA MET E 129 -42.99 -48.75 -21.24
C MET E 129 -43.16 -47.26 -20.99
N LEU E 130 -43.48 -46.86 -19.76
CA LEU E 130 -43.66 -45.43 -19.42
C LEU E 130 -42.31 -44.72 -19.27
N SER E 131 -42.12 -43.60 -19.97
CA SER E 131 -40.85 -42.87 -19.93
C SER E 131 -40.71 -42.05 -18.64
N TRP E 132 -39.47 -41.98 -18.16
CA TRP E 132 -39.14 -41.32 -16.91
C TRP E 132 -38.80 -39.87 -17.17
N LYS E 133 -39.76 -38.97 -16.97
CA LYS E 133 -39.52 -37.52 -17.07
C LYS E 133 -38.90 -37.03 -15.74
N PRO E 134 -37.66 -36.49 -15.77
CA PRO E 134 -37.13 -35.94 -14.52
C PRO E 134 -37.86 -34.64 -14.14
N LEU E 135 -38.18 -34.52 -12.85
CA LEU E 135 -38.86 -33.34 -12.33
C LEU E 135 -37.88 -32.22 -11.99
N LEU E 136 -36.60 -32.55 -11.79
CA LEU E 136 -35.64 -31.58 -11.25
C LEU E 136 -34.49 -31.25 -12.20
N ASP E 137 -34.00 -30.01 -12.08
CA ASP E 137 -32.94 -29.44 -12.90
C ASP E 137 -31.75 -29.14 -11.97
N LEU E 138 -31.01 -30.20 -11.63
CA LEU E 138 -29.93 -30.13 -10.65
C LEU E 138 -28.74 -29.30 -11.15
N TYR E 148 -21.05 -35.94 4.56
CA TYR E 148 -22.30 -36.21 5.30
C TYR E 148 -22.30 -35.71 6.73
N SER E 149 -23.25 -34.84 7.08
CA SER E 149 -23.41 -34.31 8.45
C SER E 149 -23.65 -35.43 9.47
N ARG E 150 -23.26 -35.18 10.73
CA ARG E 150 -23.40 -36.21 11.78
C ARG E 150 -24.86 -36.55 12.03
N GLU E 151 -25.69 -35.53 12.11
CA GLU E 151 -27.13 -35.73 12.29
C GLU E 151 -27.72 -36.65 11.19
N GLU E 152 -27.24 -36.49 9.95
CA GLU E 152 -27.62 -37.39 8.82
C GLU E 152 -26.98 -38.78 8.90
N GLU E 153 -25.65 -38.84 9.02
CA GLU E 153 -24.90 -40.12 8.95
C GLU E 153 -25.47 -41.20 9.87
N LEU E 154 -25.97 -40.79 11.04
CA LEU E 154 -26.69 -41.67 11.97
C LEU E 154 -28.08 -41.98 11.47
N LEU E 155 -28.85 -40.92 11.17
CA LEU E 155 -30.21 -41.04 10.62
C LEU E 155 -30.29 -42.07 9.47
N ARG E 156 -29.25 -42.13 8.64
CA ARG E 156 -29.14 -43.13 7.57
C ARG E 156 -29.10 -44.57 8.12
N GLU E 157 -28.37 -44.78 9.21
CA GLU E 157 -28.33 -46.08 9.91
C GLU E 157 -29.68 -46.47 10.49
N ARG E 158 -30.42 -45.50 10.99
CA ARG E 158 -31.76 -45.74 11.53
C ARG E 158 -32.74 -46.18 10.44
N LYS E 159 -32.95 -45.32 9.43
CA LYS E 159 -33.78 -45.64 8.25
C LYS E 159 -33.27 -46.85 7.42
N ARG E 160 -32.02 -47.27 7.65
CA ARG E 160 -31.39 -48.37 6.91
C ARG E 160 -31.22 -48.07 5.42
N ILE E 161 -31.18 -46.79 5.06
CA ILE E 161 -31.07 -46.39 3.65
C ILE E 161 -29.60 -46.45 3.24
N GLY E 162 -29.36 -46.67 1.95
CA GLY E 162 -28.01 -46.80 1.40
C GLY E 162 -27.86 -46.33 -0.04
N THR E 163 -28.58 -45.27 -0.39
CA THR E 163 -28.39 -44.56 -1.66
C THR E 163 -28.44 -43.07 -1.38
N VAL E 164 -27.43 -42.34 -1.86
CA VAL E 164 -27.38 -40.90 -1.71
C VAL E 164 -28.51 -40.30 -2.54
N GLY E 165 -29.13 -39.25 -1.99
CA GLY E 165 -30.09 -38.43 -2.70
C GLY E 165 -31.31 -38.13 -1.86
N ILE E 166 -32.39 -37.74 -2.54
CA ILE E 166 -33.65 -37.43 -1.88
C ILE E 166 -34.25 -38.72 -1.30
N ALA E 167 -34.24 -38.81 0.02
CA ALA E 167 -34.78 -39.96 0.73
C ALA E 167 -36.30 -39.94 0.81
N SER E 168 -36.87 -38.77 1.10
CA SER E 168 -38.32 -38.60 1.22
C SER E 168 -38.77 -37.30 0.55
N TYR E 169 -40.08 -37.11 0.49
CA TYR E 169 -40.63 -35.83 0.05
C TYR E 169 -42.07 -35.65 0.55
N ASP E 170 -42.37 -34.44 1.02
CA ASP E 170 -43.71 -34.03 1.43
C ASP E 170 -44.34 -33.37 0.21
N TYR E 171 -45.66 -33.15 0.26
CA TYR E 171 -46.40 -32.54 -0.87
C TYR E 171 -47.76 -32.06 -0.37
N HIS E 172 -48.19 -30.90 -0.88
CA HIS E 172 -49.49 -30.31 -0.52
C HIS E 172 -50.44 -30.48 -1.69
N GLN E 173 -51.45 -31.33 -1.50
CA GLN E 173 -52.44 -31.64 -2.54
C GLN E 173 -53.06 -30.39 -3.17
N GLY E 174 -53.36 -29.39 -2.35
CA GLY E 174 -53.98 -28.15 -2.81
C GLY E 174 -53.11 -27.35 -3.76
N SER E 175 -51.94 -26.93 -3.29
CA SER E 175 -51.07 -25.99 -4.01
C SER E 175 -50.07 -26.67 -4.93
N GLY E 176 -49.91 -27.99 -4.77
CA GLY E 176 -48.97 -28.77 -5.56
C GLY E 176 -47.53 -28.57 -5.14
N THR E 177 -47.33 -28.10 -3.90
CA THR E 177 -46.01 -27.72 -3.39
C THR E 177 -45.23 -28.94 -2.91
N PHE E 178 -44.18 -29.32 -3.66
CA PHE E 178 -43.24 -30.35 -3.20
C PHE E 178 -42.29 -29.72 -2.19
N LEU E 179 -41.98 -30.45 -1.12
CA LEU E 179 -40.96 -30.02 -0.16
C LEU E 179 -40.09 -31.21 0.16
N PHE E 180 -38.78 -31.03 0.02
CA PHE E 180 -37.83 -32.10 0.22
C PHE E 180 -36.46 -31.57 0.63
N GLN E 181 -35.62 -32.50 1.09
CA GLN E 181 -34.27 -32.24 1.55
C GLN E 181 -33.30 -32.83 0.52
N ALA E 182 -32.28 -32.07 0.14
CA ALA E 182 -31.21 -32.58 -0.70
C ALA E 182 -29.91 -32.23 -0.01
N GLY E 183 -29.27 -33.25 0.57
CA GLY E 183 -28.05 -33.09 1.35
C GLY E 183 -28.28 -32.11 2.49
N SER E 184 -27.52 -31.01 2.46
CA SER E 184 -27.66 -29.93 3.43
C SER E 184 -28.94 -29.11 3.21
N GLY E 185 -29.31 -28.89 1.96
CA GLY E 185 -30.41 -28.00 1.64
C GLY E 185 -31.81 -28.55 1.88
N ILE E 186 -32.77 -27.62 1.98
CA ILE E 186 -34.21 -27.87 1.93
C ILE E 186 -34.72 -27.11 0.72
N TYR E 187 -35.55 -27.75 -0.11
CA TYR E 187 -36.01 -27.17 -1.38
C TYR E 187 -37.50 -27.40 -1.62
N HIS E 188 -38.13 -26.44 -2.30
CA HIS E 188 -39.50 -26.60 -2.78
C HIS E 188 -39.63 -26.43 -4.30
N VAL E 189 -40.59 -27.11 -4.89
CA VAL E 189 -41.04 -26.86 -6.28
C VAL E 189 -42.57 -27.03 -6.37
N LYS E 190 -43.15 -26.66 -7.51
CA LYS E 190 -44.61 -26.78 -7.73
C LYS E 190 -44.98 -27.53 -9.01
N ASP E 191 -45.82 -28.55 -8.88
CA ASP E 191 -46.36 -29.26 -10.04
C ASP E 191 -47.62 -30.08 -9.71
N GLY E 192 -48.79 -29.60 -10.15
CA GLY E 192 -50.07 -30.33 -9.98
C GLY E 192 -51.29 -29.63 -9.38
N GLY E 193 -51.11 -28.39 -8.90
CA GLY E 193 -52.20 -27.58 -8.35
C GLY E 193 -52.80 -26.62 -9.38
N PRO E 194 -53.50 -25.57 -8.92
CA PRO E 194 -54.01 -24.50 -9.77
C PRO E 194 -53.01 -23.92 -10.77
N GLN E 195 -51.74 -23.79 -10.39
CA GLN E 195 -50.73 -23.24 -11.29
C GLN E 195 -50.43 -24.08 -12.54
N GLY E 196 -50.72 -25.39 -12.49
CA GLY E 196 -50.73 -26.24 -13.69
C GLY E 196 -49.79 -27.42 -13.64
N PHE E 197 -49.36 -27.88 -14.82
CA PHE E 197 -48.43 -29.02 -14.96
C PHE E 197 -47.26 -28.74 -15.90
N THR E 198 -46.03 -28.81 -15.39
CA THR E 198 -44.83 -28.53 -16.19
C THR E 198 -44.54 -29.63 -17.21
N GLN E 199 -43.88 -29.25 -18.30
CA GLN E 199 -43.38 -30.17 -19.32
C GLN E 199 -41.87 -30.32 -19.31
N GLN E 200 -41.15 -29.45 -18.61
CA GLN E 200 -39.69 -29.48 -18.52
C GLN E 200 -39.30 -29.61 -17.06
N PRO E 201 -38.06 -30.06 -16.77
CA PRO E 201 -37.63 -30.10 -15.37
C PRO E 201 -37.67 -28.74 -14.69
N LEU E 202 -37.89 -28.75 -13.38
CA LEU E 202 -38.00 -27.53 -12.57
C LEU E 202 -36.71 -27.21 -11.83
N ARG E 203 -36.60 -25.96 -11.40
CA ARG E 203 -35.44 -25.47 -10.67
C ARG E 203 -35.74 -25.54 -9.17
N PRO E 204 -35.00 -26.38 -8.41
CA PRO E 204 -35.24 -26.46 -6.97
C PRO E 204 -35.05 -25.11 -6.30
N ASN E 205 -36.12 -24.60 -5.71
CA ASN E 205 -36.09 -23.30 -5.04
C ASN E 205 -35.69 -23.50 -3.57
N LEU E 206 -34.48 -23.03 -3.25
CA LEU E 206 -33.91 -23.14 -1.90
C LEU E 206 -34.68 -22.30 -0.89
N VAL E 207 -35.04 -22.94 0.22
CA VAL E 207 -35.57 -22.26 1.41
C VAL E 207 -34.37 -21.66 2.12
N GLU E 208 -34.23 -20.35 2.04
CA GLU E 208 -33.07 -19.68 2.64
C GLU E 208 -33.15 -19.78 4.16
N THR E 209 -32.03 -19.54 4.82
CA THR E 209 -32.00 -19.59 6.28
C THR E 209 -30.85 -18.84 6.91
N SER E 210 -31.08 -18.49 8.17
CA SER E 210 -30.11 -17.86 9.04
C SER E 210 -29.63 -18.84 10.11
N CYS E 211 -30.00 -20.13 9.97
CA CYS E 211 -29.61 -21.18 10.92
C CYS E 211 -28.24 -21.75 10.58
N PRO E 212 -27.32 -21.80 11.57
CA PRO E 212 -25.95 -22.20 11.29
C PRO E 212 -25.69 -23.68 10.93
N ASN E 213 -26.59 -24.58 11.37
CA ASN E 213 -26.33 -26.03 11.32
C ASN E 213 -27.32 -26.70 10.41
N ILE E 214 -27.17 -28.02 10.25
CA ILE E 214 -28.07 -28.76 9.36
C ILE E 214 -29.50 -28.71 9.87
N ARG E 215 -30.42 -28.56 8.91
CA ARG E 215 -31.83 -28.47 9.14
C ARG E 215 -32.45 -29.81 8.75
N MET E 216 -33.12 -30.48 9.69
CA MET E 216 -33.58 -31.86 9.51
C MET E 216 -35.11 -32.02 9.63
N ASP E 217 -35.62 -33.11 9.06
CA ASP E 217 -37.04 -33.52 9.13
C ASP E 217 -38.03 -32.45 8.66
N PRO E 218 -37.82 -31.90 7.45
CA PRO E 218 -38.70 -30.83 7.00
C PRO E 218 -40.10 -31.34 6.66
N LYS E 219 -41.13 -30.53 6.97
CA LYS E 219 -42.52 -30.89 6.69
C LYS E 219 -43.35 -29.68 6.32
N LEU E 220 -44.09 -29.76 5.22
CA LEU E 220 -45.10 -28.75 4.87
C LEU E 220 -46.23 -28.74 5.88
N CYS E 221 -46.65 -27.54 6.26
CA CYS E 221 -47.90 -27.38 7.03
C CYS E 221 -49.05 -27.66 6.06
N PRO E 222 -49.87 -28.71 6.34
CA PRO E 222 -50.94 -29.03 5.40
C PRO E 222 -52.07 -27.99 5.37
N ALA E 223 -52.18 -27.16 6.41
CA ALA E 223 -53.12 -26.04 6.41
C ALA E 223 -52.66 -24.93 5.47
N ASP E 224 -51.45 -24.41 5.71
CA ASP E 224 -50.88 -23.33 4.91
C ASP E 224 -49.53 -23.79 4.33
N PRO E 225 -49.46 -24.04 3.01
CA PRO E 225 -48.21 -24.49 2.38
C PRO E 225 -47.15 -23.39 2.18
N ASP E 226 -47.46 -22.17 2.61
CA ASP E 226 -46.45 -21.15 2.80
C ASP E 226 -45.54 -21.49 3.98
N TRP E 227 -46.12 -21.98 5.07
CA TRP E 227 -45.35 -22.37 6.25
C TRP E 227 -44.81 -23.79 6.20
N ILE E 228 -43.52 -23.93 6.48
CA ILE E 228 -42.92 -25.23 6.74
C ILE E 228 -42.36 -25.25 8.15
N ALA E 229 -41.90 -26.43 8.57
CA ALA E 229 -41.17 -26.59 9.80
C ALA E 229 -40.02 -27.55 9.60
N PHE E 230 -39.00 -27.40 10.43
CA PHE E 230 -37.87 -28.32 10.46
C PHE E 230 -37.26 -28.37 11.84
N ILE E 231 -36.33 -29.30 12.02
CA ILE E 231 -35.53 -29.43 13.24
C ILE E 231 -34.15 -28.83 13.01
N HIS E 232 -33.73 -27.95 13.93
CA HIS E 232 -32.37 -27.38 13.95
C HIS E 232 -31.85 -27.38 15.38
N SER E 233 -30.77 -28.14 15.59
CA SER E 233 -30.11 -28.27 16.89
C SER E 233 -31.09 -28.68 17.99
N ASN E 234 -31.89 -29.70 17.65
CA ASN E 234 -32.89 -30.31 18.53
C ASN E 234 -34.02 -29.40 19.02
N ASP E 235 -34.37 -28.42 18.21
CA ASP E 235 -35.58 -27.62 18.43
C ASP E 235 -36.34 -27.46 17.13
N ILE E 236 -37.60 -27.08 17.25
CA ILE E 236 -38.47 -26.91 16.10
C ILE E 236 -38.38 -25.47 15.63
N TRP E 237 -38.15 -25.31 14.34
CA TRP E 237 -38.20 -24.01 13.68
C TRP E 237 -39.31 -24.02 12.63
N ILE E 238 -39.76 -22.84 12.24
CA ILE E 238 -40.68 -22.68 11.11
C ILE E 238 -40.15 -21.58 10.20
N SER E 239 -40.13 -21.88 8.91
CA SER E 239 -39.78 -20.92 7.87
C SER E 239 -41.02 -20.78 7.02
N ASN E 240 -41.32 -19.54 6.62
CA ASN E 240 -42.36 -19.27 5.65
C ASN E 240 -41.65 -19.16 4.31
N ILE E 241 -41.98 -20.05 3.38
CA ILE E 241 -41.32 -20.09 2.06
C ILE E 241 -41.66 -18.91 1.12
N VAL E 242 -42.37 -17.89 1.62
CA VAL E 242 -42.73 -16.69 0.85
C VAL E 242 -42.29 -15.40 1.56
N THR E 243 -42.70 -15.19 2.80
CA THR E 243 -42.28 -14.01 3.54
C THR E 243 -40.84 -14.20 4.03
N ARG E 244 -40.32 -15.41 3.93
CA ARG E 244 -38.94 -15.74 4.30
C ARG E 244 -38.68 -15.52 5.79
N GLU E 245 -39.75 -15.64 6.57
CA GLU E 245 -39.73 -15.35 7.98
C GLU E 245 -39.29 -16.62 8.68
N GLU E 246 -38.27 -16.51 9.54
CA GLU E 246 -37.74 -17.65 10.28
C GLU E 246 -38.07 -17.50 11.76
N ARG E 247 -38.52 -18.59 12.37
CA ARG E 247 -38.82 -18.57 13.79
C ARG E 247 -38.50 -19.89 14.46
N ARG E 248 -37.87 -19.80 15.62
CA ARG E 248 -37.58 -20.93 16.48
C ARG E 248 -38.73 -21.05 17.48
N LEU E 249 -39.39 -22.20 17.50
CA LEU E 249 -40.58 -22.40 18.35
C LEU E 249 -40.22 -22.87 19.76
N THR E 250 -39.30 -23.84 19.85
CA THR E 250 -38.83 -24.37 21.14
C THR E 250 -37.42 -23.90 21.47
N TYR E 251 -37.14 -23.71 22.77
CA TYR E 251 -35.86 -23.20 23.29
C TYR E 251 -35.32 -24.17 24.34
N VAL E 252 -35.36 -25.45 24.00
CA VAL E 252 -35.12 -26.54 24.93
C VAL E 252 -33.66 -27.06 24.89
N HIS E 253 -32.96 -26.89 23.77
CA HIS E 253 -31.58 -27.38 23.59
C HIS E 253 -30.64 -26.26 23.15
N ASN E 254 -29.54 -26.11 23.87
CA ASN E 254 -28.43 -25.22 23.49
C ASN E 254 -27.29 -26.03 22.83
N GLU E 255 -27.20 -25.92 21.49
CA GLU E 255 -26.09 -26.49 20.66
C GLU E 255 -24.67 -26.28 21.20
N LEU E 256 -24.40 -25.07 21.67
CA LEU E 256 -23.05 -24.66 22.06
C LEU E 256 -22.63 -25.28 23.40
N ALA E 257 -23.60 -25.67 24.22
CA ALA E 257 -23.34 -26.51 25.41
C ALA E 257 -23.08 -27.95 24.98
N ASN E 258 -22.62 -28.78 25.93
CA ASN E 258 -22.29 -30.19 25.66
C ASN E 258 -23.49 -31.13 25.83
N MET E 259 -23.26 -32.43 25.60
CA MET E 259 -24.25 -33.48 25.90
C MET E 259 -24.52 -33.68 27.40
N GLU E 260 -23.42 -33.84 28.16
CA GLU E 260 -23.46 -34.26 29.57
C GLU E 260 -24.33 -33.37 30.49
N GLU E 261 -24.40 -32.07 30.19
CA GLU E 261 -25.24 -31.12 30.94
C GLU E 261 -26.48 -30.59 30.19
N ASP E 262 -26.55 -30.74 28.86
CA ASP E 262 -27.74 -30.35 28.08
C ASP E 262 -28.31 -31.50 27.25
N ALA E 263 -29.18 -32.28 27.90
CA ALA E 263 -29.76 -33.50 27.32
C ALA E 263 -31.22 -33.36 26.85
N ARG E 264 -31.76 -32.13 26.89
CA ARG E 264 -33.14 -31.91 26.47
C ARG E 264 -33.20 -31.71 24.95
N SER E 265 -34.29 -32.15 24.32
CA SER E 265 -34.49 -32.03 22.87
C SER E 265 -35.97 -31.91 22.53
N ALA E 266 -36.31 -31.00 21.62
CA ALA E 266 -37.72 -30.73 21.28
C ALA E 266 -38.10 -31.24 19.89
N GLY E 267 -39.22 -31.95 19.81
CA GLY E 267 -39.77 -32.42 18.54
C GLY E 267 -38.85 -33.33 17.75
N VAL E 268 -38.19 -34.26 18.43
CA VAL E 268 -37.26 -35.22 17.79
C VAL E 268 -37.43 -36.60 18.43
N ALA E 269 -37.31 -37.64 17.61
CA ALA E 269 -37.37 -39.01 18.08
C ALA E 269 -36.05 -39.42 18.67
N THR E 270 -36.05 -39.85 19.93
CA THR E 270 -34.85 -40.39 20.59
C THR E 270 -34.34 -41.68 19.95
N PHE E 271 -33.11 -42.04 20.29
CA PHE E 271 -32.41 -43.19 19.66
C PHE E 271 -33.24 -44.45 19.53
N VAL E 272 -33.86 -44.83 20.64
CA VAL E 272 -34.58 -46.11 20.74
C VAL E 272 -35.78 -46.08 19.79
N LEU E 273 -36.45 -44.93 19.72
CA LEU E 273 -37.64 -44.77 18.92
C LEU E 273 -37.36 -44.68 17.40
N GLN E 274 -36.11 -44.46 17.00
CA GLN E 274 -35.72 -44.58 15.59
C GLN E 274 -35.21 -46.00 15.27
N GLU E 275 -34.47 -46.59 16.21
CA GLU E 275 -33.88 -47.91 16.01
C GLU E 275 -34.87 -49.07 16.21
N GLU E 276 -35.77 -48.92 17.20
CA GLU E 276 -36.66 -50.00 17.64
C GLU E 276 -38.12 -49.88 17.23
N PHE E 277 -38.59 -48.66 17.04
CA PHE E 277 -39.99 -48.43 16.68
C PHE E 277 -40.16 -47.70 15.35
N ASP E 278 -39.05 -47.50 14.62
CA ASP E 278 -39.05 -46.78 13.34
C ASP E 278 -40.06 -45.63 13.26
N ARG E 279 -39.95 -44.72 14.23
CA ARG E 279 -40.64 -43.45 14.19
C ARG E 279 -39.57 -42.38 14.17
N TYR E 280 -39.35 -41.79 12.99
CA TYR E 280 -38.22 -40.88 12.79
C TYR E 280 -38.57 -39.40 12.93
N SER E 281 -39.75 -39.10 13.49
CA SER E 281 -40.18 -37.71 13.65
C SER E 281 -40.62 -37.50 15.09
N GLY E 282 -40.57 -36.26 15.54
CA GLY E 282 -41.08 -35.87 16.85
C GLY E 282 -42.15 -34.81 16.87
N TYR E 283 -42.47 -34.21 15.71
CA TYR E 283 -43.52 -33.21 15.60
C TYR E 283 -44.48 -33.57 14.46
N TRP E 284 -45.71 -33.07 14.57
CA TRP E 284 -46.77 -33.32 13.60
C TRP E 284 -47.63 -32.07 13.53
N TRP E 285 -47.65 -31.42 12.37
CA TRP E 285 -48.54 -30.28 12.12
C TRP E 285 -50.01 -30.64 12.35
N CYS E 286 -50.78 -29.70 12.88
CA CYS E 286 -52.24 -29.81 12.88
C CYS E 286 -52.75 -29.52 11.47
N PRO E 287 -53.54 -30.46 10.88
CA PRO E 287 -54.02 -30.23 9.51
C PRO E 287 -54.98 -29.05 9.32
N LYS E 288 -55.79 -28.71 10.33
CA LYS E 288 -56.68 -27.54 10.27
C LYS E 288 -56.10 -26.30 10.98
N ALA E 289 -56.38 -25.13 10.40
CA ALA E 289 -55.99 -23.84 10.97
C ALA E 289 -57.25 -23.14 11.49
N GLU E 290 -57.38 -23.06 12.82
CA GLU E 290 -58.44 -22.26 13.45
C GLU E 290 -58.30 -20.79 13.06
N THR E 291 -59.44 -20.11 12.86
CA THR E 291 -59.45 -18.70 12.42
C THR E 291 -59.35 -17.75 13.61
N THR E 292 -58.71 -16.60 13.40
CA THR E 292 -58.64 -15.53 14.39
C THR E 292 -59.77 -14.53 14.08
N PRO E 293 -60.41 -13.95 15.12
CA PRO E 293 -61.41 -12.89 14.90
C PRO E 293 -60.92 -11.76 13.96
N SER E 294 -59.72 -11.24 14.19
CA SER E 294 -59.18 -10.10 13.40
C SER E 294 -58.92 -10.38 11.91
N GLY E 295 -58.82 -11.65 11.52
CA GLY E 295 -58.68 -12.04 10.10
C GLY E 295 -57.59 -13.04 9.75
N GLY E 296 -56.71 -13.34 10.71
CA GLY E 296 -55.58 -14.27 10.48
C GLY E 296 -55.92 -15.74 10.67
N LYS E 297 -54.97 -16.48 11.27
CA LYS E 297 -55.14 -17.92 11.55
C LYS E 297 -54.24 -18.40 12.70
N ILE E 298 -54.62 -19.52 13.30
CA ILE E 298 -53.85 -20.20 14.35
C ILE E 298 -53.42 -21.57 13.86
N LEU E 299 -52.12 -21.73 13.63
CA LEU E 299 -51.55 -23.02 13.28
C LEU E 299 -51.11 -23.71 14.55
N ARG E 300 -51.18 -25.03 14.56
CA ARG E 300 -50.76 -25.86 15.69
C ARG E 300 -49.65 -26.83 15.26
N ILE E 301 -48.77 -27.15 16.21
CA ILE E 301 -47.80 -28.23 16.04
C ILE E 301 -47.77 -29.01 17.33
N LEU E 302 -48.28 -30.24 17.28
CA LEU E 302 -48.08 -31.21 18.35
C LEU E 302 -46.64 -31.69 18.21
N TYR E 303 -45.92 -31.70 19.33
CA TYR E 303 -44.60 -32.32 19.35
C TYR E 303 -44.29 -33.05 20.64
N GLU E 304 -43.41 -34.04 20.52
CA GLU E 304 -42.85 -34.74 21.65
C GLU E 304 -41.67 -33.93 22.16
N GLU E 305 -41.50 -33.89 23.49
CA GLU E 305 -40.36 -33.24 24.15
C GLU E 305 -39.67 -34.21 25.11
N ASN E 306 -38.51 -34.73 24.69
CA ASN E 306 -37.74 -35.68 25.48
C ASN E 306 -36.65 -35.00 26.29
N ASP E 307 -36.38 -35.57 27.46
CA ASP E 307 -35.30 -35.14 28.35
C ASP E 307 -34.55 -36.42 28.72
N GLU E 308 -33.25 -36.44 28.43
CA GLU E 308 -32.43 -37.65 28.53
C GLU E 308 -31.36 -37.55 29.64
N SER E 309 -31.59 -36.70 30.63
CA SER E 309 -30.62 -36.46 31.70
C SER E 309 -30.31 -37.73 32.48
N GLU E 310 -31.36 -38.50 32.79
CA GLU E 310 -31.21 -39.74 33.56
C GLU E 310 -30.82 -40.97 32.72
N VAL E 311 -30.72 -40.80 31.39
CA VAL E 311 -30.35 -41.90 30.49
C VAL E 311 -28.85 -42.13 30.60
N GLU E 312 -28.41 -43.37 30.42
CA GLU E 312 -26.99 -43.68 30.48
C GLU E 312 -26.27 -43.13 29.27
N ILE E 313 -25.12 -42.49 29.52
CA ILE E 313 -24.19 -42.05 28.47
C ILE E 313 -23.25 -43.21 28.15
N ILE E 314 -22.98 -43.39 26.86
CA ILE E 314 -22.09 -44.42 26.38
C ILE E 314 -21.08 -43.77 25.43
N HIS E 315 -19.82 -44.17 25.54
CA HIS E 315 -18.77 -43.72 24.63
C HIS E 315 -18.57 -44.76 23.53
N VAL E 316 -18.44 -44.26 22.30
CA VAL E 316 -18.14 -45.09 21.14
C VAL E 316 -17.08 -44.34 20.32
N THR E 317 -16.13 -45.08 19.75
CA THR E 317 -15.04 -44.53 18.95
C THR E 317 -15.51 -43.55 17.89
N SER E 318 -14.75 -42.47 17.68
CA SER E 318 -15.03 -41.50 16.62
C SER E 318 -14.36 -41.98 15.32
N PRO E 319 -14.99 -41.71 14.15
CA PRO E 319 -14.45 -42.17 12.86
C PRO E 319 -13.03 -41.77 12.48
N MET E 320 -12.68 -40.53 12.76
CA MET E 320 -11.31 -40.08 12.61
C MET E 320 -10.55 -40.72 13.75
N LEU E 321 -9.97 -41.88 13.46
CA LEU E 321 -9.18 -42.64 14.45
C LEU E 321 -7.97 -41.84 14.89
N GLU E 322 -7.39 -41.08 13.94
CA GLU E 322 -6.35 -40.06 14.17
C GLU E 322 -6.57 -39.21 15.44
N THR E 323 -7.82 -38.82 15.69
CA THR E 323 -8.18 -38.07 16.88
C THR E 323 -7.95 -38.92 18.12
N ARG E 324 -8.35 -40.19 18.03
CA ARG E 324 -8.27 -41.18 19.12
C ARG E 324 -9.18 -40.73 20.26
N ARG E 325 -10.43 -40.47 19.89
CA ARG E 325 -11.45 -39.88 20.75
C ARG E 325 -12.79 -40.57 20.55
N ALA E 326 -13.63 -40.47 21.55
CA ALA E 326 -14.93 -41.10 21.53
C ALA E 326 -16.04 -40.07 21.36
N ASP E 327 -17.06 -40.45 20.62
CA ASP E 327 -18.31 -39.70 20.55
C ASP E 327 -19.16 -40.18 21.73
N SER E 328 -19.78 -39.26 22.48
CA SER E 328 -20.76 -39.63 23.51
C SER E 328 -22.13 -39.88 22.86
N PHE E 329 -22.75 -41.02 23.18
CA PHE E 329 -24.16 -41.33 22.80
C PHE E 329 -25.01 -41.71 24.02
N ARG E 330 -26.29 -41.36 23.98
CA ARG E 330 -27.26 -41.72 25.03
C ARG E 330 -27.92 -43.08 24.73
N TYR E 331 -27.45 -44.14 25.39
CA TYR E 331 -27.88 -45.52 25.09
C TYR E 331 -28.55 -46.15 26.31
N PRO E 332 -29.91 -46.15 26.34
CA PRO E 332 -30.58 -46.81 27.46
C PRO E 332 -30.35 -48.32 27.35
N LYS E 333 -29.41 -48.79 28.15
CA LYS E 333 -29.15 -50.21 28.35
C LYS E 333 -30.40 -50.90 28.85
N THR E 334 -30.55 -52.18 28.51
CA THR E 334 -31.65 -53.00 29.05
C THR E 334 -31.64 -52.99 30.58
N GLY E 335 -32.74 -52.51 31.16
CA GLY E 335 -32.82 -52.30 32.61
C GLY E 335 -32.65 -50.85 33.00
N THR E 336 -31.84 -50.11 32.25
CA THR E 336 -31.66 -48.65 32.41
C THR E 336 -32.91 -47.87 31.97
N ALA E 337 -33.08 -46.70 32.56
CA ALA E 337 -34.21 -45.82 32.26
C ALA E 337 -34.13 -45.19 30.86
N ASN E 338 -35.29 -45.13 30.18
CA ASN E 338 -35.48 -44.41 28.90
C ASN E 338 -35.72 -42.92 29.19
N PRO E 339 -35.86 -42.08 28.15
CA PRO E 339 -35.98 -40.63 28.42
C PRO E 339 -37.30 -40.18 29.03
N LYS E 340 -37.31 -39.00 29.63
CA LYS E 340 -38.51 -38.42 30.22
C LYS E 340 -39.35 -37.84 29.10
N VAL E 341 -40.16 -38.71 28.50
CA VAL E 341 -41.06 -38.34 27.41
C VAL E 341 -42.23 -37.49 27.91
N THR E 342 -42.88 -36.78 26.96
CA THR E 342 -44.09 -35.99 27.23
C THR E 342 -44.54 -35.25 25.95
N PHE E 343 -45.79 -34.75 25.95
CA PHE E 343 -46.36 -34.01 24.80
C PHE E 343 -46.39 -32.53 25.08
N LYS E 344 -46.40 -31.75 23.99
CA LYS E 344 -46.48 -30.28 24.04
C LYS E 344 -47.13 -29.78 22.75
N MET E 345 -47.54 -28.50 22.75
CA MET E 345 -48.16 -27.88 21.59
C MET E 345 -47.70 -26.45 21.37
N SER E 346 -47.25 -26.14 20.16
CA SER E 346 -46.98 -24.77 19.78
C SER E 346 -48.21 -24.22 19.07
N GLU E 347 -48.80 -23.17 19.63
CA GLU E 347 -49.78 -22.34 18.94
C GLU E 347 -49.04 -21.21 18.23
N ILE E 348 -49.09 -21.21 16.91
CA ILE E 348 -48.46 -20.18 16.10
C ILE E 348 -49.60 -19.28 15.63
N MET E 349 -49.83 -18.16 16.33
CA MET E 349 -50.81 -17.15 15.87
C MET E 349 -50.21 -16.34 14.71
N ILE E 350 -50.91 -16.35 13.58
CA ILE E 350 -50.51 -15.64 12.36
C ILE E 350 -51.59 -14.62 12.00
N ASP E 351 -51.19 -13.56 11.29
CA ASP E 351 -52.14 -12.55 10.78
C ASP E 351 -52.61 -12.86 9.33
N ALA E 352 -53.40 -11.98 8.73
CA ALA E 352 -53.93 -12.21 7.38
C ALA E 352 -52.87 -12.15 6.26
N GLU E 353 -51.70 -11.58 6.57
CA GLU E 353 -50.65 -11.31 5.60
C GLU E 353 -49.50 -12.34 5.68
N GLY E 354 -49.72 -13.43 6.42
CA GLY E 354 -48.71 -14.46 6.61
C GLY E 354 -47.62 -14.16 7.64
N ARG E 355 -47.73 -13.04 8.36
CA ARG E 355 -46.75 -12.70 9.41
C ARG E 355 -47.13 -13.39 10.72
N ILE E 356 -46.14 -13.67 11.55
CA ILE E 356 -46.39 -14.24 12.86
C ILE E 356 -46.80 -13.10 13.78
N ILE E 357 -48.03 -13.13 14.28
CA ILE E 357 -48.47 -12.25 15.37
C ILE E 357 -47.56 -12.57 16.54
N ASP E 358 -47.68 -13.80 17.04
CA ASP E 358 -46.93 -14.25 18.22
C ASP E 358 -47.10 -15.76 18.43
N VAL E 359 -46.07 -16.39 18.99
CA VAL E 359 -46.07 -17.82 19.31
C VAL E 359 -46.26 -17.99 20.80
N ILE E 360 -47.09 -18.97 21.18
CA ILE E 360 -47.31 -19.32 22.58
C ILE E 360 -47.08 -20.83 22.72
N ASP E 361 -46.01 -21.20 23.42
CA ASP E 361 -45.72 -22.61 23.74
C ASP E 361 -46.70 -23.09 24.82
N LYS E 362 -46.98 -24.39 24.86
CA LYS E 362 -47.97 -24.94 25.78
C LYS E 362 -47.63 -26.35 26.26
N GLU E 363 -47.82 -26.60 27.55
CA GLU E 363 -47.61 -27.92 28.16
C GLU E 363 -48.92 -28.55 28.57
N LEU E 364 -48.90 -29.86 28.80
CA LEU E 364 -50.06 -30.59 29.32
C LEU E 364 -50.52 -30.01 30.66
N ILE E 365 -51.82 -30.07 30.89
CA ILE E 365 -52.42 -29.56 32.13
C ILE E 365 -51.90 -30.29 33.38
N GLN E 366 -51.68 -31.59 33.24
CA GLN E 366 -51.11 -32.41 34.29
C GLN E 366 -49.94 -33.19 33.72
N PRO E 367 -48.93 -33.52 34.55
CA PRO E 367 -47.82 -34.40 34.17
C PRO E 367 -48.20 -35.70 33.42
N PHE E 368 -47.26 -36.14 32.58
CA PHE E 368 -47.51 -37.18 31.56
C PHE E 368 -47.74 -38.57 32.16
N GLU E 369 -47.07 -38.86 33.28
CA GLU E 369 -47.33 -40.12 34.00
C GLU E 369 -48.74 -40.17 34.62
N ILE E 370 -49.34 -39.00 34.90
CA ILE E 370 -50.69 -38.90 35.46
C ILE E 370 -51.72 -39.28 34.40
N LEU E 371 -51.77 -38.49 33.33
CA LEU E 371 -52.82 -38.57 32.31
C LEU E 371 -52.77 -39.87 31.50
N PHE E 372 -51.55 -40.39 31.30
CA PHE E 372 -51.32 -41.63 30.56
C PHE E 372 -50.52 -42.59 31.47
N GLU E 373 -51.20 -43.14 32.47
CA GLU E 373 -50.57 -43.99 33.49
C GLU E 373 -49.94 -45.24 32.85
N GLY E 374 -48.67 -45.50 33.18
CA GLY E 374 -47.95 -46.68 32.71
C GLY E 374 -47.32 -46.60 31.32
N VAL E 375 -47.34 -45.42 30.69
CA VAL E 375 -46.76 -45.24 29.35
C VAL E 375 -45.24 -44.98 29.44
N GLU E 376 -44.46 -45.78 28.69
CA GLU E 376 -42.99 -45.59 28.54
C GLU E 376 -42.60 -45.10 27.14
N TYR E 377 -43.14 -45.76 26.11
CA TYR E 377 -42.88 -45.42 24.71
C TYR E 377 -44.07 -44.70 24.04
N ILE E 378 -43.81 -43.56 23.39
CA ILE E 378 -44.79 -42.90 22.49
C ILE E 378 -44.59 -43.51 21.09
N ALA E 379 -45.25 -44.65 20.87
CA ALA E 379 -45.09 -45.47 19.65
C ALA E 379 -45.30 -44.69 18.36
N ARG E 380 -46.41 -43.97 18.27
CA ARG E 380 -46.77 -43.14 17.10
C ARG E 380 -47.69 -41.97 17.51
N ALA E 381 -47.90 -41.05 16.57
CA ALA E 381 -48.82 -39.93 16.79
C ALA E 381 -49.20 -39.23 15.48
N GLY E 382 -50.23 -38.39 15.59
CA GLY E 382 -50.75 -37.60 14.46
C GLY E 382 -51.94 -36.72 14.84
N TRP E 383 -52.84 -36.51 13.87
CA TRP E 383 -54.09 -35.77 14.09
C TRP E 383 -55.26 -36.43 13.36
N THR E 384 -56.45 -36.27 13.95
CA THR E 384 -57.70 -36.65 13.30
C THR E 384 -57.99 -35.68 12.16
N PRO E 385 -58.38 -36.20 10.97
CA PRO E 385 -58.63 -35.44 9.73
C PRO E 385 -59.13 -33.98 9.85
N GLU E 386 -60.02 -33.69 10.80
CA GLU E 386 -60.63 -32.36 10.93
C GLU E 386 -59.85 -31.45 11.88
N GLY E 387 -58.65 -31.87 12.32
CA GLY E 387 -57.86 -31.12 13.29
C GLY E 387 -58.51 -30.92 14.65
N LYS E 388 -59.45 -31.80 15.02
CA LYS E 388 -60.21 -31.63 16.25
C LYS E 388 -59.34 -32.08 17.41
N TYR E 389 -58.93 -33.34 17.37
CA TYR E 389 -58.06 -33.96 18.37
C TYR E 389 -56.76 -34.33 17.71
N ALA E 390 -55.79 -34.71 18.52
CA ALA E 390 -54.53 -35.27 18.05
C ALA E 390 -54.37 -36.70 18.60
N TRP E 391 -54.26 -37.69 17.71
CA TRP E 391 -54.16 -39.10 18.12
C TRP E 391 -52.77 -39.54 18.53
N SER E 392 -52.68 -40.71 19.16
CA SER E 392 -51.42 -41.23 19.69
C SER E 392 -51.47 -42.70 20.12
N ILE E 393 -50.66 -43.54 19.49
CA ILE E 393 -50.50 -44.95 19.90
C ILE E 393 -49.43 -45.03 21.01
N LEU E 394 -49.74 -45.75 22.11
CA LEU E 394 -48.91 -45.74 23.33
C LEU E 394 -48.67 -47.11 23.97
N LEU E 395 -47.40 -47.53 24.01
CA LEU E 395 -47.00 -48.72 24.74
C LEU E 395 -46.65 -48.44 26.19
N ASP E 396 -46.65 -49.51 26.98
CA ASP E 396 -46.03 -49.52 28.31
C ASP E 396 -44.66 -50.17 28.18
N ARG E 397 -43.78 -49.89 29.13
CA ARG E 397 -42.38 -50.36 29.09
C ARG E 397 -42.22 -51.85 28.78
N SER E 398 -43.11 -52.67 29.36
CA SER E 398 -43.11 -54.10 29.13
C SER E 398 -43.53 -54.52 27.72
N GLN E 399 -44.18 -53.61 26.99
CA GLN E 399 -44.58 -53.81 25.58
C GLN E 399 -45.60 -54.94 25.39
N THR E 400 -46.49 -55.05 26.38
CA THR E 400 -47.61 -55.97 26.36
C THR E 400 -48.93 -55.22 26.60
N ARG E 401 -48.93 -53.90 26.44
CA ARG E 401 -50.15 -53.10 26.56
C ARG E 401 -50.13 -51.89 25.62
N LEU E 402 -50.72 -52.06 24.44
CA LEU E 402 -50.97 -50.95 23.54
C LEU E 402 -52.19 -50.14 24.01
N GLN E 403 -52.18 -48.87 23.66
CA GLN E 403 -53.37 -48.02 23.74
C GLN E 403 -53.41 -47.15 22.48
N ILE E 404 -54.57 -46.60 22.21
CA ILE E 404 -54.75 -45.52 21.24
C ILE E 404 -55.44 -44.43 22.06
N VAL E 405 -55.09 -43.17 21.83
CA VAL E 405 -55.52 -42.07 22.72
C VAL E 405 -55.72 -40.75 21.99
N LEU E 406 -56.89 -40.14 22.18
CA LEU E 406 -57.18 -38.80 21.65
C LEU E 406 -56.85 -37.72 22.68
N ILE E 407 -56.23 -36.64 22.20
CA ILE E 407 -55.67 -35.57 23.03
C ILE E 407 -56.20 -34.23 22.50
N SER E 408 -57.10 -33.61 23.26
CA SER E 408 -57.64 -32.27 22.92
C SER E 408 -56.61 -31.15 23.07
N PRO E 409 -56.52 -30.22 22.08
CA PRO E 409 -55.77 -28.97 22.28
C PRO E 409 -56.09 -28.24 23.59
N GLU E 410 -57.33 -28.34 24.07
CA GLU E 410 -57.73 -27.80 25.39
C GLU E 410 -57.05 -28.47 26.60
N LEU E 411 -56.55 -29.70 26.44
CA LEU E 411 -55.64 -30.31 27.43
C LEU E 411 -54.31 -29.55 27.66
N PHE E 412 -53.95 -28.66 26.74
CA PHE E 412 -52.75 -27.83 26.86
C PHE E 412 -53.03 -26.40 27.35
N ILE E 413 -52.01 -25.83 28.02
CA ILE E 413 -52.08 -24.52 28.68
C ILE E 413 -50.71 -23.86 28.58
N PRO E 414 -50.64 -22.51 28.45
CA PRO E 414 -49.32 -21.88 28.28
C PRO E 414 -48.33 -22.25 29.38
N VAL E 415 -47.07 -22.51 28.99
CA VAL E 415 -46.01 -22.79 29.96
C VAL E 415 -45.79 -21.46 30.65
N GLU E 416 -46.13 -21.42 31.94
CA GLU E 416 -46.08 -20.21 32.76
C GLU E 416 -45.23 -20.40 34.00
N ASP E 417 -44.78 -19.28 34.57
CA ASP E 417 -43.98 -19.28 35.79
C ASP E 417 -44.81 -18.81 36.98
N ASP E 418 -45.45 -17.65 36.85
CA ASP E 418 -46.27 -17.06 37.91
C ASP E 418 -47.35 -18.07 38.37
N VAL E 419 -47.13 -18.68 39.54
CA VAL E 419 -47.98 -19.80 40.02
C VAL E 419 -49.43 -19.38 40.38
N MET E 420 -49.65 -18.09 40.58
CA MET E 420 -51.00 -17.52 40.73
C MET E 420 -51.69 -17.40 39.36
N GLU E 421 -50.90 -17.11 38.32
CA GLU E 421 -51.38 -17.10 36.93
C GLU E 421 -51.61 -18.52 36.39
N ARG E 422 -50.59 -19.38 36.54
CA ARG E 422 -50.67 -20.81 36.15
C ARG E 422 -51.95 -21.46 36.69
N GLN E 423 -52.15 -21.34 37.99
CA GLN E 423 -53.31 -21.95 38.68
C GLN E 423 -54.65 -21.48 38.13
N ARG E 424 -54.73 -20.20 37.75
CA ARG E 424 -55.92 -19.67 37.07
C ARG E 424 -56.10 -20.30 35.69
N LEU E 425 -54.98 -20.49 34.96
CA LEU E 425 -54.99 -21.21 33.67
C LEU E 425 -55.38 -22.70 33.81
N ILE E 426 -55.09 -23.32 34.96
CA ILE E 426 -55.58 -24.68 35.27
C ILE E 426 -57.10 -24.65 35.53
N GLU E 427 -57.60 -23.56 36.12
CA GLU E 427 -59.03 -23.36 36.37
C GLU E 427 -59.88 -22.89 35.18
N SER E 428 -59.23 -22.58 34.04
CA SER E 428 -59.95 -22.26 32.78
C SER E 428 -59.96 -23.42 31.77
N VAL E 429 -59.64 -24.64 32.24
CA VAL E 429 -59.71 -25.85 31.44
C VAL E 429 -60.77 -26.75 32.06
N PRO E 430 -61.92 -26.93 31.37
CA PRO E 430 -63.03 -27.72 31.92
C PRO E 430 -62.64 -29.11 32.45
N ASP E 431 -63.33 -29.53 33.52
CA ASP E 431 -63.15 -30.86 34.12
C ASP E 431 -63.56 -32.03 33.20
N SER E 432 -64.38 -31.74 32.19
CA SER E 432 -64.74 -32.71 31.16
C SER E 432 -63.62 -32.98 30.15
N VAL E 433 -62.76 -31.99 29.91
CA VAL E 433 -61.61 -32.12 28.99
C VAL E 433 -60.68 -33.20 29.55
N THR E 434 -60.52 -34.28 28.79
CA THR E 434 -59.95 -35.51 29.29
C THR E 434 -59.33 -36.34 28.15
N PRO E 435 -58.18 -37.01 28.40
CA PRO E 435 -57.71 -37.96 27.39
C PRO E 435 -58.68 -39.14 27.24
N LEU E 436 -58.88 -39.55 26.00
CA LEU E 436 -59.89 -40.53 25.63
C LEU E 436 -59.19 -41.75 25.04
N ILE E 437 -59.16 -42.84 25.79
CA ILE E 437 -58.52 -44.08 25.33
C ILE E 437 -59.50 -44.86 24.42
N ILE E 438 -59.55 -44.41 23.17
CA ILE E 438 -60.48 -44.96 22.17
C ILE E 438 -60.21 -46.42 21.72
N TYR E 439 -59.10 -46.99 22.18
CA TYR E 439 -58.84 -48.43 22.04
C TYR E 439 -57.79 -48.85 23.06
N GLU E 440 -57.79 -50.13 23.41
CA GLU E 440 -56.78 -50.70 24.31
C GLU E 440 -56.69 -52.20 24.04
N GLU E 441 -55.49 -52.75 24.16
CA GLU E 441 -55.29 -54.18 23.93
C GLU E 441 -54.06 -54.69 24.65
N THR E 442 -54.15 -55.91 25.18
CA THR E 442 -53.00 -56.60 25.78
C THR E 442 -52.79 -57.96 25.13
N THR E 443 -51.53 -58.40 25.12
CA THR E 443 -51.18 -59.78 24.78
C THR E 443 -50.14 -60.25 25.78
N ASP E 444 -50.03 -61.57 25.89
CA ASP E 444 -48.98 -62.20 26.69
C ASP E 444 -47.72 -62.51 25.86
N ILE E 445 -47.73 -62.20 24.55
CA ILE E 445 -46.52 -62.25 23.71
C ILE E 445 -45.90 -60.85 23.57
N TRP E 446 -46.30 -60.07 22.55
CA TRP E 446 -45.87 -58.65 22.44
C TRP E 446 -46.63 -57.88 21.36
N ILE E 447 -46.69 -56.57 21.53
CA ILE E 447 -47.28 -55.70 20.53
C ILE E 447 -46.22 -55.39 19.47
N ASN E 448 -46.38 -55.98 18.30
CA ASN E 448 -45.63 -55.53 17.13
C ASN E 448 -46.30 -54.22 16.68
N ILE E 449 -45.54 -53.12 16.71
CA ILE E 449 -46.06 -51.81 16.27
C ILE E 449 -46.12 -51.77 14.73
N HIS E 450 -47.02 -50.95 14.20
CA HIS E 450 -47.19 -50.83 12.75
C HIS E 450 -47.86 -49.50 12.38
N ASP E 451 -47.80 -49.20 11.09
CA ASP E 451 -48.29 -47.94 10.51
C ASP E 451 -49.79 -47.94 10.17
N ILE E 452 -50.41 -49.12 10.19
CA ILE E 452 -51.86 -49.23 9.99
C ILE E 452 -52.60 -48.53 11.14
N PHE E 453 -53.26 -47.43 10.79
CA PHE E 453 -54.28 -46.79 11.65
C PHE E 453 -55.00 -45.73 10.82
N HIS E 454 -56.28 -45.99 10.49
CA HIS E 454 -57.10 -45.07 9.68
C HIS E 454 -58.34 -44.54 10.43
N VAL E 455 -58.51 -43.21 10.41
CA VAL E 455 -59.69 -42.54 10.97
C VAL E 455 -60.62 -42.06 9.84
N PHE E 456 -61.92 -42.30 9.98
CA PHE E 456 -62.93 -41.77 9.05
C PHE E 456 -63.40 -40.41 9.56
N PRO E 457 -63.87 -39.53 8.64
CA PRO E 457 -64.36 -38.24 9.14
C PRO E 457 -65.59 -38.38 10.03
N GLN E 458 -65.75 -37.41 10.92
CA GLN E 458 -66.68 -37.50 12.04
C GLN E 458 -68.12 -37.23 11.60
N SER E 459 -68.91 -38.28 11.46
CA SER E 459 -70.34 -38.14 11.12
C SER E 459 -71.16 -37.94 12.40
N HIS E 460 -71.18 -38.95 13.27
CA HIS E 460 -71.77 -38.83 14.62
C HIS E 460 -70.87 -37.91 15.48
N GLU E 461 -71.49 -37.15 16.38
CA GLU E 461 -70.79 -36.10 17.17
C GLU E 461 -69.81 -36.72 18.17
N GLU E 462 -70.34 -37.40 19.18
CA GLU E 462 -69.54 -38.03 20.25
C GLU E 462 -69.21 -39.52 19.97
N GLU E 463 -68.90 -39.83 18.71
CA GLU E 463 -68.33 -41.11 18.31
C GLU E 463 -67.05 -40.87 17.49
N ILE E 464 -66.40 -41.97 17.11
CA ILE E 464 -65.30 -41.95 16.13
C ILE E 464 -65.10 -43.34 15.50
N GLU E 465 -65.39 -43.44 14.20
CA GLU E 465 -65.11 -44.66 13.41
C GLU E 465 -63.62 -44.72 13.10
N PHE E 466 -63.02 -45.90 13.20
CA PHE E 466 -61.65 -46.12 12.70
C PHE E 466 -61.32 -47.59 12.43
N ILE E 467 -60.39 -47.82 11.52
CA ILE E 467 -59.75 -49.13 11.33
C ILE E 467 -58.42 -49.12 12.08
N PHE E 468 -58.09 -50.25 12.69
CA PHE E 468 -56.78 -50.51 13.29
C PHE E 468 -56.46 -51.98 13.00
N ALA E 469 -55.22 -52.39 13.21
CA ALA E 469 -54.85 -53.81 13.09
C ALA E 469 -54.35 -54.36 14.41
N SER E 470 -54.32 -55.69 14.51
CA SER E 470 -53.98 -56.36 15.77
C SER E 470 -53.81 -57.85 15.61
N GLU E 471 -52.73 -58.35 16.22
CA GLU E 471 -52.54 -59.78 16.45
C GLU E 471 -53.22 -60.25 17.74
N CYS E 472 -53.54 -59.33 18.64
CA CYS E 472 -54.03 -59.65 20.00
C CYS E 472 -55.23 -60.60 20.06
N LYS E 473 -56.09 -60.56 19.04
CA LYS E 473 -57.33 -61.34 19.07
C LYS E 473 -57.10 -62.75 18.51
N THR E 474 -56.84 -62.87 17.21
CA THR E 474 -56.67 -64.19 16.58
C THR E 474 -55.28 -64.85 16.78
N GLY E 475 -54.28 -64.06 17.17
CA GLY E 475 -52.87 -64.47 17.11
C GLY E 475 -52.19 -64.11 15.78
N PHE E 476 -52.93 -63.50 14.87
CA PHE E 476 -52.44 -63.06 13.54
C PHE E 476 -52.95 -61.63 13.30
N ARG E 477 -52.17 -60.84 12.55
CA ARG E 477 -52.53 -59.44 12.32
C ARG E 477 -53.69 -59.30 11.34
N HIS E 478 -54.80 -58.75 11.83
CA HIS E 478 -56.00 -58.54 11.03
C HIS E 478 -56.56 -57.16 11.27
N LEU E 479 -57.40 -56.73 10.34
CA LEU E 479 -57.98 -55.39 10.34
C LEU E 479 -59.29 -55.42 11.11
N TYR E 480 -59.55 -54.40 11.93
CA TYR E 480 -60.75 -54.33 12.76
C TYR E 480 -61.34 -52.93 12.66
N LYS E 481 -62.51 -52.79 12.02
CA LYS E 481 -63.27 -51.54 12.10
C LYS E 481 -63.94 -51.42 13.47
N ILE E 482 -63.88 -50.24 14.06
CA ILE E 482 -64.34 -49.99 15.44
C ILE E 482 -65.04 -48.63 15.49
N THR E 483 -66.07 -48.53 16.32
CA THR E 483 -66.62 -47.24 16.71
C THR E 483 -66.54 -47.17 18.23
N SER E 484 -65.77 -46.21 18.73
CA SER E 484 -65.61 -45.97 20.16
C SER E 484 -66.24 -44.64 20.52
N ILE E 485 -66.73 -44.55 21.75
CA ILE E 485 -67.68 -43.52 22.13
C ILE E 485 -66.99 -42.46 22.99
N LEU E 486 -66.96 -41.21 22.50
CA LEU E 486 -66.33 -40.10 23.24
C LEU E 486 -67.15 -39.70 24.47
N LYS E 487 -67.05 -40.56 25.48
CA LYS E 487 -67.75 -40.40 26.75
C LYS E 487 -66.97 -39.45 27.66
N GLU E 488 -67.69 -38.70 28.49
CA GLU E 488 -67.07 -37.84 29.51
C GLU E 488 -66.57 -38.70 30.68
N SER E 489 -65.39 -38.35 31.20
CA SER E 489 -64.74 -39.16 32.23
C SER E 489 -65.35 -38.92 33.61
N LYS E 490 -65.18 -39.91 34.49
CA LYS E 490 -65.71 -39.88 35.86
C LYS E 490 -64.81 -39.02 36.77
N TYR E 491 -63.54 -38.90 36.40
CA TYR E 491 -62.56 -38.05 37.07
C TYR E 491 -62.87 -36.56 36.88
N LYS E 492 -62.68 -35.79 37.95
CA LYS E 492 -62.70 -34.31 37.92
C LYS E 492 -61.39 -33.79 38.52
N ARG E 493 -60.80 -32.78 37.89
CA ARG E 493 -59.58 -32.12 38.41
C ARG E 493 -59.80 -31.35 39.72
N SER E 494 -60.97 -30.72 39.87
CA SER E 494 -61.31 -29.91 41.06
C SER E 494 -61.31 -30.70 42.39
N SER E 495 -61.53 -32.01 42.30
CA SER E 495 -61.43 -32.94 43.44
C SER E 495 -60.10 -32.92 44.18
N GLY E 496 -59.01 -32.72 43.44
CA GLY E 496 -57.65 -32.79 43.98
C GLY E 496 -56.93 -34.05 43.54
N GLY E 497 -57.62 -35.19 43.60
CA GLY E 497 -57.02 -36.52 43.41
C GLY E 497 -56.59 -36.88 41.99
N LEU E 498 -56.14 -38.13 41.84
CA LEU E 498 -55.63 -38.66 40.56
C LEU E 498 -56.59 -39.77 40.05
N PRO E 499 -56.66 -40.00 38.71
CA PRO E 499 -57.67 -40.92 38.16
C PRO E 499 -57.36 -42.41 38.37
N ALA E 500 -58.41 -43.21 38.55
CA ALA E 500 -58.31 -44.67 38.70
C ALA E 500 -57.91 -45.33 37.38
N PRO E 501 -57.39 -46.59 37.44
CA PRO E 501 -56.96 -47.36 36.25
C PRO E 501 -57.81 -47.27 34.94
N SER E 502 -59.15 -47.22 35.06
CA SER E 502 -60.05 -47.15 33.89
C SER E 502 -60.88 -45.86 33.78
N ASP E 503 -60.48 -44.80 34.49
CA ASP E 503 -61.19 -43.50 34.44
C ASP E 503 -61.25 -42.88 33.03
N PHE E 504 -60.22 -43.13 32.20
CA PHE E 504 -60.13 -42.54 30.84
C PHE E 504 -60.66 -43.42 29.70
N LYS E 505 -60.83 -44.74 29.93
CA LYS E 505 -61.18 -45.65 28.84
C LYS E 505 -62.56 -45.35 28.28
N CYS E 506 -62.66 -45.36 26.95
CA CYS E 506 -63.92 -45.09 26.24
C CYS E 506 -64.61 -46.41 25.88
N PRO E 507 -65.96 -46.48 26.04
CA PRO E 507 -66.64 -47.76 25.79
C PRO E 507 -66.78 -48.07 24.30
N ILE E 508 -66.57 -49.35 23.96
CA ILE E 508 -66.52 -49.82 22.58
C ILE E 508 -67.95 -50.09 22.13
N LYS E 509 -68.40 -49.46 21.05
CA LYS E 509 -69.74 -49.68 20.54
C LYS E 509 -69.75 -50.97 19.70
N GLU E 510 -68.92 -51.01 18.65
CA GLU E 510 -68.75 -52.19 17.80
C GLU E 510 -67.28 -52.50 17.59
N GLU E 511 -67.00 -53.74 17.18
CA GLU E 511 -65.65 -54.15 16.75
C GLU E 511 -65.77 -55.18 15.62
N ILE E 512 -66.09 -54.68 14.42
CA ILE E 512 -66.22 -55.54 13.22
C ILE E 512 -64.83 -56.03 12.80
N ALA E 513 -64.59 -57.32 12.90
CA ALA E 513 -63.36 -57.93 12.37
C ALA E 513 -63.47 -58.01 10.84
N ILE E 514 -62.78 -57.11 10.13
CA ILE E 514 -62.81 -57.05 8.66
C ILE E 514 -62.13 -58.27 8.05
N THR E 515 -60.95 -58.61 8.57
CA THR E 515 -60.20 -59.79 8.09
C THR E 515 -60.08 -60.86 9.17
N SER E 516 -59.94 -62.11 8.71
CA SER E 516 -59.75 -63.26 9.60
C SER E 516 -59.09 -64.41 8.85
N GLY E 517 -58.63 -65.39 9.62
CA GLY E 517 -57.92 -66.56 9.10
C GLY E 517 -56.51 -66.68 9.67
N GLU E 518 -55.91 -67.85 9.46
CA GLU E 518 -54.55 -68.11 9.93
C GLU E 518 -53.52 -67.65 8.89
N TRP E 519 -53.33 -66.33 8.87
CA TRP E 519 -52.45 -65.61 7.93
C TRP E 519 -52.50 -64.14 8.39
N GLU E 520 -51.53 -63.29 8.02
CA GLU E 520 -51.48 -61.90 8.53
C GLU E 520 -51.51 -60.76 7.49
N VAL E 521 -52.11 -59.65 7.90
CA VAL E 521 -52.07 -58.36 7.21
C VAL E 521 -50.75 -57.67 7.58
N LEU E 522 -50.20 -56.88 6.66
CA LEU E 522 -48.87 -56.27 6.83
C LEU E 522 -48.93 -54.75 7.02
N GLY E 523 -48.33 -54.27 8.11
CA GLY E 523 -48.31 -52.84 8.46
C GLY E 523 -46.94 -52.21 8.72
N ARG E 524 -45.87 -52.97 8.52
CA ARG E 524 -44.49 -52.48 8.69
C ARG E 524 -43.86 -52.18 7.32
N HIS E 525 -42.66 -51.59 7.36
CA HIS E 525 -41.84 -51.30 6.15
C HIS E 525 -42.61 -50.68 4.97
N GLY E 526 -43.51 -49.74 5.28
CA GLY E 526 -44.24 -49.00 4.26
C GLY E 526 -45.49 -49.68 3.68
N SER E 527 -45.72 -50.94 4.03
CA SER E 527 -47.01 -51.58 3.76
C SER E 527 -48.02 -50.97 4.72
N ASN E 528 -49.14 -50.52 4.17
CA ASN E 528 -50.21 -49.88 4.93
C ASN E 528 -51.52 -50.34 4.28
N ILE E 529 -52.59 -49.57 4.45
CA ILE E 529 -53.87 -49.86 3.81
C ILE E 529 -54.37 -48.60 3.13
N GLN E 530 -55.04 -48.78 2.00
CA GLN E 530 -55.75 -47.68 1.35
C GLN E 530 -57.25 -47.89 1.59
N VAL E 531 -57.92 -46.81 1.98
CA VAL E 531 -59.32 -46.84 2.36
C VAL E 531 -60.13 -46.05 1.34
N ASP E 532 -61.02 -46.74 0.63
CA ASP E 532 -61.95 -46.13 -0.32
C ASP E 532 -63.25 -45.85 0.45
N GLU E 533 -63.46 -44.60 0.85
CA GLU E 533 -64.62 -44.25 1.66
C GLU E 533 -65.90 -44.16 0.84
N VAL E 534 -65.77 -43.74 -0.42
CA VAL E 534 -66.91 -43.68 -1.36
C VAL E 534 -67.41 -45.10 -1.61
N ARG E 535 -66.59 -45.92 -2.26
CA ARG E 535 -66.93 -47.33 -2.53
C ARG E 535 -67.02 -48.22 -1.28
N ARG E 536 -66.55 -47.73 -0.13
CA ARG E 536 -66.58 -48.46 1.16
C ARG E 536 -65.76 -49.76 1.09
N LEU E 537 -64.52 -49.61 0.63
CA LEU E 537 -63.55 -50.70 0.53
C LEU E 537 -62.28 -50.36 1.31
N VAL E 538 -61.49 -51.38 1.58
CA VAL E 538 -60.14 -51.23 2.12
C VAL E 538 -59.24 -52.18 1.34
N TYR E 539 -58.04 -51.70 1.02
CA TYR E 539 -57.03 -52.50 0.34
C TYR E 539 -55.94 -52.84 1.33
N PHE E 540 -55.24 -53.96 1.14
CA PHE E 540 -54.16 -54.38 2.04
C PHE E 540 -53.27 -55.47 1.43
N GLU E 541 -52.08 -55.62 1.99
CA GLU E 541 -51.17 -56.71 1.66
C GLU E 541 -51.24 -57.77 2.73
N GLY E 542 -51.04 -59.02 2.35
CA GLY E 542 -51.04 -60.12 3.31
C GLY E 542 -50.43 -61.42 2.83
N THR E 543 -50.47 -62.40 3.72
CA THR E 543 -49.91 -63.73 3.48
C THR E 543 -51.01 -64.80 3.35
N LYS E 544 -52.20 -64.41 2.88
CA LYS E 544 -53.33 -65.34 2.80
C LYS E 544 -53.02 -66.46 1.81
N ASP E 545 -52.64 -66.08 0.59
CA ASP E 545 -52.29 -67.07 -0.44
C ASP E 545 -51.09 -67.92 -0.06
N SER E 546 -50.10 -67.30 0.59
CA SER E 546 -48.94 -68.01 1.12
C SER E 546 -48.15 -67.14 2.09
N PRO E 547 -47.53 -67.76 3.13
CA PRO E 547 -46.40 -67.13 3.82
C PRO E 547 -45.23 -66.66 2.92
N LEU E 548 -44.99 -67.35 1.81
CA LEU E 548 -43.86 -67.04 0.93
C LEU E 548 -44.14 -66.02 -0.20
N GLU E 549 -45.34 -65.45 -0.23
CA GLU E 549 -45.69 -64.42 -1.21
C GLU E 549 -46.60 -63.38 -0.57
N HIS E 550 -46.23 -62.12 -0.75
CA HIS E 550 -46.98 -60.97 -0.23
C HIS E 550 -47.88 -60.51 -1.36
N HIS E 551 -49.17 -60.37 -1.08
CA HIS E 551 -50.19 -60.16 -2.13
C HIS E 551 -51.17 -59.07 -1.77
N LEU E 552 -51.63 -58.32 -2.79
CA LEU E 552 -52.56 -57.22 -2.59
C LEU E 552 -53.98 -57.75 -2.70
N TYR E 553 -54.75 -57.57 -1.62
CA TYR E 553 -56.16 -57.92 -1.56
C TYR E 553 -57.02 -56.67 -1.34
N VAL E 554 -58.34 -56.82 -1.47
CA VAL E 554 -59.32 -55.75 -1.23
C VAL E 554 -60.61 -56.32 -0.66
N VAL E 555 -61.28 -55.58 0.21
CA VAL E 555 -62.47 -56.06 0.92
C VAL E 555 -63.36 -54.91 1.38
N SER E 556 -64.65 -55.20 1.55
CA SER E 556 -65.60 -54.25 2.15
C SER E 556 -65.33 -54.16 3.65
N TYR E 557 -65.44 -52.96 4.21
CA TYR E 557 -65.19 -52.74 5.65
C TYR E 557 -66.45 -52.59 6.53
N VAL E 558 -67.65 -52.58 5.93
CA VAL E 558 -68.92 -52.55 6.69
C VAL E 558 -69.62 -53.92 6.61
N ASN E 559 -69.74 -54.46 5.40
CA ASN E 559 -70.27 -55.81 5.19
C ASN E 559 -69.14 -56.69 4.65
N PRO E 560 -68.33 -57.29 5.56
CA PRO E 560 -67.10 -57.95 5.14
C PRO E 560 -67.31 -59.39 4.67
N GLY E 561 -66.27 -59.96 4.05
CA GLY E 561 -66.27 -61.36 3.62
C GLY E 561 -65.35 -61.65 2.45
N GLU E 562 -65.80 -61.28 1.26
CA GLU E 562 -65.06 -61.52 0.01
C GLU E 562 -63.68 -60.83 0.04
N VAL E 563 -62.62 -61.64 0.15
CA VAL E 563 -61.25 -61.13 0.03
C VAL E 563 -60.72 -61.42 -1.38
N THR E 564 -61.01 -60.49 -2.30
CA THR E 564 -60.53 -60.56 -3.68
C THR E 564 -59.03 -60.35 -3.68
N ARG E 565 -58.29 -61.23 -4.33
CA ARG E 565 -56.87 -61.00 -4.58
C ARG E 565 -56.71 -60.18 -5.86
N LEU E 566 -55.82 -59.18 -5.79
CA LEU E 566 -55.57 -58.27 -6.91
C LEU E 566 -54.25 -58.50 -7.65
N THR E 567 -53.33 -59.28 -7.08
CA THR E 567 -51.98 -59.47 -7.66
C THR E 567 -51.80 -60.88 -8.24
N ASP E 568 -51.09 -60.96 -9.38
CA ASP E 568 -50.79 -62.24 -10.07
C ASP E 568 -49.99 -63.19 -9.19
N ARG E 569 -50.38 -64.46 -9.16
CA ARG E 569 -49.65 -65.48 -8.38
C ARG E 569 -48.22 -65.74 -8.86
N GLY E 570 -47.47 -66.51 -8.08
CA GLY E 570 -46.10 -66.90 -8.43
C GLY E 570 -45.07 -65.79 -8.31
N TYR E 571 -45.41 -64.76 -7.51
CA TYR E 571 -44.54 -63.59 -7.29
C TYR E 571 -44.81 -63.04 -5.88
N SER E 572 -43.82 -62.36 -5.28
CA SER E 572 -44.03 -61.61 -4.03
C SER E 572 -44.08 -60.12 -4.36
N HIS E 573 -45.11 -59.44 -3.87
CA HIS E 573 -45.45 -58.07 -4.29
C HIS E 573 -45.28 -57.06 -3.18
N SER E 574 -44.66 -55.93 -3.52
CA SER E 574 -44.67 -54.72 -2.71
C SER E 574 -45.54 -53.73 -3.48
N CYS E 575 -46.52 -53.11 -2.80
CA CYS E 575 -47.59 -52.40 -3.49
C CYS E 575 -47.98 -51.01 -2.96
N CYS E 576 -48.18 -50.08 -3.90
CA CYS E 576 -48.66 -48.73 -3.65
C CYS E 576 -50.00 -48.57 -4.35
N ILE E 577 -50.92 -47.82 -3.73
CA ILE E 577 -52.28 -47.56 -4.29
C ILE E 577 -52.59 -46.07 -4.40
N SER E 578 -53.19 -45.67 -5.52
CA SER E 578 -53.60 -44.29 -5.75
C SER E 578 -54.62 -43.87 -4.72
N GLN E 579 -54.46 -42.67 -4.17
CA GLN E 579 -55.37 -42.13 -3.16
C GLN E 579 -56.82 -42.01 -3.65
N HIS E 580 -57.00 -42.00 -4.97
CA HIS E 580 -58.31 -42.00 -5.60
C HIS E 580 -58.93 -43.41 -5.62
N CYS E 581 -58.06 -44.42 -5.56
CA CYS E 581 -58.41 -45.86 -5.51
C CYS E 581 -58.73 -46.47 -6.86
N ASP E 582 -58.35 -45.78 -7.94
CA ASP E 582 -58.57 -46.27 -9.32
C ASP E 582 -57.36 -46.97 -9.97
N PHE E 583 -56.21 -46.96 -9.30
CA PHE E 583 -54.95 -47.52 -9.83
C PHE E 583 -54.14 -48.13 -8.70
N PHE E 584 -53.20 -49.01 -9.05
CA PHE E 584 -52.20 -49.48 -8.10
C PHE E 584 -50.95 -49.94 -8.84
N ILE E 585 -49.80 -49.81 -8.15
CA ILE E 585 -48.49 -50.19 -8.69
C ILE E 585 -47.98 -51.34 -7.84
N SER E 586 -47.23 -52.25 -8.48
CA SER E 586 -46.66 -53.42 -7.82
C SER E 586 -45.17 -53.61 -8.19
N LYS E 587 -44.32 -53.73 -7.16
CA LYS E 587 -42.96 -54.22 -7.32
C LYS E 587 -43.04 -55.72 -7.07
N TYR E 588 -43.04 -56.51 -8.14
CA TYR E 588 -43.12 -57.97 -8.06
C TYR E 588 -41.80 -58.63 -8.45
N SER E 589 -41.51 -59.76 -7.81
CA SER E 589 -40.41 -60.63 -8.24
C SER E 589 -40.61 -62.03 -7.66
N ASN E 590 -39.80 -62.95 -8.14
CA ASN E 590 -39.71 -64.32 -7.60
C ASN E 590 -38.28 -64.82 -7.58
N GLN E 591 -38.10 -66.04 -7.09
CA GLN E 591 -36.79 -66.68 -6.98
C GLN E 591 -35.94 -66.71 -8.26
N LYS E 592 -36.61 -66.83 -9.42
CA LYS E 592 -35.94 -66.87 -10.75
C LYS E 592 -35.85 -65.53 -11.49
N ASN E 593 -36.84 -64.66 -11.31
CA ASN E 593 -36.97 -63.42 -12.07
C ASN E 593 -36.67 -62.17 -11.24
N PRO E 594 -35.78 -61.27 -11.73
CA PRO E 594 -35.54 -60.02 -10.97
C PRO E 594 -36.74 -59.08 -10.87
N HIS E 595 -36.59 -58.06 -10.03
CA HIS E 595 -37.71 -57.21 -9.65
C HIS E 595 -38.18 -56.31 -10.80
N CYS E 596 -39.49 -56.28 -11.01
CA CYS E 596 -40.14 -55.41 -12.01
C CYS E 596 -41.23 -54.59 -11.33
N VAL E 597 -41.45 -53.39 -11.84
CA VAL E 597 -42.56 -52.55 -11.42
C VAL E 597 -43.52 -52.47 -12.59
N SER E 598 -44.81 -52.52 -12.30
CA SER E 598 -45.84 -52.43 -13.33
C SER E 598 -47.06 -51.71 -12.76
N LEU E 599 -47.64 -50.82 -13.54
CA LEU E 599 -48.91 -50.20 -13.19
C LEU E 599 -50.07 -51.15 -13.50
N TYR E 600 -51.11 -51.10 -12.67
CA TYR E 600 -52.34 -51.89 -12.87
C TYR E 600 -53.57 -51.00 -12.64
N LYS E 601 -54.50 -51.02 -13.60
CA LYS E 601 -55.75 -50.25 -13.48
C LYS E 601 -56.87 -51.05 -12.80
N LEU E 602 -57.44 -50.46 -11.74
CA LEU E 602 -58.57 -51.05 -11.04
C LEU E 602 -59.88 -50.67 -11.72
N SER E 603 -60.77 -51.65 -11.86
CA SER E 603 -62.14 -51.44 -12.35
C SER E 603 -63.12 -52.42 -11.67
N SER E 604 -64.40 -52.25 -11.99
CA SER E 604 -65.46 -53.20 -11.62
C SER E 604 -66.28 -53.51 -12.87
N PRO E 605 -67.04 -54.62 -12.86
CA PRO E 605 -68.08 -54.78 -13.87
C PRO E 605 -69.30 -53.94 -13.50
N GLU E 606 -70.06 -53.49 -14.50
CA GLU E 606 -71.20 -52.57 -14.26
C GLU E 606 -72.25 -53.08 -13.25
N ASP E 607 -72.46 -54.39 -13.23
CA ASP E 607 -73.54 -55.01 -12.44
C ASP E 607 -73.28 -55.21 -10.94
N ASP E 608 -72.02 -55.04 -10.50
CA ASP E 608 -71.64 -55.23 -9.09
C ASP E 608 -70.29 -54.54 -8.80
N PRO E 609 -70.33 -53.32 -8.20
CA PRO E 609 -69.06 -52.63 -7.92
C PRO E 609 -68.14 -53.24 -6.83
N THR E 610 -68.65 -54.21 -6.04
CA THR E 610 -67.81 -55.04 -5.14
C THR E 610 -66.67 -55.68 -5.91
N CYS E 611 -67.08 -56.41 -6.95
CA CYS E 611 -66.20 -57.28 -7.72
C CYS E 611 -65.10 -56.46 -8.36
N LYS E 612 -63.98 -56.32 -7.65
CA LYS E 612 -62.86 -55.52 -8.18
C LYS E 612 -62.03 -56.34 -9.14
N THR E 613 -61.49 -55.66 -10.16
CA THR E 613 -60.82 -56.31 -11.30
C THR E 613 -59.61 -55.52 -11.80
N LYS E 614 -58.43 -56.07 -11.53
CA LYS E 614 -57.16 -55.62 -12.11
C LYS E 614 -57.20 -55.60 -13.65
N GLU E 615 -56.35 -54.76 -14.23
CA GLU E 615 -56.05 -54.78 -15.67
C GLU E 615 -54.65 -54.19 -15.86
N PHE E 616 -53.77 -54.91 -16.57
CA PHE E 616 -52.43 -54.38 -16.88
C PHE E 616 -52.56 -53.08 -17.63
N TRP E 617 -51.69 -52.11 -17.29
CA TRP E 617 -51.73 -50.77 -17.89
C TRP E 617 -50.38 -50.31 -18.45
N ALA E 618 -49.31 -50.45 -17.66
CA ALA E 618 -47.95 -50.15 -18.14
C ALA E 618 -46.85 -50.77 -17.29
N THR E 619 -45.68 -50.93 -17.89
CA THR E 619 -44.45 -51.32 -17.20
C THR E 619 -43.70 -50.04 -16.81
N ILE E 620 -43.41 -49.87 -15.51
CA ILE E 620 -42.62 -48.73 -14.99
C ILE E 620 -41.11 -49.04 -14.96
N LEU E 621 -40.76 -50.23 -14.46
CA LEU E 621 -39.40 -50.76 -14.56
C LEU E 621 -39.51 -52.20 -15.05
N ASP E 622 -38.85 -52.50 -16.17
CA ASP E 622 -38.90 -53.83 -16.79
C ASP E 622 -37.91 -54.76 -16.08
N SER E 623 -38.15 -56.06 -16.22
CA SER E 623 -37.27 -57.09 -15.70
C SER E 623 -35.86 -56.88 -16.22
N ALA E 624 -34.87 -56.85 -15.32
CA ALA E 624 -33.45 -56.78 -15.73
C ALA E 624 -33.11 -57.85 -16.77
N GLY E 625 -33.68 -59.06 -16.58
CA GLY E 625 -33.37 -60.24 -17.38
C GLY E 625 -32.68 -61.19 -16.43
N PRO E 626 -32.89 -62.51 -16.58
CA PRO E 626 -32.16 -63.43 -15.69
C PRO E 626 -30.66 -63.13 -15.68
N LEU E 627 -30.11 -62.88 -14.49
CA LEU E 627 -28.68 -62.54 -14.32
C LEU E 627 -27.77 -63.50 -15.12
N PRO E 628 -26.82 -62.95 -15.92
CA PRO E 628 -25.85 -63.85 -16.56
C PRO E 628 -25.08 -64.67 -15.49
N ASP E 629 -25.45 -65.95 -15.40
CA ASP E 629 -24.91 -66.92 -14.43
C ASP E 629 -25.32 -66.62 -12.99
N TYR E 630 -26.53 -67.09 -12.66
CA TYR E 630 -27.03 -67.12 -11.29
C TYR E 630 -28.03 -68.24 -11.17
N THR E 631 -27.56 -69.42 -10.77
CA THR E 631 -28.45 -70.55 -10.51
C THR E 631 -29.12 -70.30 -9.15
N PRO E 632 -30.39 -69.87 -9.14
CA PRO E 632 -31.03 -69.55 -7.85
C PRO E 632 -31.24 -70.81 -7.01
N PRO E 633 -31.72 -70.65 -5.76
CA PRO E 633 -31.95 -71.84 -4.97
C PRO E 633 -33.34 -72.40 -5.27
N GLU E 634 -33.69 -73.47 -4.57
CA GLU E 634 -35.03 -74.03 -4.62
C GLU E 634 -35.56 -74.08 -3.17
N ILE E 635 -36.73 -73.49 -2.95
CA ILE E 635 -37.35 -73.49 -1.62
C ILE E 635 -37.74 -74.93 -1.26
N PHE E 636 -37.64 -75.25 0.03
CA PHE E 636 -38.12 -76.51 0.58
C PHE E 636 -38.81 -76.26 1.92
N SER E 637 -39.60 -77.23 2.34
CA SER E 637 -40.26 -77.19 3.63
C SER E 637 -40.15 -78.55 4.29
N PHE E 638 -40.63 -78.62 5.53
CA PHE E 638 -40.67 -79.85 6.30
C PHE E 638 -41.46 -79.60 7.58
N GLU E 639 -42.10 -80.65 8.10
CA GLU E 639 -42.82 -80.55 9.38
C GLU E 639 -41.83 -80.68 10.52
N SER E 640 -41.56 -79.56 11.19
CA SER E 640 -40.74 -79.58 12.39
C SER E 640 -41.48 -80.32 13.48
N THR E 641 -40.72 -81.07 14.26
CA THR E 641 -41.28 -81.88 15.33
C THR E 641 -41.63 -80.99 16.54
N THR E 642 -42.47 -79.99 16.28
CA THR E 642 -42.91 -78.99 17.27
C THR E 642 -44.23 -78.32 16.86
N GLY E 643 -45.14 -79.11 16.29
CA GLY E 643 -46.41 -78.63 15.75
C GLY E 643 -46.35 -77.53 14.70
N PHE E 644 -45.25 -77.46 13.94
CA PHE E 644 -45.05 -76.42 12.92
C PHE E 644 -44.38 -76.97 11.67
N THR E 645 -44.69 -76.34 10.53
CA THR E 645 -43.90 -76.47 9.31
C THR E 645 -42.81 -75.39 9.40
N LEU E 646 -41.66 -75.66 8.78
CA LEU E 646 -40.57 -74.67 8.67
C LEU E 646 -40.10 -74.62 7.22
N TYR E 647 -39.60 -73.46 6.79
CA TYR E 647 -39.09 -73.30 5.42
C TYR E 647 -37.59 -73.12 5.37
N GLY E 648 -37.03 -73.42 4.20
CA GLY E 648 -35.61 -73.22 3.94
C GLY E 648 -35.35 -73.10 2.46
N MET E 649 -34.34 -72.33 2.10
CA MET E 649 -33.82 -72.29 0.72
C MET E 649 -32.63 -73.23 0.64
N LEU E 650 -32.29 -73.67 -0.56
CA LEU E 650 -31.16 -74.60 -0.75
C LEU E 650 -30.45 -74.39 -2.09
N TYR E 651 -29.19 -73.96 -2.01
CA TYR E 651 -28.31 -73.87 -3.16
C TYR E 651 -27.57 -75.19 -3.29
N LYS E 652 -27.97 -76.00 -4.26
CA LYS E 652 -27.17 -77.16 -4.67
C LYS E 652 -25.83 -76.63 -5.22
N PRO E 653 -24.73 -77.35 -4.97
CA PRO E 653 -23.47 -77.04 -5.62
C PRO E 653 -23.55 -77.02 -7.15
N HIS E 654 -22.94 -76.01 -7.75
CA HIS E 654 -22.81 -75.94 -9.20
C HIS E 654 -21.98 -77.13 -9.70
N ASP E 655 -22.52 -77.79 -10.73
CA ASP E 655 -21.87 -78.94 -11.35
C ASP E 655 -21.72 -80.09 -10.34
N LEU E 656 -22.86 -80.63 -9.91
CA LEU E 656 -22.89 -81.81 -9.04
C LEU E 656 -22.06 -82.95 -9.63
N GLN E 657 -21.59 -83.83 -8.76
CA GLN E 657 -20.79 -85.00 -9.15
C GLN E 657 -21.58 -86.28 -8.90
N PRO E 658 -21.12 -87.41 -9.48
CA PRO E 658 -21.76 -88.68 -9.14
C PRO E 658 -21.49 -89.03 -7.68
N GLY E 659 -22.45 -88.71 -6.81
CA GLY E 659 -22.39 -89.09 -5.38
C GLY E 659 -21.12 -88.72 -4.65
N LYS E 660 -20.77 -87.43 -4.69
CA LYS E 660 -19.70 -86.89 -3.85
C LYS E 660 -20.31 -86.00 -2.77
N LYS E 661 -19.74 -86.07 -1.57
CA LYS E 661 -20.17 -85.22 -0.46
C LYS E 661 -19.40 -83.89 -0.52
N TYR E 662 -20.14 -82.78 -0.36
CA TYR E 662 -19.62 -81.41 -0.49
C TYR E 662 -19.65 -80.68 0.86
N PRO E 663 -18.70 -79.74 1.11
CA PRO E 663 -18.77 -78.96 2.35
C PRO E 663 -19.98 -78.02 2.33
N THR E 664 -20.56 -77.78 3.50
CA THR E 664 -21.83 -77.05 3.61
C THR E 664 -21.66 -75.77 4.41
N VAL E 665 -22.43 -74.74 4.04
CA VAL E 665 -22.35 -73.40 4.65
C VAL E 665 -23.77 -72.94 4.97
N LEU E 666 -24.19 -73.17 6.22
CA LEU E 666 -25.51 -72.73 6.69
C LEU E 666 -25.52 -71.22 6.99
N PHE E 667 -26.15 -70.45 6.11
CA PHE E 667 -26.40 -69.02 6.35
C PHE E 667 -27.63 -68.88 7.26
N ILE E 668 -27.67 -67.83 8.07
CA ILE E 668 -28.69 -67.71 9.10
C ILE E 668 -28.98 -66.28 9.52
N TYR E 669 -30.25 -66.01 9.80
CA TYR E 669 -30.62 -64.89 10.64
C TYR E 669 -31.56 -65.41 11.74
N GLY E 670 -32.80 -65.73 11.39
CA GLY E 670 -33.76 -66.30 12.35
C GLY E 670 -33.94 -65.61 13.70
N GLY E 671 -33.79 -64.29 13.73
CA GLY E 671 -34.29 -63.48 14.85
C GLY E 671 -35.63 -62.89 14.43
N PRO E 672 -36.24 -62.08 15.31
CA PRO E 672 -37.57 -61.50 15.04
C PRO E 672 -37.59 -60.43 13.93
N GLN E 673 -38.80 -60.08 13.52
CA GLN E 673 -39.05 -59.02 12.54
C GLN E 673 -38.50 -59.26 11.11
N VAL E 674 -38.11 -60.49 10.78
CA VAL E 674 -37.46 -60.81 9.49
C VAL E 674 -37.77 -62.24 8.99
N GLN E 675 -38.10 -62.35 7.70
CA GLN E 675 -38.19 -63.62 6.97
C GLN E 675 -37.16 -63.69 5.83
N LEU E 676 -36.07 -64.43 6.04
CA LEU E 676 -35.09 -64.70 4.98
C LEU E 676 -35.62 -65.57 3.83
N VAL E 677 -36.49 -66.53 4.16
CA VAL E 677 -36.94 -67.59 3.24
C VAL E 677 -38.34 -67.31 2.72
N ASN E 678 -38.39 -66.77 1.49
CA ASN E 678 -39.64 -66.63 0.74
C ASN E 678 -39.35 -66.44 -0.75
N ASN E 679 -40.41 -66.29 -1.56
CA ASN E 679 -40.34 -66.27 -3.02
C ASN E 679 -40.06 -64.87 -3.62
N ARG E 680 -38.88 -64.33 -3.32
CA ARG E 680 -38.38 -63.09 -3.91
C ARG E 680 -37.06 -63.39 -4.58
N PHE E 681 -36.61 -62.48 -5.43
CA PHE E 681 -35.32 -62.64 -6.11
C PHE E 681 -34.17 -62.36 -5.13
N LYS E 682 -33.47 -63.43 -4.76
CA LYS E 682 -32.34 -63.34 -3.84
C LYS E 682 -30.99 -63.14 -4.56
N GLY E 683 -31.02 -62.78 -5.84
CA GLY E 683 -29.82 -62.65 -6.67
C GLY E 683 -29.10 -61.32 -6.58
N VAL E 684 -29.81 -60.28 -6.12
CA VAL E 684 -29.20 -58.97 -5.84
C VAL E 684 -28.43 -59.09 -4.55
N LYS E 685 -29.17 -59.26 -3.47
CA LYS E 685 -28.66 -59.11 -2.12
C LYS E 685 -27.81 -60.30 -1.72
N TYR E 686 -28.38 -61.50 -1.84
CA TYR E 686 -27.69 -62.74 -1.43
C TYR E 686 -27.02 -63.41 -2.64
N PHE E 687 -26.27 -62.62 -3.40
CA PHE E 687 -25.57 -63.11 -4.59
C PHE E 687 -24.43 -64.06 -4.22
N ARG E 688 -23.65 -63.71 -3.20
CA ARG E 688 -22.49 -64.51 -2.81
C ARG E 688 -22.81 -65.95 -2.36
N LEU E 689 -24.04 -66.20 -1.91
CA LEU E 689 -24.51 -67.57 -1.68
C LEU E 689 -24.32 -68.39 -2.96
N ASN E 690 -24.61 -67.76 -4.11
CA ASN E 690 -24.33 -68.34 -5.43
C ASN E 690 -22.83 -68.43 -5.75
N THR E 691 -22.06 -67.40 -5.39
CA THR E 691 -20.60 -67.45 -5.50
C THR E 691 -20.02 -68.62 -4.67
N LEU E 692 -20.66 -68.95 -3.55
CA LEU E 692 -20.30 -70.11 -2.74
C LEU E 692 -20.67 -71.41 -3.45
N ALA E 693 -21.93 -71.49 -3.87
CA ALA E 693 -22.41 -72.61 -4.70
C ALA E 693 -21.48 -72.90 -5.89
N SER E 694 -21.07 -71.84 -6.59
CA SER E 694 -20.18 -71.98 -7.76
C SER E 694 -18.81 -72.58 -7.48
N LEU E 695 -18.33 -72.46 -6.22
CA LEU E 695 -17.03 -73.00 -5.79
C LEU E 695 -17.05 -74.45 -5.25
N GLY E 696 -18.23 -74.95 -4.88
CA GLY E 696 -18.38 -76.28 -4.28
C GLY E 696 -19.26 -76.31 -3.04
N TYR E 697 -19.42 -75.16 -2.37
CA TYR E 697 -20.14 -75.14 -1.09
C TYR E 697 -21.63 -75.33 -1.29
N VAL E 698 -22.20 -76.28 -0.55
CA VAL E 698 -23.65 -76.34 -0.38
C VAL E 698 -23.98 -75.11 0.45
N VAL E 699 -25.09 -74.45 0.14
CA VAL E 699 -25.57 -73.35 0.98
C VAL E 699 -26.99 -73.64 1.43
N VAL E 700 -27.22 -73.38 2.71
CA VAL E 700 -28.51 -73.61 3.34
C VAL E 700 -28.90 -72.31 4.04
N VAL E 701 -30.18 -71.96 3.93
CA VAL E 701 -30.78 -70.89 4.74
C VAL E 701 -32.05 -71.48 5.33
N ILE E 702 -32.33 -71.20 6.61
CA ILE E 702 -33.54 -71.72 7.25
C ILE E 702 -34.16 -70.62 8.10
N ASP E 703 -35.48 -70.50 7.98
CA ASP E 703 -36.27 -69.63 8.84
C ASP E 703 -36.89 -70.48 9.93
N ASN E 704 -36.17 -70.51 11.05
CA ASN E 704 -36.66 -71.09 12.32
C ASN E 704 -37.71 -70.22 13.02
N ARG E 705 -38.21 -70.72 14.16
CA ARG E 705 -39.18 -70.00 15.00
C ARG E 705 -38.69 -68.60 15.34
N GLY E 706 -39.64 -67.67 15.48
CA GLY E 706 -39.30 -66.26 15.61
C GLY E 706 -39.39 -65.46 14.33
N SER E 707 -39.07 -66.10 13.19
CA SER E 707 -39.14 -65.42 11.90
C SER E 707 -40.57 -64.90 11.63
N CYS E 708 -40.68 -63.67 11.15
CA CYS E 708 -41.98 -63.03 10.96
C CYS E 708 -42.72 -63.59 9.73
N HIS E 709 -43.93 -63.08 9.52
CA HIS E 709 -44.86 -63.49 8.44
C HIS E 709 -45.57 -64.83 8.67
N ARG E 710 -45.57 -65.33 9.91
CA ARG E 710 -46.35 -66.53 10.29
C ARG E 710 -47.03 -66.41 11.66
N GLY E 711 -47.34 -65.18 12.06
CA GLY E 711 -48.20 -64.94 13.21
C GLY E 711 -47.46 -64.91 14.52
N LEU E 712 -48.16 -64.39 15.53
CA LEU E 712 -47.58 -64.02 16.81
C LEU E 712 -47.12 -65.19 17.68
N LYS E 713 -47.78 -66.34 17.58
CA LYS E 713 -47.39 -67.51 18.36
C LYS E 713 -46.13 -68.18 17.81
N PHE E 714 -46.03 -68.28 16.49
CA PHE E 714 -44.80 -68.76 15.83
C PHE E 714 -43.59 -67.88 16.15
N GLU E 715 -43.83 -66.56 16.15
CA GLU E 715 -42.82 -65.59 16.54
C GLU E 715 -42.54 -65.80 18.04
N GLY E 716 -43.58 -65.65 18.86
CA GLY E 716 -43.53 -65.71 20.33
C GLY E 716 -42.95 -66.94 21.02
N ALA E 717 -42.61 -67.97 20.23
CA ALA E 717 -41.90 -69.16 20.68
C ALA E 717 -40.73 -68.86 21.61
N PHE E 718 -39.80 -68.02 21.15
CA PHE E 718 -38.59 -67.73 21.94
C PHE E 718 -38.73 -66.70 23.05
N LYS E 719 -39.92 -66.16 23.31
CA LYS E 719 -40.06 -65.18 24.39
C LYS E 719 -39.38 -65.69 25.67
N TYR E 720 -38.59 -64.82 26.31
CA TYR E 720 -37.74 -65.16 27.46
C TYR E 720 -36.66 -66.26 27.21
N LYS E 721 -36.40 -66.65 25.96
CA LYS E 721 -35.53 -67.79 25.65
C LYS E 721 -34.72 -67.64 24.34
N MET E 722 -34.27 -66.43 24.04
CA MET E 722 -33.45 -66.24 22.82
C MET E 722 -32.12 -66.96 22.99
N GLY E 723 -31.60 -67.44 21.87
CA GLY E 723 -30.45 -68.34 21.85
C GLY E 723 -30.80 -69.81 22.05
N GLN E 724 -31.82 -70.09 22.88
CA GLN E 724 -32.11 -71.45 23.36
C GLN E 724 -32.56 -72.41 22.26
N ILE E 725 -33.68 -72.10 21.60
CA ILE E 725 -34.16 -72.92 20.46
C ILE E 725 -33.35 -72.54 19.20
N GLU E 726 -33.96 -71.97 18.16
CA GLU E 726 -33.24 -71.36 17.04
C GLU E 726 -32.36 -72.39 16.35
N ILE E 727 -31.35 -72.85 17.07
CA ILE E 727 -30.45 -73.92 16.61
C ILE E 727 -31.18 -75.24 16.40
N ASP E 728 -31.91 -75.70 17.41
CA ASP E 728 -32.67 -76.98 17.31
C ASP E 728 -33.47 -77.11 16.00
N ASP E 729 -34.08 -76.01 15.56
CA ASP E 729 -34.77 -75.94 14.26
C ASP E 729 -33.80 -75.89 13.10
N GLN E 730 -32.78 -75.03 13.24
CA GLN E 730 -31.71 -74.88 12.24
C GLN E 730 -31.02 -76.21 11.96
N VAL E 731 -30.75 -76.97 13.02
CA VAL E 731 -30.07 -78.26 12.92
C VAL E 731 -31.05 -79.36 12.47
N GLU E 732 -32.33 -79.26 12.89
CA GLU E 732 -33.33 -80.25 12.49
C GLU E 732 -33.49 -80.33 10.98
N GLY E 733 -33.79 -79.19 10.38
CA GLY E 733 -33.93 -79.08 8.93
C GLY E 733 -32.64 -79.35 8.20
N LEU E 734 -31.51 -79.05 8.83
CA LEU E 734 -30.20 -79.39 8.26
C LEU E 734 -30.06 -80.90 8.03
N GLN E 735 -30.51 -81.69 9.01
CA GLN E 735 -30.52 -83.18 8.91
C GLN E 735 -31.60 -83.74 8.00
N TYR E 736 -32.74 -83.06 7.92
CA TYR E 736 -33.78 -83.39 6.93
C TYR E 736 -33.19 -83.46 5.52
N LEU E 737 -32.50 -82.40 5.12
CA LEU E 737 -31.87 -82.32 3.81
C LEU E 737 -30.76 -83.35 3.68
N ALA E 738 -30.01 -83.54 4.76
CA ALA E 738 -28.97 -84.56 4.82
C ALA E 738 -29.48 -85.96 4.46
N SER E 739 -30.67 -86.31 4.95
CA SER E 739 -31.33 -87.58 4.62
C SER E 739 -31.79 -87.61 3.15
N ARG E 740 -32.50 -86.56 2.73
CA ARG E 740 -32.97 -86.45 1.34
C ARG E 740 -31.84 -86.32 0.29
N TYR E 741 -30.77 -85.59 0.61
CA TYR E 741 -29.66 -85.33 -0.31
C TYR E 741 -28.35 -85.89 0.24
N ASP E 742 -27.88 -86.97 -0.40
CA ASP E 742 -26.63 -87.63 -0.01
C ASP E 742 -25.36 -86.84 -0.36
N PHE E 743 -25.48 -85.80 -1.20
CA PHE E 743 -24.33 -84.89 -1.50
C PHE E 743 -23.91 -83.96 -0.36
N ILE E 744 -24.76 -83.77 0.65
CA ILE E 744 -24.43 -82.92 1.81
C ILE E 744 -23.43 -83.65 2.71
N ASP E 745 -22.30 -83.01 3.01
CA ASP E 745 -21.36 -83.51 4.03
C ASP E 745 -21.75 -82.87 5.36
N LEU E 746 -21.85 -83.67 6.41
CA LEU E 746 -22.11 -83.16 7.76
C LEU E 746 -20.86 -83.03 8.63
N ASP E 747 -19.77 -83.68 8.23
CA ASP E 747 -18.46 -83.47 8.87
C ASP E 747 -17.78 -82.16 8.46
N ARG E 748 -18.34 -81.46 7.46
CA ARG E 748 -17.88 -80.13 7.06
C ARG E 748 -19.05 -79.16 6.86
N VAL E 749 -19.58 -78.64 7.97
CA VAL E 749 -20.63 -77.65 7.95
C VAL E 749 -20.14 -76.36 8.60
N GLY E 750 -20.21 -75.27 7.84
CA GLY E 750 -20.04 -73.91 8.37
C GLY E 750 -21.37 -73.22 8.69
N ILE E 751 -21.33 -72.29 9.64
CA ILE E 751 -22.44 -71.39 9.94
C ILE E 751 -21.96 -69.94 9.93
N HIS E 752 -22.81 -69.04 9.44
CA HIS E 752 -22.46 -67.60 9.34
C HIS E 752 -23.71 -66.69 9.25
N GLY E 753 -23.60 -65.54 9.90
CA GLY E 753 -24.65 -64.53 9.85
C GLY E 753 -24.21 -63.22 10.50
N TRP E 754 -25.00 -62.17 10.25
CA TRP E 754 -24.77 -60.83 10.80
C TRP E 754 -25.82 -60.44 11.82
N SER E 755 -25.36 -59.77 12.88
CA SER E 755 -26.21 -59.31 13.96
C SER E 755 -26.80 -60.49 14.75
N TYR E 756 -28.13 -60.64 14.77
CA TYR E 756 -28.74 -61.85 15.34
C TYR E 756 -28.15 -63.13 14.70
N GLY E 757 -27.93 -63.07 13.39
CA GLY E 757 -27.28 -64.15 12.65
C GLY E 757 -25.95 -64.56 13.23
N GLY E 758 -25.13 -63.56 13.60
CA GLY E 758 -23.83 -63.81 14.23
C GLY E 758 -23.99 -64.32 15.64
N TYR E 759 -25.01 -63.82 16.32
CA TYR E 759 -25.37 -64.27 17.66
C TYR E 759 -25.70 -65.77 17.68
N LEU E 760 -26.54 -66.19 16.74
CA LEU E 760 -26.86 -67.61 16.59
C LEU E 760 -25.70 -68.41 16.02
N SER E 761 -24.94 -67.81 15.09
CA SER E 761 -23.69 -68.42 14.60
C SER E 761 -22.79 -68.80 15.78
N LEU E 762 -22.71 -67.92 16.78
CA LEU E 762 -21.91 -68.20 17.99
C LEU E 762 -22.51 -69.35 18.78
N MET E 763 -23.78 -69.18 19.14
CA MET E 763 -24.56 -70.19 19.86
C MET E 763 -24.44 -71.56 19.22
N ALA E 764 -24.45 -71.59 17.90
CA ALA E 764 -24.25 -72.80 17.13
C ALA E 764 -22.97 -73.52 17.52
N LEU E 765 -21.85 -72.82 17.51
CA LEU E 765 -20.56 -73.43 17.85
C LEU E 765 -20.48 -73.82 19.32
N MET E 766 -21.04 -72.95 20.17
CA MET E 766 -21.08 -73.16 21.61
C MET E 766 -21.81 -74.46 21.98
N GLN E 767 -23.03 -74.59 21.47
CA GLN E 767 -23.92 -75.71 21.81
C GLN E 767 -23.60 -76.97 21.02
N ARG E 768 -23.47 -76.79 19.71
CA ARG E 768 -23.31 -77.91 18.75
C ARG E 768 -21.91 -77.93 18.10
N SER E 769 -20.88 -78.06 18.95
CA SER E 769 -19.50 -78.33 18.51
C SER E 769 -19.43 -79.54 17.59
N ASP E 770 -20.33 -80.49 17.81
CA ASP E 770 -20.51 -81.65 16.91
C ASP E 770 -20.97 -81.32 15.48
N ILE E 771 -22.01 -80.49 15.32
CA ILE E 771 -22.64 -80.22 14.00
C ILE E 771 -21.81 -79.27 13.13
N PHE E 772 -21.36 -78.16 13.70
CA PHE E 772 -20.70 -77.09 12.96
C PHE E 772 -19.20 -77.10 13.18
N ARG E 773 -18.43 -77.15 12.09
CA ARG E 773 -16.95 -77.10 12.16
C ARG E 773 -16.47 -75.70 12.49
N VAL E 774 -16.97 -74.73 11.75
CA VAL E 774 -16.61 -73.32 11.94
C VAL E 774 -17.85 -72.44 12.07
N ALA E 775 -17.82 -71.50 13.01
CA ALA E 775 -18.81 -70.43 13.05
C ALA E 775 -18.14 -69.11 12.66
N ILE E 776 -18.91 -68.22 12.06
CA ILE E 776 -18.42 -66.90 11.64
C ILE E 776 -19.45 -65.85 12.08
N ALA E 777 -19.13 -65.11 13.13
CA ALA E 777 -20.08 -64.20 13.77
C ALA E 777 -19.78 -62.74 13.47
N GLY E 778 -20.73 -62.08 12.82
CA GLY E 778 -20.63 -60.67 12.44
C GLY E 778 -21.45 -59.80 13.36
N ALA E 779 -20.83 -58.74 13.90
CA ALA E 779 -21.45 -57.81 14.86
C ALA E 779 -22.39 -58.53 15.85
N PRO E 780 -21.83 -59.48 16.61
CA PRO E 780 -22.68 -60.35 17.40
C PRO E 780 -23.10 -59.76 18.75
N VAL E 781 -24.37 -59.95 19.11
CA VAL E 781 -24.79 -59.84 20.50
C VAL E 781 -24.16 -61.02 21.24
N THR E 782 -23.41 -60.72 22.29
CA THR E 782 -22.82 -61.71 23.17
C THR E 782 -23.22 -61.53 24.64
N LEU E 783 -24.11 -60.56 24.91
CA LEU E 783 -24.45 -60.14 26.28
C LEU E 783 -25.71 -59.27 26.25
N TRP E 784 -26.85 -59.88 26.63
CA TRP E 784 -28.16 -59.21 26.52
C TRP E 784 -28.37 -58.13 27.55
N ILE E 785 -27.51 -58.09 28.57
CA ILE E 785 -27.54 -56.98 29.51
C ILE E 785 -27.13 -55.65 28.85
N PHE E 786 -26.55 -55.70 27.63
CA PHE E 786 -26.02 -54.51 26.89
C PHE E 786 -26.97 -53.91 25.86
N TYR E 787 -27.65 -54.72 25.05
CA TYR E 787 -28.51 -54.17 23.97
C TYR E 787 -29.66 -53.33 24.56
N ASP E 788 -30.14 -52.34 23.80
CA ASP E 788 -31.14 -51.35 24.27
C ASP E 788 -32.45 -51.90 24.80
N THR E 789 -33.22 -51.03 25.45
CA THR E 789 -34.42 -51.43 26.18
C THR E 789 -35.49 -51.93 25.23
N GLY E 790 -35.93 -51.03 24.35
CA GLY E 790 -37.00 -51.29 23.41
C GLY E 790 -36.96 -52.62 22.69
N TYR E 791 -35.78 -53.07 22.28
CA TYR E 791 -35.64 -54.39 21.62
C TYR E 791 -35.66 -55.52 22.61
N THR E 792 -34.78 -55.41 23.61
CA THR E 792 -34.46 -56.53 24.50
C THR E 792 -35.55 -56.81 25.51
N GLU E 793 -36.16 -55.76 26.04
CA GLU E 793 -37.34 -55.91 26.91
C GLU E 793 -38.55 -56.50 26.15
N ARG E 794 -38.72 -56.16 24.87
CA ARG E 794 -39.75 -56.77 23.99
C ARG E 794 -39.72 -58.31 24.00
N TYR E 795 -38.52 -58.89 23.95
CA TYR E 795 -38.35 -60.32 23.69
C TYR E 795 -37.87 -61.15 24.88
N MET E 796 -37.08 -60.57 25.78
CA MET E 796 -36.55 -61.26 26.97
C MET E 796 -36.98 -60.64 28.31
N GLY E 797 -37.78 -59.56 28.26
CA GLY E 797 -38.20 -58.85 29.47
C GLY E 797 -37.10 -58.07 30.15
N HIS E 798 -37.44 -57.43 31.27
CA HIS E 798 -36.45 -56.73 32.12
C HIS E 798 -35.48 -57.76 32.77
N PRO E 799 -34.23 -57.35 33.12
CA PRO E 799 -33.23 -58.27 33.73
C PRO E 799 -33.63 -59.02 34.99
N ASP E 800 -34.00 -58.27 36.03
CA ASP E 800 -34.58 -58.81 37.27
C ASP E 800 -35.63 -59.92 37.03
N GLN E 801 -36.46 -59.72 36.01
CA GLN E 801 -37.58 -60.61 35.69
C GLN E 801 -37.21 -61.83 34.82
N ASN E 802 -35.95 -61.92 34.39
CA ASN E 802 -35.50 -63.02 33.55
C ASN E 802 -33.97 -63.19 33.67
N GLU E 803 -33.51 -63.38 34.92
CA GLU E 803 -32.08 -63.55 35.21
C GLU E 803 -31.49 -64.75 34.48
N GLN E 804 -32.24 -65.84 34.42
CA GLN E 804 -31.77 -67.07 33.79
C GLN E 804 -31.84 -67.05 32.25
N GLY E 805 -32.84 -66.35 31.70
CA GLY E 805 -32.97 -66.21 30.24
C GLY E 805 -31.83 -65.41 29.63
N TYR E 806 -31.49 -64.30 30.30
CA TYR E 806 -30.32 -63.48 29.98
C TYR E 806 -28.99 -64.19 30.14
N TYR E 807 -28.89 -65.08 31.14
CA TYR E 807 -27.70 -65.91 31.25
C TYR E 807 -27.57 -66.82 30.04
N LEU E 808 -28.59 -67.66 29.82
CA LEU E 808 -28.53 -68.70 28.80
C LEU E 808 -28.36 -68.14 27.40
N GLY E 809 -28.98 -66.98 27.14
CA GLY E 809 -28.86 -66.28 25.86
C GLY E 809 -27.65 -65.37 25.65
N SER E 810 -26.75 -65.28 26.63
CA SER E 810 -25.56 -64.45 26.52
C SER E 810 -24.31 -65.34 26.42
N VAL E 811 -23.67 -65.37 25.25
CA VAL E 811 -22.50 -66.26 25.04
C VAL E 811 -21.25 -65.87 25.82
N ALA E 812 -21.08 -64.59 26.15
CA ALA E 812 -19.88 -64.12 26.88
C ALA E 812 -19.84 -64.58 28.35
N MET E 813 -21.01 -64.86 28.92
CA MET E 813 -21.10 -65.45 30.27
C MET E 813 -20.58 -66.90 30.19
N GLN E 814 -20.96 -67.60 29.11
CA GLN E 814 -20.63 -69.02 28.87
C GLN E 814 -19.37 -69.23 28.00
N ALA E 815 -18.33 -68.45 28.26
CA ALA E 815 -17.12 -68.48 27.42
C ALA E 815 -16.44 -69.86 27.35
N GLU E 816 -16.47 -70.59 28.46
CA GLU E 816 -15.86 -71.94 28.57
C GLU E 816 -16.44 -73.02 27.63
N LYS E 817 -17.70 -72.85 27.22
CA LYS E 817 -18.38 -73.82 26.35
C LYS E 817 -17.79 -73.95 24.95
N PHE E 818 -17.10 -72.92 24.47
CA PHE E 818 -16.53 -72.91 23.11
C PHE E 818 -15.44 -73.96 22.95
N PRO E 819 -15.13 -74.33 21.71
CA PRO E 819 -14.05 -75.28 21.39
C PRO E 819 -12.68 -74.87 21.88
N SER E 820 -11.88 -75.85 22.31
CA SER E 820 -10.43 -75.68 22.44
C SER E 820 -9.68 -76.10 21.16
N GLU E 821 -10.43 -76.34 20.07
CA GLU E 821 -9.88 -76.33 18.71
C GLU E 821 -9.80 -74.88 18.23
N PRO E 822 -8.65 -74.48 17.66
CA PRO E 822 -8.57 -73.20 16.94
C PRO E 822 -9.05 -73.33 15.50
N ASN E 823 -9.10 -72.21 14.79
CA ASN E 823 -9.60 -72.13 13.39
C ASN E 823 -11.09 -72.51 13.25
N ARG E 824 -11.87 -72.22 14.30
CA ARG E 824 -13.31 -72.55 14.34
C ARG E 824 -14.18 -71.32 14.52
N LEU E 825 -13.80 -70.49 15.48
CA LEU E 825 -14.44 -69.21 15.69
C LEU E 825 -13.77 -68.15 14.81
N LEU E 826 -14.59 -67.28 14.22
CA LEU E 826 -14.15 -66.05 13.55
C LEU E 826 -15.13 -64.94 13.89
N LEU E 827 -14.62 -63.88 14.51
CA LEU E 827 -15.44 -62.73 14.89
C LEU E 827 -15.18 -61.58 13.95
N LEU E 828 -16.27 -60.99 13.45
CA LEU E 828 -16.21 -59.82 12.59
C LEU E 828 -17.04 -58.73 13.28
N HIS E 829 -16.56 -57.50 13.31
CA HIS E 829 -17.32 -56.42 13.97
C HIS E 829 -16.94 -55.04 13.42
N GLY E 830 -17.95 -54.19 13.22
CA GLY E 830 -17.73 -52.79 12.90
C GLY E 830 -17.29 -51.99 14.12
N PHE E 831 -16.09 -51.41 14.06
CA PHE E 831 -15.48 -50.70 15.23
C PHE E 831 -16.28 -49.52 15.81
N LEU E 832 -17.06 -48.85 14.96
CA LEU E 832 -17.76 -47.62 15.34
C LEU E 832 -19.26 -47.87 15.46
N ASP E 833 -19.59 -49.07 15.94
CA ASP E 833 -20.94 -49.60 15.96
C ASP E 833 -21.59 -49.07 17.23
N GLU E 834 -22.71 -48.36 17.08
CA GLU E 834 -23.50 -47.83 18.20
C GLU E 834 -24.76 -48.69 18.52
N ASN E 835 -24.98 -49.73 17.72
CA ASN E 835 -26.12 -50.66 17.86
C ASN E 835 -25.70 -51.82 18.75
N VAL E 836 -24.81 -52.65 18.21
CA VAL E 836 -24.23 -53.79 18.89
C VAL E 836 -22.80 -53.32 19.16
N HIS E 837 -22.64 -52.60 20.26
CA HIS E 837 -21.38 -51.94 20.60
C HIS E 837 -20.22 -52.94 20.62
N PHE E 838 -19.09 -52.55 20.03
CA PHE E 838 -17.90 -53.42 19.89
C PHE E 838 -17.55 -54.12 21.20
N ALA E 839 -17.84 -53.44 22.32
CA ALA E 839 -17.86 -54.02 23.66
C ALA E 839 -18.32 -55.49 23.70
N HIS E 840 -19.41 -55.82 23.00
CA HIS E 840 -19.89 -57.22 22.91
C HIS E 840 -18.78 -58.18 22.44
N THR E 841 -18.05 -57.80 21.39
CA THR E 841 -16.91 -58.61 20.92
C THR E 841 -15.72 -58.47 21.89
N SER E 842 -15.37 -57.24 22.29
CA SER E 842 -14.21 -57.02 23.18
C SER E 842 -14.35 -57.76 24.52
N ILE E 843 -15.55 -57.74 25.11
CA ILE E 843 -15.82 -58.43 26.38
C ILE E 843 -15.88 -59.94 26.21
N LEU E 844 -16.44 -60.42 25.09
CA LEU E 844 -16.45 -61.85 24.78
C LEU E 844 -15.01 -62.35 24.69
N LEU E 845 -14.18 -61.59 23.96
CA LEU E 845 -12.76 -61.88 23.82
C LEU E 845 -12.08 -61.93 25.17
N SER E 846 -12.30 -60.89 25.97
CA SER E 846 -11.76 -60.84 27.34
C SER E 846 -12.01 -62.15 28.07
N PHE E 847 -13.27 -62.60 28.04
CA PHE E 847 -13.69 -63.85 28.70
C PHE E 847 -13.16 -65.12 28.06
N LEU E 848 -13.15 -65.16 26.73
CA LEU E 848 -12.48 -66.24 25.98
C LEU E 848 -11.00 -66.35 26.35
N VAL E 849 -10.31 -65.22 26.35
CA VAL E 849 -8.87 -65.17 26.64
C VAL E 849 -8.59 -65.76 28.01
N ARG E 850 -9.33 -65.27 29.01
CA ARG E 850 -9.15 -65.73 30.39
C ARG E 850 -9.75 -67.10 30.66
N ALA E 851 -10.69 -67.53 29.83
CA ALA E 851 -11.11 -68.94 29.80
C ALA E 851 -10.32 -69.78 28.78
N GLY E 852 -9.13 -69.32 28.37
CA GLY E 852 -8.19 -70.14 27.59
C GLY E 852 -8.56 -70.64 26.20
N LYS E 853 -9.56 -70.01 25.56
CA LYS E 853 -10.08 -70.45 24.25
C LYS E 853 -9.53 -69.65 23.06
N PRO E 854 -9.20 -70.32 21.94
CA PRO E 854 -8.71 -69.61 20.74
C PRO E 854 -9.83 -68.98 19.91
N TYR E 855 -9.53 -67.83 19.32
CA TYR E 855 -10.47 -67.09 18.49
C TYR E 855 -9.72 -66.41 17.37
N ASP E 856 -10.40 -66.20 16.25
CA ASP E 856 -9.94 -65.30 15.20
C ASP E 856 -10.80 -64.04 15.24
N LEU E 857 -10.22 -62.93 14.78
CA LEU E 857 -10.87 -61.63 14.83
C LEU E 857 -10.52 -60.82 13.60
N GLN E 858 -11.52 -60.16 13.05
CA GLN E 858 -11.34 -59.17 12.01
C GLN E 858 -12.16 -57.94 12.39
N ILE E 859 -11.62 -56.77 12.06
CA ILE E 859 -12.28 -55.50 12.34
C ILE E 859 -12.34 -54.72 11.04
N TYR E 860 -13.31 -53.81 10.96
CA TYR E 860 -13.42 -52.82 9.91
C TYR E 860 -13.47 -51.45 10.57
N PRO E 861 -12.29 -50.87 10.87
CA PRO E 861 -12.18 -49.59 11.57
C PRO E 861 -12.94 -48.38 11.04
N GLN E 862 -13.85 -48.55 10.07
CA GLN E 862 -14.70 -47.46 9.61
C GLN E 862 -16.11 -47.95 9.28
N GLU E 863 -16.66 -48.81 10.12
CA GLU E 863 -18.01 -49.32 9.93
C GLU E 863 -18.79 -49.39 11.24
N ARG E 864 -20.11 -49.21 11.14
CA ARG E 864 -21.04 -49.27 12.29
C ARG E 864 -21.85 -50.59 12.21
N HIS E 865 -23.16 -50.55 12.48
CA HIS E 865 -24.03 -51.70 12.21
C HIS E 865 -24.53 -51.67 10.75
N SER E 866 -23.56 -51.83 9.85
CA SER E 866 -23.71 -51.74 8.39
C SER E 866 -22.31 -51.77 7.78
N ILE E 867 -22.24 -52.12 6.49
CA ILE E 867 -20.99 -51.97 5.70
C ILE E 867 -21.29 -51.06 4.51
N ARG E 868 -20.77 -49.82 4.58
CA ARG E 868 -21.01 -48.79 3.56
C ARG E 868 -19.83 -48.54 2.61
N VAL E 869 -18.60 -48.66 3.11
CA VAL E 869 -17.41 -48.37 2.31
C VAL E 869 -17.14 -49.59 1.40
N PRO E 870 -16.94 -49.37 0.08
CA PRO E 870 -16.74 -50.50 -0.83
C PRO E 870 -15.60 -51.44 -0.44
N GLU E 871 -14.49 -50.86 0.03
CA GLU E 871 -13.28 -51.61 0.36
C GLU E 871 -13.43 -52.47 1.63
N SER E 872 -14.35 -52.10 2.52
CA SER E 872 -14.68 -52.93 3.68
C SER E 872 -15.28 -54.25 3.25
N GLY E 873 -16.28 -54.16 2.36
CA GLY E 873 -16.92 -55.33 1.78
C GLY E 873 -16.03 -56.18 0.88
N GLU E 874 -15.19 -55.53 0.07
CA GLU E 874 -14.20 -56.25 -0.75
C GLU E 874 -13.36 -57.14 0.14
N HIS E 875 -12.84 -56.56 1.22
CA HIS E 875 -12.00 -57.27 2.18
C HIS E 875 -12.78 -58.36 2.92
N TYR E 876 -13.94 -58.00 3.45
CA TYR E 876 -14.81 -58.93 4.16
C TYR E 876 -15.13 -60.20 3.34
N GLU E 877 -15.74 -59.99 2.17
CA GLU E 877 -16.14 -61.09 1.29
C GLU E 877 -14.95 -61.97 0.93
N LEU E 878 -13.83 -61.33 0.60
CA LEU E 878 -12.56 -62.01 0.33
C LEU E 878 -12.10 -62.86 1.53
N HIS E 879 -12.03 -62.24 2.71
CA HIS E 879 -11.60 -62.96 3.92
C HIS E 879 -12.55 -64.12 4.23
N LEU E 880 -13.86 -63.90 4.09
CA LEU E 880 -14.88 -64.93 4.34
C LEU E 880 -14.61 -66.16 3.49
N LEU E 881 -14.50 -65.96 2.19
CA LEU E 881 -14.23 -67.06 1.25
C LEU E 881 -12.92 -67.74 1.60
N HIS E 882 -11.89 -66.93 1.78
CA HIS E 882 -10.57 -67.45 2.11
C HIS E 882 -10.55 -68.25 3.42
N TYR E 883 -11.33 -67.82 4.41
CA TYR E 883 -11.44 -68.53 5.69
C TYR E 883 -12.14 -69.87 5.49
N LEU E 884 -13.30 -69.81 4.85
CA LEU E 884 -14.05 -71.01 4.52
C LEU E 884 -13.18 -71.96 3.71
N GLN E 885 -12.47 -71.43 2.73
CA GLN E 885 -11.55 -72.22 1.93
C GLN E 885 -10.50 -72.88 2.80
N GLU E 886 -9.77 -72.09 3.56
CA GLU E 886 -8.64 -72.61 4.32
C GLU E 886 -9.01 -73.52 5.49
N ASN E 887 -10.20 -73.36 6.06
CA ASN E 887 -10.62 -74.12 7.26
C ASN E 887 -11.84 -75.02 7.08
N LEU E 888 -12.38 -75.13 5.87
CA LEU E 888 -13.56 -75.97 5.61
C LEU E 888 -13.45 -76.76 4.29
N GLY E 889 -13.52 -76.05 3.17
CA GLY E 889 -13.67 -76.66 1.86
C GLY E 889 -12.44 -77.36 1.34
N SER E 890 -11.31 -76.67 1.30
CA SER E 890 -10.13 -77.14 0.57
C SER E 890 -9.55 -78.44 1.10
N ARG E 891 -8.67 -79.02 0.27
CA ARG E 891 -7.94 -80.21 0.66
C ARG E 891 -7.14 -79.97 1.92
N ILE E 892 -6.41 -78.86 1.96
CA ILE E 892 -5.56 -78.50 3.11
C ILE E 892 -6.35 -78.30 4.43
N ALA E 893 -7.63 -77.94 4.34
CA ALA E 893 -8.50 -77.76 5.51
C ALA E 893 -8.68 -79.04 6.30
N ALA E 894 -9.11 -80.10 5.61
CA ALA E 894 -9.27 -81.40 6.24
C ALA E 894 -7.93 -82.04 6.67
N LEU E 895 -6.83 -81.69 5.98
CA LEU E 895 -5.48 -82.16 6.35
C LEU E 895 -5.03 -81.71 7.75
N LYS E 896 -5.55 -80.57 8.23
CA LYS E 896 -5.22 -80.06 9.56
C LYS E 896 -5.74 -80.92 10.72
N VAL E 897 -6.88 -81.58 10.52
CA VAL E 897 -7.69 -82.06 11.65
C VAL E 897 -7.00 -83.17 12.48
N SER F 1 -33.10 -52.88 16.71
CA SER F 1 -33.22 -53.87 15.61
C SER F 1 -31.86 -54.45 15.26
N LEU F 2 -31.71 -55.75 15.49
CA LEU F 2 -30.49 -56.47 15.14
C LEU F 2 -30.45 -56.79 13.62
N ARG F 3 -30.41 -55.75 12.80
CA ARG F 3 -30.45 -55.87 11.35
C ARG F 3 -29.25 -55.15 10.74
N PHE F 4 -28.28 -55.91 10.25
CA PHE F 4 -27.10 -55.35 9.56
C PHE F 4 -27.50 -54.89 8.14
N LEU F 5 -26.53 -54.43 7.35
CA LEU F 5 -26.78 -53.77 6.06
C LEU F 5 -25.54 -53.90 5.17
N TYR F 6 -25.74 -54.27 3.89
CA TYR F 6 -24.62 -54.54 2.97
C TYR F 6 -25.03 -54.62 1.46
N GLU F 7 -24.17 -54.08 0.58
CA GLU F 7 -24.45 -53.92 -0.86
C GLU F 7 -23.31 -54.45 -1.74
N GLY F 8 -23.49 -54.37 -3.06
CA GLY F 8 -22.45 -54.68 -4.03
C GLY F 8 -22.03 -56.14 -4.03
N LEU G 48 20.86 -80.61 2.37
CA LEU G 48 20.27 -80.48 3.75
C LEU G 48 18.74 -80.57 3.71
N GLU G 49 18.15 -81.26 4.69
CA GLU G 49 16.71 -81.54 4.73
C GLU G 49 15.99 -80.68 5.78
N PRO G 50 14.75 -80.26 5.52
CA PRO G 50 14.06 -79.46 6.55
C PRO G 50 13.56 -80.25 7.76
N PHE G 51 13.99 -79.84 8.97
CA PHE G 51 13.36 -80.26 10.23
C PHE G 51 12.00 -79.58 10.35
N TYR G 52 11.04 -80.29 10.93
CA TYR G 52 9.70 -79.74 11.20
C TYR G 52 9.35 -79.92 12.67
N VAL G 53 8.85 -78.86 13.30
CA VAL G 53 8.56 -78.92 14.73
C VAL G 53 7.35 -79.81 15.00
N GLU G 54 7.36 -80.39 16.18
CA GLU G 54 6.30 -81.29 16.61
C GLU G 54 4.96 -80.57 16.53
N ARG G 55 3.99 -81.21 15.88
CA ARG G 55 2.66 -80.65 15.62
C ARG G 55 1.65 -80.98 16.73
N TYR G 56 1.67 -80.20 17.81
CA TYR G 56 0.73 -80.39 18.92
C TYR G 56 -0.57 -79.61 18.72
N SER G 57 -1.60 -80.00 19.45
CA SER G 57 -2.88 -79.28 19.48
C SER G 57 -2.75 -77.99 20.28
N TRP G 58 -3.83 -77.21 20.29
CA TRP G 58 -3.94 -76.02 21.13
C TRP G 58 -3.91 -76.44 22.60
N SER G 59 -4.82 -77.33 22.98
CA SER G 59 -4.92 -77.81 24.36
C SER G 59 -3.64 -78.53 24.82
N GLN G 60 -3.00 -79.22 23.88
CA GLN G 60 -1.72 -79.88 24.12
C GLN G 60 -0.60 -78.89 24.38
N LEU G 61 -0.59 -77.79 23.64
CA LEU G 61 0.41 -76.73 23.84
C LEU G 61 0.20 -75.98 25.15
N LYS G 62 -1.06 -75.71 25.51
CA LYS G 62 -1.37 -75.13 26.84
C LYS G 62 -0.82 -76.03 27.92
N LYS G 63 -1.11 -77.32 27.78
CA LYS G 63 -0.61 -78.37 28.66
C LYS G 63 0.92 -78.35 28.77
N LEU G 64 1.60 -78.28 27.62
CA LEU G 64 3.07 -78.21 27.58
C LEU G 64 3.60 -76.93 28.22
N LEU G 65 3.02 -75.81 27.82
CA LEU G 65 3.39 -74.51 28.37
C LEU G 65 3.19 -74.45 29.88
N ALA G 66 2.05 -74.93 30.36
CA ALA G 66 1.74 -74.94 31.79
C ALA G 66 2.77 -75.69 32.64
N ASP G 67 3.17 -76.88 32.18
CA ASP G 67 4.16 -77.71 32.87
C ASP G 67 5.57 -77.11 32.84
N THR G 68 5.97 -76.57 31.67
CA THR G 68 7.31 -75.98 31.51
C THR G 68 7.48 -74.64 32.28
N ARG G 69 6.37 -73.95 32.55
CA ARG G 69 6.37 -72.73 33.36
C ARG G 69 6.23 -73.03 34.87
N LYS G 70 6.07 -74.30 35.22
CA LYS G 70 5.67 -74.72 36.58
C LYS G 70 6.59 -74.21 37.69
N TYR G 71 7.88 -74.54 37.59
CA TYR G 71 8.85 -74.30 38.67
C TYR G 71 9.51 -72.91 38.59
N HIS G 72 8.72 -71.87 38.89
CA HIS G 72 9.15 -70.45 38.82
C HIS G 72 8.56 -69.63 39.98
N LYS G 78 12.00 -62.63 42.27
CA LYS G 78 12.49 -61.26 42.51
C LYS G 78 13.54 -61.20 43.63
N ALA G 79 14.44 -60.23 43.52
CA ALA G 79 15.62 -60.07 44.39
C ALA G 79 15.37 -58.98 45.46
N PRO G 80 16.40 -58.62 46.29
CA PRO G 80 16.34 -57.45 47.19
C PRO G 80 17.02 -56.19 46.65
N HIS G 81 16.69 -55.04 47.24
CA HIS G 81 17.05 -53.73 46.65
C HIS G 81 16.72 -52.56 47.60
N ASP G 82 17.02 -51.33 47.16
CA ASP G 82 16.92 -50.11 47.98
C ASP G 82 17.60 -50.33 49.33
N PHE G 83 18.89 -50.66 49.25
CA PHE G 83 19.70 -50.96 50.43
C PHE G 83 20.06 -49.71 51.21
N MET G 84 20.43 -49.88 52.46
CA MET G 84 20.89 -48.77 53.30
C MET G 84 21.70 -49.28 54.49
N PHE G 85 22.90 -48.74 54.66
CA PHE G 85 23.80 -49.13 55.76
C PHE G 85 23.68 -48.12 56.90
N VAL G 86 23.28 -48.63 58.06
CA VAL G 86 23.22 -47.82 59.28
C VAL G 86 24.27 -48.37 60.23
N LYS G 87 24.98 -47.46 60.90
CA LYS G 87 26.04 -47.84 61.83
C LYS G 87 25.49 -48.14 63.24
N ARG G 88 25.92 -49.26 63.83
CA ARG G 88 25.45 -49.71 65.15
C ARG G 88 26.13 -48.96 66.28
N ASN G 89 27.40 -48.57 66.05
CA ASN G 89 28.19 -47.75 66.98
C ASN G 89 28.22 -48.35 68.38
N ASP G 90 28.47 -49.65 68.46
CA ASP G 90 28.53 -50.36 69.73
C ASP G 90 29.89 -51.05 69.85
N PRO G 91 30.82 -50.46 70.63
CA PRO G 91 32.16 -51.06 70.75
C PRO G 91 32.25 -52.42 71.46
N ASP G 92 31.20 -52.83 72.19
CA ASP G 92 31.16 -54.18 72.77
C ASP G 92 30.55 -55.23 71.85
N GLY G 93 29.55 -54.83 71.07
CA GLY G 93 28.76 -55.76 70.26
C GLY G 93 29.51 -56.34 69.08
N PRO G 94 28.91 -57.34 68.40
CA PRO G 94 29.57 -58.01 67.27
C PRO G 94 29.22 -57.47 65.87
N HIS G 95 28.35 -56.46 65.80
CA HIS G 95 27.81 -55.97 64.53
C HIS G 95 28.25 -54.56 64.26
N SER G 96 28.94 -54.37 63.14
CA SER G 96 29.40 -53.07 62.68
C SER G 96 28.23 -52.28 62.12
N ASP G 97 27.57 -52.89 61.13
CA ASP G 97 26.45 -52.29 60.43
C ASP G 97 25.17 -53.15 60.53
N ARG G 98 24.06 -52.50 60.19
CA ARG G 98 22.77 -53.15 59.98
C ARG G 98 22.23 -52.60 58.67
N ILE G 99 22.14 -53.46 57.66
CA ILE G 99 21.54 -53.07 56.40
C ILE G 99 20.02 -53.17 56.52
N TYR G 100 19.33 -52.29 55.79
CA TYR G 100 17.88 -52.31 55.60
C TYR G 100 17.59 -52.33 54.10
N TYR G 101 16.51 -52.99 53.68
CA TYR G 101 16.20 -53.13 52.25
C TYR G 101 14.79 -53.68 51.98
N LEU G 102 14.38 -53.63 50.71
CA LEU G 102 13.09 -54.21 50.26
C LEU G 102 13.31 -55.55 49.55
N ALA G 103 12.33 -56.44 49.66
CA ALA G 103 12.42 -57.82 49.15
C ALA G 103 11.06 -58.54 49.18
N MET G 104 11.02 -59.81 48.76
CA MET G 104 9.78 -60.59 48.71
C MET G 104 9.63 -61.64 49.85
N ARG G 109 2.06 -62.81 48.52
CA ARG G 109 3.47 -62.77 48.17
C ARG G 109 3.95 -61.31 47.92
N GLU G 110 3.73 -60.45 48.92
CA GLU G 110 4.05 -59.00 48.81
C GLU G 110 5.56 -58.69 48.96
N ASN G 111 5.89 -57.43 48.70
CA ASN G 111 7.25 -56.87 48.78
C ASN G 111 7.38 -55.94 50.03
N THR G 112 8.23 -56.30 51.00
CA THR G 112 8.32 -55.60 52.33
C THR G 112 9.74 -55.16 52.71
N LEU G 113 9.83 -54.26 53.69
CA LEU G 113 11.09 -53.96 54.38
C LEU G 113 11.68 -55.12 55.20
N PHE G 114 12.95 -55.40 54.95
CA PHE G 114 13.74 -56.35 55.72
C PHE G 114 15.02 -55.66 56.22
N TYR G 115 15.58 -56.20 57.30
CA TYR G 115 16.90 -55.80 57.79
C TYR G 115 17.79 -57.01 58.02
N SER G 116 19.09 -56.80 57.95
CA SER G 116 20.07 -57.84 58.28
C SER G 116 21.30 -57.21 58.94
N GLU G 117 22.06 -58.04 59.66
CA GLU G 117 23.20 -57.59 60.47
C GLU G 117 24.53 -57.94 59.83
N ILE G 118 25.39 -56.94 59.72
CA ILE G 118 26.74 -57.14 59.17
C ILE G 118 27.65 -57.34 60.38
N PRO G 119 28.32 -58.51 60.48
CA PRO G 119 29.23 -58.69 61.63
C PRO G 119 30.55 -57.92 61.46
N LYS G 120 31.24 -57.71 62.58
CA LYS G 120 32.54 -57.02 62.59
C LYS G 120 33.63 -57.91 62.04
N THR G 121 33.55 -59.21 62.31
CA THR G 121 34.48 -60.18 61.74
C THR G 121 33.75 -61.42 61.22
N ILE G 122 34.43 -62.15 60.35
CA ILE G 122 33.90 -63.36 59.70
C ILE G 122 34.92 -64.51 59.79
N ASN G 123 34.42 -65.72 59.95
CA ASN G 123 35.29 -66.88 59.84
C ASN G 123 35.57 -67.00 58.36
N ARG G 124 36.80 -66.68 57.96
CA ARG G 124 37.16 -66.65 56.53
C ARG G 124 37.25 -68.03 55.86
N ALA G 125 37.18 -69.09 56.65
CA ALA G 125 36.89 -70.44 56.12
C ALA G 125 35.42 -70.53 55.71
N ALA G 126 34.53 -70.04 56.57
CA ALA G 126 33.08 -70.05 56.33
C ALA G 126 32.64 -69.25 55.10
N VAL G 127 31.37 -69.40 54.72
CA VAL G 127 30.75 -68.66 53.63
C VAL G 127 29.47 -68.11 54.22
N LEU G 128 29.58 -67.00 54.95
CA LEU G 128 28.45 -66.45 55.72
C LEU G 128 27.22 -66.09 54.86
N MET G 129 26.06 -66.64 55.25
CA MET G 129 24.76 -66.31 54.66
C MET G 129 24.03 -65.34 55.59
N LEU G 130 23.80 -64.11 55.15
CA LEU G 130 23.11 -63.11 55.99
C LEU G 130 21.66 -63.51 56.22
N SER G 131 21.18 -63.29 57.45
CA SER G 131 19.83 -63.67 57.87
C SER G 131 18.85 -62.54 57.59
N TRP G 132 17.79 -62.85 56.87
CA TRP G 132 16.74 -61.87 56.52
C TRP G 132 15.79 -61.70 57.69
N LYS G 133 15.86 -60.56 58.37
CA LYS G 133 14.98 -60.27 59.48
C LYS G 133 13.92 -59.29 58.99
N PRO G 134 12.63 -59.62 59.15
CA PRO G 134 11.63 -58.68 58.68
C PRO G 134 11.48 -57.52 59.66
N LEU G 135 11.39 -56.32 59.11
CA LEU G 135 11.25 -55.10 59.90
C LEU G 135 9.81 -54.90 60.40
N LEU G 136 8.83 -55.31 59.58
CA LEU G 136 7.42 -55.03 59.83
C LEU G 136 6.64 -56.27 60.24
N ASP G 137 5.93 -56.19 61.39
CA ASP G 137 5.00 -57.24 61.84
C ASP G 137 3.73 -57.01 61.04
N LEU G 138 3.37 -57.98 60.20
CA LEU G 138 2.27 -57.85 59.26
C LEU G 138 1.39 -59.10 59.27
N PHE G 139 0.09 -58.89 59.28
CA PHE G 139 -0.88 -59.97 59.22
C PHE G 139 -0.99 -60.41 57.76
N GLN G 140 -0.52 -61.64 57.47
CA GLN G 140 -0.50 -62.22 56.12
C GLN G 140 0.31 -61.42 55.06
N ALA G 141 1.39 -60.75 55.49
CA ALA G 141 2.24 -59.94 54.60
C ALA G 141 1.44 -58.94 53.73
N THR G 142 0.73 -58.00 54.38
CA THR G 142 -0.04 -56.93 53.70
C THR G 142 0.05 -55.61 54.49
N TYR G 148 -6.79 -51.64 44.83
CA TYR G 148 -5.97 -50.69 44.09
C TYR G 148 -6.74 -49.50 43.49
N SER G 149 -6.07 -48.35 43.44
CA SER G 149 -6.60 -47.12 42.82
C SER G 149 -6.07 -46.95 41.41
N ARG G 150 -6.58 -45.96 40.68
CA ARG G 150 -6.08 -45.65 39.35
C ARG G 150 -4.71 -45.00 39.46
N GLU G 151 -4.65 -43.91 40.23
CA GLU G 151 -3.41 -43.17 40.49
C GLU G 151 -2.20 -44.10 40.67
N GLU G 152 -2.39 -45.18 41.45
CA GLU G 152 -1.37 -46.21 41.63
C GLU G 152 -1.21 -47.08 40.41
N GLU G 153 -2.30 -47.69 39.94
CA GLU G 153 -2.21 -48.69 38.86
C GLU G 153 -1.57 -48.08 37.60
N LEU G 154 -1.74 -46.76 37.44
CA LEU G 154 -1.08 -45.98 36.37
C LEU G 154 0.39 -45.71 36.63
N LEU G 155 0.70 -45.09 37.78
CA LEU G 155 2.09 -44.84 38.19
C LEU G 155 2.90 -46.16 38.19
N ARG G 156 2.25 -47.26 38.53
CA ARG G 156 2.86 -48.60 38.44
C ARG G 156 3.20 -49.08 37.01
N GLU G 157 2.53 -48.52 36.00
CA GLU G 157 2.89 -48.73 34.60
C GLU G 157 4.10 -47.89 34.23
N ARG G 158 4.02 -46.59 34.51
CA ARG G 158 5.07 -45.62 34.17
C ARG G 158 6.43 -46.05 34.77
N LYS G 159 6.39 -46.53 36.01
CA LYS G 159 7.58 -47.04 36.72
C LYS G 159 8.05 -48.42 36.29
N ARG G 160 7.19 -49.16 35.57
CA ARG G 160 7.49 -50.51 35.06
C ARG G 160 7.72 -51.50 36.20
N ILE G 161 6.82 -51.49 37.18
CA ILE G 161 6.86 -52.39 38.35
C ILE G 161 5.69 -53.37 38.34
N GLY G 162 6.01 -54.67 38.34
CA GLY G 162 5.04 -55.73 38.61
C GLY G 162 5.35 -56.40 39.95
N THR G 163 5.59 -55.57 40.98
CA THR G 163 5.94 -56.04 42.33
C THR G 163 5.06 -55.30 43.34
N VAL G 164 4.02 -55.99 43.80
CA VAL G 164 3.07 -55.44 44.75
C VAL G 164 3.69 -55.40 46.15
N GLY G 165 3.37 -54.34 46.89
CA GLY G 165 3.86 -54.12 48.25
C GLY G 165 4.53 -52.78 48.36
N ILE G 166 5.47 -52.65 49.31
CA ILE G 166 6.22 -51.41 49.50
C ILE G 166 7.13 -51.19 48.28
N ALA G 167 7.02 -49.99 47.70
CA ALA G 167 7.61 -49.66 46.40
C ALA G 167 9.00 -49.08 46.58
N SER G 168 9.07 -48.02 47.36
CA SER G 168 10.32 -47.45 47.82
C SER G 168 10.15 -47.19 49.30
N TYR G 169 11.11 -46.50 49.89
CA TYR G 169 10.91 -45.90 51.20
C TYR G 169 11.75 -44.66 51.40
N ASP G 170 11.40 -43.92 52.45
CA ASP G 170 12.09 -42.72 52.89
C ASP G 170 12.59 -43.01 54.30
N TYR G 171 13.77 -42.48 54.64
CA TYR G 171 14.35 -42.64 55.98
C TYR G 171 15.03 -41.33 56.39
N HIS G 172 14.78 -40.90 57.64
CA HIS G 172 15.45 -39.75 58.22
C HIS G 172 16.61 -40.26 59.11
N GLN G 173 17.84 -39.90 58.73
CA GLN G 173 19.07 -40.31 59.42
C GLN G 173 19.06 -40.10 60.93
N GLY G 174 18.90 -38.84 61.35
CA GLY G 174 19.09 -38.43 62.74
C GLY G 174 18.00 -38.79 63.75
N SER G 175 16.97 -39.46 63.27
CA SER G 175 15.80 -39.85 64.06
C SER G 175 15.56 -41.36 64.08
N GLY G 176 15.70 -42.01 62.92
CA GLY G 176 15.37 -43.42 62.74
C GLY G 176 14.08 -43.62 61.95
N THR G 177 13.38 -42.52 61.68
CA THR G 177 12.06 -42.53 61.05
C THR G 177 12.10 -43.07 59.60
N PHE G 178 11.52 -44.26 59.41
CA PHE G 178 11.12 -44.74 58.07
C PHE G 178 9.79 -44.10 57.71
N LEU G 179 9.51 -44.03 56.42
CA LEU G 179 8.21 -43.57 55.91
C LEU G 179 7.95 -44.20 54.56
N PHE G 180 6.83 -44.89 54.43
CA PHE G 180 6.54 -45.65 53.22
C PHE G 180 5.04 -45.82 53.01
N GLN G 181 4.63 -45.70 51.75
CA GLN G 181 3.26 -45.86 51.33
C GLN G 181 3.06 -47.32 50.95
N ALA G 182 2.26 -48.03 51.73
CA ALA G 182 1.82 -49.39 51.39
C ALA G 182 0.35 -49.29 51.01
N GLY G 183 0.10 -49.17 49.70
CA GLY G 183 -1.26 -49.06 49.19
C GLY G 183 -1.87 -47.71 49.51
N SER G 184 -3.11 -47.73 50.00
CA SER G 184 -3.80 -46.51 50.45
C SER G 184 -3.23 -45.99 51.77
N GLY G 185 -2.64 -46.87 52.57
CA GLY G 185 -2.05 -46.49 53.86
C GLY G 185 -0.65 -45.89 53.73
N ILE G 186 -0.41 -44.81 54.48
CA ILE G 186 0.94 -44.26 54.67
C ILE G 186 1.40 -44.58 56.08
N TYR G 187 2.46 -45.37 56.18
CA TYR G 187 3.00 -45.85 57.45
C TYR G 187 4.41 -45.36 57.74
N HIS G 188 4.71 -45.16 59.03
CA HIS G 188 6.04 -44.85 59.52
C HIS G 188 6.41 -45.76 60.69
N VAL G 189 7.69 -46.16 60.75
CA VAL G 189 8.26 -46.81 61.94
C VAL G 189 9.60 -46.15 62.26
N LYS G 190 10.13 -46.46 63.44
CA LYS G 190 11.43 -45.93 63.91
C LYS G 190 12.42 -47.06 64.15
N ASP G 191 13.61 -46.97 63.56
CA ASP G 191 14.69 -47.91 63.86
C ASP G 191 16.06 -47.39 63.43
N GLY G 192 17.07 -47.70 64.25
CA GLY G 192 18.45 -47.32 63.97
C GLY G 192 18.90 -45.90 64.27
N GLY G 193 17.97 -45.05 64.72
CA GLY G 193 18.30 -43.69 65.14
C GLY G 193 18.59 -43.66 66.64
N PRO G 194 18.70 -42.45 67.22
CA PRO G 194 18.95 -42.28 68.65
C PRO G 194 18.41 -43.41 69.55
N GLN G 195 17.13 -43.73 69.41
CA GLN G 195 16.49 -44.76 70.24
C GLN G 195 17.11 -46.16 70.12
N GLY G 196 17.69 -46.46 68.96
CA GLY G 196 18.49 -47.67 68.78
C GLY G 196 17.83 -48.66 67.85
N PHE G 197 18.09 -49.95 68.09
CA PHE G 197 17.76 -51.02 67.15
C PHE G 197 16.87 -52.09 67.75
N THR G 198 15.78 -52.41 67.06
CA THR G 198 14.87 -53.51 67.45
C THR G 198 15.53 -54.88 67.24
N GLN G 199 14.91 -55.89 67.85
CA GLN G 199 15.25 -57.29 67.59
C GLN G 199 14.03 -58.12 67.17
N GLN G 200 12.93 -57.44 66.84
CA GLN G 200 11.73 -58.10 66.39
C GLN G 200 10.89 -57.12 65.61
N PRO G 201 9.92 -57.62 64.83
CA PRO G 201 9.25 -56.70 63.92
C PRO G 201 8.41 -55.63 64.62
N LEU G 202 8.32 -54.48 63.96
CA LEU G 202 7.62 -53.29 64.45
C LEU G 202 6.23 -53.16 63.81
N ARG G 203 5.32 -52.49 64.52
CA ARG G 203 3.96 -52.27 64.03
C ARG G 203 3.94 -51.01 63.18
N PRO G 204 3.52 -51.13 61.89
CA PRO G 204 3.38 -49.93 61.06
C PRO G 204 2.35 -48.96 61.65
N ASN G 205 2.78 -47.71 61.87
CA ASN G 205 1.93 -46.68 62.47
C ASN G 205 1.34 -45.78 61.39
N LEU G 206 0.03 -45.86 61.23
CA LEU G 206 -0.69 -45.20 60.13
C LEU G 206 -0.80 -43.69 60.33
N VAL G 207 -0.34 -42.93 59.34
CA VAL G 207 -0.50 -41.49 59.34
C VAL G 207 -1.97 -41.20 59.12
N GLU G 208 -2.58 -40.52 60.10
CA GLU G 208 -4.01 -40.22 60.07
C GLU G 208 -4.26 -39.10 59.08
N THR G 209 -5.39 -39.17 58.38
CA THR G 209 -5.77 -38.11 57.45
C THR G 209 -7.28 -37.84 57.43
N SER G 210 -7.61 -36.59 57.20
CA SER G 210 -8.95 -36.20 56.80
C SER G 210 -9.17 -36.45 55.31
N CYS G 211 -8.09 -36.45 54.53
CA CYS G 211 -8.21 -36.44 53.06
C CYS G 211 -9.02 -37.63 52.56
N PRO G 212 -10.02 -37.37 51.68
CA PRO G 212 -10.95 -38.40 51.24
C PRO G 212 -10.37 -39.42 50.28
N ASN G 213 -9.32 -39.03 49.55
CA ASN G 213 -8.77 -39.82 48.44
C ASN G 213 -7.36 -40.33 48.76
N ILE G 214 -6.85 -41.16 47.86
CA ILE G 214 -5.49 -41.72 47.96
C ILE G 214 -4.41 -40.64 48.03
N ARG G 215 -3.45 -40.88 48.91
CA ARG G 215 -2.29 -40.00 49.05
C ARG G 215 -1.10 -40.65 48.37
N MET G 216 -0.43 -39.89 47.50
CA MET G 216 0.68 -40.40 46.70
C MET G 216 1.96 -39.64 47.05
N ASP G 217 3.11 -40.28 46.85
CA ASP G 217 4.45 -39.64 46.84
C ASP G 217 4.88 -39.03 48.19
N PRO G 218 4.73 -39.78 49.30
CA PRO G 218 4.89 -39.16 50.61
C PRO G 218 6.35 -39.06 51.03
N LYS G 219 6.80 -37.85 51.31
CA LYS G 219 8.20 -37.57 51.62
C LYS G 219 8.38 -36.95 53.00
N LEU G 220 9.30 -37.51 53.78
CA LEU G 220 9.73 -36.89 55.03
C LEU G 220 10.42 -35.57 54.74
N CYS G 221 10.15 -34.60 55.62
CA CYS G 221 10.97 -33.39 55.69
C CYS G 221 12.33 -33.73 56.32
N PRO G 222 13.45 -33.54 55.59
CA PRO G 222 14.78 -33.82 56.16
C PRO G 222 15.11 -32.95 57.38
N ALA G 223 14.60 -31.71 57.39
CA ALA G 223 14.76 -30.81 58.53
C ALA G 223 14.02 -31.27 59.77
N ASP G 224 12.84 -31.88 59.60
CA ASP G 224 11.97 -32.22 60.72
C ASP G 224 11.15 -33.50 60.48
N PRO G 225 11.58 -34.64 61.04
CA PRO G 225 10.87 -35.90 60.79
C PRO G 225 9.52 -36.08 61.47
N ASP G 226 9.08 -35.09 62.25
CA ASP G 226 7.66 -35.01 62.61
C ASP G 226 6.79 -34.71 61.37
N TRP G 227 7.35 -33.97 60.40
CA TRP G 227 6.63 -33.56 59.19
C TRP G 227 6.81 -34.46 57.96
N ILE G 228 5.71 -34.68 57.24
CA ILE G 228 5.73 -35.26 55.90
C ILE G 228 4.92 -34.37 55.00
N ALA G 229 5.17 -34.50 53.71
CA ALA G 229 4.32 -33.94 52.69
C ALA G 229 3.82 -35.09 51.86
N PHE G 230 2.80 -34.82 51.05
CA PHE G 230 2.31 -35.76 50.07
C PHE G 230 1.41 -35.07 49.06
N ILE G 231 1.10 -35.78 47.98
CA ILE G 231 0.18 -35.34 46.96
C ILE G 231 -1.19 -35.92 47.29
N HIS G 232 -2.24 -35.14 47.01
CA HIS G 232 -3.62 -35.61 47.08
C HIS G 232 -4.46 -34.80 46.12
N SER G 233 -5.09 -35.45 45.17
CA SER G 233 -5.87 -34.77 44.13
C SER G 233 -5.06 -33.61 43.53
N ASN G 234 -3.83 -33.95 43.13
CA ASN G 234 -2.90 -33.04 42.45
C ASN G 234 -2.56 -31.75 43.19
N ASP G 235 -2.49 -31.82 44.52
CA ASP G 235 -2.08 -30.67 45.33
C ASP G 235 -1.19 -31.15 46.47
N ILE G 236 -0.31 -30.26 46.95
CA ILE G 236 0.62 -30.59 48.02
C ILE G 236 -0.06 -30.35 49.34
N TRP G 237 -0.20 -31.42 50.09
CA TRP G 237 -0.64 -31.39 51.46
C TRP G 237 0.55 -31.69 52.36
N ILE G 238 0.43 -31.33 53.63
CA ILE G 238 1.39 -31.71 54.66
C ILE G 238 0.63 -32.22 55.88
N SER G 239 1.14 -33.30 56.45
CA SER G 239 0.59 -33.88 57.67
C SER G 239 1.75 -34.00 58.66
N ASN G 240 1.43 -33.97 59.94
CA ASN G 240 2.41 -34.18 61.02
C ASN G 240 2.19 -35.57 61.64
N ILE G 241 3.25 -36.37 61.73
CA ILE G 241 3.10 -37.76 62.24
C ILE G 241 2.97 -37.88 63.75
N VAL G 242 3.19 -36.78 64.49
CA VAL G 242 3.05 -36.77 65.98
C VAL G 242 1.95 -35.85 66.52
N THR G 243 1.77 -34.68 65.93
CA THR G 243 0.67 -33.77 66.30
C THR G 243 -0.65 -34.18 65.59
N ARG G 244 -0.56 -34.70 64.37
CA ARG G 244 -1.71 -34.94 63.45
C ARG G 244 -2.23 -33.66 62.75
N GLU G 245 -1.58 -32.53 62.95
CA GLU G 245 -1.97 -31.32 62.24
C GLU G 245 -1.75 -31.59 60.76
N GLU G 246 -2.84 -31.51 59.99
CA GLU G 246 -2.80 -31.67 58.55
C GLU G 246 -3.22 -30.38 57.87
N ARG G 247 -2.60 -30.08 56.74
CA ARG G 247 -2.88 -28.82 56.04
C ARG G 247 -2.53 -28.87 54.57
N ARG G 248 -3.43 -28.34 53.75
CA ARG G 248 -3.21 -28.22 52.32
C ARG G 248 -2.40 -26.94 52.07
N LEU G 249 -1.40 -27.05 51.19
CA LEU G 249 -0.56 -25.91 50.84
C LEU G 249 -0.97 -25.27 49.53
N THR G 250 -1.38 -26.09 48.56
CA THR G 250 -1.77 -25.64 47.22
C THR G 250 -3.24 -25.95 46.96
N TYR G 251 -3.94 -25.01 46.32
CA TYR G 251 -5.39 -25.12 46.04
C TYR G 251 -5.64 -24.97 44.52
N VAL G 252 -4.87 -25.72 43.75
CA VAL G 252 -4.86 -25.57 42.31
C VAL G 252 -5.96 -26.43 41.71
N HIS G 253 -5.83 -27.75 41.83
CA HIS G 253 -6.82 -28.68 41.25
C HIS G 253 -7.98 -28.86 42.21
N ASN G 254 -9.14 -28.38 41.79
CA ASN G 254 -10.42 -28.69 42.43
C ASN G 254 -10.81 -30.16 42.16
N GLU G 255 -10.80 -30.96 43.22
CA GLU G 255 -11.07 -32.41 43.13
C GLU G 255 -12.44 -32.78 42.52
N LEU G 256 -13.46 -31.96 42.79
CA LEU G 256 -14.84 -32.19 42.29
C LEU G 256 -14.97 -32.01 40.78
N ALA G 257 -14.32 -30.96 40.26
CA ALA G 257 -14.37 -30.57 38.84
C ALA G 257 -13.96 -31.70 37.89
N ASN G 258 -14.66 -31.82 36.77
CA ASN G 258 -14.22 -32.70 35.67
C ASN G 258 -12.97 -32.11 35.00
N MET G 259 -12.28 -32.95 34.24
CA MET G 259 -10.95 -32.61 33.70
C MET G 259 -10.87 -31.40 32.78
N GLU G 260 -11.80 -31.33 31.82
CA GLU G 260 -11.73 -30.38 30.72
C GLU G 260 -11.58 -28.93 31.22
N GLU G 261 -12.28 -28.60 32.29
CA GLU G 261 -12.10 -27.32 32.99
C GLU G 261 -10.82 -27.29 33.84
N ASP G 262 -10.58 -28.35 34.61
CA ASP G 262 -9.50 -28.40 35.61
C ASP G 262 -8.29 -29.21 35.11
N ALA G 263 -7.37 -28.52 34.45
CA ALA G 263 -6.20 -29.16 33.86
C ALA G 263 -4.92 -28.66 34.51
N ARG G 264 -5.01 -28.31 35.79
CA ARG G 264 -3.85 -27.87 36.54
C ARG G 264 -3.49 -28.87 37.61
N SER G 265 -2.31 -28.68 38.21
CA SER G 265 -1.78 -29.60 39.22
C SER G 265 -0.51 -29.02 39.84
N ALA G 266 -0.20 -29.44 41.07
CA ALA G 266 1.02 -29.01 41.76
C ALA G 266 1.69 -30.18 42.46
N GLY G 267 3.02 -30.21 42.46
CA GLY G 267 3.81 -31.30 43.06
C GLY G 267 3.76 -32.65 42.36
N VAL G 268 3.24 -32.68 41.13
CA VAL G 268 3.00 -33.90 40.38
C VAL G 268 3.83 -33.83 39.11
N ALA G 269 4.35 -34.98 38.70
CA ALA G 269 5.04 -35.10 37.43
C ALA G 269 4.01 -35.41 36.34
N THR G 270 4.05 -34.64 35.25
CA THR G 270 3.15 -34.88 34.11
C THR G 270 3.43 -36.23 33.45
N PHE G 271 2.42 -36.79 32.79
CA PHE G 271 2.57 -38.04 32.03
C PHE G 271 3.92 -38.17 31.32
N VAL G 272 4.31 -37.17 30.54
CA VAL G 272 5.49 -37.27 29.67
C VAL G 272 6.77 -37.39 30.49
N LEU G 273 6.86 -36.59 31.54
CA LEU G 273 7.99 -36.67 32.46
C LEU G 273 8.09 -38.05 33.13
N GLN G 274 6.95 -38.66 33.42
CA GLN G 274 6.94 -40.00 34.02
C GLN G 274 7.31 -41.09 33.01
N GLU G 275 6.79 -40.99 31.79
CA GLU G 275 7.03 -42.02 30.77
C GLU G 275 8.34 -41.83 29.99
N GLU G 276 8.87 -40.60 29.94
CA GLU G 276 10.01 -40.29 29.07
C GLU G 276 11.27 -39.83 29.77
N PHE G 277 11.13 -39.11 30.87
CA PHE G 277 12.29 -38.62 31.64
C PHE G 277 12.46 -39.30 33.00
N ASP G 278 11.62 -40.31 33.27
CA ASP G 278 11.61 -41.07 34.52
C ASP G 278 11.75 -40.20 35.77
N ARG G 279 10.93 -39.16 35.82
CA ARG G 279 10.86 -38.29 36.97
C ARG G 279 9.43 -38.44 37.46
N TYR G 280 9.28 -39.00 38.65
CA TYR G 280 7.98 -39.36 39.20
C TYR G 280 7.50 -38.46 40.34
N SER G 281 8.28 -37.45 40.71
CA SER G 281 7.93 -36.53 41.81
C SER G 281 7.91 -35.10 41.31
N GLY G 282 7.05 -34.26 41.89
CA GLY G 282 6.96 -32.83 41.50
C GLY G 282 7.30 -31.79 42.55
N TYR G 283 7.55 -32.21 43.80
CA TYR G 283 7.97 -31.31 44.88
C TYR G 283 9.21 -31.85 45.60
N TRP G 284 9.92 -30.97 46.28
CA TRP G 284 11.19 -31.33 46.95
C TRP G 284 11.39 -30.51 48.23
N TRP G 285 11.40 -31.18 49.37
CA TRP G 285 11.68 -30.52 50.65
C TRP G 285 13.05 -29.83 50.64
N CYS G 286 13.14 -28.71 51.35
CA CYS G 286 14.41 -28.00 51.52
C CYS G 286 15.18 -28.59 52.71
N PRO G 287 16.33 -29.28 52.46
CA PRO G 287 17.09 -30.00 53.49
C PRO G 287 17.18 -29.34 54.87
N LYS G 288 17.37 -28.01 54.90
CA LYS G 288 17.48 -27.24 56.15
C LYS G 288 16.33 -26.28 56.34
N ALA G 289 15.88 -26.16 57.59
CA ALA G 289 14.83 -25.22 57.99
C ALA G 289 15.49 -23.95 58.51
N GLU G 290 14.93 -22.80 58.14
CA GLU G 290 15.45 -21.52 58.58
C GLU G 290 14.84 -21.15 59.93
N THR G 291 15.67 -20.72 60.88
CA THR G 291 15.21 -20.36 62.24
C THR G 291 14.75 -18.89 62.33
N THR G 292 13.56 -18.68 62.93
CA THR G 292 12.96 -17.34 63.09
C THR G 292 13.35 -16.67 64.43
N PRO G 293 13.13 -15.35 64.56
CA PRO G 293 13.35 -14.66 65.85
C PRO G 293 12.45 -15.16 67.01
N SER G 294 11.23 -15.60 66.70
CA SER G 294 10.31 -16.16 67.73
C SER G 294 10.68 -17.56 68.25
N GLY G 295 11.82 -18.11 67.83
CA GLY G 295 12.24 -19.45 68.21
C GLY G 295 11.45 -20.52 67.47
N GLY G 296 11.22 -20.29 66.18
CA GLY G 296 10.47 -21.20 65.31
C GLY G 296 11.26 -21.43 64.04
N LYS G 297 10.68 -22.21 63.12
CA LYS G 297 11.36 -22.57 61.87
C LYS G 297 10.49 -22.31 60.63
N ILE G 298 11.14 -22.15 59.49
CA ILE G 298 10.46 -21.95 58.20
C ILE G 298 10.90 -23.07 57.26
N LEU G 299 10.09 -24.12 57.24
CA LEU G 299 10.25 -25.22 56.31
C LEU G 299 9.81 -24.73 54.94
N ARG G 300 10.53 -25.15 53.90
CA ARG G 300 10.22 -24.79 52.53
C ARG G 300 10.01 -26.02 51.69
N ILE G 301 9.14 -25.88 50.70
CA ILE G 301 8.99 -26.86 49.64
C ILE G 301 9.12 -26.11 48.29
N LEU G 302 10.01 -26.61 47.44
CA LEU G 302 10.06 -26.22 46.03
C LEU G 302 9.15 -27.17 45.27
N TYR G 303 8.22 -26.63 44.49
CA TYR G 303 7.38 -27.48 43.64
C TYR G 303 7.14 -26.95 42.22
N GLU G 304 6.71 -27.89 41.37
CA GLU G 304 6.41 -27.65 39.95
C GLU G 304 4.90 -27.51 39.79
N GLU G 305 4.48 -26.43 39.14
CA GLU G 305 3.06 -26.19 38.86
C GLU G 305 2.85 -26.38 37.36
N ASN G 306 1.98 -27.31 37.00
CA ASN G 306 1.68 -27.62 35.61
C ASN G 306 0.27 -27.14 35.28
N ASP G 307 0.11 -26.67 34.05
CA ASP G 307 -1.17 -26.33 33.49
C ASP G 307 -1.26 -27.04 32.13
N GLU G 308 -1.98 -28.15 32.10
CA GLU G 308 -2.10 -28.98 30.90
C GLU G 308 -3.33 -28.60 30.04
N SER G 309 -3.93 -27.42 30.29
CA SER G 309 -5.15 -26.99 29.61
C SER G 309 -5.02 -26.89 28.10
N GLU G 310 -3.85 -26.44 27.64
CA GLU G 310 -3.54 -26.38 26.23
C GLU G 310 -3.14 -27.75 25.62
N VAL G 311 -2.94 -28.77 26.45
CA VAL G 311 -2.48 -30.08 25.95
C VAL G 311 -3.68 -30.81 25.39
N GLU G 312 -3.44 -31.62 24.37
CA GLU G 312 -4.50 -32.41 23.73
C GLU G 312 -5.10 -33.45 24.67
N ILE G 313 -6.41 -33.64 24.59
CA ILE G 313 -7.11 -34.67 25.38
C ILE G 313 -7.25 -35.93 24.55
N ILE G 314 -6.97 -37.07 25.16
CA ILE G 314 -7.09 -38.37 24.47
C ILE G 314 -8.07 -39.28 25.24
N HIS G 315 -8.90 -40.01 24.48
CA HIS G 315 -9.85 -40.96 25.05
C HIS G 315 -9.33 -42.40 24.90
N VAL G 316 -8.95 -42.98 26.03
CA VAL G 316 -8.54 -44.39 26.14
C VAL G 316 -9.66 -45.13 26.88
N THR G 317 -9.86 -46.41 26.56
CA THR G 317 -10.96 -47.18 27.10
C THR G 317 -10.85 -47.29 28.63
N SER G 318 -12.00 -47.32 29.31
CA SER G 318 -12.05 -47.64 30.75
C SER G 318 -11.95 -49.16 30.89
N PRO G 319 -10.97 -49.65 31.69
CA PRO G 319 -10.74 -51.08 31.88
C PRO G 319 -11.98 -51.93 32.15
N MET G 320 -12.93 -51.41 32.92
CA MET G 320 -14.23 -52.07 33.12
C MET G 320 -15.04 -51.97 31.83
N LEU G 321 -14.93 -53.00 31.00
CA LEU G 321 -15.50 -52.99 29.65
C LEU G 321 -17.02 -52.95 29.69
N GLU G 322 -17.60 -53.35 30.83
CA GLU G 322 -19.05 -53.32 31.07
C GLU G 322 -19.62 -51.92 30.95
N THR G 323 -18.86 -50.93 31.44
CA THR G 323 -19.26 -49.51 31.38
C THR G 323 -19.49 -49.04 29.95
N ARG G 324 -18.61 -49.49 29.05
CA ARG G 324 -18.60 -49.08 27.64
C ARG G 324 -18.32 -47.59 27.53
N ARG G 325 -17.36 -47.15 28.34
CA ARG G 325 -17.00 -45.75 28.50
C ARG G 325 -15.50 -45.62 28.41
N ALA G 326 -15.04 -44.48 27.93
CA ALA G 326 -13.63 -44.26 27.74
C ALA G 326 -13.17 -43.20 28.72
N ASP G 327 -12.07 -43.48 29.39
CA ASP G 327 -11.39 -42.51 30.23
C ASP G 327 -10.70 -41.50 29.34
N SER G 328 -10.49 -40.30 29.89
CA SER G 328 -9.85 -39.23 29.15
C SER G 328 -8.62 -38.81 29.94
N PHE G 329 -7.52 -38.50 29.24
CA PHE G 329 -6.39 -37.79 29.88
C PHE G 329 -5.45 -37.05 28.90
N ARG G 330 -4.56 -36.22 29.46
CA ARG G 330 -3.72 -35.33 28.65
C ARG G 330 -2.55 -36.08 28.06
N TYR G 331 -2.35 -35.91 26.75
CA TYR G 331 -1.35 -36.65 25.97
C TYR G 331 -0.68 -35.73 24.94
N PRO G 332 0.53 -35.25 25.25
CA PRO G 332 1.25 -34.42 24.29
C PRO G 332 1.71 -35.21 23.06
N LYS G 333 0.81 -35.30 22.10
CA LYS G 333 1.09 -35.79 20.74
C LYS G 333 2.28 -35.02 20.16
N THR G 334 3.16 -35.71 19.42
CA THR G 334 4.33 -35.05 18.82
C THR G 334 3.92 -33.82 18.09
N GLY G 335 4.65 -32.73 18.34
CA GLY G 335 4.42 -31.45 17.66
C GLY G 335 3.25 -30.61 18.16
N THR G 336 2.65 -31.03 19.27
CA THR G 336 1.57 -30.28 19.89
C THR G 336 2.10 -29.70 21.19
N ALA G 337 1.22 -29.12 22.00
CA ALA G 337 1.62 -28.51 23.27
C ALA G 337 1.95 -29.54 24.33
N ASN G 338 3.07 -29.28 25.02
CA ASN G 338 3.43 -29.94 26.28
C ASN G 338 2.81 -29.12 27.43
N PRO G 339 2.91 -29.58 28.69
CA PRO G 339 2.36 -28.77 29.81
C PRO G 339 3.02 -27.43 29.95
N LYS G 340 2.34 -26.54 30.69
CA LYS G 340 2.86 -25.21 30.96
C LYS G 340 3.49 -25.21 32.36
N VAL G 341 4.73 -25.67 32.40
CA VAL G 341 5.52 -25.75 33.63
C VAL G 341 6.00 -24.39 34.13
N THR G 342 6.28 -24.36 35.44
CA THR G 342 6.82 -23.21 36.17
C THR G 342 7.07 -23.61 37.62
N PHE G 343 8.06 -22.98 38.25
CA PHE G 343 8.41 -23.28 39.65
C PHE G 343 7.64 -22.42 40.64
N LYS G 344 7.53 -22.93 41.86
CA LYS G 344 6.80 -22.27 42.95
C LYS G 344 7.42 -22.68 44.27
N MET G 345 7.25 -21.86 45.31
CA MET G 345 7.76 -22.17 46.65
C MET G 345 6.72 -21.95 47.73
N SER G 346 6.62 -22.88 48.66
CA SER G 346 5.74 -22.77 49.81
C SER G 346 6.65 -22.60 51.02
N GLU G 347 6.52 -21.47 51.71
CA GLU G 347 7.21 -21.24 52.98
C GLU G 347 6.26 -21.59 54.11
N ILE G 348 6.44 -22.77 54.70
CA ILE G 348 5.61 -23.24 55.81
C ILE G 348 6.22 -22.77 57.12
N MET G 349 5.66 -21.73 57.72
CA MET G 349 6.16 -21.18 58.98
C MET G 349 5.67 -22.02 60.17
N ILE G 350 6.62 -22.56 60.94
CA ILE G 350 6.38 -23.33 62.16
C ILE G 350 6.83 -22.51 63.37
N ASP G 351 6.01 -22.47 64.42
CA ASP G 351 6.38 -21.86 65.73
C ASP G 351 7.16 -22.86 66.59
N ALA G 352 7.67 -22.36 67.72
CA ALA G 352 8.34 -23.19 68.74
C ALA G 352 7.57 -24.47 69.11
N GLU G 353 6.24 -24.37 69.11
CA GLU G 353 5.36 -25.49 69.43
C GLU G 353 5.27 -26.61 68.36
N GLY G 354 5.79 -26.38 67.15
CA GLY G 354 5.56 -27.31 66.01
C GLY G 354 4.16 -27.20 65.43
N ARG G 355 3.53 -26.04 65.66
CA ARG G 355 2.22 -25.70 65.12
C ARG G 355 2.47 -24.79 63.93
N ILE G 356 1.58 -24.85 62.94
CA ILE G 356 1.73 -24.04 61.72
C ILE G 356 1.19 -22.64 62.01
N ILE G 357 2.09 -21.65 61.95
CA ILE G 357 1.72 -20.25 62.15
C ILE G 357 0.89 -19.81 60.94
N ASP G 358 1.51 -19.94 59.77
CA ASP G 358 0.94 -19.46 58.53
C ASP G 358 1.74 -20.08 57.38
N VAL G 359 1.17 -20.10 56.18
CA VAL G 359 1.86 -20.59 54.96
C VAL G 359 1.79 -19.55 53.85
N ILE G 360 2.95 -19.15 53.35
CA ILE G 360 3.06 -18.21 52.23
C ILE G 360 3.37 -19.00 50.95
N ASP G 361 2.57 -18.77 49.91
CA ASP G 361 2.77 -19.39 48.59
C ASP G 361 3.37 -18.36 47.65
N LYS G 362 4.36 -18.77 46.87
CA LYS G 362 5.28 -17.83 46.23
C LYS G 362 5.56 -18.13 44.76
N GLU G 363 5.15 -17.21 43.87
CA GLU G 363 5.43 -17.30 42.43
C GLU G 363 6.82 -16.77 42.11
N LEU G 364 7.35 -17.13 40.93
CA LEU G 364 8.62 -16.59 40.45
C LEU G 364 8.51 -15.09 40.16
N ILE G 365 9.57 -14.33 40.45
CA ILE G 365 9.56 -12.88 40.29
C ILE G 365 9.23 -12.44 38.87
N GLN G 366 9.81 -13.11 37.90
CA GLN G 366 9.43 -12.96 36.51
C GLN G 366 9.05 -14.36 36.07
N PRO G 367 8.28 -14.47 34.97
CA PRO G 367 7.80 -15.81 34.60
C PRO G 367 8.92 -16.81 34.29
N PHE G 368 8.59 -18.08 34.41
CA PHE G 368 9.46 -19.17 34.00
C PHE G 368 9.95 -18.90 32.58
N GLU G 369 8.98 -18.57 31.72
CA GLU G 369 9.19 -18.27 30.29
C GLU G 369 10.38 -17.32 29.99
N ILE G 370 10.56 -16.31 30.85
CA ILE G 370 11.63 -15.30 30.71
C ILE G 370 12.95 -15.77 31.29
N LEU G 371 12.92 -16.18 32.57
CA LEU G 371 14.14 -16.50 33.33
C LEU G 371 14.89 -17.69 32.75
N PHE G 372 14.12 -18.72 32.40
CA PHE G 372 14.64 -19.97 31.85
C PHE G 372 14.19 -20.06 30.40
N GLU G 373 14.68 -19.13 29.58
CA GLU G 373 14.29 -19.01 28.18
C GLU G 373 14.76 -20.23 27.41
N GLY G 374 13.91 -20.74 26.51
CA GLY G 374 14.22 -21.93 25.68
C GLY G 374 13.79 -23.24 26.32
N VAL G 375 13.94 -23.31 27.64
CA VAL G 375 13.57 -24.48 28.47
C VAL G 375 12.12 -24.89 28.29
N GLU G 376 11.89 -26.19 28.22
CA GLU G 376 10.53 -26.73 28.15
C GLU G 376 10.41 -28.14 28.75
N TYR G 377 11.26 -28.45 29.72
CA TYR G 377 11.26 -29.76 30.37
C TYR G 377 12.11 -29.62 31.65
N ILE G 378 11.44 -29.59 32.81
CA ILE G 378 12.13 -29.69 34.09
C ILE G 378 12.48 -31.17 34.25
N ALA G 379 13.67 -31.53 33.78
CA ALA G 379 14.12 -32.92 33.77
C ALA G 379 14.30 -33.43 35.18
N ARG G 380 15.06 -32.68 35.98
CA ARG G 380 15.31 -33.01 37.39
C ARG G 380 15.39 -31.74 38.22
N ALA G 381 15.22 -31.88 39.54
CA ALA G 381 15.39 -30.76 40.46
C ALA G 381 15.56 -31.21 41.89
N GLY G 382 16.03 -30.29 42.72
CA GLY G 382 16.23 -30.52 44.13
C GLY G 382 16.93 -29.34 44.81
N TRP G 383 17.65 -29.64 45.89
CA TRP G 383 18.37 -28.63 46.64
C TRP G 383 19.83 -29.01 46.87
N THR G 384 20.66 -28.00 47.09
CA THR G 384 22.06 -28.19 47.52
C THR G 384 22.06 -28.63 48.98
N PRO G 385 23.06 -29.44 49.41
CA PRO G 385 23.00 -30.03 50.76
C PRO G 385 22.86 -29.00 51.88
N GLU G 386 23.55 -27.87 51.70
CA GLU G 386 23.46 -26.70 52.58
C GLU G 386 22.03 -26.15 52.68
N GLY G 387 21.28 -26.26 51.58
CA GLY G 387 19.90 -25.78 51.50
C GLY G 387 19.77 -24.34 51.01
N LYS G 388 20.88 -23.77 50.53
CA LYS G 388 20.94 -22.37 50.12
C LYS G 388 20.26 -22.17 48.76
N TYR G 389 20.61 -23.02 47.79
CA TYR G 389 20.05 -22.97 46.43
C TYR G 389 19.21 -24.20 46.11
N ALA G 390 18.16 -23.97 45.33
CA ALA G 390 17.43 -25.04 44.66
C ALA G 390 18.05 -25.21 43.30
N TRP G 391 18.38 -26.44 42.92
CA TRP G 391 18.92 -26.71 41.59
C TRP G 391 17.87 -27.33 40.70
N SER G 392 18.16 -27.32 39.40
CA SER G 392 17.28 -27.90 38.41
C SER G 392 17.96 -28.13 37.07
N ILE G 393 17.81 -29.33 36.51
CA ILE G 393 18.33 -29.70 35.18
C ILE G 393 17.23 -29.46 34.15
N LEU G 394 17.51 -28.62 33.15
CA LEU G 394 16.51 -28.12 32.21
C LEU G 394 16.90 -28.31 30.75
N LEU G 395 15.95 -28.79 29.95
CA LEU G 395 16.17 -29.03 28.53
C LEU G 395 15.24 -28.17 27.71
N ASP G 396 15.75 -27.71 26.57
CA ASP G 396 14.90 -27.16 25.52
C ASP G 396 13.99 -28.23 24.91
N ARG G 397 13.08 -27.82 24.04
CA ARG G 397 12.13 -28.76 23.42
C ARG G 397 12.80 -29.84 22.58
N SER G 398 13.78 -29.45 21.79
CA SER G 398 14.50 -30.38 20.93
C SER G 398 15.38 -31.38 21.68
N GLN G 399 15.68 -31.07 22.96
CA GLN G 399 16.46 -31.92 23.87
C GLN G 399 17.92 -32.07 23.43
N THR G 400 18.49 -30.96 23.01
CA THR G 400 19.88 -30.90 22.59
C THR G 400 20.66 -29.82 23.35
N ARG G 401 20.04 -29.22 24.37
CA ARG G 401 20.67 -28.19 25.18
C ARG G 401 20.25 -28.34 26.65
N LEU G 402 21.09 -29.05 27.41
CA LEU G 402 20.89 -29.20 28.85
C LEU G 402 21.54 -28.06 29.61
N GLN G 403 20.91 -27.65 30.71
CA GLN G 403 21.44 -26.62 31.60
C GLN G 403 21.15 -26.99 33.06
N ILE G 404 22.17 -26.93 33.91
CA ILE G 404 21.99 -27.06 35.36
C ILE G 404 21.90 -25.64 35.92
N VAL G 405 20.86 -25.36 36.69
CA VAL G 405 20.51 -23.99 37.10
C VAL G 405 20.22 -23.92 38.61
N LEU G 406 20.90 -22.99 39.27
CA LEU G 406 20.63 -22.67 40.68
C LEU G 406 19.59 -21.55 40.79
N ILE G 407 18.67 -21.75 41.72
CA ILE G 407 17.51 -20.89 41.89
C ILE G 407 17.54 -20.48 43.36
N SER G 408 17.77 -19.19 43.61
CA SER G 408 17.73 -18.66 44.98
C SER G 408 16.27 -18.56 45.42
N PRO G 409 15.94 -19.02 46.63
CA PRO G 409 14.57 -18.80 47.13
C PRO G 409 14.11 -17.34 47.18
N GLU G 410 15.07 -16.41 47.25
CA GLU G 410 14.79 -14.98 47.13
C GLU G 410 14.12 -14.57 45.80
N LEU G 411 14.38 -15.32 44.71
CA LEU G 411 13.69 -15.14 43.41
C LEU G 411 12.17 -15.28 43.49
N PHE G 412 11.68 -16.05 44.45
CA PHE G 412 10.25 -16.19 44.65
C PHE G 412 9.69 -15.08 45.53
N ILE G 413 8.56 -14.51 45.12
CA ILE G 413 7.83 -13.49 45.87
C ILE G 413 6.46 -14.06 46.23
N PRO G 414 5.82 -13.53 47.28
CA PRO G 414 4.45 -13.94 47.56
C PRO G 414 3.45 -13.72 46.41
N VAL G 415 2.63 -14.75 46.19
CA VAL G 415 1.37 -14.65 45.46
C VAL G 415 0.61 -13.45 46.02
N GLU G 416 0.30 -12.47 45.16
CA GLU G 416 -0.51 -11.32 45.55
C GLU G 416 -1.46 -10.83 44.42
N ASP G 417 -2.74 -10.65 44.78
CA ASP G 417 -3.76 -10.16 43.85
C ASP G 417 -3.59 -8.67 43.61
N ASP G 418 -3.49 -7.94 44.73
CA ASP G 418 -3.32 -6.47 44.78
C ASP G 418 -2.00 -6.00 44.13
N VAL G 419 -2.09 -5.29 43.01
CA VAL G 419 -0.91 -4.80 42.25
C VAL G 419 -0.03 -3.81 43.04
N MET G 420 -0.64 -3.06 43.96
CA MET G 420 0.09 -2.12 44.85
C MET G 420 1.11 -2.84 45.73
N GLU G 421 0.70 -3.98 46.28
CA GLU G 421 1.59 -4.85 47.04
C GLU G 421 2.59 -5.55 46.11
N ARG G 422 2.08 -6.18 45.04
CA ARG G 422 2.94 -6.90 44.06
C ARG G 422 4.07 -6.04 43.51
N GLN G 423 3.75 -4.81 43.12
CA GLN G 423 4.75 -3.84 42.68
C GLN G 423 5.73 -3.48 43.79
N ARG G 424 5.21 -3.33 45.01
CA ARG G 424 6.03 -3.10 46.21
C ARG G 424 6.92 -4.31 46.57
N LEU G 425 6.46 -5.52 46.24
CA LEU G 425 7.22 -6.77 46.46
C LEU G 425 8.27 -7.07 45.38
N ILE G 426 7.92 -6.87 44.11
CA ILE G 426 8.89 -7.07 43.03
C ILE G 426 10.07 -6.10 43.22
N GLU G 427 9.76 -4.85 43.55
CA GLU G 427 10.78 -3.83 43.83
C GLU G 427 11.68 -4.18 45.03
N SER G 428 11.11 -4.80 46.06
CA SER G 428 11.88 -5.19 47.26
C SER G 428 12.91 -6.31 47.03
N VAL G 429 12.72 -7.13 46.00
CA VAL G 429 13.69 -8.17 45.63
C VAL G 429 14.85 -7.54 44.84
N PRO G 430 16.11 -7.88 45.15
CA PRO G 430 17.25 -7.26 44.42
C PRO G 430 17.33 -7.57 42.91
N ASP G 431 18.29 -6.92 42.25
CA ASP G 431 18.60 -7.14 40.83
C ASP G 431 19.76 -8.12 40.62
N SER G 432 20.52 -8.34 41.69
CA SER G 432 21.58 -9.35 41.73
C SER G 432 21.04 -10.75 41.99
N VAL G 433 19.84 -10.85 42.58
CA VAL G 433 19.15 -12.15 42.78
C VAL G 433 18.69 -12.63 41.40
N THR G 434 19.62 -13.26 40.70
CA THR G 434 19.47 -13.66 39.31
C THR G 434 19.56 -15.18 39.36
N PRO G 435 18.80 -15.91 38.51
CA PRO G 435 19.10 -17.34 38.45
C PRO G 435 20.50 -17.54 37.89
N LEU G 436 21.14 -18.62 38.30
CA LEU G 436 22.52 -18.90 37.93
C LEU G 436 22.60 -20.21 37.18
N ILE G 437 22.95 -20.13 35.89
CA ILE G 437 23.20 -21.30 35.06
C ILE G 437 24.65 -21.72 35.34
N ILE G 438 24.83 -22.84 36.04
CA ILE G 438 26.15 -23.28 36.53
C ILE G 438 26.84 -24.31 35.64
N TYR G 439 26.10 -24.82 34.65
CA TYR G 439 26.64 -25.71 33.63
C TYR G 439 25.64 -25.75 32.50
N GLU G 440 26.12 -25.58 31.27
CA GLU G 440 25.29 -25.69 30.08
C GLU G 440 26.05 -26.50 29.03
N GLU G 441 25.32 -27.31 28.28
CA GLU G 441 25.92 -28.19 27.27
C GLU G 441 24.98 -28.49 26.12
N THR G 442 25.56 -28.73 24.94
CA THR G 442 24.79 -28.97 23.71
C THR G 442 25.31 -30.19 22.96
N THR G 443 24.47 -30.74 22.08
CA THR G 443 24.87 -31.90 21.26
C THR G 443 24.10 -31.99 19.95
N ASP G 444 24.79 -32.43 18.90
CA ASP G 444 24.17 -32.74 17.60
C ASP G 444 23.21 -33.95 17.60
N ILE G 445 23.23 -34.77 18.66
CA ILE G 445 22.43 -35.99 18.76
C ILE G 445 21.27 -35.82 19.78
N TRP G 446 21.54 -35.92 21.08
CA TRP G 446 20.52 -35.64 22.13
C TRP G 446 21.06 -35.81 23.52
N ILE G 447 20.30 -35.26 24.47
CA ILE G 447 20.63 -35.34 25.88
C ILE G 447 19.84 -36.47 26.52
N ASN G 448 20.57 -37.53 26.91
CA ASN G 448 20.02 -38.55 27.81
C ASN G 448 20.15 -38.01 29.23
N ILE G 449 19.03 -37.96 29.94
CA ILE G 449 19.03 -37.58 31.35
C ILE G 449 19.54 -38.75 32.18
N HIS G 450 20.14 -38.43 33.32
CA HIS G 450 20.63 -39.45 34.27
C HIS G 450 20.54 -38.86 35.67
N ASP G 451 20.65 -39.73 36.66
CA ASP G 451 20.54 -39.32 38.06
C ASP G 451 21.88 -38.94 38.71
N ILE G 452 22.96 -38.96 37.95
CA ILE G 452 24.24 -38.45 38.44
C ILE G 452 24.22 -36.91 38.51
N PHE G 453 24.41 -36.41 39.73
CA PHE G 453 24.68 -35.01 40.02
C PHE G 453 25.04 -34.96 41.50
N HIS G 454 26.21 -34.44 41.83
CA HIS G 454 26.68 -34.37 43.23
C HIS G 454 27.31 -33.02 43.54
N VAL G 455 26.63 -32.25 44.39
CA VAL G 455 27.10 -30.95 44.84
C VAL G 455 27.93 -31.12 46.10
N PHE G 456 29.08 -30.44 46.14
CA PHE G 456 29.95 -30.44 47.32
C PHE G 456 29.57 -29.35 48.30
N PRO G 457 30.04 -29.46 49.56
CA PRO G 457 29.98 -28.37 50.53
C PRO G 457 30.58 -27.06 50.02
N GLN G 458 29.95 -25.95 50.37
CA GLN G 458 30.33 -24.63 49.85
C GLN G 458 31.61 -24.15 50.54
N SER G 459 32.75 -24.62 50.05
CA SER G 459 34.06 -24.31 50.65
C SER G 459 34.44 -22.84 50.46
N HIS G 460 34.25 -22.32 49.24
CA HIS G 460 34.47 -20.91 48.91
C HIS G 460 33.11 -20.22 48.71
N GLU G 461 33.00 -19.00 49.23
CA GLU G 461 31.71 -18.30 49.39
C GLU G 461 30.90 -18.17 48.10
N GLU G 462 31.56 -17.75 47.03
CA GLU G 462 30.89 -17.45 45.76
C GLU G 462 31.34 -18.40 44.65
N GLU G 463 31.39 -19.69 45.00
CA GLU G 463 31.67 -20.78 44.05
C GLU G 463 30.73 -21.97 44.30
N ILE G 464 30.65 -22.88 43.33
CA ILE G 464 30.06 -24.21 43.56
C ILE G 464 30.80 -25.31 42.78
N GLU G 465 31.14 -26.39 43.49
CA GLU G 465 31.77 -27.58 42.91
C GLU G 465 30.75 -28.70 42.75
N PHE G 466 30.91 -29.52 41.71
CA PHE G 466 30.05 -30.68 41.51
C PHE G 466 30.57 -31.69 40.47
N ILE G 467 30.32 -32.97 40.70
CA ILE G 467 30.49 -34.01 39.66
C ILE G 467 29.19 -34.10 38.84
N PHE G 468 29.35 -34.18 37.53
CA PHE G 468 28.25 -34.35 36.61
C PHE G 468 28.68 -35.28 35.47
N ALA G 469 27.72 -35.93 34.82
CA ALA G 469 28.00 -36.86 33.71
C ALA G 469 27.56 -36.28 32.37
N SER G 470 28.27 -36.65 31.30
CA SER G 470 27.97 -36.12 29.95
C SER G 470 28.60 -36.90 28.77
N GLU G 471 27.75 -37.20 27.79
CA GLU G 471 28.17 -37.65 26.46
C GLU G 471 28.47 -36.49 25.51
N CYS G 472 27.99 -35.29 25.84
CA CYS G 472 28.15 -34.11 24.96
C CYS G 472 29.61 -33.81 24.60
N LYS G 473 30.51 -34.05 25.55
CA LYS G 473 31.94 -33.81 25.33
C LYS G 473 32.56 -34.91 24.44
N THR G 474 32.82 -36.09 24.99
CA THR G 474 33.53 -37.13 24.24
C THR G 474 32.69 -37.92 23.24
N GLY G 475 31.37 -37.97 23.44
CA GLY G 475 30.50 -38.96 22.75
C GLY G 475 30.25 -40.23 23.56
N PHE G 476 30.78 -40.28 24.77
CA PHE G 476 30.63 -41.38 25.73
C PHE G 476 30.42 -40.75 27.12
N ARG G 477 29.52 -41.30 27.94
CA ARG G 477 29.17 -40.69 29.22
C ARG G 477 30.28 -40.81 30.24
N HIS G 478 30.79 -39.67 30.71
CA HIS G 478 31.90 -39.65 31.67
C HIS G 478 31.67 -38.66 32.79
N LEU G 479 32.31 -38.92 33.92
CA LEU G 479 32.22 -38.04 35.08
C LEU G 479 33.15 -36.84 34.90
N TYR G 480 32.63 -35.65 35.14
CA TYR G 480 33.41 -34.41 35.10
C TYR G 480 33.22 -33.62 36.41
N LYS G 481 34.31 -33.42 37.14
CA LYS G 481 34.33 -32.47 38.27
C LYS G 481 34.42 -31.06 37.70
N ILE G 482 33.46 -30.22 38.07
CA ILE G 482 33.32 -28.88 37.53
C ILE G 482 33.21 -27.88 38.66
N THR G 483 34.04 -26.84 38.64
CA THR G 483 33.90 -25.71 39.56
C THR G 483 33.33 -24.53 38.77
N SER G 484 32.39 -23.81 39.37
CA SER G 484 31.66 -22.73 38.70
C SER G 484 31.61 -21.48 39.57
N ILE G 485 31.91 -20.33 38.98
CA ILE G 485 31.93 -19.04 39.68
C ILE G 485 30.51 -18.49 39.73
N LEU G 486 29.98 -18.25 40.93
CA LEU G 486 28.65 -17.64 41.10
C LEU G 486 28.70 -16.11 41.06
N LYS G 487 28.86 -15.54 39.86
CA LYS G 487 28.98 -14.10 39.69
C LYS G 487 27.61 -13.42 39.55
N GLU G 488 27.52 -12.18 40.01
CA GLU G 488 26.34 -11.31 39.82
C GLU G 488 26.09 -11.06 38.33
N SER G 489 24.82 -11.00 37.93
CA SER G 489 24.45 -10.90 36.50
C SER G 489 24.44 -9.47 35.95
N LYS G 490 24.82 -9.35 34.67
CA LYS G 490 24.71 -8.09 33.90
C LYS G 490 23.28 -7.60 33.75
N TYR G 491 22.31 -8.52 33.84
CA TYR G 491 20.89 -8.18 33.83
C TYR G 491 20.43 -7.54 35.14
N LYS G 492 19.81 -6.37 35.01
CA LYS G 492 19.15 -5.68 36.11
C LYS G 492 17.65 -5.61 35.81
N ARG G 493 16.82 -6.12 36.72
CA ARG G 493 15.35 -5.98 36.66
C ARG G 493 14.86 -4.55 36.41
N SER G 494 15.43 -3.62 37.17
CA SER G 494 15.06 -2.19 37.15
C SER G 494 14.97 -1.58 35.74
N SER G 495 15.98 -1.87 34.91
CA SER G 495 16.02 -1.43 33.50
C SER G 495 14.76 -1.80 32.71
N GLY G 496 14.11 -2.90 33.10
CA GLY G 496 12.78 -3.26 32.60
C GLY G 496 12.80 -4.29 31.50
N GLY G 497 13.68 -4.10 30.52
CA GLY G 497 13.83 -5.01 29.39
C GLY G 497 14.12 -6.46 29.76
N LEU G 498 13.88 -7.36 28.82
CA LEU G 498 14.03 -8.80 29.03
C LEU G 498 15.53 -9.15 29.02
N PRO G 499 15.92 -10.22 29.74
CA PRO G 499 17.33 -10.59 29.77
C PRO G 499 17.87 -11.10 28.43
N ALA G 500 19.12 -10.75 28.17
CA ALA G 500 19.86 -11.20 27.00
C ALA G 500 20.30 -12.67 27.26
N PRO G 501 20.98 -13.32 26.28
CA PRO G 501 21.06 -14.79 26.37
C PRO G 501 21.94 -15.30 27.52
N SER G 502 23.19 -14.86 27.53
CA SER G 502 24.19 -15.34 28.47
C SER G 502 24.06 -14.70 29.84
N ASP G 503 23.37 -13.56 29.92
CA ASP G 503 23.18 -12.80 31.18
C ASP G 503 23.11 -13.61 32.50
N PHE G 504 22.55 -14.81 32.44
CA PHE G 504 22.48 -15.72 33.60
C PHE G 504 23.62 -16.75 33.70
N LYS G 505 24.30 -17.04 32.59
CA LYS G 505 25.42 -17.99 32.56
C LYS G 505 26.59 -17.59 33.47
N CYS G 506 27.09 -18.57 34.22
CA CYS G 506 28.27 -18.43 35.05
C CYS G 506 29.50 -18.82 34.26
N PRO G 507 30.66 -18.21 34.55
CA PRO G 507 31.89 -18.71 33.91
C PRO G 507 32.37 -19.99 34.61
N ILE G 508 32.89 -20.92 33.82
CA ILE G 508 33.39 -22.20 34.34
C ILE G 508 34.82 -22.00 34.82
N LYS G 509 35.12 -22.34 36.08
CA LYS G 509 36.50 -22.28 36.57
C LYS G 509 37.32 -23.47 36.03
N GLU G 510 36.99 -24.70 36.45
CA GLU G 510 37.66 -25.91 35.93
C GLU G 510 36.64 -26.92 35.42
N GLU G 511 37.02 -27.66 34.38
CA GLU G 511 36.24 -28.79 33.89
C GLU G 511 37.19 -29.98 33.86
N ILE G 512 37.48 -30.51 35.06
CA ILE G 512 38.36 -31.67 35.22
C ILE G 512 37.64 -32.93 34.71
N ALA G 513 38.29 -33.66 33.80
CA ALA G 513 37.76 -34.94 33.33
C ALA G 513 38.21 -36.06 34.27
N ILE G 514 37.26 -36.72 34.94
CA ILE G 514 37.55 -37.84 35.85
C ILE G 514 37.72 -39.17 35.10
N THR G 515 36.87 -39.39 34.09
CA THR G 515 36.90 -40.63 33.30
C THR G 515 36.94 -40.32 31.80
N SER G 516 37.46 -41.28 31.05
CA SER G 516 37.58 -41.16 29.59
C SER G 516 37.84 -42.52 28.95
N GLY G 517 37.61 -42.58 27.64
CA GLY G 517 37.73 -43.81 26.87
C GLY G 517 36.47 -44.05 26.08
N GLU G 518 36.44 -45.14 25.33
CA GLU G 518 35.26 -45.54 24.54
C GLU G 518 34.44 -46.55 25.36
N TRP G 519 33.93 -46.05 26.47
CA TRP G 519 33.08 -46.81 27.36
C TRP G 519 32.32 -45.76 28.18
N GLU G 520 31.14 -46.12 28.69
CA GLU G 520 30.31 -45.15 29.41
C GLU G 520 30.16 -45.46 30.90
N VAL G 521 29.95 -44.39 31.66
CA VAL G 521 29.47 -44.47 33.03
C VAL G 521 27.95 -44.62 32.89
N LEU G 522 27.33 -45.24 33.87
CA LEU G 522 25.90 -45.52 33.85
C LEU G 522 25.17 -44.62 34.85
N GLY G 523 24.01 -44.09 34.45
CA GLY G 523 23.26 -43.15 35.29
C GLY G 523 21.75 -43.29 35.39
N ARG G 524 21.15 -44.24 34.67
CA ARG G 524 19.71 -44.50 34.74
C ARG G 524 19.47 -45.71 35.63
N HIS G 525 18.19 -46.02 35.86
CA HIS G 525 17.74 -47.24 36.52
C HIS G 525 18.45 -47.57 37.83
N GLY G 526 18.74 -46.53 38.61
CA GLY G 526 19.43 -46.69 39.89
C GLY G 526 20.89 -47.09 39.82
N SER G 527 21.52 -46.86 38.67
CA SER G 527 22.98 -46.76 38.59
C SER G 527 23.26 -45.31 38.87
N ASN G 528 24.26 -45.06 39.72
CA ASN G 528 24.54 -43.72 40.22
C ASN G 528 25.90 -43.72 40.91
N ILE G 529 26.51 -42.53 40.98
CA ILE G 529 27.78 -42.37 41.66
C ILE G 529 27.61 -42.40 43.17
N GLN G 530 28.66 -42.80 43.87
CA GLN G 530 28.76 -42.65 45.32
C GLN G 530 30.13 -42.02 45.60
N VAL G 531 30.12 -40.90 46.32
CA VAL G 531 31.30 -40.07 46.46
C VAL G 531 31.88 -40.19 47.87
N ASP G 532 33.12 -40.66 47.95
CA ASP G 532 33.89 -40.70 49.21
C ASP G 532 34.58 -39.34 49.38
N GLU G 533 33.88 -38.38 49.99
CA GLU G 533 34.41 -37.02 50.20
C GLU G 533 35.58 -36.96 51.18
N VAL G 534 35.67 -37.95 52.07
CA VAL G 534 36.76 -38.03 53.04
C VAL G 534 38.05 -38.36 52.28
N ARG G 535 38.05 -39.49 51.56
CA ARG G 535 39.20 -39.93 50.75
C ARG G 535 39.37 -39.21 49.41
N ARG G 536 38.32 -38.52 48.97
CA ARG G 536 38.29 -37.81 47.70
C ARG G 536 38.38 -38.78 46.51
N LEU G 537 37.42 -39.71 46.52
CA LEU G 537 37.19 -40.73 45.50
C LEU G 537 35.74 -40.68 45.02
N VAL G 538 35.43 -41.46 43.99
CA VAL G 538 34.06 -41.61 43.51
C VAL G 538 33.86 -43.03 42.93
N TYR G 539 32.86 -43.74 43.44
CA TYR G 539 32.47 -45.07 42.95
C TYR G 539 31.44 -44.84 41.85
N PHE G 540 31.50 -45.65 40.79
CA PHE G 540 30.54 -45.57 39.68
C PHE G 540 30.49 -46.89 38.92
N GLU G 541 29.32 -47.24 38.39
CA GLU G 541 29.19 -48.42 37.52
C GLU G 541 29.57 -48.02 36.10
N GLY G 542 30.09 -48.98 35.31
CA GLY G 542 30.58 -48.70 33.97
C GLY G 542 30.84 -49.86 33.03
N THR G 543 31.04 -49.51 31.76
CA THR G 543 31.27 -50.49 30.69
C THR G 543 32.75 -50.62 30.29
N LYS G 544 33.69 -50.15 31.14
CA LYS G 544 35.11 -50.11 30.76
C LYS G 544 35.60 -51.47 30.28
N ASP G 545 35.43 -52.50 31.10
CA ASP G 545 35.94 -53.82 30.75
C ASP G 545 35.29 -54.47 29.54
N SER G 546 34.00 -54.21 29.33
CA SER G 546 33.27 -54.76 28.18
C SER G 546 31.88 -54.12 28.12
N PRO G 547 31.31 -53.94 26.90
CA PRO G 547 29.93 -53.43 26.79
C PRO G 547 28.89 -54.41 27.34
N LEU G 548 29.22 -55.70 27.28
CA LEU G 548 28.30 -56.76 27.68
C LEU G 548 28.24 -56.99 29.20
N GLU G 549 29.13 -56.35 29.95
CA GLU G 549 29.17 -56.49 31.40
C GLU G 549 29.33 -55.14 32.06
N HIS G 550 28.48 -54.89 33.05
CA HIS G 550 28.53 -53.68 33.88
C HIS G 550 29.32 -54.01 35.13
N HIS G 551 30.29 -53.17 35.47
CA HIS G 551 31.17 -53.41 36.62
C HIS G 551 31.27 -52.16 37.47
N LEU G 552 31.67 -52.34 38.72
CA LEU G 552 31.84 -51.22 39.66
C LEU G 552 33.29 -50.78 39.66
N TYR G 553 33.50 -49.48 39.60
CA TYR G 553 34.85 -48.90 39.59
C TYR G 553 34.97 -47.84 40.69
N VAL G 554 36.21 -47.44 40.96
CA VAL G 554 36.50 -46.31 41.86
C VAL G 554 37.69 -45.53 41.30
N VAL G 555 37.68 -44.22 41.49
CA VAL G 555 38.73 -43.35 40.95
C VAL G 555 38.83 -42.10 41.79
N SER G 556 39.99 -41.46 41.77
CA SER G 556 40.14 -40.12 42.35
C SER G 556 39.30 -39.15 41.52
N TYR G 557 38.78 -38.11 42.18
CA TYR G 557 38.23 -36.92 41.48
C TYR G 557 39.15 -35.69 41.60
N VAL G 558 40.33 -35.85 42.22
CA VAL G 558 41.28 -34.76 42.45
C VAL G 558 42.36 -34.82 41.38
N ASN G 559 43.13 -35.92 41.37
CA ASN G 559 44.13 -36.20 40.35
C ASN G 559 43.69 -37.52 39.77
N PRO G 560 42.75 -37.49 38.81
CA PRO G 560 42.11 -38.71 38.34
C PRO G 560 42.99 -39.45 37.33
N GLY G 561 43.44 -40.63 37.72
CA GLY G 561 44.31 -41.45 36.89
C GLY G 561 43.76 -42.84 36.84
N GLU G 562 44.36 -43.75 37.62
CA GLU G 562 43.99 -45.16 37.63
C GLU G 562 42.56 -45.36 38.13
N VAL G 563 41.79 -46.09 37.34
CA VAL G 563 40.41 -46.43 37.62
C VAL G 563 40.42 -47.90 38.03
N THR G 564 40.33 -48.14 39.33
CA THR G 564 40.31 -49.49 39.88
C THR G 564 38.92 -50.11 39.72
N ARG G 565 38.83 -51.27 39.07
CA ARG G 565 37.60 -52.06 39.04
C ARG G 565 37.52 -52.85 40.33
N LEU G 566 36.32 -52.93 40.90
CA LEU G 566 36.09 -53.65 42.17
C LEU G 566 35.38 -54.98 41.94
N THR G 567 34.31 -55.00 41.15
CA THR G 567 33.61 -56.26 40.81
C THR G 567 34.48 -57.23 39.99
N ASP G 568 34.08 -58.49 39.98
CA ASP G 568 34.87 -59.58 39.38
C ASP G 568 34.45 -59.89 37.95
N ARG G 569 35.44 -60.26 37.11
CA ARG G 569 35.23 -60.59 35.70
C ARG G 569 34.28 -61.76 35.45
N GLY G 570 33.77 -61.86 34.22
CA GLY G 570 32.83 -62.90 33.83
C GLY G 570 31.45 -62.85 34.49
N TYR G 571 30.98 -61.65 34.80
CA TYR G 571 29.63 -61.40 35.31
C TYR G 571 29.25 -59.94 35.00
N SER G 572 27.96 -59.67 34.76
CA SER G 572 27.45 -58.28 34.76
C SER G 572 27.00 -57.96 36.17
N HIS G 573 26.96 -56.67 36.53
CA HIS G 573 26.68 -56.27 37.92
C HIS G 573 25.77 -55.05 38.04
N SER G 574 25.03 -55.04 39.16
CA SER G 574 24.21 -53.93 39.57
C SER G 574 24.45 -53.75 41.06
N CYS G 575 25.13 -52.66 41.42
CA CYS G 575 25.73 -52.47 42.73
C CYS G 575 25.15 -51.29 43.48
N CYS G 576 24.87 -51.51 44.76
CA CYS G 576 24.48 -50.45 45.67
C CYS G 576 25.61 -50.34 46.66
N ILE G 577 26.14 -49.12 46.82
CA ILE G 577 27.34 -48.86 47.61
C ILE G 577 26.86 -48.36 48.96
N SER G 578 27.64 -48.57 50.03
CA SER G 578 27.30 -48.00 51.34
C SER G 578 27.55 -46.50 51.27
N GLN G 579 26.72 -45.73 51.97
CA GLN G 579 26.93 -44.27 52.09
C GLN G 579 28.24 -43.94 52.81
N HIS G 580 28.66 -44.87 53.67
CA HIS G 580 29.91 -44.77 54.41
C HIS G 580 31.14 -45.22 53.61
N CYS G 581 30.93 -45.77 52.41
CA CYS G 581 31.97 -46.10 51.44
C CYS G 581 32.99 -47.15 51.93
N ASP G 582 32.50 -48.08 52.76
CA ASP G 582 33.32 -49.17 53.32
C ASP G 582 32.76 -50.58 53.04
N PHE G 583 31.68 -50.64 52.26
CA PHE G 583 30.94 -51.86 51.98
C PHE G 583 30.21 -51.64 50.66
N PHE G 584 30.16 -52.65 49.81
CA PHE G 584 29.32 -52.58 48.61
C PHE G 584 28.66 -53.93 48.31
N ILE G 585 27.35 -53.88 48.07
CA ILE G 585 26.57 -55.03 47.64
C ILE G 585 26.60 -55.04 46.13
N SER G 586 26.48 -56.23 45.56
CA SER G 586 26.39 -56.40 44.11
C SER G 586 25.39 -57.51 43.79
N LYS G 587 24.44 -57.21 42.90
CA LYS G 587 23.61 -58.22 42.27
C LYS G 587 24.35 -58.60 40.99
N TYR G 588 24.72 -59.87 40.85
CA TYR G 588 25.48 -60.31 39.67
C TYR G 588 24.98 -61.62 39.06
N SER G 589 25.07 -61.71 37.74
CA SER G 589 24.84 -62.93 36.99
C SER G 589 25.71 -62.97 35.73
N ASN G 590 25.70 -64.12 35.08
CA ASN G 590 26.22 -64.26 33.72
C ASN G 590 25.24 -65.12 32.94
N GLN G 591 25.51 -65.30 31.64
CA GLN G 591 24.64 -66.08 30.78
C GLN G 591 24.36 -67.51 31.33
N LYS G 592 25.33 -68.09 32.04
CA LYS G 592 25.23 -69.45 32.58
C LYS G 592 24.51 -69.58 33.95
N ASN G 593 24.76 -68.65 34.86
CA ASN G 593 24.25 -68.74 36.23
C ASN G 593 23.16 -67.72 36.49
N PRO G 594 22.10 -68.10 37.25
CA PRO G 594 21.18 -67.08 37.77
C PRO G 594 21.87 -66.13 38.78
N HIS G 595 21.11 -65.22 39.37
CA HIS G 595 21.72 -64.09 40.07
C HIS G 595 21.91 -64.31 41.57
N CYS G 596 23.16 -64.42 41.99
CA CYS G 596 23.54 -64.27 43.42
C CYS G 596 23.51 -62.78 43.79
N VAL G 597 23.50 -62.50 45.09
CA VAL G 597 23.64 -61.13 45.62
C VAL G 597 24.48 -61.19 46.89
N SER G 598 25.72 -60.74 46.80
CA SER G 598 26.66 -60.85 47.89
C SER G 598 27.09 -59.47 48.36
N LEU G 599 27.53 -59.41 49.62
CA LEU G 599 28.06 -58.19 50.23
C LEU G 599 29.57 -58.28 50.18
N TYR G 600 30.21 -57.17 49.82
CA TYR G 600 31.66 -57.05 49.77
C TYR G 600 32.14 -55.92 50.68
N LYS G 601 33.37 -56.02 51.17
CA LYS G 601 33.93 -55.06 52.11
C LYS G 601 35.16 -54.30 51.56
N LEU G 602 35.01 -52.99 51.46
CA LEU G 602 36.07 -52.10 50.98
C LEU G 602 37.03 -51.78 52.11
N SER G 603 38.33 -51.95 51.84
CA SER G 603 39.40 -51.50 52.72
C SER G 603 40.41 -50.78 51.87
N SER G 604 41.37 -50.13 52.53
CA SER G 604 42.48 -49.47 51.85
C SER G 604 43.76 -49.84 52.59
N PRO G 605 44.90 -49.87 51.89
CA PRO G 605 46.18 -50.02 52.60
C PRO G 605 46.52 -48.77 53.43
N GLU G 606 47.30 -48.96 54.49
CA GLU G 606 47.62 -47.86 55.44
C GLU G 606 48.46 -46.75 54.81
N ASP G 607 49.30 -47.13 53.85
CA ASP G 607 50.21 -46.19 53.20
C ASP G 607 49.56 -45.31 52.13
N ASP G 608 48.40 -45.74 51.60
CA ASP G 608 47.69 -45.02 50.52
C ASP G 608 46.17 -45.15 50.72
N PRO G 609 45.56 -44.25 51.50
CA PRO G 609 44.09 -44.25 51.62
C PRO G 609 43.31 -44.03 50.30
N THR G 610 43.97 -43.55 49.24
CA THR G 610 43.37 -43.46 47.90
C THR G 610 43.10 -44.82 47.25
N CYS G 611 44.00 -45.78 47.47
CA CYS G 611 43.88 -47.10 46.84
C CYS G 611 42.80 -47.91 47.56
N LYS G 612 41.97 -48.62 46.78
CA LYS G 612 40.89 -49.45 47.34
C LYS G 612 41.04 -50.91 46.99
N THR G 613 40.65 -51.75 47.95
CA THR G 613 40.60 -53.21 47.80
C THR G 613 39.17 -53.66 48.11
N LYS G 614 38.95 -54.97 48.12
CA LYS G 614 37.62 -55.55 48.34
C LYS G 614 37.77 -56.96 48.90
N GLU G 615 37.11 -57.24 50.02
CA GLU G 615 36.98 -58.62 50.51
C GLU G 615 35.52 -59.06 50.43
N PHE G 616 35.29 -60.34 50.10
CA PHE G 616 33.98 -60.96 50.22
C PHE G 616 33.60 -60.96 51.70
N TRP G 617 32.30 -60.83 51.97
CA TRP G 617 31.84 -60.72 53.35
C TRP G 617 30.75 -61.72 53.70
N ALA G 618 29.65 -61.66 52.95
CA ALA G 618 28.52 -62.56 53.17
C ALA G 618 27.62 -62.62 51.93
N THR G 619 26.79 -63.64 51.88
CA THR G 619 25.85 -63.84 50.79
C THR G 619 24.45 -63.44 51.26
N ILE G 620 23.90 -62.37 50.68
CA ILE G 620 22.53 -61.89 50.97
C ILE G 620 21.49 -62.81 50.34
N LEU G 621 21.72 -63.20 49.10
CA LEU G 621 20.85 -64.15 48.41
C LEU G 621 21.68 -65.12 47.57
N ASP G 622 21.66 -66.40 47.96
CA ASP G 622 22.35 -67.45 47.23
C ASP G 622 21.55 -67.72 45.94
N SER G 623 22.28 -67.99 44.87
CA SER G 623 21.66 -68.24 43.57
C SER G 623 20.88 -69.55 43.57
N ALA G 624 19.93 -69.64 42.65
CA ALA G 624 19.12 -70.85 42.45
C ALA G 624 19.95 -72.09 42.10
N GLY G 625 21.10 -71.90 41.45
CA GLY G 625 21.87 -72.98 40.85
C GLY G 625 21.23 -73.24 39.49
N PRO G 626 22.01 -73.20 38.40
CA PRO G 626 21.40 -73.22 37.06
C PRO G 626 20.11 -74.06 36.97
N LEU G 627 18.97 -73.37 36.87
CA LEU G 627 17.64 -73.97 36.66
C LEU G 627 17.70 -75.19 35.72
N PRO G 628 17.13 -76.34 36.12
CA PRO G 628 17.10 -77.45 35.15
C PRO G 628 16.22 -77.13 33.93
N ASP G 629 16.61 -77.67 32.77
CA ASP G 629 15.91 -77.47 31.47
C ASP G 629 16.11 -76.10 30.80
N TYR G 630 17.11 -75.33 31.23
CA TYR G 630 17.48 -74.08 30.55
C TYR G 630 18.85 -74.22 29.89
N THR G 631 18.85 -74.47 28.58
CA THR G 631 20.04 -74.25 27.76
C THR G 631 20.20 -72.74 27.55
N PRO G 632 21.27 -72.13 28.12
CA PRO G 632 21.44 -70.72 27.77
C PRO G 632 21.87 -70.59 26.31
N PRO G 633 21.78 -69.37 25.74
CA PRO G 633 22.30 -69.11 24.42
C PRO G 633 23.80 -68.82 24.50
N GLU G 634 24.51 -68.96 23.38
CA GLU G 634 25.89 -68.48 23.29
C GLU G 634 25.89 -67.12 22.61
N ILE G 635 26.58 -66.17 23.25
CA ILE G 635 26.69 -64.82 22.76
C ILE G 635 27.61 -64.89 21.54
N PHE G 636 27.30 -64.08 20.53
CA PHE G 636 28.15 -63.97 19.34
C PHE G 636 28.34 -62.52 18.93
N SER G 637 29.29 -62.28 18.03
CA SER G 637 29.50 -60.96 17.44
C SER G 637 30.16 -61.06 16.08
N PHE G 638 29.89 -60.04 15.26
CA PHE G 638 30.40 -59.97 13.90
C PHE G 638 30.74 -58.54 13.51
N GLU G 639 31.81 -58.37 12.73
CA GLU G 639 32.22 -57.06 12.24
C GLU G 639 31.27 -56.60 11.15
N SER G 640 30.47 -55.57 11.43
CA SER G 640 29.41 -55.14 10.50
C SER G 640 29.99 -54.35 9.35
N THR G 641 29.19 -54.23 8.29
CA THR G 641 29.49 -53.39 7.12
C THR G 641 29.49 -51.91 7.47
N THR G 642 28.87 -51.56 8.61
CA THR G 642 28.92 -50.21 9.16
C THR G 642 30.18 -49.88 9.98
N GLY G 643 30.96 -50.90 10.32
CA GLY G 643 32.20 -50.70 11.06
C GLY G 643 32.10 -51.14 12.51
N PHE G 644 30.91 -51.01 13.11
CA PHE G 644 30.67 -51.45 14.48
C PHE G 644 30.71 -52.96 14.56
N THR G 645 30.90 -53.46 15.77
CA THR G 645 30.98 -54.89 16.01
C THR G 645 29.66 -55.28 16.67
N LEU G 646 28.64 -55.50 15.86
CA LEU G 646 27.30 -55.77 16.38
C LEU G 646 27.21 -57.13 17.06
N TYR G 647 26.58 -57.14 18.24
CA TYR G 647 26.49 -58.34 19.08
C TYR G 647 25.14 -59.01 18.96
N GLY G 648 25.08 -60.27 19.40
CA GLY G 648 23.87 -61.08 19.35
C GLY G 648 23.89 -62.30 20.25
N MET G 649 22.77 -63.02 20.27
CA MET G 649 22.67 -64.27 21.02
C MET G 649 22.10 -65.33 20.10
N LEU G 650 22.72 -66.51 20.12
CA LEU G 650 22.22 -67.67 19.37
C LEU G 650 21.74 -68.71 20.36
N TYR G 651 20.43 -68.93 20.36
CA TYR G 651 19.84 -70.09 20.98
C TYR G 651 19.83 -71.18 19.91
N LYS G 652 20.85 -72.04 19.93
CA LYS G 652 20.88 -73.23 19.06
C LYS G 652 19.74 -74.16 19.48
N PRO G 653 19.03 -74.79 18.51
CA PRO G 653 17.95 -75.70 18.92
C PRO G 653 18.55 -76.95 19.55
N HIS G 654 17.90 -77.48 20.58
CA HIS G 654 18.47 -78.61 21.34
C HIS G 654 18.42 -79.87 20.49
N ASP G 655 19.33 -80.80 20.74
CA ASP G 655 19.34 -82.10 20.09
C ASP G 655 19.49 -81.91 18.56
N LEU G 656 20.59 -81.27 18.18
CA LEU G 656 20.89 -80.99 16.78
C LEU G 656 21.05 -82.28 15.97
N GLN G 657 20.00 -82.69 15.26
CA GLN G 657 20.09 -83.81 14.31
C GLN G 657 20.84 -83.31 13.06
N PRO G 658 22.11 -83.76 12.85
CA PRO G 658 22.86 -83.16 11.72
C PRO G 658 22.26 -83.52 10.37
N GLY G 659 22.56 -82.69 9.37
CA GLY G 659 21.98 -82.83 8.03
C GLY G 659 20.61 -82.20 7.83
N LYS G 660 19.93 -81.81 8.92
CA LYS G 660 18.60 -81.19 8.85
C LYS G 660 18.61 -79.69 9.18
N LYS G 661 18.26 -78.85 8.20
CA LYS G 661 18.09 -77.39 8.41
C LYS G 661 16.80 -77.08 9.19
N TYR G 662 16.90 -76.11 10.11
CA TYR G 662 15.87 -75.81 11.11
C TYR G 662 15.26 -74.40 10.91
N PRO G 663 14.02 -74.17 11.39
CA PRO G 663 13.38 -72.86 11.25
C PRO G 663 13.90 -71.89 12.28
N THR G 664 13.82 -70.60 11.96
CA THR G 664 14.41 -69.58 12.80
C THR G 664 13.32 -68.61 13.29
N VAL G 665 13.51 -68.11 14.51
CA VAL G 665 12.69 -67.03 15.08
C VAL G 665 13.65 -65.95 15.58
N LEU G 666 13.72 -64.84 14.85
CA LEU G 666 14.45 -63.67 15.29
C LEU G 666 13.60 -62.90 16.31
N PHE G 667 14.01 -62.92 17.59
CA PHE G 667 13.40 -62.04 18.59
C PHE G 667 14.12 -60.70 18.57
N ILE G 668 13.34 -59.62 18.57
CA ILE G 668 13.87 -58.28 18.32
C ILE G 668 13.31 -57.25 19.30
N TYR G 669 14.18 -56.32 19.70
CA TYR G 669 13.76 -55.02 20.20
C TYR G 669 14.61 -53.97 19.48
N GLY G 670 15.92 -53.96 19.76
CA GLY G 670 16.87 -53.05 19.11
C GLY G 670 16.32 -51.68 18.77
N GLY G 671 15.77 -51.04 19.79
CA GLY G 671 15.41 -49.63 19.76
C GLY G 671 16.28 -48.97 20.80
N PRO G 672 16.02 -47.68 21.09
CA PRO G 672 16.89 -46.94 21.99
C PRO G 672 16.66 -47.28 23.45
N GLN G 673 17.62 -46.91 24.29
CA GLN G 673 17.55 -47.07 25.74
C GLN G 673 17.58 -48.53 26.23
N VAL G 674 18.01 -49.48 25.38
CA VAL G 674 17.96 -50.91 25.73
C VAL G 674 19.08 -51.70 25.04
N GLN G 675 19.88 -52.39 25.84
CA GLN G 675 20.75 -53.45 25.34
C GLN G 675 20.10 -54.79 25.71
N LEU G 676 19.81 -55.61 24.68
CA LEU G 676 19.25 -56.98 24.84
C LEU G 676 20.31 -58.08 24.98
N VAL G 677 21.49 -57.83 24.41
CA VAL G 677 22.61 -58.77 24.36
C VAL G 677 23.70 -58.32 25.32
N ASN G 678 23.82 -59.05 26.42
CA ASN G 678 24.88 -58.84 27.38
C ASN G 678 25.10 -60.14 28.15
N ASN G 679 26.09 -60.16 29.01
CA ASN G 679 26.38 -61.35 29.80
C ASN G 679 25.56 -61.35 31.09
N ARG G 680 24.26 -61.60 30.93
CA ARG G 680 23.31 -61.75 32.04
C ARG G 680 22.54 -63.02 31.82
N PHE G 681 21.96 -63.54 32.90
CA PHE G 681 21.13 -64.74 32.84
C PHE G 681 19.78 -64.46 32.18
N LYS G 682 19.61 -64.90 30.94
CA LYS G 682 18.35 -64.70 30.20
C LYS G 682 17.29 -65.79 30.48
N GLY G 683 17.46 -66.55 31.56
CA GLY G 683 16.60 -67.70 31.88
C GLY G 683 15.35 -67.38 32.68
N VAL G 684 15.37 -66.28 33.43
CA VAL G 684 14.18 -65.79 34.11
C VAL G 684 13.26 -65.20 33.06
N LYS G 685 13.65 -64.04 32.51
CA LYS G 685 12.74 -63.21 31.70
C LYS G 685 12.52 -63.74 30.30
N TYR G 686 13.59 -64.11 29.59
CA TYR G 686 13.48 -64.60 28.21
C TYR G 686 13.49 -66.12 28.18
N PHE G 687 12.67 -66.70 29.06
CA PHE G 687 12.62 -68.13 29.30
C PHE G 687 12.07 -68.85 28.07
N ARG G 688 11.06 -68.25 27.45
CA ARG G 688 10.44 -68.86 26.28
C ARG G 688 11.33 -68.91 25.02
N LEU G 689 12.39 -68.11 24.99
CA LEU G 689 13.39 -68.26 23.93
C LEU G 689 14.06 -69.62 24.02
N ASN G 690 14.25 -70.11 25.26
CA ASN G 690 14.71 -71.48 25.50
C ASN G 690 13.65 -72.52 25.10
N THR G 691 12.42 -72.34 25.60
CA THR G 691 11.29 -73.22 25.23
C THR G 691 11.12 -73.37 23.70
N LEU G 692 11.41 -72.31 22.95
CA LEU G 692 11.40 -72.38 21.48
C LEU G 692 12.52 -73.28 20.96
N ALA G 693 13.73 -73.06 21.43
CA ALA G 693 14.88 -73.90 21.04
C ALA G 693 14.76 -75.35 21.52
N SER G 694 13.99 -75.57 22.59
CA SER G 694 13.64 -76.94 23.02
C SER G 694 12.64 -77.57 22.05
N LEU G 695 11.74 -76.77 21.48
CA LEU G 695 10.74 -77.23 20.49
C LEU G 695 11.30 -77.35 19.05
N GLY G 696 12.48 -76.79 18.79
CA GLY G 696 13.18 -76.96 17.53
C GLY G 696 13.32 -75.72 16.64
N TYR G 697 13.00 -74.53 17.14
CA TYR G 697 13.29 -73.29 16.41
C TYR G 697 14.69 -72.82 16.77
N VAL G 698 15.45 -72.38 15.77
CA VAL G 698 16.61 -71.55 16.03
C VAL G 698 16.04 -70.25 16.58
N VAL G 699 16.70 -69.67 17.59
CA VAL G 699 16.32 -68.34 18.08
C VAL G 699 17.54 -67.41 18.10
N VAL G 700 17.46 -66.31 17.32
CA VAL G 700 18.50 -65.29 17.28
C VAL G 700 17.94 -63.99 17.86
N VAL G 701 18.83 -63.23 18.50
CA VAL G 701 18.54 -61.91 19.08
C VAL G 701 19.70 -61.03 18.70
N ILE G 702 19.43 -59.79 18.27
CA ILE G 702 20.51 -58.87 17.87
C ILE G 702 20.29 -57.45 18.40
N ASP G 703 21.39 -56.86 18.89
CA ASP G 703 21.48 -55.45 19.28
C ASP G 703 21.94 -54.63 18.09
N ASN G 704 20.99 -54.16 17.30
CA ASN G 704 21.31 -53.27 16.19
C ASN G 704 21.76 -51.89 16.67
N ARG G 705 22.24 -51.09 15.72
CA ARG G 705 22.66 -49.70 15.98
C ARG G 705 21.49 -48.92 16.54
N GLY G 706 21.74 -48.11 17.57
CA GLY G 706 20.67 -47.48 18.33
C GLY G 706 20.57 -48.01 19.75
N SER G 707 20.92 -49.29 19.95
CA SER G 707 20.93 -49.90 21.28
C SER G 707 21.88 -49.16 22.25
N CYS G 708 21.64 -49.32 23.56
CA CYS G 708 22.37 -48.57 24.59
C CYS G 708 23.71 -49.26 24.98
N HIS G 709 24.48 -48.52 25.78
CA HIS G 709 25.78 -48.96 26.34
C HIS G 709 26.92 -49.04 25.33
N ARG G 710 26.83 -48.25 24.26
CA ARG G 710 27.83 -48.30 23.18
C ARG G 710 28.22 -46.94 22.55
N GLY G 711 28.05 -45.86 23.32
CA GLY G 711 28.41 -44.52 22.86
C GLY G 711 27.21 -43.81 22.27
N LEU G 712 27.24 -42.49 22.33
CA LEU G 712 26.15 -41.68 21.77
C LEU G 712 26.14 -41.74 20.24
N LYS G 713 27.31 -41.90 19.61
CA LYS G 713 27.40 -41.94 18.14
C LYS G 713 26.63 -43.15 17.63
N PHE G 714 26.87 -44.29 18.29
CA PHE G 714 26.19 -45.56 18.02
C PHE G 714 24.68 -45.47 18.21
N GLU G 715 24.27 -44.88 19.33
CA GLU G 715 22.85 -44.65 19.65
C GLU G 715 22.21 -43.71 18.62
N GLY G 716 22.98 -42.70 18.22
CA GLY G 716 22.52 -41.70 17.27
C GLY G 716 22.33 -42.13 15.83
N ALA G 717 22.82 -43.32 15.49
CA ALA G 717 22.77 -43.80 14.11
C ALA G 717 21.38 -43.81 13.46
N PHE G 718 20.31 -43.92 14.24
CA PHE G 718 18.94 -43.77 13.69
C PHE G 718 18.23 -42.42 13.93
N LYS G 719 18.91 -41.41 14.46
CA LYS G 719 18.25 -40.11 14.64
C LYS G 719 17.72 -39.61 13.31
N TYR G 720 16.45 -39.20 13.31
CA TYR G 720 15.71 -38.80 12.11
C TYR G 720 15.36 -39.96 11.15
N LYS G 721 15.73 -41.18 11.53
CA LYS G 721 15.88 -42.28 10.57
C LYS G 721 15.25 -43.57 11.10
N MET G 722 14.33 -43.45 12.07
CA MET G 722 13.81 -44.64 12.76
C MET G 722 12.95 -45.43 11.80
N GLY G 723 12.99 -46.76 11.98
CA GLY G 723 12.43 -47.73 11.04
C GLY G 723 13.39 -48.27 9.99
N GLN G 724 14.29 -47.42 9.51
CA GLN G 724 15.05 -47.68 8.28
C GLN G 724 16.26 -48.62 8.50
N ILE G 725 17.24 -48.10 9.22
CA ILE G 725 18.54 -48.78 9.38
C ILE G 725 18.49 -50.11 10.15
N GLU G 726 17.46 -50.28 10.97
CA GLU G 726 17.39 -51.30 12.02
C GLU G 726 17.45 -52.71 11.47
N ILE G 727 16.61 -52.99 10.49
CA ILE G 727 16.51 -54.33 9.90
C ILE G 727 17.78 -54.73 9.17
N ASP G 728 18.32 -53.83 8.36
CA ASP G 728 19.54 -54.09 7.58
C ASP G 728 20.65 -54.81 8.38
N ASP G 729 20.76 -54.48 9.67
CA ASP G 729 21.72 -55.10 10.58
C ASP G 729 21.24 -56.45 11.08
N GLN G 730 19.96 -56.50 11.47
CA GLN G 730 19.33 -57.73 11.97
C GLN G 730 19.49 -58.84 10.93
N VAL G 731 19.29 -58.48 9.66
CA VAL G 731 19.47 -59.41 8.54
C VAL G 731 20.96 -59.69 8.40
N GLU G 732 21.77 -58.63 8.33
CA GLU G 732 23.22 -58.78 8.20
C GLU G 732 23.78 -59.84 9.15
N GLY G 733 23.49 -59.70 10.43
CA GLY G 733 23.86 -60.68 11.44
C GLY G 733 23.24 -62.06 11.20
N LEU G 734 21.98 -62.08 10.80
CA LEU G 734 21.29 -63.34 10.49
C LEU G 734 22.07 -64.13 9.45
N GLN G 735 22.60 -63.41 8.45
CA GLN G 735 23.39 -64.01 7.38
C GLN G 735 24.82 -64.37 7.81
N TYR G 736 25.38 -63.61 8.75
CA TYR G 736 26.61 -64.03 9.42
C TYR G 736 26.47 -65.45 9.97
N LEU G 737 25.33 -65.72 10.61
CA LEU G 737 25.09 -67.05 11.17
C LEU G 737 24.68 -68.06 10.10
N ALA G 738 23.84 -67.64 9.16
CA ALA G 738 23.38 -68.49 8.05
C ALA G 738 24.52 -69.17 7.27
N SER G 739 25.67 -68.50 7.17
CA SER G 739 26.86 -69.07 6.52
C SER G 739 27.71 -69.88 7.50
N ARG G 740 28.02 -69.30 8.65
CA ARG G 740 28.81 -69.97 9.70
C ARG G 740 28.10 -71.22 10.25
N TYR G 741 26.76 -71.25 10.18
CA TYR G 741 25.94 -72.38 10.65
C TYR G 741 24.98 -72.85 9.55
N ASP G 742 25.05 -74.13 9.19
CA ASP G 742 24.23 -74.72 8.12
C ASP G 742 22.85 -75.19 8.58
N PHE G 743 22.62 -75.26 9.89
CA PHE G 743 21.29 -75.62 10.41
C PHE G 743 20.22 -74.51 10.30
N ILE G 744 20.63 -73.27 10.03
CA ILE G 744 19.70 -72.15 9.86
C ILE G 744 19.08 -72.16 8.45
N ASP G 745 17.79 -72.52 8.37
CA ASP G 745 17.00 -72.50 7.13
C ASP G 745 16.42 -71.09 6.93
N LEU G 746 17.08 -70.29 6.10
CA LEU G 746 16.62 -68.90 5.84
C LEU G 746 15.28 -68.77 5.08
N ASP G 747 14.82 -69.86 4.46
CA ASP G 747 13.50 -69.88 3.80
C ASP G 747 12.34 -69.94 4.81
N ARG G 748 12.63 -70.35 6.04
CA ARG G 748 11.67 -70.33 7.15
C ARG G 748 12.20 -69.51 8.34
N VAL G 749 12.03 -68.19 8.22
CA VAL G 749 12.41 -67.26 9.28
C VAL G 749 11.18 -66.43 9.70
N GLY G 750 11.07 -66.20 11.00
CA GLY G 750 10.03 -65.36 11.57
C GLY G 750 10.66 -64.30 12.47
N ILE G 751 9.96 -63.18 12.64
CA ILE G 751 10.39 -62.10 13.54
C ILE G 751 9.27 -61.75 14.51
N HIS G 752 9.65 -61.39 15.74
CA HIS G 752 8.69 -61.05 16.76
C HIS G 752 9.29 -60.10 17.78
N GLY G 753 8.46 -59.20 18.29
CA GLY G 753 8.89 -58.26 19.30
C GLY G 753 7.75 -57.42 19.86
N TRP G 754 8.03 -56.74 20.98
CA TRP G 754 7.05 -55.88 21.65
C TRP G 754 7.47 -54.42 21.64
N SER G 755 6.50 -53.57 21.28
CA SER G 755 6.66 -52.12 21.23
C SER G 755 7.62 -51.74 20.10
N TYR G 756 8.75 -51.08 20.37
CA TYR G 756 9.76 -50.86 19.32
C TYR G 756 10.15 -52.20 18.69
N GLY G 757 10.05 -53.29 19.44
CA GLY G 757 10.16 -54.63 18.88
C GLY G 757 9.09 -54.94 17.84
N GLY G 758 7.84 -54.68 18.19
CA GLY G 758 6.69 -54.90 17.31
C GLY G 758 6.74 -53.97 16.11
N TYR G 759 7.21 -52.75 16.36
CA TYR G 759 7.50 -51.78 15.32
C TYR G 759 8.41 -52.37 14.24
N LEU G 760 9.55 -52.90 14.67
CA LEU G 760 10.51 -53.50 13.75
C LEU G 760 10.06 -54.85 13.16
N SER G 761 9.29 -55.63 13.90
CA SER G 761 8.64 -56.81 13.33
C SER G 761 7.80 -56.43 12.10
N LEU G 762 7.01 -55.36 12.23
CA LEU G 762 6.23 -54.87 11.11
C LEU G 762 7.11 -54.33 9.99
N MET G 763 8.15 -53.58 10.35
CA MET G 763 9.07 -53.07 9.34
C MET G 763 9.71 -54.22 8.55
N ALA G 764 10.34 -55.14 9.27
CA ALA G 764 10.89 -56.38 8.70
C ALA G 764 10.05 -56.97 7.59
N LEU G 765 8.75 -57.13 7.85
CA LEU G 765 7.83 -57.74 6.88
C LEU G 765 7.51 -56.80 5.72
N MET G 766 7.22 -55.54 6.07
CA MET G 766 6.94 -54.50 5.08
C MET G 766 8.14 -54.29 4.15
N GLN G 767 9.34 -54.25 4.74
CA GLN G 767 10.58 -53.99 4.02
C GLN G 767 11.17 -55.22 3.32
N ARG G 768 11.11 -56.38 3.97
CA ARG G 768 11.86 -57.58 3.53
C ARG G 768 11.02 -58.88 3.57
N SER G 769 10.03 -58.97 2.67
CA SER G 769 9.23 -60.18 2.48
C SER G 769 10.10 -61.38 2.11
N ASP G 770 11.21 -61.10 1.40
CA ASP G 770 12.20 -62.11 1.00
C ASP G 770 12.92 -62.84 2.15
N ILE G 771 13.20 -62.14 3.25
CA ILE G 771 13.87 -62.74 4.44
C ILE G 771 12.84 -63.36 5.41
N PHE G 772 11.84 -62.57 5.80
CA PHE G 772 10.91 -62.94 6.88
C PHE G 772 9.57 -63.51 6.38
N ARG G 773 9.30 -64.78 6.68
CA ARG G 773 8.01 -65.42 6.29
C ARG G 773 6.85 -64.99 7.21
N VAL G 774 7.08 -64.97 8.52
CA VAL G 774 6.10 -64.38 9.45
C VAL G 774 6.66 -63.17 10.21
N ALA G 775 5.76 -62.32 10.65
CA ALA G 775 6.08 -61.25 11.59
C ALA G 775 4.95 -61.17 12.59
N ILE G 776 5.28 -61.15 13.87
CA ILE G 776 4.28 -61.09 14.95
C ILE G 776 4.60 -59.83 15.78
N ALA G 777 3.73 -58.84 15.68
CA ALA G 777 4.03 -57.48 16.15
C ALA G 777 3.14 -57.05 17.30
N GLY G 778 3.68 -57.10 18.52
CA GLY G 778 2.96 -56.72 19.72
C GLY G 778 3.07 -55.23 20.03
N ALA G 779 1.92 -54.60 20.27
CA ALA G 779 1.83 -53.19 20.68
C ALA G 779 2.74 -52.22 19.89
N PRO G 780 2.63 -52.24 18.55
CA PRO G 780 3.57 -51.54 17.71
C PRO G 780 3.17 -50.10 17.39
N VAL G 781 4.15 -49.21 17.33
CA VAL G 781 3.96 -47.89 16.74
C VAL G 781 3.80 -48.09 15.25
N THR G 782 2.57 -47.94 14.79
CA THR G 782 2.27 -47.94 13.37
C THR G 782 2.40 -46.55 12.73
N LEU G 783 2.44 -45.50 13.55
CA LEU G 783 2.32 -44.13 13.06
C LEU G 783 2.82 -43.10 14.10
N TRP G 784 3.95 -42.45 13.80
CA TRP G 784 4.68 -41.68 14.80
C TRP G 784 3.97 -40.44 15.29
N ILE G 785 3.30 -39.74 14.38
CA ILE G 785 2.49 -38.56 14.73
C ILE G 785 1.51 -38.76 15.90
N PHE G 786 1.13 -40.00 16.22
CA PHE G 786 0.36 -40.30 17.45
C PHE G 786 1.21 -40.37 18.71
N TYR G 787 2.51 -40.70 18.60
CA TYR G 787 3.34 -40.87 19.80
C TYR G 787 3.74 -39.54 20.43
N ASP G 788 4.08 -39.59 21.72
CA ASP G 788 4.29 -38.38 22.50
C ASP G 788 5.57 -37.62 22.19
N THR G 789 5.58 -36.37 22.62
CA THR G 789 6.67 -35.44 22.36
C THR G 789 8.01 -35.92 22.90
N GLY G 790 8.05 -36.18 24.20
CA GLY G 790 9.29 -36.48 24.91
C GLY G 790 10.18 -37.53 24.29
N TYR G 791 9.57 -38.53 23.65
CA TYR G 791 10.29 -39.59 22.96
C TYR G 791 10.54 -39.22 21.52
N THR G 792 9.46 -38.93 20.79
CA THR G 792 9.50 -38.77 19.34
C THR G 792 10.35 -37.60 18.91
N GLU G 793 10.19 -36.47 19.58
CA GLU G 793 10.98 -35.26 19.25
C GLU G 793 12.47 -35.39 19.58
N ARG G 794 12.78 -36.27 20.53
CA ARG G 794 14.17 -36.61 20.90
C ARG G 794 14.85 -37.40 19.77
N TYR G 795 14.11 -38.29 19.13
CA TYR G 795 14.65 -39.19 18.11
C TYR G 795 14.28 -38.87 16.66
N MET G 796 13.22 -38.09 16.46
CA MET G 796 12.74 -37.73 15.11
C MET G 796 12.48 -36.24 14.86
N GLY G 797 12.50 -35.41 15.90
CA GLY G 797 12.17 -33.99 15.78
C GLY G 797 10.70 -33.68 15.52
N HIS G 798 10.36 -32.40 15.53
CA HIS G 798 9.02 -31.91 15.20
C HIS G 798 8.68 -32.46 13.80
N PRO G 799 7.48 -33.08 13.62
CA PRO G 799 7.08 -33.63 12.31
C PRO G 799 7.32 -32.76 11.05
N ASP G 800 7.14 -31.44 11.18
CA ASP G 800 7.39 -30.45 10.12
C ASP G 800 8.87 -30.28 9.75
N GLN G 801 9.77 -30.89 10.51
CA GLN G 801 11.21 -30.89 10.25
C GLN G 801 11.80 -32.29 9.95
N ASN G 802 10.93 -33.28 9.81
CA ASN G 802 11.33 -34.59 9.37
C ASN G 802 10.18 -35.24 8.63
N GLU G 803 9.53 -34.45 7.77
CA GLU G 803 8.40 -34.91 6.94
C GLU G 803 8.64 -36.29 6.33
N GLN G 804 9.87 -36.49 5.84
CA GLN G 804 10.25 -37.73 5.18
C GLN G 804 10.46 -38.85 6.18
N GLY G 805 11.35 -38.63 7.16
CA GLY G 805 11.68 -39.64 8.18
C GLY G 805 10.49 -40.20 8.94
N TYR G 806 9.51 -39.33 9.21
CA TYR G 806 8.20 -39.73 9.75
C TYR G 806 7.43 -40.63 8.79
N TYR G 807 7.19 -40.15 7.57
CA TYR G 807 6.42 -40.93 6.57
C TYR G 807 7.01 -42.33 6.32
N LEU G 808 8.34 -42.40 6.17
CA LEU G 808 9.02 -43.67 5.97
C LEU G 808 8.98 -44.49 7.26
N GLY G 809 9.24 -43.86 8.40
CA GLY G 809 9.13 -44.53 9.69
C GLY G 809 7.74 -44.99 10.13
N SER G 810 6.68 -44.53 9.47
CA SER G 810 5.32 -44.84 9.89
C SER G 810 4.73 -45.93 9.02
N VAL G 811 4.64 -47.16 9.56
CA VAL G 811 4.13 -48.30 8.75
C VAL G 811 2.66 -48.18 8.31
N ALA G 812 1.87 -47.38 9.01
CA ALA G 812 0.49 -47.10 8.62
C ALA G 812 0.40 -46.42 7.26
N MET G 813 1.30 -45.47 7.02
CA MET G 813 1.34 -44.73 5.76
C MET G 813 1.82 -45.58 4.58
N GLN G 814 2.39 -46.75 4.87
CA GLN G 814 2.89 -47.65 3.82
C GLN G 814 2.21 -49.02 3.87
N ALA G 815 0.90 -49.01 4.11
CA ALA G 815 0.11 -50.24 4.24
C ALA G 815 0.15 -51.11 2.99
N GLU G 816 0.20 -50.46 1.82
CA GLU G 816 0.27 -51.14 0.52
C GLU G 816 1.50 -52.05 0.33
N LYS G 817 2.59 -51.76 1.04
CA LYS G 817 3.81 -52.58 0.98
C LYS G 817 3.71 -53.91 1.75
N PHE G 818 2.63 -54.10 2.51
CA PHE G 818 2.46 -55.33 3.29
C PHE G 818 2.08 -56.52 2.39
N PRO G 819 2.72 -57.69 2.57
CA PRO G 819 2.36 -58.93 1.88
C PRO G 819 0.89 -59.16 1.60
N SER G 820 0.60 -59.56 0.37
CA SER G 820 -0.73 -60.03 -0.03
C SER G 820 -0.94 -61.51 0.28
N GLU G 821 0.12 -62.21 0.69
CA GLU G 821 0.00 -63.54 1.29
C GLU G 821 -0.53 -63.41 2.73
N PRO G 822 -1.59 -64.16 3.10
CA PRO G 822 -2.06 -64.19 4.49
C PRO G 822 -1.22 -65.11 5.38
N ASN G 823 -1.60 -65.21 6.66
CA ASN G 823 -0.89 -66.06 7.64
C ASN G 823 0.61 -65.71 7.73
N ARG G 824 0.90 -64.42 7.64
CA ARG G 824 2.27 -63.87 7.68
C ARG G 824 2.37 -62.75 8.73
N LEU G 825 1.45 -61.81 8.64
CA LEU G 825 1.27 -60.76 9.63
C LEU G 825 0.34 -61.17 10.78
N LEU G 826 0.82 -61.03 12.01
CA LEU G 826 0.00 -61.14 13.22
C LEU G 826 0.20 -59.87 14.06
N LEU G 827 -0.91 -59.31 14.54
CA LEU G 827 -0.87 -58.11 15.37
C LEU G 827 -1.45 -58.43 16.74
N LEU G 828 -0.64 -58.18 17.78
CA LEU G 828 -1.05 -58.30 19.18
C LEU G 828 -1.04 -56.90 19.77
N HIS G 829 -2.00 -56.61 20.67
CA HIS G 829 -2.07 -55.27 21.29
C HIS G 829 -2.93 -55.26 22.56
N GLY G 830 -2.48 -54.52 23.58
CA GLY G 830 -3.32 -54.22 24.73
C GLY G 830 -4.47 -53.30 24.33
N PHE G 831 -5.70 -53.61 24.76
CA PHE G 831 -6.87 -52.80 24.37
C PHE G 831 -7.01 -51.51 25.18
N LEU G 832 -6.48 -51.51 26.39
CA LEU G 832 -6.50 -50.34 27.30
C LEU G 832 -5.17 -49.59 27.31
N ASP G 833 -4.32 -49.87 26.32
CA ASP G 833 -3.01 -49.26 26.18
C ASP G 833 -3.17 -47.74 26.12
N GLU G 834 -2.48 -47.05 27.02
CA GLU G 834 -2.52 -45.60 27.15
C GLU G 834 -1.26 -44.89 26.62
N ASN G 835 -0.20 -45.69 26.38
CA ASN G 835 1.09 -45.24 25.85
C ASN G 835 1.11 -45.37 24.31
N VAL G 836 1.16 -46.61 23.82
CA VAL G 836 1.00 -46.91 22.41
C VAL G 836 -0.50 -47.16 22.20
N HIS G 837 -1.24 -46.07 22.02
CA HIS G 837 -2.71 -46.13 21.92
C HIS G 837 -3.13 -47.20 20.91
N PHE G 838 -4.21 -47.92 21.21
CA PHE G 838 -4.66 -49.06 20.37
C PHE G 838 -4.93 -48.64 18.91
N ALA G 839 -5.39 -47.41 18.74
CA ALA G 839 -5.57 -46.78 17.41
C ALA G 839 -4.34 -46.78 16.48
N HIS G 840 -3.15 -47.01 17.01
CA HIS G 840 -2.02 -47.39 16.18
C HIS G 840 -2.39 -48.63 15.36
N THR G 841 -2.80 -49.70 16.03
CA THR G 841 -3.25 -50.94 15.34
C THR G 841 -4.52 -50.66 14.52
N SER G 842 -5.53 -50.06 15.15
CA SER G 842 -6.83 -49.89 14.50
C SER G 842 -6.68 -49.09 13.19
N ILE G 843 -5.88 -48.03 13.20
CA ILE G 843 -5.67 -47.27 11.95
C ILE G 843 -4.83 -48.06 10.94
N LEU G 844 -3.83 -48.82 11.39
CA LEU G 844 -3.06 -49.68 10.48
C LEU G 844 -4.02 -50.67 9.82
N LEU G 845 -4.82 -51.35 10.63
CA LEU G 845 -5.86 -52.27 10.14
C LEU G 845 -6.78 -51.59 9.12
N SER G 846 -7.16 -50.35 9.41
CA SER G 846 -7.96 -49.54 8.48
C SER G 846 -7.29 -49.42 7.11
N PHE G 847 -6.02 -49.03 7.08
CA PHE G 847 -5.27 -48.93 5.82
C PHE G 847 -4.96 -50.28 5.18
N LEU G 848 -4.84 -51.35 5.98
CA LEU G 848 -4.71 -52.72 5.46
C LEU G 848 -6.00 -53.17 4.78
N VAL G 849 -7.13 -52.93 5.43
CA VAL G 849 -8.47 -53.23 4.88
C VAL G 849 -8.68 -52.50 3.55
N ARG G 850 -8.30 -51.22 3.51
CA ARG G 850 -8.47 -50.40 2.32
C ARG G 850 -7.54 -50.89 1.20
N ALA G 851 -6.27 -51.09 1.53
CA ALA G 851 -5.28 -51.59 0.57
C ALA G 851 -5.50 -53.05 0.15
N GLY G 852 -6.43 -53.76 0.78
CA GLY G 852 -6.83 -55.10 0.36
C GLY G 852 -5.86 -56.16 0.83
N LYS G 853 -5.32 -55.98 2.04
CA LYS G 853 -4.27 -56.82 2.59
C LYS G 853 -4.81 -57.65 3.75
N PRO G 854 -4.38 -58.91 3.86
CA PRO G 854 -4.82 -59.73 4.98
C PRO G 854 -3.95 -59.52 6.23
N TYR G 855 -4.51 -59.89 7.37
CA TYR G 855 -3.84 -59.74 8.64
C TYR G 855 -4.50 -60.70 9.61
N ASP G 856 -3.75 -61.13 10.62
CA ASP G 856 -4.34 -61.80 11.79
C ASP G 856 -4.16 -60.86 12.99
N LEU G 857 -5.11 -60.93 13.94
CA LEU G 857 -5.17 -60.00 15.06
C LEU G 857 -5.56 -60.68 16.38
N GLN G 858 -4.83 -60.34 17.45
CA GLN G 858 -5.21 -60.76 18.78
C GLN G 858 -5.32 -59.52 19.68
N ILE G 859 -6.32 -59.53 20.56
CA ILE G 859 -6.50 -58.47 21.53
C ILE G 859 -6.42 -59.05 22.93
N TYR G 860 -5.90 -58.25 23.86
CA TYR G 860 -5.87 -58.58 25.29
C TYR G 860 -6.63 -57.47 26.04
N PRO G 861 -7.97 -57.64 26.22
CA PRO G 861 -8.79 -56.50 26.65
C PRO G 861 -8.65 -56.03 28.09
N GLN G 862 -7.85 -56.74 28.89
CA GLN G 862 -7.56 -56.30 30.26
C GLN G 862 -6.17 -55.67 30.42
N GLU G 863 -5.45 -55.47 29.31
CA GLU G 863 -4.04 -55.06 29.35
C GLU G 863 -3.81 -53.68 28.77
N ARG G 864 -2.75 -53.04 29.26
CA ARG G 864 -2.28 -51.74 28.78
C ARG G 864 -0.97 -51.99 28.03
N HIS G 865 0.00 -51.07 28.12
CA HIS G 865 1.35 -51.35 27.60
C HIS G 865 2.15 -52.22 28.60
N SER G 866 1.63 -53.42 28.81
CA SER G 866 2.09 -54.38 29.82
C SER G 866 1.13 -55.55 29.84
N ILE G 867 1.65 -56.75 30.12
CA ILE G 867 0.81 -57.94 30.40
C ILE G 867 0.91 -58.31 31.90
N ARG G 868 -0.17 -58.02 32.64
CA ARG G 868 -0.23 -58.11 34.10
C ARG G 868 -1.15 -59.22 34.62
N VAL G 869 -2.29 -59.41 33.96
CA VAL G 869 -3.22 -60.49 34.30
C VAL G 869 -2.58 -61.79 33.81
N PRO G 870 -2.46 -62.80 34.68
CA PRO G 870 -1.70 -64.00 34.30
C PRO G 870 -2.36 -64.85 33.21
N GLU G 871 -3.69 -64.90 33.18
CA GLU G 871 -4.45 -65.64 32.16
C GLU G 871 -4.20 -65.09 30.76
N SER G 872 -4.14 -63.76 30.65
CA SER G 872 -3.78 -63.07 29.40
C SER G 872 -2.37 -63.44 28.95
N GLY G 873 -1.43 -63.50 29.89
CA GLY G 873 -0.07 -63.95 29.61
C GLY G 873 0.03 -65.36 29.06
N GLU G 874 -0.78 -66.28 29.62
CA GLU G 874 -0.84 -67.66 29.16
C GLU G 874 -1.41 -67.78 27.76
N HIS G 875 -2.49 -67.04 27.50
CA HIS G 875 -3.13 -67.04 26.19
C HIS G 875 -2.20 -66.50 25.10
N TYR G 876 -1.40 -65.50 25.44
CA TYR G 876 -0.41 -64.95 24.52
C TYR G 876 0.65 -65.96 24.15
N GLU G 877 1.32 -66.50 25.17
CA GLU G 877 2.39 -67.50 25.00
C GLU G 877 1.95 -68.71 24.17
N LEU G 878 0.69 -69.11 24.38
CA LEU G 878 0.08 -70.22 23.63
C LEU G 878 -0.17 -69.86 22.17
N HIS G 879 -0.90 -68.76 21.95
CA HIS G 879 -1.21 -68.31 20.60
C HIS G 879 0.08 -68.17 19.80
N LEU G 880 1.12 -67.58 20.42
CA LEU G 880 2.43 -67.38 19.77
C LEU G 880 3.12 -68.69 19.35
N LEU G 881 3.18 -69.68 20.24
CA LEU G 881 3.73 -71.01 19.87
C LEU G 881 2.90 -71.65 18.78
N HIS G 882 1.59 -71.60 18.97
CA HIS G 882 0.66 -72.22 18.04
C HIS G 882 0.63 -71.53 16.65
N TYR G 883 0.77 -70.21 16.62
CA TYR G 883 0.92 -69.48 15.36
C TYR G 883 2.20 -69.93 14.67
N LEU G 884 3.32 -69.80 15.37
CA LEU G 884 4.63 -70.14 14.79
C LEU G 884 4.67 -71.58 14.29
N GLN G 885 4.11 -72.48 15.09
CA GLN G 885 3.91 -73.87 14.68
C GLN G 885 3.15 -73.95 13.36
N GLU G 886 1.87 -73.58 13.36
CA GLU G 886 1.00 -73.71 12.18
C GLU G 886 1.37 -72.84 10.99
N ASN G 887 2.25 -71.84 11.17
CA ASN G 887 2.63 -70.95 10.08
C ASN G 887 4.15 -70.74 9.86
N LEU G 888 5.01 -71.44 10.60
CA LEU G 888 6.46 -71.37 10.36
C LEU G 888 7.20 -72.72 10.49
N GLY G 889 7.18 -73.28 11.70
CA GLY G 889 7.96 -74.48 11.99
C GLY G 889 7.44 -75.78 11.40
N SER G 890 6.13 -76.00 11.53
CA SER G 890 5.52 -77.33 11.32
C SER G 890 5.51 -77.78 9.87
N ARG G 891 5.17 -79.06 9.67
CA ARG G 891 5.10 -79.66 8.33
C ARG G 891 3.87 -79.13 7.55
N ILE G 892 2.74 -78.98 8.25
CA ILE G 892 1.55 -78.38 7.67
C ILE G 892 1.79 -76.93 7.16
N ALA G 893 2.66 -76.21 7.86
CA ALA G 893 2.98 -74.81 7.51
C ALA G 893 3.64 -74.70 6.15
N ALA G 894 4.71 -75.48 5.95
CA ALA G 894 5.44 -75.49 4.69
C ALA G 894 4.56 -75.95 3.51
N LEU G 895 3.58 -76.82 3.78
CA LEU G 895 2.62 -77.25 2.75
C LEU G 895 1.77 -76.11 2.21
N LYS G 896 1.22 -75.29 3.11
CA LYS G 896 0.31 -74.18 2.74
C LYS G 896 0.78 -73.20 1.62
N VAL G 897 2.09 -73.08 1.41
CA VAL G 897 2.67 -72.15 0.40
C VAL G 897 1.98 -72.22 -0.98
N SER H 1 8.32 -44.03 26.03
CA SER H 1 9.31 -45.14 25.97
C SER H 1 8.63 -46.37 25.42
N LEU H 2 8.91 -46.67 24.15
CA LEU H 2 8.31 -47.81 23.46
C LEU H 2 8.96 -49.06 23.98
N ARG H 3 8.48 -49.52 25.13
CA ARG H 3 9.16 -50.52 25.93
C ARG H 3 8.15 -51.19 26.86
N PHE H 4 7.76 -52.41 26.49
CA PHE H 4 6.66 -53.15 27.13
C PHE H 4 7.08 -53.60 28.53
N LEU H 5 6.15 -54.25 29.24
CA LEU H 5 6.46 -54.93 30.50
C LEU H 5 5.80 -56.29 30.50
N TYR H 6 6.60 -57.35 30.45
CA TYR H 6 6.08 -58.70 30.58
C TYR H 6 7.03 -59.59 31.41
N GLU H 7 6.41 -60.31 32.36
CA GLU H 7 7.11 -61.19 33.30
C GLU H 7 6.90 -62.66 32.86
N GLY H 8 7.49 -63.00 31.71
CA GLY H 8 7.39 -64.35 31.12
C GLY H 8 8.07 -64.46 29.76
N LEU I 48 -22.06 79.76 -4.48
CA LEU I 48 -20.61 79.82 -4.09
C LEU I 48 -19.69 79.83 -5.32
N GLU I 49 -18.71 80.74 -5.33
CA GLU I 49 -17.79 80.92 -6.47
C GLU I 49 -16.40 80.33 -6.18
N PRO I 50 -15.76 79.66 -7.17
CA PRO I 50 -14.45 79.07 -6.90
C PRO I 50 -13.33 80.09 -6.76
N PHE I 51 -12.50 79.94 -5.72
CA PHE I 51 -11.22 80.65 -5.61
C PHE I 51 -10.19 79.89 -6.43
N TYR I 52 -9.18 80.61 -6.92
CA TYR I 52 -8.05 80.03 -7.64
C TYR I 52 -6.73 80.61 -7.09
N VAL I 53 -5.73 79.74 -6.89
CA VAL I 53 -4.45 80.20 -6.36
C VAL I 53 -3.69 80.99 -7.41
N GLU I 54 -2.84 81.90 -6.95
CA GLU I 54 -2.11 82.77 -7.86
C GLU I 54 -1.05 81.96 -8.60
N ARG I 55 -1.11 82.04 -9.92
CA ARG I 55 -0.22 81.29 -10.82
C ARG I 55 1.18 81.90 -10.90
N TYR I 56 2.08 81.44 -10.04
CA TYR I 56 3.48 81.83 -10.09
C TYR I 56 4.27 80.82 -10.95
N SER I 57 5.37 81.28 -11.53
CA SER I 57 6.30 80.42 -12.27
C SER I 57 7.07 79.50 -11.32
N TRP I 58 7.78 78.55 -11.92
CA TRP I 58 8.70 77.68 -11.17
C TRP I 58 9.72 78.52 -10.41
N SER I 59 10.39 79.43 -11.11
CA SER I 59 11.41 80.30 -10.51
C SER I 59 10.85 81.17 -9.39
N GLN I 60 9.65 81.70 -9.62
CA GLN I 60 8.94 82.50 -8.63
C GLN I 60 8.59 81.72 -7.36
N LEU I 61 8.04 80.51 -7.53
CA LEU I 61 7.73 79.65 -6.39
C LEU I 61 8.98 79.27 -5.59
N LYS I 62 10.13 79.12 -6.26
CA LYS I 62 11.39 78.88 -5.55
C LYS I 62 11.79 80.06 -4.68
N LYS I 63 11.75 81.26 -5.28
CA LYS I 63 11.98 82.53 -4.56
C LYS I 63 11.06 82.65 -3.34
N LEU I 64 9.77 82.46 -3.60
CA LEU I 64 8.71 82.51 -2.58
C LEU I 64 8.94 81.51 -1.44
N LEU I 65 9.32 80.29 -1.81
CA LEU I 65 9.66 79.25 -0.84
C LEU I 65 10.97 79.56 -0.11
N ALA I 66 11.95 80.13 -0.82
CA ALA I 66 13.24 80.49 -0.23
C ALA I 66 13.13 81.61 0.81
N ASP I 67 12.23 82.57 0.57
CA ASP I 67 12.01 83.69 1.49
C ASP I 67 11.32 83.28 2.81
N THR I 68 10.27 82.47 2.69
CA THR I 68 9.57 81.91 3.87
C THR I 68 10.49 80.96 4.66
N ARG I 69 11.28 80.18 3.94
CA ARG I 69 12.31 79.29 4.54
C ARG I 69 13.40 80.08 5.26
N LYS I 70 13.87 81.15 4.61
CA LYS I 70 14.96 82.00 5.13
C LYS I 70 14.81 82.44 6.60
N TYR I 71 13.60 82.35 7.16
CA TYR I 71 13.37 82.57 8.59
C TYR I 71 13.20 81.26 9.39
N HIS I 72 14.19 80.35 9.27
CA HIS I 72 14.28 79.10 10.04
C HIS I 72 15.75 78.70 10.29
N LYS I 78 16.52 73.61 16.88
CA LYS I 78 16.94 72.49 17.72
C LYS I 78 16.97 72.87 19.21
N ALA I 79 16.53 71.95 20.07
CA ALA I 79 16.47 72.18 21.52
C ALA I 79 17.46 71.28 22.29
N PRO I 80 17.55 71.45 23.65
CA PRO I 80 18.31 70.52 24.49
C PRO I 80 17.59 69.25 24.87
N HIS I 81 18.37 68.28 25.35
CA HIS I 81 17.91 66.93 25.65
C HIS I 81 19.03 66.12 26.35
N ASP I 82 18.76 64.85 26.64
CA ASP I 82 19.72 63.93 27.31
C ASP I 82 20.28 64.58 28.58
N PHE I 83 19.37 64.98 29.44
CA PHE I 83 19.72 65.70 30.67
C PHE I 83 20.25 64.75 31.74
N MET I 84 21.03 65.30 32.67
CA MET I 84 21.52 64.55 33.84
C MET I 84 21.91 65.45 35.01
N PHE I 85 21.28 65.17 36.15
CA PHE I 85 21.51 65.89 37.41
C PHE I 85 22.60 65.20 38.22
N VAL I 86 23.73 65.89 38.41
CA VAL I 86 24.78 65.50 39.35
C VAL I 86 24.73 66.49 40.51
N LYS I 87 24.88 65.98 41.73
CA LYS I 87 24.84 66.81 42.93
C LYS I 87 26.21 67.43 43.24
N ARG I 88 26.20 68.71 43.64
CA ARG I 88 27.43 69.45 43.94
C ARG I 88 28.02 69.04 45.28
N ASN I 89 27.14 68.78 46.27
CA ASN I 89 27.54 68.47 47.65
C ASN I 89 28.48 69.54 48.21
N ASP I 90 28.03 70.79 48.08
CA ASP I 90 28.74 71.93 48.64
C ASP I 90 27.79 72.52 49.67
N PRO I 91 28.02 72.22 50.98
CA PRO I 91 27.18 72.83 52.04
C PRO I 91 27.29 74.35 52.07
N ASP I 92 28.50 74.85 51.83
CA ASP I 92 28.78 76.30 51.76
C ASP I 92 28.50 76.93 50.39
N GLY I 93 28.35 76.11 49.36
CA GLY I 93 28.23 76.60 47.99
C GLY I 93 26.83 77.05 47.63
N PRO I 94 26.71 77.96 46.64
CA PRO I 94 25.40 78.45 46.21
C PRO I 94 24.55 77.45 45.40
N HIS I 95 25.20 76.46 44.77
CA HIS I 95 24.54 75.56 43.82
C HIS I 95 24.28 74.19 44.43
N SER I 96 23.11 73.64 44.10
CA SER I 96 22.63 72.34 44.62
C SER I 96 23.06 71.20 43.70
N ASP I 97 22.71 71.34 42.43
CA ASP I 97 23.08 70.39 41.38
C ASP I 97 23.86 71.10 40.25
N ARG I 98 24.35 70.30 39.31
CA ARG I 98 24.80 70.79 38.00
C ARG I 98 24.26 69.85 36.91
N ILE I 99 23.50 70.41 35.98
CA ILE I 99 22.87 69.63 34.90
C ILE I 99 23.78 69.63 33.68
N TYR I 100 23.96 68.45 33.07
CA TYR I 100 24.68 68.26 31.80
C TYR I 100 23.68 67.80 30.74
N TYR I 101 23.86 68.26 29.52
CA TYR I 101 22.88 68.00 28.45
C TYR I 101 23.48 68.25 27.07
N LEU I 102 22.91 67.62 26.06
CA LEU I 102 23.33 67.82 24.69
C LEU I 102 22.44 68.87 24.02
N ALA I 103 23.05 69.78 23.25
CA ALA I 103 22.31 70.82 22.54
C ALA I 103 23.17 71.49 21.45
N MET I 104 22.54 72.36 20.67
CA MET I 104 23.23 73.18 19.64
C MET I 104 23.74 74.52 20.22
N ARG I 109 25.01 75.01 13.07
CA ARG I 109 24.92 74.85 14.52
C ARG I 109 25.30 73.42 14.94
N GLU I 110 26.46 73.27 15.59
CA GLU I 110 27.00 71.97 16.03
C GLU I 110 26.37 71.52 17.36
N ASN I 111 26.15 70.20 17.48
CA ASN I 111 25.42 69.61 18.62
C ASN I 111 26.36 68.91 19.64
N THR I 112 26.65 69.61 20.74
CA THR I 112 27.73 69.28 21.70
C THR I 112 27.17 69.08 23.13
N LEU I 113 28.03 68.61 24.06
CA LEU I 113 27.75 68.68 25.51
C LEU I 113 27.85 70.07 26.14
N PHE I 114 26.77 70.46 26.83
CA PHE I 114 26.69 71.70 27.62
C PHE I 114 26.40 71.37 29.09
N TYR I 115 26.62 72.35 29.97
CA TYR I 115 26.16 72.29 31.37
C TYR I 115 25.64 73.63 31.88
N SER I 116 24.93 73.57 33.00
CA SER I 116 24.39 74.75 33.67
C SER I 116 24.42 74.54 35.18
N GLU I 117 24.18 75.62 35.91
CA GLU I 117 24.26 75.61 37.37
C GLU I 117 22.89 75.80 38.03
N ILE I 118 22.48 74.83 38.86
CA ILE I 118 21.19 74.84 39.55
C ILE I 118 21.35 75.50 40.94
N PRO I 119 20.88 76.76 41.10
CA PRO I 119 21.09 77.46 42.37
C PRO I 119 20.17 76.95 43.50
N LYS I 120 20.67 77.00 44.73
CA LYS I 120 19.94 76.52 45.91
C LYS I 120 18.67 77.31 46.19
N THR I 121 18.66 78.60 45.82
CA THR I 121 17.47 79.45 45.91
C THR I 121 17.33 80.36 44.70
N ILE I 122 16.21 81.07 44.62
CA ILE I 122 15.89 81.94 43.48
C ILE I 122 15.16 83.21 43.89
N ASN I 123 15.35 84.27 43.11
CA ASN I 123 14.54 85.48 43.23
C ASN I 123 13.20 85.18 42.57
N ARG I 124 12.20 84.88 43.40
CA ARG I 124 10.86 84.53 42.92
C ARG I 124 10.07 85.69 42.27
N ALA I 125 10.61 86.90 42.29
CA ALA I 125 10.11 88.00 41.47
C ALA I 125 10.49 87.75 40.01
N ALA I 126 11.79 87.70 39.77
CA ALA I 126 12.34 87.61 38.41
C ALA I 126 12.37 86.18 37.88
N VAL I 127 12.58 86.09 36.57
CA VAL I 127 12.59 84.83 35.83
C VAL I 127 14.04 84.50 35.52
N LEU I 128 14.58 83.45 36.15
CA LEU I 128 15.98 83.06 35.95
C LEU I 128 16.18 82.43 34.58
N MET I 129 16.99 83.09 33.75
CA MET I 129 17.46 82.51 32.48
C MET I 129 18.79 81.80 32.74
N LEU I 130 18.76 80.47 32.77
CA LEU I 130 19.99 79.69 32.97
C LEU I 130 20.85 79.81 31.74
N SER I 131 22.14 80.11 31.96
CA SER I 131 23.12 80.23 30.88
C SER I 131 23.88 78.90 30.74
N TRP I 132 24.18 78.56 29.48
CA TRP I 132 24.78 77.28 29.11
C TRP I 132 26.30 77.44 29.02
N LYS I 133 27.03 76.62 29.77
CA LYS I 133 28.48 76.59 29.69
C LYS I 133 28.90 75.47 28.74
N PRO I 134 29.77 75.75 27.74
CA PRO I 134 30.28 74.63 26.93
C PRO I 134 31.18 73.69 27.74
N LEU I 135 30.85 72.40 27.74
CA LEU I 135 31.66 71.39 28.44
C LEU I 135 32.89 71.00 27.65
N LEU I 136 32.81 71.07 26.32
CA LEU I 136 33.90 70.58 25.45
C LEU I 136 34.67 71.69 24.75
N ASP I 137 35.91 71.35 24.35
CA ASP I 137 36.84 72.29 23.73
C ASP I 137 36.65 72.26 22.20
N LEU I 138 36.19 73.38 21.67
CA LEU I 138 35.62 73.48 20.32
C LEU I 138 36.64 74.03 19.33
N TYR I 148 30.75 60.78 6.94
CA TYR I 148 30.06 59.58 7.44
C TYR I 148 30.50 58.29 6.75
N SER I 149 30.66 57.23 7.55
CA SER I 149 30.82 55.87 7.02
C SER I 149 29.46 55.37 6.52
N ARG I 150 29.38 54.09 6.09
CA ARG I 150 28.10 53.45 5.80
C ARG I 150 27.38 53.19 7.11
N GLU I 151 28.06 52.48 8.00
CA GLU I 151 27.50 52.06 9.31
C GLU I 151 27.03 53.24 10.17
N GLU I 152 27.74 54.36 10.10
CA GLU I 152 27.25 55.61 10.70
C GLU I 152 25.94 56.05 10.05
N GLU I 153 25.95 56.18 8.72
CA GLU I 153 24.83 56.78 7.98
C GLU I 153 23.56 55.93 8.03
N LEU I 154 23.74 54.61 7.97
CA LEU I 154 22.62 53.66 8.07
C LEU I 154 21.98 53.69 9.46
N LEU I 155 22.80 53.72 10.50
CA LEU I 155 22.32 53.84 11.88
C LEU I 155 21.54 55.14 12.11
N ARG I 156 21.96 56.22 11.47
CA ARG I 156 21.23 57.51 11.55
C ARG I 156 19.85 57.50 10.89
N GLU I 157 19.64 56.60 9.92
CA GLU I 157 18.32 56.36 9.33
C GLU I 157 17.41 55.50 10.22
N ARG I 158 17.98 54.44 10.81
CA ARG I 158 17.24 53.55 11.72
C ARG I 158 16.76 54.30 12.98
N LYS I 159 17.70 54.97 13.65
CA LYS I 159 17.41 55.82 14.82
C LYS I 159 16.54 57.04 14.49
N ARG I 160 16.58 57.47 13.23
CA ARG I 160 15.75 58.57 12.73
C ARG I 160 16.26 59.96 13.23
N ILE I 161 17.59 60.10 13.30
CA ILE I 161 18.26 61.32 13.78
C ILE I 161 18.84 62.11 12.60
N GLY I 162 18.48 63.39 12.52
CA GLY I 162 18.91 64.29 11.45
C GLY I 162 19.47 65.61 11.95
N THR I 163 20.32 65.55 12.98
CA THR I 163 21.18 66.68 13.39
C THR I 163 22.54 66.13 13.78
N VAL I 164 23.60 66.70 13.20
CA VAL I 164 24.95 66.19 13.38
C VAL I 164 25.50 66.69 14.72
N GLY I 165 26.37 65.86 15.29
CA GLY I 165 27.15 66.22 16.48
C GLY I 165 27.39 65.00 17.34
N ILE I 166 27.15 65.14 18.64
CA ILE I 166 27.18 64.02 19.57
C ILE I 166 25.72 63.70 19.86
N ALA I 167 25.35 62.43 19.69
CA ALA I 167 23.96 61.98 19.86
C ALA I 167 23.68 61.49 21.26
N SER I 168 24.61 60.72 21.81
CA SER I 168 24.47 60.15 23.13
C SER I 168 25.75 60.32 23.91
N TYR I 169 25.66 60.11 25.23
CA TYR I 169 26.82 60.04 26.09
C TYR I 169 26.56 59.17 27.32
N ASP I 170 27.62 58.51 27.75
CA ASP I 170 27.60 57.60 28.89
C ASP I 170 28.34 58.33 30.02
N TYR I 171 27.89 58.10 31.25
CA TYR I 171 28.47 58.75 32.44
C TYR I 171 28.55 57.79 33.65
N HIS I 172 29.77 57.40 34.03
CA HIS I 172 29.97 56.67 35.29
C HIS I 172 29.91 57.65 36.47
N GLN I 173 28.87 57.45 37.30
CA GLN I 173 28.54 58.35 38.42
C GLN I 173 29.69 58.48 39.42
N GLY I 174 30.38 57.37 39.68
CA GLY I 174 31.46 57.33 40.67
C GLY I 174 32.72 58.09 40.30
N SER I 175 33.11 58.04 39.03
CA SER I 175 34.37 58.64 38.57
C SER I 175 34.23 60.03 37.97
N GLY I 176 33.03 60.34 37.48
CA GLY I 176 32.80 61.56 36.71
C GLY I 176 33.18 61.40 35.24
N THR I 177 33.39 60.16 34.81
CA THR I 177 33.86 59.85 33.45
C THR I 177 32.71 59.94 32.46
N PHE I 178 32.80 60.88 31.51
CA PHE I 178 31.92 60.88 30.34
C PHE I 178 32.55 59.96 29.29
N LEU I 179 31.71 59.27 28.51
CA LEU I 179 32.15 58.59 27.27
C LEU I 179 31.20 58.92 26.15
N PHE I 180 31.73 59.26 24.99
CA PHE I 180 30.89 59.67 23.86
C PHE I 180 31.62 59.59 22.52
N GLN I 181 30.84 59.35 21.47
CA GLN I 181 31.35 59.25 20.11
C GLN I 181 31.14 60.57 19.39
N ALA I 182 32.15 60.96 18.60
CA ALA I 182 32.09 62.15 17.74
C ALA I 182 32.96 61.89 16.51
N GLY I 183 32.34 61.86 15.33
CA GLY I 183 33.03 61.40 14.11
C GLY I 183 33.37 59.93 14.27
N SER I 184 34.52 59.51 13.73
CA SER I 184 35.04 58.16 13.99
C SER I 184 35.43 58.01 15.45
N GLY I 185 36.00 59.07 16.00
CA GLY I 185 36.61 59.05 17.32
C GLY I 185 35.66 58.83 18.48
N ILE I 186 36.18 58.19 19.52
CA ILE I 186 35.49 57.97 20.81
C ILE I 186 36.29 58.74 21.87
N TYR I 187 35.58 59.50 22.69
CA TYR I 187 36.23 60.45 23.57
C TYR I 187 35.78 60.27 25.02
N HIS I 188 36.66 60.65 25.94
CA HIS I 188 36.34 60.70 27.37
C HIS I 188 36.80 62.03 27.98
N VAL I 189 35.99 62.58 28.88
CA VAL I 189 36.40 63.66 29.79
C VAL I 189 35.96 63.26 31.19
N LYS I 190 36.47 63.97 32.20
CA LYS I 190 36.03 63.77 33.58
C LYS I 190 35.40 65.05 34.10
N ASP I 191 34.18 64.96 34.63
CA ASP I 191 33.60 66.06 35.40
C ASP I 191 32.51 65.58 36.35
N GLY I 192 32.35 66.30 37.46
CA GLY I 192 31.36 65.98 38.48
C GLY I 192 31.76 64.92 39.49
N GLY I 193 32.88 64.22 39.23
CA GLY I 193 33.32 63.13 40.10
C GLY I 193 34.13 63.63 41.27
N PRO I 194 34.85 62.72 41.96
CA PRO I 194 35.80 63.05 43.01
C PRO I 194 36.67 64.27 42.67
N GLN I 195 37.24 64.30 41.48
CA GLN I 195 38.05 65.45 41.04
C GLN I 195 37.25 66.73 40.78
N GLY I 196 35.93 66.67 40.93
CA GLY I 196 35.12 67.85 41.11
C GLY I 196 34.71 68.46 39.80
N PHE I 197 34.42 69.76 39.84
CA PHE I 197 33.69 70.45 38.78
C PHE I 197 34.53 71.53 38.11
N THR I 198 34.82 71.34 36.82
CA THR I 198 35.50 72.37 36.02
C THR I 198 34.62 73.60 35.82
N GLN I 199 35.26 74.75 35.66
CA GLN I 199 34.59 76.02 35.38
C GLN I 199 34.73 76.43 33.91
N GLN I 200 35.38 75.60 33.09
CA GLN I 200 35.66 75.94 31.70
C GLN I 200 35.70 74.66 30.85
N PRO I 201 35.70 74.80 29.50
CA PRO I 201 35.81 73.64 28.61
C PRO I 201 36.91 72.65 28.96
N LEU I 202 36.60 71.37 28.81
CA LEU I 202 37.58 70.28 28.90
C LEU I 202 37.86 69.80 27.49
N ARG I 203 39.14 69.55 27.22
CA ARG I 203 39.54 69.05 25.92
C ARG I 203 39.20 67.56 25.88
N PRO I 204 38.53 67.09 24.82
CA PRO I 204 38.18 65.68 24.76
C PRO I 204 39.40 64.79 24.64
N ASN I 205 39.33 63.56 25.16
CA ASN I 205 40.44 62.63 25.09
C ASN I 205 40.16 61.50 24.11
N LEU I 206 40.93 61.47 23.02
CA LEU I 206 40.74 60.50 21.94
C LEU I 206 41.19 59.09 22.32
N VAL I 207 40.23 58.21 22.64
CA VAL I 207 40.50 56.80 22.96
C VAL I 207 41.33 56.26 21.81
N GLU I 208 42.58 55.91 22.10
CA GLU I 208 43.49 55.39 21.08
C GLU I 208 43.03 54.00 20.60
N THR I 209 43.31 53.70 19.31
CA THR I 209 42.96 52.39 18.75
C THR I 209 43.90 51.88 17.67
N SER I 210 44.05 50.55 17.68
CA SER I 210 44.71 49.79 16.64
C SER I 210 43.73 49.36 15.54
N CYS I 211 42.42 49.49 15.81
CA CYS I 211 41.40 48.98 14.88
C CYS I 211 41.39 49.74 13.55
N PRO I 212 41.21 49.01 12.43
CA PRO I 212 41.18 49.66 11.12
C PRO I 212 39.93 50.49 10.77
N ASN I 213 38.83 50.28 11.48
CA ASN I 213 37.52 50.78 11.04
C ASN I 213 36.83 51.63 12.10
N ILE I 214 35.70 52.23 11.69
CA ILE I 214 34.88 53.02 12.60
C ILE I 214 34.36 52.15 13.73
N ARG I 215 34.42 52.69 14.95
CA ARG I 215 33.98 51.98 16.13
C ARG I 215 32.58 52.48 16.47
N MET I 216 31.61 51.56 16.37
CA MET I 216 30.20 51.85 16.65
C MET I 216 29.87 51.44 18.09
N ASP I 217 28.90 52.14 18.68
CA ASP I 217 28.31 51.79 19.98
C ASP I 217 29.33 51.67 21.12
N PRO I 218 30.07 52.74 21.40
CA PRO I 218 30.88 52.73 22.63
C PRO I 218 29.97 52.69 23.86
N LYS I 219 30.40 51.95 24.88
CA LYS I 219 29.74 51.96 26.19
C LYS I 219 30.75 51.83 27.33
N LEU I 220 30.59 52.66 28.36
CA LEU I 220 31.41 52.59 29.57
C LEU I 220 31.05 51.37 30.40
N CYS I 221 32.03 50.83 31.10
CA CYS I 221 31.76 49.77 32.07
C CYS I 221 31.37 50.43 33.40
N PRO I 222 30.25 49.99 34.01
CA PRO I 222 29.86 50.54 35.31
C PRO I 222 30.78 50.17 36.48
N ALA I 223 31.17 48.90 36.57
CA ALA I 223 32.09 48.43 37.60
C ALA I 223 33.56 48.84 37.40
N ASP I 224 33.90 49.48 36.27
CA ASP I 224 35.24 50.00 36.04
C ASP I 224 35.27 51.11 34.95
N PRO I 225 35.42 52.38 35.37
CA PRO I 225 35.44 53.48 34.37
C PRO I 225 36.68 53.55 33.46
N ASP I 226 37.71 52.77 33.75
CA ASP I 226 38.84 52.61 32.84
C ASP I 226 38.43 51.81 31.59
N TRP I 227 37.69 50.71 31.81
CA TRP I 227 37.27 49.83 30.70
C TRP I 227 36.03 50.32 29.94
N ILE I 228 36.11 50.30 28.59
CA ILE I 228 34.96 50.53 27.69
C ILE I 228 34.88 49.42 26.66
N ALA I 229 33.68 49.16 26.17
CA ALA I 229 33.44 48.21 25.08
C ALA I 229 32.92 48.96 23.86
N PHE I 230 33.35 48.54 22.67
CA PHE I 230 32.76 49.04 21.41
C PHE I 230 32.58 47.90 20.42
N ILE I 231 31.91 48.20 19.32
CA ILE I 231 31.76 47.26 18.22
C ILE I 231 32.69 47.67 17.09
N HIS I 232 33.22 46.66 16.41
CA HIS I 232 34.13 46.84 15.30
C HIS I 232 33.95 45.72 14.27
N SER I 233 33.40 46.08 13.11
CA SER I 233 33.16 45.14 12.02
C SER I 233 32.40 43.92 12.54
N ASN I 234 31.26 44.20 13.17
CA ASN I 234 30.37 43.17 13.73
C ASN I 234 31.00 42.22 14.77
N ASP I 235 31.97 42.71 15.54
CA ASP I 235 32.49 41.97 16.69
C ASP I 235 32.70 42.94 17.85
N ILE I 236 32.71 42.38 19.06
CA ILE I 236 32.82 43.16 20.29
C ILE I 236 34.30 43.28 20.66
N TRP I 237 34.76 44.51 20.76
CA TRP I 237 36.12 44.82 21.19
C TRP I 237 36.01 45.64 22.47
N ILE I 238 36.97 45.44 23.37
CA ILE I 238 37.09 46.28 24.57
C ILE I 238 38.45 46.99 24.61
N SER I 239 38.46 48.15 25.26
CA SER I 239 39.63 49.03 25.31
C SER I 239 39.69 49.68 26.69
N ASN I 240 40.90 49.79 27.24
CA ASN I 240 41.14 50.47 28.52
C ASN I 240 41.70 51.87 28.26
N ILE I 241 41.11 52.89 28.86
CA ILE I 241 41.43 54.29 28.51
C ILE I 241 42.63 54.88 29.25
N VAL I 242 43.31 54.08 30.08
CA VAL I 242 44.64 54.45 30.64
C VAL I 242 45.75 53.46 30.30
N THR I 243 45.48 52.15 30.41
CA THR I 243 46.50 51.15 30.09
C THR I 243 46.78 51.10 28.58
N ARG I 244 45.82 51.51 27.76
CA ARG I 244 45.84 51.40 26.29
C ARG I 244 45.85 49.94 25.82
N GLU I 245 45.34 49.04 26.65
CA GLU I 245 45.19 47.64 26.31
C GLU I 245 43.90 47.55 25.51
N GLU I 246 43.95 46.86 24.38
CA GLU I 246 42.81 46.79 23.44
C GLU I 246 42.62 45.36 22.91
N ARG I 247 41.54 44.71 23.34
CA ARG I 247 41.30 43.30 23.04
C ARG I 247 40.05 43.11 22.16
N ARG I 248 40.10 42.09 21.32
CA ARG I 248 38.92 41.60 20.59
C ARG I 248 38.24 40.50 21.42
N LEU I 249 37.00 40.73 21.86
CA LEU I 249 36.27 39.76 22.72
C LEU I 249 35.50 38.66 21.97
N THR I 250 35.25 38.86 20.67
CA THR I 250 34.56 37.85 19.83
C THR I 250 35.20 37.78 18.45
N TYR I 251 35.20 36.59 17.85
CA TYR I 251 35.76 36.37 16.52
C TYR I 251 34.72 35.64 15.66
N VAL I 252 33.77 36.41 15.13
CA VAL I 252 32.54 35.86 14.53
C VAL I 252 32.29 36.35 13.10
N HIS I 253 32.48 37.65 12.85
CA HIS I 253 32.47 38.21 11.49
C HIS I 253 33.90 38.52 11.01
N ASN I 254 34.37 37.73 10.03
CA ASN I 254 35.60 38.03 9.28
C ASN I 254 35.35 39.21 8.32
N GLU I 255 35.72 40.41 8.75
CA GLU I 255 35.64 41.67 7.98
C GLU I 255 36.19 41.65 6.54
N LEU I 256 37.27 40.89 6.32
CA LEU I 256 37.94 40.84 5.01
C LEU I 256 37.09 40.15 3.95
N ALA I 257 36.41 39.07 4.35
CA ALA I 257 35.43 38.41 3.48
C ALA I 257 34.17 39.25 3.35
N ASN I 258 33.44 39.02 2.26
CA ASN I 258 32.19 39.72 1.96
C ASN I 258 30.98 39.09 2.71
N MET I 259 29.79 39.67 2.50
CA MET I 259 28.54 39.24 3.14
C MET I 259 28.10 37.81 2.83
N GLU I 260 27.88 37.50 1.56
CA GLU I 260 27.26 36.24 1.11
C GLU I 260 27.80 34.99 1.83
N GLU I 261 29.12 35.01 2.07
CA GLU I 261 29.84 33.92 2.73
C GLU I 261 29.95 34.10 4.26
N ASP I 262 29.92 35.36 4.75
CA ASP I 262 29.98 35.69 6.19
C ASP I 262 28.80 36.54 6.71
N ALA I 263 27.78 35.86 7.24
CA ALA I 263 26.51 36.50 7.64
C ALA I 263 26.31 36.55 9.16
N ARG I 264 27.41 36.67 9.90
CA ARG I 264 27.39 36.55 11.36
C ARG I 264 27.72 37.90 11.99
N SER I 265 27.39 38.04 13.26
CA SER I 265 27.63 39.28 14.00
C SER I 265 27.45 39.06 15.50
N ALA I 266 28.36 39.64 16.28
CA ALA I 266 28.36 39.52 17.74
C ALA I 266 28.04 40.86 18.37
N GLY I 267 27.01 40.89 19.21
CA GLY I 267 26.61 42.10 19.92
C GLY I 267 26.21 43.21 18.97
N VAL I 268 25.27 42.91 18.08
CA VAL I 268 24.75 43.89 17.15
C VAL I 268 23.24 43.71 17.04
N ALA I 269 22.54 44.83 16.87
CA ALA I 269 21.11 44.83 16.55
C ALA I 269 20.93 44.66 15.05
N THR I 270 20.21 43.62 14.66
CA THR I 270 19.91 43.39 13.25
C THR I 270 18.92 44.43 12.73
N PHE I 271 18.96 44.67 11.42
CA PHE I 271 18.10 45.68 10.75
C PHE I 271 16.67 45.76 11.28
N VAL I 272 16.02 44.61 11.35
CA VAL I 272 14.61 44.50 11.77
C VAL I 272 14.38 44.99 13.21
N LEU I 273 15.39 44.79 14.06
CA LEU I 273 15.33 45.23 15.45
C LEU I 273 15.64 46.73 15.64
N GLN I 274 16.48 47.31 14.79
CA GLN I 274 16.72 48.76 14.80
C GLN I 274 15.54 49.52 14.20
N GLU I 275 14.98 48.97 13.13
CA GLU I 275 13.93 49.64 12.40
C GLU I 275 12.57 49.50 13.07
N GLU I 276 12.23 48.27 13.48
CA GLU I 276 10.90 47.95 14.01
C GLU I 276 10.76 47.87 15.52
N PHE I 277 11.86 47.60 16.23
CA PHE I 277 11.83 47.52 17.69
C PHE I 277 12.64 48.60 18.42
N ASP I 278 13.19 49.55 17.67
CA ASP I 278 14.05 50.64 18.17
C ASP I 278 14.99 50.17 19.29
N ARG I 279 15.77 49.15 18.96
CA ARG I 279 16.88 48.69 19.77
C ARG I 279 18.12 48.76 18.90
N TYR I 280 19.11 49.51 19.36
CA TYR I 280 20.33 49.80 18.60
C TYR I 280 21.59 49.39 19.34
N SER I 281 21.48 48.39 20.21
CA SER I 281 22.64 47.86 20.94
C SER I 281 22.53 46.36 21.10
N GLY I 282 23.61 45.66 20.81
CA GLY I 282 23.65 44.20 20.89
C GLY I 282 24.20 43.62 22.18
N TYR I 283 25.17 44.30 22.80
CA TYR I 283 25.78 43.85 24.07
C TYR I 283 25.37 44.71 25.26
N TRP I 284 25.55 44.15 26.46
CA TRP I 284 25.21 44.81 27.72
C TRP I 284 26.23 44.45 28.79
N TRP I 285 26.87 45.45 29.38
CA TRP I 285 27.84 45.26 30.49
C TRP I 285 27.19 44.64 31.72
N CYS I 286 28.00 44.06 32.58
CA CYS I 286 27.56 43.70 33.92
C CYS I 286 27.77 44.92 34.83
N PRO I 287 26.80 45.22 35.72
CA PRO I 287 26.98 46.36 36.63
C PRO I 287 28.07 46.22 37.72
N LYS I 288 28.35 44.99 38.18
CA LYS I 288 29.41 44.72 39.17
C LYS I 288 30.42 43.72 38.63
N ALA I 289 31.61 43.75 39.23
CA ALA I 289 32.65 42.77 38.98
C ALA I 289 32.77 41.80 40.16
N GLU I 290 32.89 40.52 39.83
CA GLU I 290 33.23 39.47 40.78
C GLU I 290 34.73 39.59 41.04
N THR I 291 35.17 39.24 42.25
CA THR I 291 36.60 39.30 42.61
C THR I 291 37.23 37.91 42.44
N THR I 292 38.34 37.85 41.72
CA THR I 292 39.17 36.64 41.68
C THR I 292 39.86 36.53 43.06
N PRO I 293 39.75 35.34 43.75
CA PRO I 293 40.48 35.07 45.00
C PRO I 293 41.95 35.53 45.07
N SER I 294 42.64 35.55 43.92
CA SER I 294 44.01 36.08 43.84
C SER I 294 44.14 37.62 43.79
N GLY I 295 43.06 38.37 43.93
CA GLY I 295 43.11 39.83 44.04
C GLY I 295 43.08 40.57 42.71
N GLY I 296 42.10 40.22 41.88
CA GLY I 296 41.80 40.94 40.63
C GLY I 296 40.29 41.00 40.48
N LYS I 297 39.78 40.79 39.27
CA LYS I 297 38.33 40.76 39.03
C LYS I 297 37.88 40.14 37.70
N ILE I 298 36.61 39.76 37.64
CA ILE I 298 35.98 39.11 36.47
C ILE I 298 34.81 39.96 35.98
N LEU I 299 35.06 40.79 34.97
CA LEU I 299 34.00 41.55 34.29
C LEU I 299 33.17 40.63 33.41
N ARG I 300 31.99 41.10 33.00
CA ARG I 300 31.11 40.33 32.11
C ARG I 300 30.32 41.20 31.16
N ILE I 301 30.14 40.69 29.93
CA ILE I 301 29.35 41.36 28.89
C ILE I 301 28.45 40.30 28.25
N LEU I 302 27.14 40.36 28.57
CA LEU I 302 26.13 39.55 27.87
C LEU I 302 25.97 40.13 26.49
N TYR I 303 25.66 39.28 25.50
CA TYR I 303 25.38 39.76 24.15
C TYR I 303 24.52 38.86 23.26
N GLU I 304 24.02 39.46 22.19
CA GLU I 304 23.25 38.79 21.14
C GLU I 304 24.18 38.36 20.02
N GLU I 305 24.13 37.09 19.63
CA GLU I 305 24.86 36.60 18.45
C GLU I 305 23.85 36.20 17.38
N ASN I 306 23.94 36.86 16.23
CA ASN I 306 23.04 36.61 15.10
C ASN I 306 23.76 35.84 14.01
N ASP I 307 22.98 35.09 13.24
CA ASP I 307 23.46 34.34 12.08
C ASP I 307 22.44 34.53 10.95
N GLU I 308 22.72 35.50 10.08
CA GLU I 308 21.75 35.94 9.06
C GLU I 308 21.88 35.12 7.76
N SER I 309 22.51 33.94 7.82
CA SER I 309 22.79 33.11 6.65
C SER I 309 21.53 32.65 5.93
N GLU I 310 20.46 32.43 6.68
CA GLU I 310 19.15 32.08 6.10
C GLU I 310 18.34 33.28 5.60
N VAL I 311 18.72 34.51 5.94
CA VAL I 311 17.93 35.69 5.58
C VAL I 311 18.12 36.01 4.11
N GLU I 312 17.04 36.40 3.45
CA GLU I 312 17.10 36.81 2.04
C GLU I 312 18.06 37.99 1.87
N ILE I 313 18.72 38.04 0.71
CA ILE I 313 19.58 39.17 0.33
C ILE I 313 18.86 40.08 -0.65
N ILE I 314 18.91 41.37 -0.38
CA ILE I 314 18.30 42.39 -1.20
C ILE I 314 19.45 43.10 -1.95
N HIS I 315 19.11 43.92 -2.95
CA HIS I 315 20.09 44.80 -3.62
C HIS I 315 19.55 46.23 -3.66
N VAL I 316 20.11 47.08 -2.80
CA VAL I 316 19.83 48.51 -2.78
C VAL I 316 20.93 49.24 -3.57
N THR I 317 20.50 50.20 -4.39
CA THR I 317 21.42 50.99 -5.21
C THR I 317 22.47 51.68 -4.33
N SER I 318 23.69 51.80 -4.86
CA SER I 318 24.76 52.48 -4.15
C SER I 318 24.55 53.97 -4.36
N PRO I 319 24.67 54.79 -3.29
CA PRO I 319 24.58 56.25 -3.35
C PRO I 319 25.43 56.91 -4.43
N MET I 320 26.66 56.44 -4.61
CA MET I 320 27.49 56.87 -5.74
C MET I 320 26.95 56.25 -7.02
N LEU I 321 25.99 56.92 -7.62
CA LEU I 321 25.39 56.50 -8.88
C LEU I 321 26.47 56.34 -9.95
N GLU I 322 27.52 57.17 -9.86
CA GLU I 322 28.76 57.10 -10.67
C GLU I 322 29.31 55.69 -10.91
N THR I 323 29.30 54.87 -9.86
CA THR I 323 29.81 53.48 -9.93
C THR I 323 28.80 52.59 -10.67
N ARG I 324 27.52 52.92 -10.49
CA ARG I 324 26.35 52.24 -11.11
C ARG I 324 26.08 50.87 -10.46
N ARG I 325 26.76 50.62 -9.34
CA ARG I 325 26.67 49.36 -8.61
C ARG I 325 25.61 49.50 -7.49
N ALA I 326 25.36 48.39 -6.79
CA ALA I 326 24.32 48.32 -5.78
C ALA I 326 24.85 47.52 -4.61
N ASP I 327 24.62 48.05 -3.41
CA ASP I 327 25.04 47.39 -2.18
C ASP I 327 23.95 46.40 -1.84
N SER I 328 24.32 45.31 -1.15
CA SER I 328 23.33 44.32 -0.72
C SER I 328 23.08 44.41 0.79
N PHE I 329 21.83 44.17 1.18
CA PHE I 329 21.44 44.11 2.60
C PHE I 329 20.67 42.81 2.87
N ARG I 330 20.67 42.41 4.13
CA ARG I 330 19.91 41.26 4.60
C ARG I 330 18.54 41.73 5.07
N TYR I 331 17.52 41.54 4.25
CA TYR I 331 16.16 42.09 4.46
C TYR I 331 15.13 40.98 4.67
N PRO I 332 14.77 40.68 5.93
CA PRO I 332 13.69 39.74 6.19
C PRO I 332 12.35 40.23 5.67
N LYS I 333 12.11 40.00 4.39
CA LYS I 333 10.80 40.13 3.75
C LYS I 333 9.75 39.42 4.63
N THR I 334 8.53 39.93 4.65
CA THR I 334 7.43 39.25 5.33
C THR I 334 7.37 37.79 4.94
N GLY I 335 7.14 36.94 5.94
CA GLY I 335 7.06 35.51 5.73
C GLY I 335 8.35 34.79 5.37
N THR I 336 9.51 35.44 5.55
CA THR I 336 10.79 34.77 5.40
C THR I 336 11.51 34.68 6.75
N ALA I 337 12.61 33.94 6.76
CA ALA I 337 13.44 33.74 7.93
C ALA I 337 14.02 35.05 8.50
N ASN I 338 13.64 35.39 9.73
CA ASN I 338 14.43 36.33 10.55
C ASN I 338 15.69 35.61 10.99
N PRO I 339 16.76 36.37 11.30
CA PRO I 339 18.03 35.71 11.63
C PRO I 339 17.94 34.76 12.80
N LYS I 340 18.73 33.68 12.77
CA LYS I 340 18.82 32.79 13.91
C LYS I 340 19.61 33.53 15.00
N VAL I 341 18.91 33.78 16.11
CA VAL I 341 19.45 34.53 17.25
C VAL I 341 19.70 33.61 18.42
N THR I 342 20.57 34.07 19.31
CA THR I 342 20.92 33.35 20.52
C THR I 342 21.81 34.22 21.43
N PHE I 343 21.59 34.10 22.74
CA PHE I 343 22.39 34.83 23.74
C PHE I 343 23.72 34.17 23.92
N LYS I 344 24.62 34.95 24.47
CA LYS I 344 25.98 34.53 24.67
C LYS I 344 26.62 35.52 25.65
N MET I 345 27.65 35.07 26.37
CA MET I 345 28.33 35.93 27.35
C MET I 345 29.83 35.67 27.38
N SER I 346 30.58 36.75 27.60
CA SER I 346 32.05 36.72 27.58
C SER I 346 32.53 37.20 28.95
N GLU I 347 33.23 36.32 29.68
CA GLU I 347 33.86 36.67 30.97
C GLU I 347 35.29 37.15 30.77
N ILE I 348 35.63 38.27 31.41
CA ILE I 348 36.92 38.94 31.24
C ILE I 348 37.65 39.01 32.58
N MET I 349 38.59 38.08 32.82
CA MET I 349 39.47 38.16 34.00
C MET I 349 40.47 39.31 33.83
N ILE I 350 40.48 40.25 34.78
CA ILE I 350 41.51 41.27 34.92
C ILE I 350 42.26 40.99 36.22
N ASP I 351 43.59 41.16 36.20
CA ASP I 351 44.43 41.01 37.40
C ASP I 351 44.51 42.35 38.18
N ALA I 352 45.30 42.34 39.25
CA ALA I 352 45.53 43.52 40.09
C ALA I 352 45.75 44.84 39.32
N GLU I 353 46.51 44.78 38.23
CA GLU I 353 47.02 45.99 37.54
C GLU I 353 45.98 46.68 36.63
N GLY I 354 45.03 45.91 36.10
CA GLY I 354 44.24 46.31 34.93
C GLY I 354 44.70 45.64 33.64
N ARG I 355 45.67 44.72 33.74
CA ARG I 355 46.02 43.82 32.66
C ARG I 355 44.93 42.76 32.57
N ILE I 356 44.65 42.30 31.35
CA ILE I 356 43.72 41.20 31.13
C ILE I 356 44.52 39.90 31.31
N ILE I 357 44.07 39.04 32.22
CA ILE I 357 44.62 37.70 32.35
C ILE I 357 44.14 36.91 31.14
N ASP I 358 42.82 36.77 31.03
CA ASP I 358 42.21 35.79 30.13
C ASP I 358 40.76 36.19 29.85
N VAL I 359 40.26 35.79 28.68
CA VAL I 359 38.87 36.03 28.28
C VAL I 359 38.22 34.69 27.92
N ILE I 360 37.45 34.13 28.86
CA ILE I 360 36.59 32.97 28.56
C ILE I 360 35.32 33.49 27.90
N ASP I 361 34.89 32.76 26.87
CA ASP I 361 33.72 33.10 26.07
C ASP I 361 32.72 31.94 26.15
N LYS I 362 31.49 32.24 26.55
CA LYS I 362 30.52 31.23 26.97
C LYS I 362 29.21 31.30 26.23
N GLU I 363 28.58 30.14 26.00
CA GLU I 363 27.31 29.99 25.29
C GLU I 363 26.30 29.29 26.17
N LEU I 364 25.02 29.39 25.83
CA LEU I 364 23.95 28.78 26.64
C LEU I 364 24.10 27.27 26.70
N ILE I 365 23.74 26.70 27.86
CA ILE I 365 23.91 25.26 28.10
C ILE I 365 23.15 24.41 27.09
N GLN I 366 21.98 24.89 26.69
CA GLN I 366 21.18 24.27 25.64
C GLN I 366 20.81 25.35 24.63
N PRO I 367 20.33 24.94 23.42
CA PRO I 367 19.99 25.92 22.39
C PRO I 367 18.88 26.89 22.77
N PHE I 368 19.00 28.11 22.25
CA PHE I 368 18.00 29.17 22.41
C PHE I 368 16.59 28.67 22.10
N GLU I 369 16.48 27.88 21.05
CA GLU I 369 15.20 27.30 20.63
C GLU I 369 14.53 26.46 21.73
N ILE I 370 15.32 25.84 22.60
CA ILE I 370 14.81 24.99 23.69
C ILE I 370 14.45 25.79 24.96
N LEU I 371 15.44 26.55 25.45
CA LEU I 371 15.32 27.33 26.69
C LEU I 371 14.33 28.50 26.61
N PHE I 372 14.16 29.05 25.40
CA PHE I 372 13.21 30.14 25.15
C PHE I 372 12.33 29.75 23.98
N GLU I 373 11.55 28.70 24.23
CA GLU I 373 10.66 28.10 23.26
C GLU I 373 9.70 29.16 22.69
N GLY I 374 9.52 29.15 21.37
CA GLY I 374 8.58 30.05 20.69
C GLY I 374 9.10 31.44 20.35
N VAL I 375 10.19 31.87 21.00
CA VAL I 375 10.70 33.24 20.88
C VAL I 375 11.36 33.44 19.52
N GLU I 376 10.93 34.48 18.79
CA GLU I 376 11.48 34.85 17.49
C GLU I 376 12.40 36.06 17.62
N TYR I 377 11.93 37.10 18.34
CA TYR I 377 12.73 38.33 18.56
C TYR I 377 13.13 38.50 20.04
N ILE I 378 14.35 39.01 20.25
CA ILE I 378 14.82 39.48 21.55
C ILE I 378 14.57 40.99 21.56
N ALA I 379 13.43 41.36 22.14
CA ALA I 379 12.95 42.74 22.14
C ALA I 379 13.92 43.68 22.83
N ARG I 380 14.24 43.39 24.09
CA ARG I 380 15.18 44.17 24.91
C ARG I 380 15.95 43.23 25.84
N ALA I 381 17.01 43.77 26.45
CA ALA I 381 17.78 43.01 27.44
C ALA I 381 18.62 43.90 28.33
N GLY I 382 19.19 43.28 29.36
CA GLY I 382 20.07 43.96 30.32
C GLY I 382 20.34 43.10 31.55
N TRP I 383 20.60 43.76 32.68
CA TRP I 383 20.89 43.10 33.96
C TRP I 383 20.11 43.70 35.14
N THR I 384 19.88 42.87 36.16
CA THR I 384 19.31 43.33 37.44
C THR I 384 20.32 44.29 38.08
N PRO I 385 19.85 45.25 38.91
CA PRO I 385 20.76 46.22 39.54
C PRO I 385 22.01 45.61 40.21
N GLU I 386 21.81 44.48 40.89
CA GLU I 386 22.88 43.75 41.57
C GLU I 386 23.78 43.05 40.55
N GLY I 387 23.19 42.66 39.42
CA GLY I 387 23.91 41.96 38.38
C GLY I 387 23.90 40.46 38.61
N LYS I 388 23.03 39.99 39.51
CA LYS I 388 22.91 38.57 39.80
C LYS I 388 22.36 37.80 38.59
N TYR I 389 21.36 38.41 37.94
CA TYR I 389 20.70 37.87 36.74
C TYR I 389 20.77 38.87 35.59
N ALA I 390 20.95 38.36 34.37
CA ALA I 390 20.62 39.12 33.17
C ALA I 390 19.14 38.88 32.87
N TRP I 391 18.49 39.88 32.31
CA TRP I 391 17.08 39.79 31.93
C TRP I 391 16.90 40.03 30.45
N SER I 392 15.72 39.66 29.97
CA SER I 392 15.38 39.78 28.57
C SER I 392 13.88 39.83 28.37
N ILE I 393 13.44 40.74 27.51
CA ILE I 393 12.04 40.81 27.06
C ILE I 393 11.96 40.10 25.69
N LEU I 394 11.02 39.16 25.54
CA LEU I 394 11.03 38.21 24.42
C LEU I 394 9.67 38.03 23.73
N LEU I 395 9.64 38.33 22.43
CA LEU I 395 8.45 38.08 21.60
C LEU I 395 8.58 36.82 20.77
N ASP I 396 7.47 36.09 20.69
CA ASP I 396 7.28 35.08 19.65
C ASP I 396 7.08 35.77 18.32
N ARG I 397 7.23 35.02 17.24
CA ARG I 397 7.13 35.57 15.87
C ARG I 397 5.82 36.31 15.65
N SER I 398 4.72 35.72 16.10
CA SER I 398 3.39 36.30 15.93
C SER I 398 3.25 37.66 16.61
N GLN I 399 4.13 37.95 17.57
CA GLN I 399 4.19 39.23 18.30
C GLN I 399 2.94 39.48 19.15
N THR I 400 2.36 38.39 19.63
CA THR I 400 1.16 38.41 20.47
C THR I 400 1.43 37.87 21.88
N ARG I 401 2.67 37.43 22.15
CA ARG I 401 3.06 36.88 23.44
C ARG I 401 4.39 37.46 23.88
N LEU I 402 4.36 38.29 24.93
CA LEU I 402 5.57 38.83 25.55
C LEU I 402 5.96 37.95 26.74
N GLN I 403 7.26 37.73 26.90
CA GLN I 403 7.84 37.10 28.09
C GLN I 403 8.92 38.03 28.63
N ILE I 404 8.93 38.26 29.94
CA ILE I 404 10.09 38.88 30.62
C ILE I 404 10.75 37.72 31.33
N VAL I 405 12.04 37.54 31.07
CA VAL I 405 12.74 36.31 31.46
C VAL I 405 14.09 36.61 32.06
N LEU I 406 14.39 35.97 33.20
CA LEU I 406 15.71 36.04 33.85
C LEU I 406 16.62 34.88 33.42
N ILE I 407 17.88 35.26 33.19
CA ILE I 407 18.89 34.40 32.59
C ILE I 407 20.11 34.50 33.50
N SER I 408 20.43 33.41 34.20
CA SER I 408 21.58 33.38 35.10
C SER I 408 22.88 33.34 34.29
N PRO I 409 23.98 33.92 34.83
CA PRO I 409 25.30 33.68 34.21
C PRO I 409 25.77 32.23 34.34
N GLU I 410 25.23 31.51 35.32
CA GLU I 410 25.48 30.08 35.49
C GLU I 410 24.94 29.20 34.37
N LEU I 411 23.94 29.69 33.63
CA LEU I 411 23.44 29.02 32.40
C LEU I 411 24.45 28.96 31.25
N PHE I 412 25.39 29.89 31.22
CA PHE I 412 26.40 29.96 30.16
C PHE I 412 27.65 29.15 30.49
N ILE I 413 27.94 28.13 29.68
CA ILE I 413 29.16 27.29 29.79
C ILE I 413 30.18 27.73 28.75
N PRO I 414 31.50 27.53 29.01
CA PRO I 414 32.52 27.87 28.00
C PRO I 414 32.37 27.11 26.67
N VAL I 415 32.68 27.81 25.58
CA VAL I 415 32.68 27.24 24.25
C VAL I 415 33.96 26.42 24.13
N GLU I 416 33.83 25.09 24.18
CA GLU I 416 35.00 24.21 24.10
C GLU I 416 34.77 23.15 23.00
N ASP I 417 35.67 23.07 22.04
CA ASP I 417 35.48 22.22 20.83
C ASP I 417 35.36 20.74 21.20
N ASP I 418 36.32 20.27 21.99
CA ASP I 418 36.35 18.89 22.52
C ASP I 418 35.00 18.55 23.18
N VAL I 419 34.42 17.41 22.78
CA VAL I 419 33.08 16.99 23.26
C VAL I 419 33.14 16.35 24.66
N MET I 420 34.15 15.52 24.90
CA MET I 420 34.37 14.91 26.22
C MET I 420 34.74 15.95 27.29
N GLU I 421 35.35 17.05 26.85
CA GLU I 421 35.55 18.25 27.68
C GLU I 421 34.20 18.91 28.00
N ARG I 422 33.39 19.12 26.95
CA ARG I 422 32.05 19.72 27.10
C ARG I 422 31.08 18.89 27.94
N GLN I 423 31.14 17.56 27.83
CA GLN I 423 30.28 16.67 28.63
C GLN I 423 30.55 16.76 30.14
N ARG I 424 31.78 17.07 30.51
CA ARG I 424 32.13 17.39 31.90
C ARG I 424 31.60 18.78 32.27
N LEU I 425 31.70 19.73 31.34
CA LEU I 425 31.17 21.10 31.51
C LEU I 425 29.64 21.20 31.59
N ILE I 426 28.93 20.41 30.79
CA ILE I 426 27.45 20.43 30.77
C ILE I 426 26.88 19.84 32.08
N GLU I 427 27.47 18.73 32.53
CA GLU I 427 27.07 18.09 33.79
C GLU I 427 27.33 18.96 35.04
N SER I 428 28.39 19.78 35.00
CA SER I 428 28.79 20.62 36.14
C SER I 428 27.85 21.81 36.43
N VAL I 429 26.92 22.12 35.52
CA VAL I 429 25.82 23.06 35.78
C VAL I 429 24.67 22.27 36.40
N PRO I 430 24.05 22.80 37.48
CA PRO I 430 22.94 22.06 38.06
C PRO I 430 21.68 21.96 37.19
N ASP I 431 20.68 21.29 37.75
CA ASP I 431 19.34 21.21 37.17
C ASP I 431 18.43 22.31 37.72
N SER I 432 18.82 22.93 38.82
CA SER I 432 18.13 24.09 39.37
C SER I 432 18.35 25.36 38.55
N VAL I 433 19.57 25.53 38.05
CA VAL I 433 19.93 26.67 37.20
C VAL I 433 19.20 26.55 35.85
N THR I 434 18.13 27.33 35.73
CA THR I 434 17.16 27.23 34.66
C THR I 434 16.76 28.66 34.26
N PRO I 435 16.29 28.88 33.02
CA PRO I 435 15.70 30.20 32.79
C PRO I 435 14.41 30.39 33.61
N LEU I 436 14.09 31.66 33.88
CA LEU I 436 12.95 32.01 34.73
C LEU I 436 12.07 33.02 34.02
N ILE I 437 10.88 32.60 33.57
CA ILE I 437 9.88 33.53 33.06
C ILE I 437 9.20 34.22 34.26
N ILE I 438 9.67 35.41 34.61
CA ILE I 438 9.06 36.19 35.70
C ILE I 438 7.76 36.87 35.32
N TYR I 439 7.47 36.95 34.01
CA TYR I 439 6.23 37.55 33.53
C TYR I 439 5.92 37.10 32.13
N GLU I 440 4.65 36.81 31.89
CA GLU I 440 4.16 36.46 30.56
C GLU I 440 2.81 37.14 30.36
N GLU I 441 2.51 37.51 29.13
CA GLU I 441 1.21 38.11 28.79
C GLU I 441 0.93 37.84 27.34
N THR I 442 -0.34 37.76 26.98
CA THR I 442 -0.74 37.66 25.57
C THR I 442 -1.76 38.72 25.25
N THR I 443 -1.86 39.07 23.97
CA THR I 443 -3.00 39.83 23.46
C THR I 443 -3.43 39.27 22.11
N ASP I 444 -4.69 39.50 21.75
CA ASP I 444 -5.22 39.13 20.43
C ASP I 444 -5.01 40.22 19.36
N ILE I 445 -4.44 41.36 19.75
CA ILE I 445 -4.05 42.43 18.83
C ILE I 445 -2.51 42.35 18.63
N TRP I 446 -1.73 43.13 19.39
CA TRP I 446 -0.27 43.09 19.29
C TRP I 446 0.40 43.74 20.49
N ILE I 447 1.64 43.33 20.72
CA ILE I 447 2.42 43.76 21.85
C ILE I 447 3.29 44.94 21.44
N ASN I 448 2.86 46.15 21.82
CA ASN I 448 3.71 47.34 21.69
C ASN I 448 4.86 47.34 22.72
N ILE I 449 6.09 47.15 22.23
CA ILE I 449 7.28 47.15 23.06
C ILE I 449 7.56 48.56 23.52
N HIS I 450 8.05 48.70 24.74
CA HIS I 450 8.41 50.00 25.33
C HIS I 450 9.63 49.85 26.22
N ASP I 451 10.18 50.99 26.65
CA ASP I 451 11.40 51.02 27.45
C ASP I 451 11.17 50.90 28.96
N ILE I 452 9.91 50.97 29.40
CA ILE I 452 9.53 50.81 30.82
C ILE I 452 9.81 49.39 31.37
N PHE I 453 10.71 49.33 32.35
CA PHE I 453 11.01 48.13 33.13
C PHE I 453 11.93 48.56 34.26
N HIS I 454 11.50 48.40 35.50
CA HIS I 454 12.30 48.78 36.67
C HIS I 454 12.31 47.61 37.62
N VAL I 455 13.48 47.01 37.80
CA VAL I 455 13.70 45.97 38.80
C VAL I 455 14.19 46.65 40.09
N PHE I 456 13.65 46.19 41.22
CA PHE I 456 14.01 46.70 42.56
C PHE I 456 15.14 45.87 43.17
N PRO I 457 15.93 46.46 44.11
CA PRO I 457 16.95 45.64 44.75
C PRO I 457 16.31 44.47 45.48
N GLN I 458 16.80 43.27 45.21
CA GLN I 458 16.19 42.02 45.66
C GLN I 458 15.98 42.02 47.18
N SER I 459 14.71 42.04 47.60
CA SER I 459 14.35 42.07 49.03
C SER I 459 14.54 40.69 49.64
N HIS I 460 13.92 39.67 49.05
CA HIS I 460 14.05 38.27 49.48
C HIS I 460 14.81 37.44 48.46
N GLU I 461 15.60 36.49 48.96
CA GLU I 461 16.57 35.70 48.16
C GLU I 461 15.96 34.96 46.95
N GLU I 462 14.68 34.61 47.02
CA GLU I 462 13.99 33.87 45.94
C GLU I 462 12.67 34.52 45.50
N GLU I 463 12.63 35.85 45.57
CA GLU I 463 11.56 36.66 44.99
C GLU I 463 12.16 37.75 44.10
N ILE I 464 11.31 38.46 43.37
CA ILE I 464 11.73 39.62 42.58
C ILE I 464 10.54 40.57 42.41
N GLU I 465 10.74 41.84 42.79
CA GLU I 465 9.75 42.90 42.56
C GLU I 465 10.21 43.70 41.36
N PHE I 466 9.24 44.14 40.55
CA PHE I 466 9.51 45.04 39.43
C PHE I 466 8.25 45.79 39.00
N ILE I 467 8.42 46.93 38.32
CA ILE I 467 7.32 47.61 37.60
C ILE I 467 7.47 47.30 36.11
N PHE I 468 6.33 47.13 35.45
CA PHE I 468 6.26 46.94 34.01
C PHE I 468 4.99 47.61 33.49
N ALA I 469 4.99 48.01 32.22
CA ALA I 469 3.78 48.54 31.57
C ALA I 469 3.13 47.53 30.61
N SER I 470 1.82 47.63 30.42
CA SER I 470 1.11 46.65 29.61
C SER I 470 -0.27 47.13 29.15
N GLU I 471 -0.57 46.82 27.88
CA GLU I 471 -1.88 47.02 27.28
C GLU I 471 -2.77 45.76 27.33
N CYS I 472 -2.16 44.59 27.54
CA CYS I 472 -2.85 43.30 27.52
C CYS I 472 -4.03 43.16 28.49
N LYS I 473 -3.99 43.86 29.63
CA LYS I 473 -5.03 43.74 30.67
C LYS I 473 -6.25 44.63 30.39
N THR I 474 -6.12 45.95 30.53
CA THR I 474 -7.25 46.89 30.35
C THR I 474 -7.60 47.13 28.87
N GLY I 475 -6.66 46.88 27.97
CA GLY I 475 -6.74 47.40 26.61
C GLY I 475 -6.23 48.84 26.53
N PHE I 476 -5.38 49.22 27.49
CA PHE I 476 -4.74 50.55 27.59
C PHE I 476 -3.42 50.37 28.35
N ARG I 477 -2.39 51.10 27.96
CA ARG I 477 -1.07 50.91 28.60
C ARG I 477 -1.09 51.50 29.98
N HIS I 478 -0.84 50.67 30.98
CA HIS I 478 -0.77 51.11 32.37
C HIS I 478 0.39 50.44 33.07
N LEU I 479 0.81 51.04 34.19
CA LEU I 479 1.87 50.49 35.03
C LEU I 479 1.32 49.42 35.97
N TYR I 480 2.08 48.35 36.17
CA TYR I 480 1.73 47.26 37.10
C TYR I 480 3.00 46.88 37.86
N LYS I 481 2.94 46.92 39.19
CA LYS I 481 4.03 46.42 40.04
C LYS I 481 3.79 44.94 40.31
N ILE I 482 4.71 44.11 39.83
CA ILE I 482 4.59 42.67 39.93
C ILE I 482 5.74 42.11 40.74
N THR I 483 5.42 41.13 41.59
CA THR I 483 6.41 40.38 42.37
C THR I 483 6.29 38.90 42.01
N SER I 484 7.42 38.24 41.76
CA SER I 484 7.43 36.86 41.23
C SER I 484 8.29 35.88 42.04
N ILE I 485 7.70 34.72 42.33
CA ILE I 485 8.34 33.66 43.13
C ILE I 485 9.36 32.92 42.26
N LEU I 486 10.65 33.17 42.51
CA LEU I 486 11.72 32.47 41.78
C LEU I 486 11.80 31.01 42.22
N LYS I 487 11.02 30.17 41.55
CA LYS I 487 10.89 28.74 41.89
C LYS I 487 12.15 27.99 41.44
N GLU I 488 12.11 26.66 41.53
CA GLU I 488 13.03 25.78 40.83
C GLU I 488 12.18 24.94 39.88
N SER I 489 12.54 24.92 38.61
CA SER I 489 11.70 24.29 37.58
C SER I 489 11.69 22.76 37.72
N LYS I 490 10.60 22.15 37.29
CA LYS I 490 10.48 20.67 37.26
C LYS I 490 11.54 20.05 36.35
N TYR I 491 11.83 20.74 35.25
CA TYR I 491 12.83 20.35 34.26
C TYR I 491 14.23 20.13 34.86
N LYS I 492 14.89 19.06 34.41
CA LYS I 492 16.24 18.71 34.82
C LYS I 492 17.00 18.11 33.63
N ARG I 493 17.99 18.86 33.11
CA ARG I 493 18.86 18.40 31.99
C ARG I 493 19.18 16.92 32.00
N SER I 494 19.59 16.44 33.17
CA SER I 494 19.97 15.05 33.42
C SER I 494 19.04 13.99 32.84
N SER I 495 17.73 14.25 32.91
CA SER I 495 16.72 13.34 32.36
C SER I 495 16.86 13.09 30.86
N GLY I 496 17.40 14.04 30.11
CA GLY I 496 17.61 13.90 28.67
C GLY I 496 16.33 14.00 27.85
N GLY I 497 15.48 14.97 28.22
CA GLY I 497 14.24 15.28 27.52
C GLY I 497 14.06 16.78 27.43
N LEU I 498 13.10 17.21 26.61
CA LEU I 498 12.82 18.63 26.38
C LEU I 498 11.86 19.18 27.46
N PRO I 499 11.89 20.50 27.73
CA PRO I 499 10.98 21.09 28.70
C PRO I 499 9.53 21.26 28.21
N ALA I 500 8.57 21.09 29.12
CA ALA I 500 7.14 21.26 28.85
C ALA I 500 6.79 22.75 28.69
N PRO I 501 5.56 23.09 28.23
CA PRO I 501 5.31 24.48 27.85
C PRO I 501 5.38 25.52 29.00
N SER I 502 5.08 25.10 30.24
CA SER I 502 4.98 26.03 31.38
C SER I 502 6.01 25.78 32.48
N ASP I 503 7.11 25.11 32.16
CA ASP I 503 8.08 24.69 33.19
C ASP I 503 8.89 25.85 33.78
N PHE I 504 9.25 26.83 32.97
CA PHE I 504 10.03 28.00 33.45
C PHE I 504 9.16 29.14 33.99
N LYS I 505 7.83 29.03 33.92
CA LYS I 505 6.95 30.07 34.46
C LYS I 505 7.14 30.16 35.97
N CYS I 506 7.34 31.38 36.46
CA CYS I 506 7.38 31.65 37.91
C CYS I 506 5.95 31.96 38.35
N PRO I 507 5.60 31.62 39.61
CA PRO I 507 4.31 32.11 40.11
C PRO I 507 4.34 33.61 40.43
N ILE I 508 3.25 34.29 40.12
CA ILE I 508 3.08 35.70 40.46
C ILE I 508 2.62 35.76 41.91
N LYS I 509 3.40 36.39 42.80
CA LYS I 509 2.98 36.57 44.20
C LYS I 509 1.90 37.63 44.28
N GLU I 510 2.17 38.80 43.70
CA GLU I 510 1.14 39.84 43.52
C GLU I 510 1.36 40.60 42.21
N GLU I 511 0.25 40.91 41.54
CA GLU I 511 0.24 41.81 40.41
C GLU I 511 -0.65 42.98 40.81
N ILE I 512 -0.05 43.99 41.44
CA ILE I 512 -0.75 45.22 41.83
C ILE I 512 -0.77 46.21 40.64
N ALA I 513 -1.97 46.59 40.21
CA ALA I 513 -2.13 47.60 39.17
C ALA I 513 -1.93 48.99 39.79
N ILE I 514 -0.95 49.74 39.29
CA ILE I 514 -0.60 51.08 39.80
C ILE I 514 -1.51 52.16 39.22
N THR I 515 -1.67 52.14 37.90
CA THR I 515 -2.58 53.05 37.23
C THR I 515 -3.61 52.22 36.48
N SER I 516 -4.78 52.80 36.31
CA SER I 516 -5.78 52.25 35.40
C SER I 516 -6.75 53.35 35.00
N GLY I 517 -7.47 53.09 33.92
CA GLY I 517 -8.41 54.05 33.36
C GLY I 517 -8.43 53.96 31.84
N GLU I 518 -9.06 54.96 31.23
CA GLU I 518 -9.22 55.02 29.77
C GLU I 518 -8.28 56.10 29.20
N TRP I 519 -7.00 55.80 29.33
CA TRP I 519 -5.90 56.67 28.93
C TRP I 519 -4.66 55.80 29.02
N GLU I 520 -3.50 56.32 28.62
CA GLU I 520 -2.28 55.49 28.64
C GLU I 520 -1.03 56.17 29.17
N VAL I 521 -0.12 55.31 29.61
CA VAL I 521 1.19 55.67 30.10
C VAL I 521 2.09 55.68 28.88
N LEU I 522 3.14 56.51 28.90
CA LEU I 522 4.06 56.62 27.77
C LEU I 522 5.42 56.04 28.12
N GLY I 523 5.94 55.21 27.19
CA GLY I 523 7.23 54.54 27.32
C GLY I 523 8.06 54.28 26.06
N ARG I 524 7.78 55.03 24.99
CA ARG I 524 8.61 55.01 23.78
C ARG I 524 9.27 56.39 23.64
N HIS I 525 10.03 56.60 22.56
CA HIS I 525 10.51 57.93 22.17
C HIS I 525 11.21 58.70 23.28
N GLY I 526 11.91 57.99 24.16
CA GLY I 526 12.57 58.59 25.31
C GLY I 526 11.69 58.81 26.52
N SER I 527 10.37 58.61 26.37
CA SER I 527 9.45 58.61 27.50
C SER I 527 9.76 57.37 28.31
N ASN I 528 9.66 57.52 29.63
CA ASN I 528 9.89 56.41 30.54
C ASN I 528 9.27 56.74 31.90
N ILE I 529 9.48 55.84 32.85
CA ILE I 529 9.17 56.07 34.26
C ILE I 529 10.38 56.62 35.00
N GLN I 530 10.17 56.95 36.28
CA GLN I 530 11.24 57.31 37.19
C GLN I 530 10.76 56.96 38.58
N VAL I 531 11.41 55.99 39.22
CA VAL I 531 11.00 55.54 40.54
C VAL I 531 11.66 56.41 41.61
N ASP I 532 10.94 56.64 42.71
CA ASP I 532 11.50 57.13 43.96
C ASP I 532 11.36 55.98 44.96
N GLU I 533 12.44 55.22 45.16
CA GLU I 533 12.44 54.10 46.11
C GLU I 533 12.33 54.54 47.58
N VAL I 534 12.82 55.76 47.87
CA VAL I 534 12.73 56.35 49.22
C VAL I 534 11.26 56.63 49.57
N ARG I 535 10.67 57.56 48.82
CA ARG I 535 9.31 58.03 49.07
C ARG I 535 8.25 57.03 48.58
N ARG I 536 8.67 56.09 47.73
CA ARG I 536 7.83 55.00 47.21
C ARG I 536 6.79 55.50 46.20
N LEU I 537 7.32 56.21 45.20
CA LEU I 537 6.55 56.85 44.14
C LEU I 537 7.11 56.45 42.79
N VAL I 538 6.41 56.83 41.72
CA VAL I 538 6.87 56.62 40.35
C VAL I 538 6.28 57.66 39.40
N TYR I 539 7.16 58.49 38.83
CA TYR I 539 6.77 59.59 37.96
C TYR I 539 6.74 59.04 36.53
N PHE I 540 5.77 59.48 35.71
CA PHE I 540 5.58 58.97 34.34
C PHE I 540 4.85 59.95 33.43
N GLU I 541 4.81 59.63 32.14
CA GLU I 541 4.13 60.48 31.15
C GLU I 541 2.79 59.81 30.74
N GLY I 542 1.76 60.60 30.43
CA GLY I 542 0.48 60.02 30.00
C GLY I 542 -0.63 60.90 29.45
N THR I 543 -1.61 60.24 28.81
CA THR I 543 -2.73 60.90 28.13
C THR I 543 -3.93 61.21 29.04
N LYS I 544 -3.80 60.98 30.34
CA LYS I 544 -4.93 61.07 31.30
C LYS I 544 -5.75 62.33 31.14
N ASP I 545 -5.08 63.49 31.16
CA ASP I 545 -5.75 64.77 31.06
C ASP I 545 -6.32 65.01 29.66
N SER I 546 -5.57 64.62 28.63
CA SER I 546 -6.07 64.69 27.25
C SER I 546 -5.25 63.83 26.31
N PRO I 547 -5.92 63.18 25.33
CA PRO I 547 -5.18 62.49 24.26
C PRO I 547 -4.42 63.43 23.31
N LEU I 548 -4.66 64.74 23.43
CA LEU I 548 -3.95 65.77 22.66
C LEU I 548 -2.77 66.40 23.41
N GLU I 549 -2.58 66.02 24.67
CA GLU I 549 -1.49 66.55 25.52
C GLU I 549 -0.87 65.43 26.34
N HIS I 550 0.45 65.26 26.18
CA HIS I 550 1.26 64.49 27.13
C HIS I 550 1.39 65.33 28.40
N HIS I 551 1.38 64.68 29.56
CA HIS I 551 1.59 65.35 30.85
C HIS I 551 2.38 64.44 31.79
N LEU I 552 3.18 65.06 32.65
CA LEU I 552 3.92 64.35 33.70
C LEU I 552 2.99 64.07 34.86
N TYR I 553 3.08 62.85 35.41
CA TYR I 553 2.29 62.45 36.56
C TYR I 553 3.18 61.89 37.65
N VAL I 554 2.58 61.55 38.79
CA VAL I 554 3.28 60.83 39.85
C VAL I 554 2.24 60.11 40.70
N VAL I 555 2.62 58.93 41.19
CA VAL I 555 1.73 58.03 41.92
C VAL I 555 2.54 57.15 42.85
N SER I 556 1.92 56.67 43.93
CA SER I 556 2.55 55.69 44.84
C SER I 556 2.47 54.29 44.26
N TYR I 557 3.59 53.58 44.25
CA TYR I 557 3.60 52.19 43.79
C TYR I 557 3.23 51.19 44.90
N VAL I 558 2.90 51.69 46.10
CA VAL I 558 2.58 50.84 47.26
C VAL I 558 1.08 50.77 47.48
N ASN I 559 0.46 51.91 47.77
CA ASN I 559 -0.99 52.01 47.85
C ASN I 559 -1.42 52.98 46.76
N PRO I 560 -1.44 52.51 45.50
CA PRO I 560 -1.74 53.42 44.38
C PRO I 560 -3.14 54.06 44.43
N GLY I 561 -3.18 55.39 44.33
CA GLY I 561 -4.42 56.14 44.41
C GLY I 561 -4.40 57.36 43.53
N GLU I 562 -4.23 58.54 44.12
CA GLU I 562 -4.39 59.80 43.40
C GLU I 562 -3.20 60.09 42.49
N VAL I 563 -3.44 59.94 41.19
CA VAL I 563 -2.42 60.24 40.18
C VAL I 563 -2.32 61.78 40.04
N THR I 564 -1.37 62.36 40.77
CA THR I 564 -1.15 63.80 40.77
C THR I 564 -0.48 64.23 39.46
N ARG I 565 -1.09 65.22 38.78
CA ARG I 565 -0.48 65.89 37.62
C ARG I 565 0.55 66.92 38.08
N LEU I 566 1.70 66.96 37.41
CA LEU I 566 2.79 67.87 37.77
C LEU I 566 3.16 68.88 36.68
N THR I 567 2.42 68.89 35.57
CA THR I 567 2.66 69.84 34.47
C THR I 567 1.39 70.64 34.21
N ASP I 568 1.54 71.91 33.85
CA ASP I 568 0.41 72.83 33.82
C ASP I 568 -0.47 72.58 32.60
N ARG I 569 -1.77 72.77 32.79
CA ARG I 569 -2.76 72.54 31.72
C ARG I 569 -2.49 73.36 30.46
N GLY I 570 -3.08 72.92 29.35
CA GLY I 570 -3.02 73.66 28.08
C GLY I 570 -1.71 73.70 27.29
N TYR I 571 -0.75 72.85 27.65
CA TYR I 571 0.45 72.59 26.84
C TYR I 571 0.70 71.07 26.76
N SER I 572 1.65 70.65 25.93
CA SER I 572 2.04 69.23 25.79
C SER I 572 3.52 69.04 26.12
N HIS I 573 3.80 68.15 27.07
CA HIS I 573 5.11 68.05 27.72
C HIS I 573 5.87 66.76 27.41
N SER I 574 7.08 66.92 26.89
CA SER I 574 8.10 65.88 26.90
C SER I 574 8.92 66.14 28.15
N CYS I 575 8.99 65.17 29.05
CA CYS I 575 9.54 65.38 30.39
C CYS I 575 10.73 64.49 30.71
N CYS I 576 11.66 65.05 31.49
CA CYS I 576 12.85 64.34 31.95
C CYS I 576 13.01 64.62 33.43
N ILE I 577 12.88 63.59 34.26
CA ILE I 577 12.86 63.72 35.73
C ILE I 577 14.25 63.43 36.27
N SER I 578 14.72 64.25 37.21
CA SER I 578 16.05 64.08 37.84
C SER I 578 16.12 62.71 38.52
N GLN I 579 17.29 62.09 38.46
CA GLN I 579 17.53 60.79 39.12
C GLN I 579 17.29 60.86 40.64
N HIS I 580 17.43 62.05 41.21
CA HIS I 580 17.20 62.30 42.64
C HIS I 580 15.74 62.60 43.01
N CYS I 581 14.90 62.88 42.01
CA CYS I 581 13.46 63.18 42.20
C CYS I 581 13.13 64.53 42.86
N ASP I 582 14.13 65.40 42.97
CA ASP I 582 13.94 66.74 43.54
C ASP I 582 13.81 67.84 42.48
N PHE I 583 13.92 67.47 41.21
CA PHE I 583 13.71 68.40 40.08
C PHE I 583 13.06 67.66 38.91
N PHE I 584 12.56 68.42 37.94
CA PHE I 584 12.23 67.87 36.63
C PHE I 584 12.22 68.97 35.58
N ILE I 585 12.47 68.57 34.33
CA ILE I 585 12.55 69.47 33.19
C ILE I 585 11.46 69.08 32.19
N SER I 586 10.85 70.08 31.58
CA SER I 586 9.87 69.86 30.53
C SER I 586 10.19 70.73 29.32
N LYS I 587 10.07 70.13 28.14
CA LYS I 587 10.03 70.82 26.85
C LYS I 587 8.55 70.83 26.50
N TYR I 588 7.93 72.01 26.56
CA TYR I 588 6.47 72.13 26.32
C TYR I 588 6.11 73.12 25.20
N SER I 589 4.95 72.88 24.62
CA SER I 589 4.45 73.64 23.48
C SER I 589 2.94 73.54 23.37
N ASN I 590 2.40 74.32 22.44
CA ASN I 590 1.04 74.15 21.97
C ASN I 590 0.92 74.77 20.58
N GLN I 591 -0.24 74.58 19.95
CA GLN I 591 -0.53 75.14 18.63
C GLN I 591 -0.05 76.58 18.49
N LYS I 592 -0.36 77.39 19.49
CA LYS I 592 0.00 78.81 19.54
C LYS I 592 1.48 79.13 19.76
N ASN I 593 2.10 78.49 20.76
CA ASN I 593 3.47 78.85 21.23
C ASN I 593 4.50 77.71 21.06
N PRO I 594 5.72 78.03 20.56
CA PRO I 594 6.70 76.98 20.22
C PRO I 594 7.53 76.40 21.39
N HIS I 595 8.58 75.63 21.06
CA HIS I 595 9.61 75.18 22.00
C HIS I 595 9.71 76.05 23.23
N CYS I 596 9.71 75.43 24.40
CA CYS I 596 10.04 76.14 25.62
C CYS I 596 10.52 75.09 26.61
N VAL I 597 11.81 75.06 26.89
CA VAL I 597 12.37 74.16 27.89
C VAL I 597 12.54 74.91 29.21
N SER I 598 11.92 74.38 30.27
CA SER I 598 11.95 75.00 31.59
C SER I 598 12.15 73.97 32.68
N LEU I 599 12.84 74.38 33.75
CA LEU I 599 13.18 73.53 34.88
C LEU I 599 12.27 73.84 36.07
N TYR I 600 11.88 72.78 36.78
CA TYR I 600 10.94 72.86 37.90
C TYR I 600 11.53 72.13 39.11
N LYS I 601 11.18 72.61 40.32
CA LYS I 601 11.66 72.04 41.59
C LYS I 601 10.55 71.36 42.38
N LEU I 602 10.75 70.08 42.65
CA LEU I 602 9.80 69.26 43.39
C LEU I 602 10.00 69.39 44.90
N SER I 603 8.89 69.37 45.63
CA SER I 603 8.90 69.41 47.08
C SER I 603 7.77 68.57 47.64
N SER I 604 7.90 68.23 48.92
CA SER I 604 6.82 67.64 49.69
C SER I 604 6.57 68.52 50.91
N PRO I 605 5.29 68.77 51.26
CA PRO I 605 5.05 69.37 52.57
C PRO I 605 5.38 68.34 53.66
N GLU I 606 5.94 68.80 54.78
CA GLU I 606 6.54 67.91 55.81
C GLU I 606 5.66 66.74 56.30
N ASP I 607 4.37 66.98 56.37
CA ASP I 607 3.40 65.99 56.85
C ASP I 607 3.11 64.80 55.92
N ASP I 608 3.49 64.88 54.64
CA ASP I 608 3.08 63.88 53.64
C ASP I 608 4.07 63.80 52.44
N PRO I 609 5.05 62.88 52.55
CA PRO I 609 5.88 62.44 51.42
C PRO I 609 5.16 61.83 50.20
N THR I 610 4.04 61.15 50.37
CA THR I 610 3.23 60.65 49.23
C THR I 610 2.86 61.80 48.24
N CYS I 611 2.64 62.99 48.81
CA CYS I 611 2.35 64.19 48.03
C CYS I 611 3.64 64.82 47.50
N LYS I 612 3.58 65.27 46.25
CA LYS I 612 4.66 66.02 45.58
C LYS I 612 4.09 67.28 44.93
N THR I 613 4.92 68.33 44.88
CA THR I 613 4.50 69.67 44.46
C THR I 613 5.56 70.40 43.60
N LYS I 614 5.16 70.82 42.41
CA LYS I 614 6.06 71.54 41.49
C LYS I 614 6.23 73.00 41.94
N GLU I 615 7.39 73.58 41.61
CA GLU I 615 7.57 75.04 41.53
C GLU I 615 8.48 75.34 40.32
N PHE I 616 8.17 76.38 39.55
CA PHE I 616 9.07 76.84 38.47
C PHE I 616 10.38 77.30 39.08
N TRP I 617 11.50 76.95 38.45
CA TRP I 617 12.84 77.27 38.97
C TRP I 617 13.62 78.18 38.01
N ALA I 618 13.77 77.72 36.77
CA ALA I 618 14.54 78.44 35.76
C ALA I 618 14.07 78.08 34.36
N THR I 619 14.42 78.96 33.41
CA THR I 619 14.22 78.75 31.98
C THR I 619 15.55 78.27 31.39
N ILE I 620 15.59 77.02 30.93
CA ILE I 620 16.76 76.45 30.26
C ILE I 620 16.80 76.89 28.79
N LEU I 621 15.66 76.85 28.09
CA LEU I 621 15.53 77.47 26.77
C LEU I 621 14.29 78.36 26.70
N ASP I 622 14.54 79.66 26.59
CA ASP I 622 13.50 80.65 26.36
C ASP I 622 12.72 80.31 25.09
N SER I 623 11.41 80.52 25.10
CA SER I 623 10.58 80.25 23.93
C SER I 623 10.84 81.26 22.82
N ALA I 624 10.81 80.79 21.58
CA ALA I 624 10.97 81.68 20.42
C ALA I 624 9.87 82.74 20.33
N GLY I 625 8.64 82.38 20.75
CA GLY I 625 7.46 83.26 20.65
C GLY I 625 6.92 83.24 19.22
N PRO I 626 5.58 83.27 19.04
CA PRO I 626 4.97 83.15 17.71
C PRO I 626 5.77 83.81 16.54
N LEU I 627 6.37 82.95 15.71
CA LEU I 627 7.04 83.36 14.47
C LEU I 627 6.01 84.01 13.56
N PRO I 628 6.25 85.27 13.09
CA PRO I 628 5.24 85.91 12.23
C PRO I 628 5.15 85.26 10.82
N ASP I 629 3.95 85.32 10.26
CA ASP I 629 3.54 84.45 9.13
C ASP I 629 3.62 82.95 9.50
N TYR I 630 2.91 82.63 10.58
CA TYR I 630 2.44 81.26 10.87
C TYR I 630 1.10 81.40 11.61
N THR I 631 0.01 81.19 10.87
CA THR I 631 -1.33 81.00 11.45
C THR I 631 -1.47 79.53 11.84
N PRO I 632 -1.47 79.23 13.16
CA PRO I 632 -1.71 77.83 13.53
C PRO I 632 -3.09 77.35 13.13
N PRO I 633 -3.26 76.03 13.03
CA PRO I 633 -4.57 75.46 12.74
C PRO I 633 -5.39 75.35 14.01
N GLU I 634 -6.69 75.11 13.86
CA GLU I 634 -7.56 74.79 14.98
C GLU I 634 -7.82 73.29 14.95
N ILE I 635 -7.65 72.65 16.10
CA ILE I 635 -8.05 71.27 16.29
C ILE I 635 -9.57 71.23 16.23
N PHE I 636 -10.12 70.29 15.47
CA PHE I 636 -11.56 69.98 15.51
C PHE I 636 -11.73 68.51 15.81
N SER I 637 -12.97 68.12 16.11
CA SER I 637 -13.33 66.72 16.30
C SER I 637 -14.77 66.41 15.91
N PHE I 638 -15.02 65.14 15.64
CA PHE I 638 -16.34 64.68 15.26
C PHE I 638 -16.57 63.28 15.80
N GLU I 639 -17.81 63.01 16.21
CA GLU I 639 -18.21 61.68 16.64
C GLU I 639 -18.37 60.83 15.38
N SER I 640 -17.40 59.96 15.10
CA SER I 640 -17.45 59.13 13.91
C SER I 640 -18.55 58.09 13.99
N THR I 641 -19.12 57.74 12.84
CA THR I 641 -20.07 56.63 12.72
C THR I 641 -19.47 55.30 13.23
N THR I 642 -18.15 55.24 13.27
CA THR I 642 -17.39 54.06 13.67
C THR I 642 -17.37 53.83 15.18
N GLY I 643 -17.87 54.79 15.96
CA GLY I 643 -17.96 54.65 17.42
C GLY I 643 -17.06 55.63 18.14
N PHE I 644 -15.86 55.82 17.60
CA PHE I 644 -14.83 56.65 18.23
C PHE I 644 -14.95 58.12 17.86
N THR I 645 -14.33 58.98 18.66
CA THR I 645 -14.12 60.39 18.32
C THR I 645 -12.80 60.51 17.59
N LEU I 646 -12.82 61.19 16.44
CA LEU I 646 -11.64 61.38 15.62
C LEU I 646 -11.27 62.84 15.65
N TYR I 647 -9.97 63.10 15.66
CA TYR I 647 -9.44 64.46 15.76
C TYR I 647 -8.80 64.90 14.46
N GLY I 648 -8.92 66.21 14.19
CA GLY I 648 -8.34 66.81 12.99
C GLY I 648 -7.82 68.19 13.23
N MET I 649 -6.89 68.62 12.38
CA MET I 649 -6.41 70.00 12.36
C MET I 649 -6.90 70.65 11.08
N LEU I 650 -7.33 71.90 11.18
CA LEU I 650 -7.79 72.67 10.03
C LEU I 650 -7.00 73.96 9.95
N TYR I 651 -6.25 74.13 8.88
CA TYR I 651 -5.70 75.41 8.50
C TYR I 651 -6.74 76.02 7.56
N LYS I 652 -7.42 77.07 8.02
CA LYS I 652 -8.28 77.87 7.14
C LYS I 652 -7.39 78.62 6.15
N PRO I 653 -7.86 78.81 4.89
CA PRO I 653 -7.07 79.64 3.97
C PRO I 653 -6.94 81.05 4.52
N HIS I 654 -5.75 81.63 4.47
CA HIS I 654 -5.52 82.96 5.05
C HIS I 654 -6.22 83.99 4.16
N ASP I 655 -6.75 85.02 4.81
CA ASP I 655 -7.39 86.14 4.12
C ASP I 655 -8.65 85.65 3.38
N LEU I 656 -9.55 85.04 4.14
CA LEU I 656 -10.78 84.42 3.60
C LEU I 656 -11.65 85.43 2.83
N GLN I 657 -11.78 85.20 1.52
CA GLN I 657 -12.79 85.87 0.71
C GLN I 657 -14.15 85.21 0.96
N PRO I 658 -15.13 85.95 1.54
CA PRO I 658 -16.46 85.34 1.65
C PRO I 658 -17.12 85.18 0.30
N GLY I 659 -18.12 84.30 0.23
CA GLY I 659 -18.80 83.97 -1.02
C GLY I 659 -18.01 83.04 -1.92
N LYS I 660 -16.88 82.53 -1.41
CA LYS I 660 -15.94 81.74 -2.22
C LYS I 660 -15.54 80.42 -1.56
N LYS I 661 -15.14 79.47 -2.41
CA LYS I 661 -14.84 78.11 -2.01
C LYS I 661 -13.45 77.71 -2.52
N TYR I 662 -12.55 77.43 -1.58
CA TYR I 662 -11.13 77.25 -1.85
C TYR I 662 -10.77 75.77 -2.11
N PRO I 663 -9.71 75.51 -2.90
CA PRO I 663 -9.26 74.13 -3.11
C PRO I 663 -8.65 73.58 -1.84
N THR I 664 -8.84 72.27 -1.63
CA THR I 664 -8.49 71.63 -0.37
C THR I 664 -7.37 70.62 -0.58
N VAL I 665 -6.35 70.70 0.27
CA VAL I 665 -5.26 69.72 0.33
C VAL I 665 -5.40 68.93 1.63
N LEU I 666 -5.70 67.64 1.51
CA LEU I 666 -5.65 66.72 2.65
C LEU I 666 -4.22 66.20 2.82
N PHE I 667 -3.57 66.54 3.93
CA PHE I 667 -2.29 65.92 4.29
C PHE I 667 -2.56 64.77 5.23
N ILE I 668 -1.76 63.71 5.11
CA ILE I 668 -2.04 62.46 5.83
C ILE I 668 -0.79 61.65 6.21
N TYR I 669 -0.87 61.03 7.39
CA TYR I 669 -0.07 59.87 7.73
C TYR I 669 -1.03 58.75 8.13
N GLY I 670 -1.70 58.92 9.28
CA GLY I 670 -2.71 57.97 9.77
C GLY I 670 -2.43 56.47 9.65
N GLY I 671 -1.20 56.08 9.93
CA GLY I 671 -0.81 54.68 10.15
C GLY I 671 -0.51 54.55 11.63
N PRO I 672 -0.01 53.36 12.06
CA PRO I 672 0.25 53.08 13.48
C PRO I 672 1.53 53.72 14.02
N GLN I 673 1.62 53.75 15.35
CA GLN I 673 2.73 54.34 16.11
C GLN I 673 2.79 55.88 16.07
N VAL I 674 1.81 56.56 15.46
CA VAL I 674 1.88 58.00 15.18
C VAL I 674 0.53 58.71 15.24
N GLN I 675 0.52 59.87 15.92
CA GLN I 675 -0.68 60.69 16.12
C GLN I 675 -0.40 62.15 15.75
N LEU I 676 -0.69 62.53 14.51
CA LEU I 676 -0.41 63.90 14.00
C LEU I 676 -1.16 65.06 14.65
N VAL I 677 -2.38 64.81 15.12
CA VAL I 677 -3.29 65.86 15.63
C VAL I 677 -3.24 65.84 17.16
N ASN I 678 -2.42 66.75 17.70
CA ASN I 678 -2.31 67.00 19.13
C ASN I 678 -2.04 68.49 19.38
N ASN I 679 -1.98 68.89 20.64
CA ASN I 679 -1.72 70.28 20.99
C ASN I 679 -0.22 70.52 21.25
N ARG I 680 0.52 70.45 20.15
CA ARG I 680 1.93 70.86 20.09
C ARG I 680 2.08 71.89 18.98
N PHE I 681 3.23 72.57 18.93
CA PHE I 681 3.46 73.61 17.93
C PHE I 681 3.75 73.02 16.56
N LYS I 682 2.81 73.16 15.61
CA LYS I 682 2.92 72.51 14.29
C LYS I 682 3.44 73.47 13.21
N GLY I 683 4.46 74.24 13.58
CA GLY I 683 4.98 75.33 12.77
C GLY I 683 6.40 75.16 12.30
N VAL I 684 7.19 74.34 12.99
CA VAL I 684 8.56 74.03 12.57
C VAL I 684 8.46 72.90 11.55
N LYS I 685 7.98 71.76 12.01
CA LYS I 685 7.92 70.57 11.17
C LYS I 685 6.91 70.81 10.06
N TYR I 686 5.69 71.14 10.44
CA TYR I 686 4.59 71.33 9.48
C TYR I 686 4.40 72.81 9.13
N PHE I 687 5.51 73.42 8.70
CA PHE I 687 5.53 74.81 8.25
C PHE I 687 4.84 74.96 6.91
N ARG I 688 5.04 73.98 6.01
CA ARG I 688 4.49 74.07 4.66
C ARG I 688 2.97 73.94 4.55
N LEU I 689 2.34 73.28 5.53
CA LEU I 689 0.90 73.26 5.62
C LEU I 689 0.37 74.71 5.76
N ASN I 690 1.07 75.52 6.56
CA ASN I 690 0.73 76.93 6.71
C ASN I 690 1.04 77.75 5.45
N THR I 691 2.16 77.48 4.81
CA THR I 691 2.49 78.14 3.55
C THR I 691 1.46 77.81 2.45
N LEU I 692 0.90 76.59 2.48
CA LEU I 692 -0.23 76.23 1.58
C LEU I 692 -1.50 77.02 1.91
N ALA I 693 -1.75 77.25 3.20
CA ALA I 693 -2.88 78.08 3.65
C ALA I 693 -2.83 79.51 3.10
N SER I 694 -1.65 80.15 3.18
CA SER I 694 -1.44 81.52 2.67
C SER I 694 -1.62 81.65 1.15
N LEU I 695 -1.22 80.63 0.40
CA LEU I 695 -1.47 80.59 -1.06
C LEU I 695 -2.95 80.44 -1.43
N GLY I 696 -3.75 79.91 -0.50
CA GLY I 696 -5.19 79.78 -0.68
C GLY I 696 -5.70 78.35 -0.83
N TYR I 697 -5.01 77.39 -0.20
CA TYR I 697 -5.48 76.02 -0.12
C TYR I 697 -6.06 75.84 1.29
N VAL I 698 -7.20 75.16 1.39
CA VAL I 698 -7.66 74.70 2.70
C VAL I 698 -6.77 73.50 3.00
N VAL I 699 -6.26 73.42 4.22
CA VAL I 699 -5.42 72.28 4.60
C VAL I 699 -6.05 71.55 5.77
N VAL I 700 -6.32 70.27 5.57
CA VAL I 700 -6.94 69.43 6.58
C VAL I 700 -6.00 68.28 6.87
N VAL I 701 -5.97 67.88 8.14
CA VAL I 701 -5.18 66.74 8.61
C VAL I 701 -6.04 65.99 9.58
N ILE I 702 -6.22 64.69 9.37
CA ILE I 702 -7.08 63.91 10.25
C ILE I 702 -6.32 62.70 10.78
N ASP I 703 -6.63 62.35 12.03
CA ASP I 703 -6.04 61.19 12.70
C ASP I 703 -7.05 60.06 12.80
N ASN I 704 -7.06 59.25 11.75
CA ASN I 704 -7.98 58.12 11.63
C ASN I 704 -7.65 56.99 12.61
N ARG I 705 -8.57 56.02 12.66
CA ARG I 705 -8.41 54.82 13.47
C ARG I 705 -7.12 54.09 13.07
N GLY I 706 -6.37 53.66 14.08
CA GLY I 706 -5.01 53.17 13.88
C GLY I 706 -3.95 54.03 14.54
N SER I 707 -4.23 55.33 14.64
CA SER I 707 -3.28 56.27 15.27
C SER I 707 -2.94 55.87 16.73
N CYS I 708 -1.74 56.24 17.17
CA CYS I 708 -1.29 55.95 18.53
C CYS I 708 -1.89 56.93 19.56
N HIS I 709 -1.63 56.63 20.84
CA HIS I 709 -2.09 57.43 22.00
C HIS I 709 -3.60 57.36 22.25
N ARG I 710 -4.24 56.31 21.73
CA ARG I 710 -5.69 56.23 21.72
C ARG I 710 -6.21 54.89 22.26
N GLY I 711 -5.35 54.13 22.95
CA GLY I 711 -5.69 52.78 23.38
C GLY I 711 -5.46 51.75 22.30
N LEU I 712 -5.37 50.50 22.71
CA LEU I 712 -5.10 49.38 21.81
C LEU I 712 -6.32 48.97 21.00
N LYS I 713 -7.52 49.16 21.52
CA LYS I 713 -8.73 48.79 20.80
C LYS I 713 -8.88 49.66 19.53
N PHE I 714 -8.55 50.94 19.69
CA PHE I 714 -8.50 51.94 18.61
C PHE I 714 -7.45 51.59 17.55
N GLU I 715 -6.25 51.27 18.02
CA GLU I 715 -5.09 50.96 17.15
C GLU I 715 -5.36 49.70 16.31
N GLY I 716 -5.96 48.69 16.92
CA GLY I 716 -6.23 47.42 16.27
C GLY I 716 -7.34 47.37 15.24
N ALA I 717 -8.00 48.48 14.97
CA ALA I 717 -9.10 48.53 14.00
C ALA I 717 -8.70 48.16 12.57
N PHE I 718 -7.46 48.41 12.18
CA PHE I 718 -6.99 47.98 10.86
C PHE I 718 -6.18 46.68 10.84
N LYS I 719 -6.18 45.92 11.93
CA LYS I 719 -5.40 44.68 11.93
C LYS I 719 -5.95 43.77 10.83
N TYR I 720 -5.02 43.23 10.04
CA TYR I 720 -5.32 42.40 8.86
C TYR I 720 -5.97 43.15 7.69
N LYS I 721 -6.13 44.45 7.81
CA LYS I 721 -6.93 45.23 6.87
C LYS I 721 -6.25 46.51 6.35
N MET I 722 -5.00 46.78 6.74
CA MET I 722 -4.36 48.08 6.51
C MET I 722 -4.66 48.62 5.12
N GLY I 723 -5.36 49.74 5.08
CA GLY I 723 -5.76 50.41 3.83
C GLY I 723 -7.27 50.48 3.67
N GLN I 724 -7.94 49.41 4.09
CA GLN I 724 -9.41 49.29 3.95
C GLN I 724 -10.21 50.31 4.77
N ILE I 725 -9.82 50.57 6.02
CA ILE I 725 -10.60 51.49 6.84
C ILE I 725 -10.27 52.97 6.66
N GLU I 726 -8.98 53.29 6.57
CA GLU I 726 -8.50 54.65 6.88
C GLU I 726 -9.17 55.76 6.08
N ILE I 727 -9.42 55.49 4.81
CA ILE I 727 -9.98 56.50 3.92
C ILE I 727 -11.41 56.86 4.33
N ASP I 728 -12.18 55.88 4.83
CA ASP I 728 -13.52 56.13 5.40
C ASP I 728 -13.50 57.31 6.36
N ASP I 729 -12.53 57.25 7.28
CA ASP I 729 -12.40 58.25 8.35
C ASP I 729 -11.91 59.59 7.85
N GLN I 730 -11.02 59.57 6.87
CA GLN I 730 -10.49 60.81 6.30
C GLN I 730 -11.59 61.56 5.55
N VAL I 731 -12.41 60.84 4.77
CA VAL I 731 -13.50 61.48 4.02
C VAL I 731 -14.62 61.91 4.96
N GLU I 732 -14.95 61.07 5.93
CA GLU I 732 -16.02 61.38 6.89
C GLU I 732 -15.74 62.73 7.58
N GLY I 733 -14.54 62.85 8.14
CA GLY I 733 -14.07 64.09 8.74
C GLY I 733 -14.04 65.24 7.75
N LEU I 734 -13.59 64.94 6.54
CA LEU I 734 -13.58 65.92 5.46
C LEU I 734 -14.98 66.42 5.08
N GLN I 735 -16.00 65.57 5.24
CA GLN I 735 -17.40 65.94 4.98
C GLN I 735 -18.03 66.67 6.15
N TYR I 736 -17.66 66.30 7.37
CA TYR I 736 -18.02 67.07 8.57
C TYR I 736 -17.58 68.53 8.46
N LEU I 737 -16.39 68.75 7.91
CA LEU I 737 -15.91 70.10 7.64
C LEU I 737 -16.68 70.73 6.49
N ALA I 738 -16.79 70.00 5.39
CA ALA I 738 -17.56 70.44 4.21
C ALA I 738 -18.97 70.94 4.54
N SER I 739 -19.61 70.33 5.54
CA SER I 739 -20.89 70.83 6.05
C SER I 739 -20.72 72.16 6.81
N ARG I 740 -19.89 72.17 7.86
CA ARG I 740 -19.69 73.38 8.69
C ARG I 740 -19.02 74.56 7.99
N TYR I 741 -18.21 74.26 6.98
CA TYR I 741 -17.46 75.25 6.23
C TYR I 741 -17.72 75.13 4.72
N ASP I 742 -18.58 76.00 4.23
CA ASP I 742 -18.87 76.11 2.81
C ASP I 742 -17.66 76.56 1.99
N PHE I 743 -16.62 77.12 2.63
CA PHE I 743 -15.38 77.45 1.91
C PHE I 743 -14.55 76.26 1.42
N ILE I 744 -14.82 75.06 1.94
CA ILE I 744 -14.20 73.82 1.42
C ILE I 744 -14.87 73.38 0.11
N ASP I 745 -14.19 73.62 -1.00
CA ASP I 745 -14.64 73.18 -2.31
C ASP I 745 -14.29 71.71 -2.49
N LEU I 746 -15.24 70.83 -2.17
CA LEU I 746 -15.05 69.38 -2.29
C LEU I 746 -14.73 68.87 -3.70
N ASP I 747 -15.09 69.63 -4.74
CA ASP I 747 -14.76 69.23 -6.11
C ASP I 747 -13.25 69.16 -6.35
N ARG I 748 -12.54 70.17 -5.86
CA ARG I 748 -11.08 70.25 -5.98
C ARG I 748 -10.36 69.93 -4.65
N VAL I 749 -10.46 68.67 -4.23
CA VAL I 749 -9.71 68.13 -3.08
C VAL I 749 -8.54 67.28 -3.56
N GLY I 750 -7.36 67.54 -3.01
CA GLY I 750 -6.16 66.72 -3.23
C GLY I 750 -5.64 66.12 -1.93
N ILE I 751 -4.97 64.97 -2.03
CA ILE I 751 -4.37 64.28 -0.87
C ILE I 751 -2.87 64.09 -1.06
N HIS I 752 -2.11 64.16 0.03
CA HIS I 752 -0.67 63.95 0.01
C HIS I 752 -0.15 63.44 1.35
N GLY I 753 0.84 62.54 1.28
CA GLY I 753 1.54 62.03 2.46
C GLY I 753 2.82 61.28 2.13
N TRP I 754 3.63 61.03 3.16
CA TRP I 754 4.90 60.31 3.04
C TRP I 754 4.88 58.98 3.78
N SER I 755 5.48 57.98 3.12
CA SER I 755 5.52 56.61 3.59
C SER I 755 4.13 55.97 3.72
N TYR I 756 3.64 55.73 4.94
CA TYR I 756 2.26 55.30 5.12
C TYR I 756 1.28 56.32 4.54
N GLY I 757 1.60 57.60 4.72
CA GLY I 757 0.85 58.70 4.11
C GLY I 757 0.74 58.61 2.59
N GLY I 758 1.83 58.24 1.94
CA GLY I 758 1.84 58.00 0.50
C GLY I 758 1.07 56.75 0.12
N TYR I 759 1.21 55.70 0.93
CA TYR I 759 0.42 54.46 0.79
C TYR I 759 -1.07 54.77 0.74
N LEU I 760 -1.52 55.52 1.73
CA LEU I 760 -2.91 55.95 1.83
C LEU I 760 -3.29 56.98 0.77
N SER I 761 -2.38 57.87 0.40
CA SER I 761 -2.61 58.73 -0.76
C SER I 761 -2.91 57.88 -2.01
N LEU I 762 -2.14 56.81 -2.22
CA LEU I 762 -2.39 55.89 -3.34
C LEU I 762 -3.72 55.14 -3.19
N MET I 763 -4.06 54.74 -1.97
CA MET I 763 -5.36 54.13 -1.67
C MET I 763 -6.55 55.09 -1.86
N ALA I 764 -6.34 56.34 -1.48
CA ALA I 764 -7.35 57.40 -1.63
C ALA I 764 -7.81 57.56 -3.07
N LEU I 765 -6.87 57.54 -4.01
CA LEU I 765 -7.18 57.70 -5.43
C LEU I 765 -7.75 56.43 -6.04
N MET I 766 -7.21 55.29 -5.63
CA MET I 766 -7.66 53.99 -6.11
C MET I 766 -9.10 53.71 -5.65
N GLN I 767 -9.38 54.00 -4.39
CA GLN I 767 -10.72 53.78 -3.80
C GLN I 767 -11.71 54.87 -4.19
N ARG I 768 -11.27 56.14 -4.12
CA ARG I 768 -12.18 57.30 -4.21
C ARG I 768 -11.76 58.37 -5.24
N SER I 769 -11.84 58.01 -6.52
CA SER I 769 -11.71 59.01 -7.60
C SER I 769 -12.66 60.17 -7.34
N ASP I 770 -13.89 59.83 -6.97
CA ASP I 770 -14.94 60.80 -6.64
C ASP I 770 -14.54 61.90 -5.64
N ILE I 771 -13.76 61.56 -4.60
CA ILE I 771 -13.38 62.54 -3.57
C ILE I 771 -12.07 63.25 -3.92
N PHE I 772 -11.05 62.48 -4.26
CA PHE I 772 -9.71 63.02 -4.43
C PHE I 772 -9.34 63.23 -5.89
N ARG I 773 -9.11 64.49 -6.28
CA ARG I 773 -8.74 64.81 -7.64
C ARG I 773 -7.30 64.43 -7.90
N VAL I 774 -6.39 64.87 -7.01
CA VAL I 774 -4.97 64.48 -7.08
C VAL I 774 -4.49 63.77 -5.81
N ALA I 775 -3.63 62.77 -6.02
CA ALA I 775 -2.95 62.07 -4.93
C ALA I 775 -1.47 62.15 -5.21
N ILE I 776 -0.74 62.69 -4.25
CA ILE I 776 0.71 62.80 -4.34
C ILE I 776 1.30 61.85 -3.32
N ALA I 777 1.89 60.75 -3.80
CA ALA I 777 2.35 59.66 -2.94
C ALA I 777 3.86 59.67 -2.72
N GLY I 778 4.25 59.88 -1.45
CA GLY I 778 5.64 59.89 -1.03
C GLY I 778 6.13 58.53 -0.55
N ALA I 779 7.06 57.93 -1.29
CA ALA I 779 7.73 56.68 -0.93
C ALA I 779 6.77 55.60 -0.39
N PRO I 780 5.79 55.18 -1.22
CA PRO I 780 4.65 54.38 -0.75
C PRO I 780 4.81 52.86 -0.78
N VAL I 781 3.94 52.16 -0.04
CA VAL I 781 3.92 50.70 0.02
C VAL I 781 2.93 50.15 -1.00
N THR I 782 3.45 49.84 -2.17
CA THR I 782 2.67 49.24 -3.24
C THR I 782 2.36 47.74 -3.08
N LEU I 783 3.10 47.04 -2.20
CA LEU I 783 3.10 45.57 -2.16
C LEU I 783 3.55 45.08 -0.78
N TRP I 784 2.60 44.66 0.06
CA TRP I 784 2.93 44.30 1.46
C TRP I 784 3.96 43.19 1.56
N ILE I 785 3.90 42.23 0.64
CA ILE I 785 4.92 41.17 0.57
C ILE I 785 6.36 41.67 0.51
N PHE I 786 6.61 42.86 -0.05
CA PHE I 786 7.98 43.43 -0.12
C PHE I 786 8.50 43.96 1.19
N TYR I 787 7.67 44.11 2.21
CA TYR I 787 8.11 44.77 3.45
C TYR I 787 8.59 43.79 4.52
N ASP I 788 9.30 44.31 5.51
CA ASP I 788 9.92 43.47 6.55
C ASP I 788 8.93 42.73 7.46
N THR I 789 9.46 41.73 8.14
CA THR I 789 8.71 40.87 9.04
C THR I 789 8.15 41.61 10.26
N GLY I 790 9.06 42.25 10.98
CA GLY I 790 8.74 42.98 12.20
C GLY I 790 7.51 43.86 12.12
N TYR I 791 7.35 44.59 11.01
CA TYR I 791 6.21 45.50 10.84
C TYR I 791 5.01 44.79 10.28
N THR I 792 5.19 44.15 9.15
CA THR I 792 4.07 43.63 8.38
C THR I 792 3.36 42.53 9.12
N GLU I 793 4.14 41.59 9.68
CA GLU I 793 3.56 40.44 10.38
C GLU I 793 2.85 40.82 11.67
N ARG I 794 3.29 41.92 12.27
CA ARG I 794 2.66 42.44 13.48
C ARG I 794 1.23 42.92 13.20
N TYR I 795 1.09 43.72 12.14
CA TYR I 795 -0.17 44.39 11.82
C TYR I 795 -1.03 43.58 10.85
N MET I 796 -0.42 42.95 9.84
CA MET I 796 -1.16 42.17 8.82
C MET I 796 -1.08 40.65 8.96
N GLY I 797 -0.14 40.14 9.76
CA GLY I 797 0.06 38.69 9.92
C GLY I 797 0.88 38.10 8.80
N HIS I 798 1.05 36.78 8.84
CA HIS I 798 1.82 36.04 7.83
C HIS I 798 1.04 36.00 6.49
N PRO I 799 1.73 36.08 5.35
CA PRO I 799 0.97 36.25 4.09
C PRO I 799 0.12 35.05 3.63
N ASP I 800 0.48 33.84 4.06
CA ASP I 800 -0.37 32.66 3.85
C ASP I 800 -1.70 32.77 4.62
N GLN I 801 -1.68 33.48 5.75
CA GLN I 801 -2.82 33.58 6.68
C GLN I 801 -3.57 34.91 6.60
N ASN I 802 -3.33 35.68 5.55
CA ASN I 802 -4.08 36.92 5.30
C ASN I 802 -4.07 37.26 3.80
N GLU I 803 -4.37 36.23 2.99
CA GLU I 803 -4.28 36.32 1.52
C GLU I 803 -5.01 37.53 0.99
N GLN I 804 -6.27 37.65 1.41
CA GLN I 804 -7.16 38.73 0.95
C GLN I 804 -6.79 40.09 1.56
N GLY I 805 -6.37 40.08 2.83
CA GLY I 805 -5.91 41.30 3.49
C GLY I 805 -4.69 41.89 2.79
N TYR I 806 -3.74 41.02 2.49
CA TYR I 806 -2.57 41.40 1.72
C TYR I 806 -2.94 41.90 0.33
N TYR I 807 -3.76 41.15 -0.39
CA TYR I 807 -4.19 41.53 -1.75
C TYR I 807 -4.81 42.91 -1.77
N LEU I 808 -5.84 43.08 -0.97
CA LEU I 808 -6.56 44.34 -0.93
C LEU I 808 -5.64 45.45 -0.44
N GLY I 809 -4.74 45.13 0.49
CA GLY I 809 -3.75 46.08 0.98
C GLY I 809 -2.68 46.51 -0.02
N SER I 810 -2.24 45.60 -0.87
CA SER I 810 -1.19 45.93 -1.81
C SER I 810 -1.79 46.74 -2.96
N VAL I 811 -1.43 48.02 -3.11
CA VAL I 811 -2.06 48.83 -4.18
C VAL I 811 -1.74 48.34 -5.59
N ALA I 812 -0.50 47.92 -5.84
CA ALA I 812 -0.06 47.57 -7.19
C ALA I 812 -0.72 46.29 -7.77
N MET I 813 -1.12 45.37 -6.90
CA MET I 813 -1.99 44.26 -7.31
C MET I 813 -3.28 44.78 -7.97
N GLN I 814 -3.77 45.92 -7.48
CA GLN I 814 -4.95 46.59 -8.02
C GLN I 814 -4.57 47.81 -8.88
N ALA I 815 -3.63 47.62 -9.82
CA ALA I 815 -3.18 48.70 -10.70
C ALA I 815 -4.32 49.21 -11.60
N GLU I 816 -5.15 48.28 -12.05
CA GLU I 816 -6.34 48.55 -12.87
C GLU I 816 -7.34 49.54 -12.30
N LYS I 817 -7.37 49.69 -10.97
CA LYS I 817 -8.32 50.60 -10.31
C LYS I 817 -7.99 52.09 -10.40
N PHE I 818 -6.77 52.43 -10.81
CA PHE I 818 -6.38 53.83 -10.88
C PHE I 818 -7.09 54.51 -12.04
N PRO I 819 -7.28 55.84 -11.98
CA PRO I 819 -8.02 56.52 -13.03
C PRO I 819 -7.20 56.67 -14.30
N SER I 820 -7.88 56.67 -15.45
CA SER I 820 -7.23 56.82 -16.75
C SER I 820 -7.18 58.26 -17.24
N GLU I 821 -7.29 59.22 -16.31
CA GLU I 821 -6.96 60.62 -16.60
C GLU I 821 -5.64 60.92 -15.86
N PRO I 822 -4.69 61.56 -16.54
CA PRO I 822 -3.44 61.98 -15.89
C PRO I 822 -3.63 63.23 -15.04
N ASN I 823 -2.53 63.79 -14.53
CA ASN I 823 -2.56 64.97 -13.63
C ASN I 823 -3.26 64.69 -12.30
N ARG I 824 -3.31 63.41 -11.93
CA ARG I 824 -4.00 62.97 -10.73
C ARG I 824 -3.02 62.27 -9.81
N LEU I 825 -2.32 61.28 -10.37
CA LEU I 825 -1.29 60.53 -9.66
C LEU I 825 0.11 61.16 -9.80
N LEU I 826 0.77 61.43 -8.67
CA LEU I 826 2.19 61.77 -8.61
C LEU I 826 2.85 60.82 -7.64
N LEU I 827 3.96 60.20 -8.05
CA LEU I 827 4.79 59.38 -7.16
C LEU I 827 6.11 60.08 -6.87
N LEU I 828 6.45 60.15 -5.58
CA LEU I 828 7.70 60.68 -5.12
C LEU I 828 8.45 59.53 -4.46
N HIS I 829 9.76 59.45 -4.61
CA HIS I 829 10.56 58.40 -3.94
C HIS I 829 12.05 58.71 -3.84
N GLY I 830 12.65 58.37 -2.69
CA GLY I 830 14.10 58.28 -2.56
C GLY I 830 14.62 57.06 -3.32
N PHE I 831 15.58 57.26 -4.22
CA PHE I 831 16.09 56.16 -5.06
C PHE I 831 16.92 55.12 -4.30
N LEU I 832 17.52 55.53 -3.19
CA LEU I 832 18.42 54.68 -2.40
C LEU I 832 17.75 54.13 -1.14
N ASP I 833 16.43 53.96 -1.20
CA ASP I 833 15.62 53.62 -0.04
C ASP I 833 15.86 52.14 0.30
N GLU I 834 16.36 51.90 1.50
CA GLU I 834 16.60 50.54 2.02
C GLU I 834 15.40 50.01 2.79
N ASN I 835 14.48 50.90 3.15
CA ASN I 835 13.33 50.58 3.99
C ASN I 835 12.14 50.18 3.12
N VAL I 836 11.62 51.16 2.38
CA VAL I 836 10.57 50.97 1.38
C VAL I 836 11.29 51.03 0.03
N HIS I 837 11.85 49.88 -0.34
CA HIS I 837 12.67 49.69 -1.57
C HIS I 837 12.07 50.33 -2.81
N PHE I 838 12.87 51.07 -3.58
CA PHE I 838 12.35 51.81 -4.74
C PHE I 838 11.51 50.93 -5.70
N ALA I 839 11.81 49.63 -5.71
CA ALA I 839 11.01 48.65 -6.45
C ALA I 839 9.53 48.57 -6.08
N HIS I 840 9.14 49.10 -4.91
CA HIS I 840 7.72 49.38 -4.65
C HIS I 840 7.15 50.28 -5.75
N THR I 841 7.79 51.44 -5.94
CA THR I 841 7.40 52.37 -7.00
C THR I 841 7.59 51.71 -8.36
N SER I 842 8.76 51.08 -8.57
CA SER I 842 9.07 50.50 -9.88
C SER I 842 8.08 49.40 -10.35
N ILE I 843 7.59 48.56 -9.44
CA ILE I 843 6.64 47.49 -9.84
C ILE I 843 5.23 48.02 -10.06
N LEU I 844 4.82 49.02 -9.26
CA LEU I 844 3.56 49.73 -9.51
C LEU I 844 3.58 50.39 -10.87
N LEU I 845 4.71 51.01 -11.22
CA LEU I 845 4.87 51.60 -12.54
C LEU I 845 4.72 50.52 -13.59
N SER I 846 5.40 49.39 -13.41
CA SER I 846 5.29 48.25 -14.35
C SER I 846 3.85 47.91 -14.65
N PHE I 847 3.03 47.81 -13.60
CA PHE I 847 1.61 47.48 -13.73
C PHE I 847 0.72 48.63 -14.22
N LEU I 848 1.00 49.85 -13.76
CA LEU I 848 0.34 51.05 -14.31
C LEU I 848 0.57 51.16 -15.84
N VAL I 849 1.72 50.69 -16.31
CA VAL I 849 2.01 50.62 -17.74
C VAL I 849 1.15 49.55 -18.39
N ARG I 850 1.10 48.35 -17.81
CA ARG I 850 0.31 47.23 -18.36
C ARG I 850 -1.18 47.56 -18.39
N ALA I 851 -1.69 48.16 -17.31
CA ALA I 851 -3.07 48.65 -17.27
C ALA I 851 -3.32 49.76 -18.28
N GLY I 852 -2.32 50.60 -18.52
CA GLY I 852 -2.43 51.74 -19.42
C GLY I 852 -2.85 53.02 -18.72
N LYS I 853 -2.61 53.07 -17.41
CA LYS I 853 -2.89 54.27 -16.63
C LYS I 853 -1.68 55.16 -16.75
N PRO I 854 -1.88 56.48 -16.64
CA PRO I 854 -0.76 57.41 -16.62
C PRO I 854 -0.25 57.62 -15.19
N TYR I 855 1.01 58.01 -15.09
CA TYR I 855 1.63 58.34 -13.81
C TYR I 855 2.62 59.48 -14.05
N ASP I 856 2.79 60.35 -13.05
CA ASP I 856 3.91 61.29 -13.02
C ASP I 856 4.85 60.83 -11.90
N LEU I 857 6.13 60.74 -12.22
CA LEU I 857 7.12 60.24 -11.28
C LEU I 857 8.16 61.30 -11.01
N GLN I 858 8.54 61.39 -9.74
CA GLN I 858 9.66 62.21 -9.31
C GLN I 858 10.58 61.38 -8.41
N ILE I 859 11.87 61.42 -8.72
CA ILE I 859 12.87 60.63 -8.02
C ILE I 859 13.84 61.60 -7.35
N TYR I 860 14.23 61.26 -6.12
CA TYR I 860 15.22 62.01 -5.35
C TYR I 860 16.44 61.08 -5.19
N PRO I 861 17.41 61.15 -6.14
CA PRO I 861 18.43 60.09 -6.23
C PRO I 861 19.53 60.03 -5.17
N GLN I 862 19.63 61.05 -4.32
CA GLN I 862 20.61 61.01 -3.22
C GLN I 862 19.93 60.67 -1.89
N GLU I 863 18.74 60.07 -1.95
CA GLU I 863 17.87 59.97 -0.78
C GLU I 863 17.33 58.57 -0.51
N ARG I 864 17.17 58.28 0.79
CA ARG I 864 16.75 56.97 1.30
C ARG I 864 15.27 57.08 1.77
N HIS I 865 14.94 56.58 2.98
CA HIS I 865 13.61 56.86 3.57
C HIS I 865 13.71 58.10 4.45
N SER I 866 14.05 59.18 3.77
CA SER I 866 14.46 60.45 4.36
C SER I 866 14.75 61.40 3.23
N ILE I 867 14.69 62.69 3.52
CA ILE I 867 15.16 63.73 2.60
C ILE I 867 16.11 64.58 3.42
N ARG I 868 17.39 64.53 3.08
CA ARG I 868 18.45 65.16 3.85
C ARG I 868 19.22 66.24 3.09
N VAL I 869 19.73 65.91 1.91
CA VAL I 869 20.40 66.88 1.04
C VAL I 869 19.40 68.01 0.72
N PRO I 870 19.71 69.27 1.15
CA PRO I 870 18.72 70.35 1.21
C PRO I 870 18.22 70.79 -0.15
N GLU I 871 19.08 70.70 -1.15
CA GLU I 871 18.69 70.82 -2.57
C GLU I 871 17.52 69.89 -2.93
N SER I 872 17.67 68.61 -2.57
CA SER I 872 16.62 67.58 -2.77
C SER I 872 15.33 67.93 -2.01
N GLY I 873 15.45 68.47 -0.80
CA GLY I 873 14.31 68.98 -0.04
C GLY I 873 13.65 70.21 -0.64
N GLU I 874 14.49 71.18 -1.02
CA GLU I 874 14.05 72.41 -1.68
C GLU I 874 13.30 72.11 -2.96
N HIS I 875 13.76 71.08 -3.67
CA HIS I 875 13.13 70.62 -4.92
C HIS I 875 11.80 69.89 -4.73
N TYR I 876 11.69 69.10 -3.65
CA TYR I 876 10.45 68.38 -3.35
C TYR I 876 9.31 69.36 -3.07
N GLU I 877 9.58 70.34 -2.20
CA GLU I 877 8.60 71.38 -1.88
C GLU I 877 8.20 72.14 -3.13
N LEU I 878 9.20 72.61 -3.88
CA LEU I 878 8.98 73.32 -5.15
C LEU I 878 8.09 72.55 -6.11
N HIS I 879 8.37 71.26 -6.30
CA HIS I 879 7.58 70.46 -7.24
C HIS I 879 6.15 70.27 -6.74
N LEU I 880 6.02 69.81 -5.50
CA LEU I 880 4.70 69.67 -4.85
C LEU I 880 3.84 70.92 -5.07
N LEU I 881 4.42 72.08 -4.78
CA LEU I 881 3.73 73.39 -4.88
C LEU I 881 3.27 73.72 -6.30
N HIS I 882 4.20 73.61 -7.25
CA HIS I 882 3.88 73.83 -8.66
C HIS I 882 2.91 72.74 -9.20
N TYR I 883 3.03 71.50 -8.72
CA TYR I 883 2.10 70.43 -9.10
C TYR I 883 0.69 70.74 -8.62
N LEU I 884 0.57 71.03 -7.33
CA LEU I 884 -0.73 71.39 -6.74
C LEU I 884 -1.32 72.61 -7.42
N GLN I 885 -0.47 73.58 -7.76
CA GLN I 885 -0.90 74.75 -8.52
C GLN I 885 -1.46 74.37 -9.88
N GLU I 886 -0.62 73.74 -10.71
CA GLU I 886 -0.97 73.40 -12.08
C GLU I 886 -2.02 72.31 -12.27
N ASN I 887 -2.31 71.52 -11.23
CA ASN I 887 -3.26 70.42 -11.35
C ASN I 887 -4.41 70.39 -10.32
N LEU I 888 -4.50 71.39 -9.45
CA LEU I 888 -5.59 71.46 -8.45
C LEU I 888 -6.05 72.90 -8.19
N GLY I 889 -5.13 73.72 -7.68
CA GLY I 889 -5.45 75.04 -7.15
C GLY I 889 -5.89 76.10 -8.15
N SER I 890 -5.12 76.29 -9.22
CA SER I 890 -5.31 77.44 -10.12
C SER I 890 -6.48 77.27 -11.10
N ARG I 891 -6.76 78.35 -11.84
CA ARG I 891 -7.80 78.35 -12.86
C ARG I 891 -7.39 77.46 -14.03
N ILE I 892 -6.13 77.61 -14.46
CA ILE I 892 -5.59 76.81 -15.56
C ILE I 892 -5.79 75.31 -15.31
N ALA I 893 -5.65 74.90 -14.06
CA ALA I 893 -5.86 73.52 -13.65
C ALA I 893 -7.30 73.08 -13.86
N ALA I 894 -8.24 73.91 -13.41
CA ALA I 894 -9.66 73.61 -13.55
C ALA I 894 -10.09 73.48 -15.02
N LEU I 895 -9.48 74.26 -15.92
CA LEU I 895 -9.74 74.19 -17.37
C LEU I 895 -9.39 72.85 -17.99
N LYS I 896 -8.21 72.33 -17.63
CA LYS I 896 -7.64 71.09 -18.21
C LYS I 896 -8.59 69.89 -18.32
N VAL I 897 -9.45 69.72 -17.33
CA VAL I 897 -10.42 68.61 -17.27
C VAL I 897 -11.14 68.37 -18.61
N SER J 1 9.87 50.58 9.34
CA SER J 1 8.70 51.33 9.89
C SER J 1 8.36 52.44 8.93
N LEU J 2 7.09 52.48 8.53
CA LEU J 2 6.63 53.34 7.44
C LEU J 2 6.57 54.74 7.96
N ARG J 3 7.74 55.36 8.03
CA ARG J 3 7.95 56.59 8.76
C ARG J 3 9.14 57.33 8.16
N PHE J 4 8.82 58.41 7.44
CA PHE J 4 9.80 59.20 6.71
C PHE J 4 10.53 60.17 7.66
N LEU J 5 11.49 60.92 7.12
CA LEU J 5 12.15 62.01 7.86
C LEU J 5 12.48 63.17 6.92
N TYR J 6 11.88 64.33 7.19
CA TYR J 6 12.21 65.58 6.49
C TYR J 6 12.08 66.75 7.46
N GLU J 7 13.09 67.64 7.46
CA GLU J 7 13.17 68.78 8.40
C GLU J 7 12.59 70.06 7.75
N GLY J 8 11.26 70.18 7.80
CA GLY J 8 10.54 71.34 7.26
C GLY J 8 9.87 71.06 5.92
N LEU K 48 -0.28 85.37 -40.57
CA LEU K 48 -0.27 83.93 -40.12
C LEU K 48 -0.82 83.76 -38.70
N GLU K 49 -1.80 82.86 -38.55
CA GLU K 49 -2.47 82.58 -37.27
C GLU K 49 -2.12 81.18 -36.76
N PRO K 50 -1.97 81.00 -35.43
CA PRO K 50 -1.55 79.67 -34.96
C PRO K 50 -2.65 78.59 -35.13
N PHE K 51 -2.24 77.40 -35.59
CA PHE K 51 -3.11 76.22 -35.61
C PHE K 51 -3.00 75.47 -34.30
N TYR K 52 -4.12 74.96 -33.80
CA TYR K 52 -4.17 74.20 -32.55
C TYR K 52 -4.71 72.78 -32.76
N VAL K 53 -4.06 71.81 -32.12
CA VAL K 53 -4.39 70.40 -32.28
C VAL K 53 -5.61 70.03 -31.44
N GLU K 54 -6.39 69.09 -31.95
CA GLU K 54 -7.53 68.52 -31.26
C GLU K 54 -7.09 67.92 -29.93
N ARG K 55 -7.46 68.60 -28.84
CA ARG K 55 -7.30 68.07 -27.48
C ARG K 55 -8.20 66.85 -27.28
N TYR K 56 -7.67 65.66 -27.57
CA TYR K 56 -8.34 64.41 -27.20
C TYR K 56 -7.85 63.98 -25.81
N SER K 57 -8.73 63.38 -25.00
CA SER K 57 -8.33 62.87 -23.68
C SER K 57 -7.45 61.63 -23.78
N TRP K 58 -6.91 61.20 -22.64
CA TRP K 58 -6.00 60.04 -22.58
C TRP K 58 -6.67 58.81 -23.14
N SER K 59 -7.87 58.53 -22.64
CA SER K 59 -8.64 57.37 -23.08
C SER K 59 -9.00 57.45 -24.56
N GLN K 60 -9.41 58.63 -25.01
CA GLN K 60 -9.65 58.89 -26.44
C GLN K 60 -8.40 58.63 -27.28
N LEU K 61 -7.29 59.27 -26.91
CA LEU K 61 -6.00 59.10 -27.59
C LEU K 61 -5.50 57.64 -27.66
N LYS K 62 -5.80 56.85 -26.63
CA LYS K 62 -5.43 55.42 -26.64
C LYS K 62 -6.20 54.68 -27.71
N LYS K 63 -7.51 54.94 -27.78
CA LYS K 63 -8.37 54.30 -28.78
C LYS K 63 -7.97 54.73 -30.20
N LEU K 64 -7.61 56.01 -30.37
CA LEU K 64 -7.15 56.53 -31.66
C LEU K 64 -5.95 55.77 -32.19
N LEU K 65 -4.92 55.65 -31.35
CA LEU K 65 -3.69 54.97 -31.73
C LEU K 65 -3.94 53.50 -32.08
N ALA K 66 -4.64 52.82 -31.20
CA ALA K 66 -4.98 51.41 -31.40
C ALA K 66 -5.79 51.13 -32.67
N ASP K 67 -6.64 52.07 -33.09
CA ASP K 67 -7.41 51.95 -34.34
C ASP K 67 -6.54 52.11 -35.59
N THR K 68 -5.59 53.06 -35.56
CA THR K 68 -4.60 53.24 -36.65
C THR K 68 -3.52 52.14 -36.71
N ARG K 69 -3.16 51.61 -35.55
CA ARG K 69 -2.23 50.47 -35.45
C ARG K 69 -2.81 49.17 -36.03
N LYS K 70 -4.14 49.06 -36.02
CA LYS K 70 -4.89 47.83 -36.39
C LYS K 70 -4.38 47.05 -37.61
N TYR K 71 -4.43 47.68 -38.79
CA TYR K 71 -4.15 47.00 -40.08
C TYR K 71 -2.66 47.02 -40.46
N HIS K 72 -1.86 46.13 -39.84
CA HIS K 72 -0.42 46.06 -40.07
C HIS K 72 0.07 44.62 -39.95
N LYS K 78 7.70 41.01 -42.28
CA LYS K 78 9.12 40.69 -42.43
C LYS K 78 9.40 40.02 -43.79
N ALA K 79 10.06 40.76 -44.67
CA ALA K 79 10.45 40.27 -46.01
C ALA K 79 11.40 39.07 -45.89
N PRO K 80 11.46 38.22 -46.93
CA PRO K 80 12.42 37.11 -46.87
C PRO K 80 13.87 37.56 -46.81
N HIS K 81 14.74 36.65 -46.39
CA HIS K 81 16.15 36.97 -46.17
C HIS K 81 16.99 35.70 -46.05
N ASP K 82 18.30 35.88 -45.97
CA ASP K 82 19.29 34.79 -45.87
C ASP K 82 19.11 33.81 -47.04
N PHE K 83 19.07 34.36 -48.25
CA PHE K 83 18.87 33.55 -49.45
C PHE K 83 20.07 32.66 -49.76
N MET K 84 19.83 31.60 -50.53
CA MET K 84 20.89 30.68 -50.95
C MET K 84 20.48 29.91 -52.20
N PHE K 85 21.32 29.97 -53.23
CA PHE K 85 21.03 29.34 -54.52
C PHE K 85 21.62 27.93 -54.55
N VAL K 86 20.83 26.96 -55.01
CA VAL K 86 21.27 25.57 -55.18
C VAL K 86 20.84 25.06 -56.57
N LYS K 87 21.82 24.69 -57.39
CA LYS K 87 21.58 24.17 -58.72
C LYS K 87 21.00 22.77 -58.62
N ARG K 88 20.11 22.41 -59.55
CA ARG K 88 19.41 21.12 -59.52
C ARG K 88 20.18 20.02 -60.26
N ASN K 89 20.79 20.39 -61.40
CA ASN K 89 21.60 19.51 -62.25
C ASN K 89 20.85 18.31 -62.86
N ASP K 90 19.57 18.53 -63.18
CA ASP K 90 18.83 17.70 -64.12
C ASP K 90 18.61 18.60 -65.35
N PRO K 91 19.49 18.52 -66.36
CA PRO K 91 19.32 19.38 -67.55
C PRO K 91 18.05 19.13 -68.38
N ASP K 92 17.43 17.95 -68.22
CA ASP K 92 16.13 17.63 -68.85
C ASP K 92 14.92 18.30 -68.17
N GLY K 93 15.04 18.60 -66.88
CA GLY K 93 13.94 19.15 -66.08
C GLY K 93 13.62 20.61 -66.36
N PRO K 94 12.67 21.21 -65.61
CA PRO K 94 12.24 22.60 -65.82
C PRO K 94 12.92 23.67 -64.96
N HIS K 95 13.58 23.29 -63.85
CA HIS K 95 14.11 24.23 -62.86
C HIS K 95 15.64 24.22 -62.80
N SER K 96 16.27 25.40 -62.93
CA SER K 96 17.73 25.52 -62.87
C SER K 96 18.21 25.50 -61.43
N ASP K 97 17.63 26.41 -60.64
CA ASP K 97 17.92 26.56 -59.22
C ASP K 97 16.73 26.22 -58.31
N ARG K 98 17.04 26.04 -57.04
CA ARG K 98 16.06 26.07 -55.96
C ARG K 98 16.63 26.97 -54.85
N ILE K 99 16.05 28.16 -54.70
CA ILE K 99 16.49 29.07 -53.65
C ILE K 99 15.85 28.62 -52.35
N TYR K 100 16.65 28.59 -51.28
CA TYR K 100 16.16 28.43 -49.92
C TYR K 100 16.33 29.78 -49.23
N TYR K 101 15.49 30.05 -48.24
CA TYR K 101 15.58 31.30 -47.46
C TYR K 101 14.72 31.25 -46.19
N LEU K 102 15.03 32.15 -45.27
CA LEU K 102 14.21 32.34 -44.09
C LEU K 102 13.20 33.44 -44.37
N ALA K 103 11.96 33.25 -43.90
CA ALA K 103 10.90 34.25 -44.03
C ALA K 103 9.75 34.02 -43.05
N MET K 104 9.00 35.09 -42.75
CA MET K 104 7.73 34.96 -42.03
C MET K 104 6.70 34.42 -43.00
N ARG K 109 1.90 32.89 -37.38
CA ARG K 109 3.14 33.11 -38.11
C ARG K 109 4.30 33.51 -37.20
N GLU K 110 5.41 32.80 -37.34
CA GLU K 110 6.66 33.10 -36.63
C GLU K 110 7.74 33.53 -37.63
N ASN K 111 8.57 32.59 -38.11
CA ASN K 111 9.73 32.86 -38.99
C ASN K 111 10.49 31.53 -39.19
N THR K 112 10.03 30.72 -40.16
CA THR K 112 10.60 29.36 -40.41
C THR K 112 11.48 29.35 -41.66
N LEU K 113 11.87 28.16 -42.11
CA LEU K 113 12.58 27.95 -43.40
C LEU K 113 11.62 27.69 -44.56
N PHE K 114 11.91 28.35 -45.69
CA PHE K 114 11.13 28.25 -46.92
C PHE K 114 12.06 27.97 -48.11
N TYR K 115 11.45 27.51 -49.20
CA TYR K 115 12.17 27.30 -50.45
C TYR K 115 11.25 27.59 -51.65
N SER K 116 11.88 27.88 -52.79
CA SER K 116 11.16 28.10 -54.05
C SER K 116 11.96 27.59 -55.23
N GLU K 117 11.27 27.41 -56.35
CA GLU K 117 11.83 26.82 -57.57
C GLU K 117 12.08 27.90 -58.60
N ILE K 118 13.26 27.86 -59.21
CA ILE K 118 13.66 28.81 -60.23
C ILE K 118 13.50 28.12 -61.58
N PRO K 119 12.55 28.58 -62.42
CA PRO K 119 12.41 27.99 -63.75
C PRO K 119 13.54 28.39 -64.71
N LYS K 120 13.95 27.46 -65.57
CA LYS K 120 14.95 27.70 -66.61
C LYS K 120 14.51 28.76 -67.61
N THR K 121 13.23 28.72 -67.98
CA THR K 121 12.65 29.59 -68.98
C THR K 121 11.36 30.19 -68.43
N ILE K 122 11.00 31.38 -68.93
CA ILE K 122 9.76 32.06 -68.51
C ILE K 122 8.94 32.54 -69.72
N ASN K 123 7.63 32.53 -69.56
CA ASN K 123 6.73 33.18 -70.49
C ASN K 123 6.67 34.65 -70.05
N ARG K 124 7.41 35.51 -70.76
CA ARG K 124 7.47 36.96 -70.48
C ARG K 124 6.14 37.73 -70.61
N ALA K 125 5.08 37.08 -71.10
CA ALA K 125 3.73 37.65 -71.18
C ALA K 125 3.25 38.30 -69.88
N ALA K 126 3.23 37.52 -68.80
CA ALA K 126 2.80 37.97 -67.47
C ALA K 126 3.91 37.79 -66.43
N VAL K 127 3.71 38.37 -65.26
CA VAL K 127 4.73 38.41 -64.21
C VAL K 127 4.65 37.12 -63.40
N LEU K 128 5.76 36.37 -63.33
CA LEU K 128 5.80 35.13 -62.55
C LEU K 128 5.93 35.43 -61.05
N MET K 129 4.90 35.05 -60.29
CA MET K 129 4.94 35.11 -58.82
C MET K 129 5.49 33.77 -58.32
N LEU K 130 6.59 33.79 -57.59
CA LEU K 130 7.17 32.55 -57.03
C LEU K 130 6.38 32.10 -55.83
N SER K 131 6.10 30.79 -55.77
CA SER K 131 5.34 30.19 -54.68
C SER K 131 6.27 29.56 -53.65
N TRP K 132 5.95 29.81 -52.38
CA TRP K 132 6.85 29.52 -51.26
C TRP K 132 6.50 28.16 -50.65
N LYS K 133 7.36 27.17 -50.83
CA LYS K 133 7.16 25.86 -50.20
C LYS K 133 7.80 25.88 -48.81
N PRO K 134 7.06 25.47 -47.74
CA PRO K 134 7.75 25.33 -46.45
C PRO K 134 8.69 24.13 -46.43
N LEU K 135 9.96 24.35 -46.05
CA LEU K 135 10.93 23.26 -45.95
C LEU K 135 10.70 22.38 -44.72
N LEU K 136 10.04 22.92 -43.68
CA LEU K 136 9.95 22.23 -42.38
C LEU K 136 8.54 21.83 -41.94
N ASP K 137 8.49 20.63 -41.33
CA ASP K 137 7.28 20.00 -40.82
C ASP K 137 6.98 20.50 -39.40
N LEU K 138 6.23 21.60 -39.34
CA LEU K 138 5.89 22.27 -38.09
C LEU K 138 4.75 21.55 -37.37
N TYR K 148 12.33 32.49 -23.72
CA TYR K 148 13.76 32.74 -23.98
C TYR K 148 14.65 32.54 -22.75
N SER K 149 15.86 32.03 -22.97
CA SER K 149 16.89 31.97 -21.91
C SER K 149 17.44 33.39 -21.68
N ARG K 150 18.40 33.54 -20.77
CA ARG K 150 19.04 34.86 -20.57
C ARG K 150 20.07 35.12 -21.67
N GLU K 151 20.93 34.13 -21.92
CA GLU K 151 21.98 34.24 -22.93
C GLU K 151 21.44 34.39 -24.36
N GLU K 152 20.20 33.98 -24.56
CA GLU K 152 19.48 34.16 -25.81
C GLU K 152 18.73 35.50 -25.86
N GLU K 153 18.10 35.92 -24.75
CA GLU K 153 17.33 37.18 -24.73
C GLU K 153 18.25 38.40 -24.85
N LEU K 154 19.51 38.22 -24.42
CA LEU K 154 20.58 39.24 -24.57
C LEU K 154 21.20 39.21 -25.96
N LEU K 155 21.62 38.03 -26.41
CA LEU K 155 22.10 37.84 -27.78
C LEU K 155 21.12 38.49 -28.77
N ARG K 156 19.82 38.34 -28.51
CA ARG K 156 18.77 39.00 -29.30
C ARG K 156 18.80 40.53 -29.19
N GLU K 157 19.09 41.05 -28.00
CA GLU K 157 19.34 42.49 -27.80
C GLU K 157 20.53 43.03 -28.60
N ARG K 158 21.62 42.25 -28.63
CA ARG K 158 22.87 42.68 -29.29
C ARG K 158 22.70 42.65 -30.82
N LYS K 159 22.24 41.51 -31.35
CA LYS K 159 21.87 41.36 -32.78
C LYS K 159 20.75 42.29 -33.27
N ARG K 160 20.01 42.91 -32.35
CA ARG K 160 18.91 43.82 -32.67
C ARG K 160 17.74 43.11 -33.37
N ILE K 161 17.59 41.80 -33.10
CA ILE K 161 16.47 41.00 -33.65
C ILE K 161 15.26 41.08 -32.73
N GLY K 162 14.14 41.53 -33.27
CA GLY K 162 12.85 41.55 -32.58
C GLY K 162 11.80 40.81 -33.40
N THR K 163 12.19 39.61 -33.86
CA THR K 163 11.35 38.74 -34.68
C THR K 163 11.54 37.30 -34.21
N VAL K 164 10.46 36.66 -33.76
CA VAL K 164 10.51 35.31 -33.18
C VAL K 164 10.54 34.26 -34.32
N GLY K 165 11.56 33.39 -34.30
CA GLY K 165 11.63 32.22 -35.20
C GLY K 165 13.02 31.63 -35.29
N ILE K 166 13.41 31.16 -36.49
CA ILE K 166 14.80 30.78 -36.78
C ILE K 166 15.49 32.03 -37.33
N ALA K 167 16.41 32.60 -36.56
CA ALA K 167 17.11 33.84 -36.95
C ALA K 167 18.07 33.63 -38.14
N SER K 168 18.70 32.46 -38.18
CA SER K 168 19.72 32.14 -39.19
C SER K 168 20.08 30.66 -39.18
N TYR K 169 20.71 30.23 -40.29
CA TYR K 169 21.15 28.84 -40.46
C TYR K 169 22.59 28.71 -40.96
N ASP K 170 23.04 27.44 -40.95
CA ASP K 170 24.27 27.01 -41.61
C ASP K 170 23.84 25.99 -42.67
N TYR K 171 24.77 25.67 -43.58
CA TYR K 171 24.52 24.73 -44.70
C TYR K 171 25.85 24.11 -45.17
N HIS K 172 25.77 22.94 -45.78
CA HIS K 172 26.93 22.29 -46.37
C HIS K 172 26.59 21.80 -47.79
N GLN K 173 27.18 22.48 -48.79
CA GLN K 173 26.94 22.22 -50.21
C GLN K 173 27.10 20.75 -50.56
N GLY K 174 28.25 20.19 -50.17
CA GLY K 174 28.62 18.80 -50.48
C GLY K 174 27.64 17.71 -50.10
N SER K 175 27.02 17.85 -48.92
CA SER K 175 26.12 16.84 -48.34
C SER K 175 24.64 17.25 -48.32
N GLY K 176 24.37 18.55 -48.44
CA GLY K 176 23.02 19.10 -48.38
C GLY K 176 22.51 19.39 -46.97
N THR K 177 23.37 19.21 -45.97
CA THR K 177 22.96 19.26 -44.55
C THR K 177 22.71 20.71 -44.07
N PHE K 178 21.45 21.09 -43.88
CA PHE K 178 21.09 22.31 -43.15
C PHE K 178 21.32 22.12 -41.64
N LEU K 179 21.60 23.19 -40.92
CA LEU K 179 21.74 23.19 -39.45
C LEU K 179 21.30 24.55 -38.91
N PHE K 180 20.49 24.55 -37.86
CA PHE K 180 19.87 25.79 -37.36
C PHE K 180 19.33 25.64 -35.94
N GLN K 181 19.18 26.78 -35.26
CA GLN K 181 18.64 26.82 -33.91
C GLN K 181 17.20 27.29 -33.97
N ALA K 182 16.34 26.60 -33.23
CA ALA K 182 14.93 26.97 -33.09
C ALA K 182 14.52 26.72 -31.64
N GLY K 183 14.40 27.79 -30.85
CA GLY K 183 14.16 27.69 -29.41
C GLY K 183 15.45 27.36 -28.67
N SER K 184 15.37 26.45 -27.69
CA SER K 184 16.56 25.91 -27.00
C SER K 184 17.34 24.93 -27.88
N GLY K 185 16.62 24.24 -28.78
CA GLY K 185 17.18 23.13 -29.56
C GLY K 185 17.89 23.51 -30.84
N ILE K 186 18.68 22.53 -31.34
CA ILE K 186 19.44 22.65 -32.58
C ILE K 186 18.97 21.49 -33.45
N TYR K 187 18.69 21.78 -34.72
CA TYR K 187 18.10 20.82 -35.66
C TYR K 187 18.92 20.74 -36.95
N HIS K 188 18.71 19.67 -37.71
CA HIS K 188 19.26 19.54 -39.06
C HIS K 188 18.26 18.89 -40.02
N VAL K 189 18.33 19.27 -41.30
CA VAL K 189 17.62 18.60 -42.40
C VAL K 189 18.53 18.55 -43.65
N LYS K 190 18.29 17.60 -44.56
CA LYS K 190 19.05 17.52 -45.81
C LYS K 190 18.19 17.89 -47.00
N ASP K 191 18.74 18.71 -47.89
CA ASP K 191 18.15 18.90 -49.20
C ASP K 191 19.19 19.40 -50.20
N GLY K 192 18.96 19.10 -51.46
CA GLY K 192 19.79 19.58 -52.57
C GLY K 192 21.17 18.97 -52.74
N GLY K 193 21.51 17.99 -51.91
CA GLY K 193 22.84 17.39 -51.94
C GLY K 193 22.93 16.33 -53.02
N PRO K 194 23.71 15.26 -52.76
CA PRO K 194 23.55 14.00 -53.49
C PRO K 194 22.20 13.36 -53.18
N GLN K 195 21.68 13.60 -51.99
CA GLN K 195 20.43 13.02 -51.54
C GLN K 195 19.16 13.59 -52.23
N GLY K 196 19.33 14.52 -53.16
CA GLY K 196 18.23 14.96 -54.02
C GLY K 196 17.41 16.09 -53.42
N PHE K 197 16.26 16.34 -54.04
CA PHE K 197 15.36 17.41 -53.65
C PHE K 197 14.00 16.85 -53.29
N THR K 198 13.59 17.02 -52.04
CA THR K 198 12.24 16.66 -51.62
C THR K 198 11.20 17.65 -52.17
N GLN K 199 10.00 17.15 -52.45
CA GLN K 199 8.89 17.97 -52.90
C GLN K 199 7.85 18.15 -51.79
N GLN K 200 8.27 18.00 -50.54
CA GLN K 200 7.37 18.06 -49.38
C GLN K 200 8.16 18.57 -48.17
N PRO K 201 7.47 19.13 -47.15
CA PRO K 201 8.22 19.56 -45.95
C PRO K 201 8.91 18.40 -45.20
N LEU K 202 10.09 18.67 -44.66
CA LEU K 202 10.87 17.69 -43.90
C LEU K 202 10.67 17.84 -42.40
N ARG K 203 10.96 16.77 -41.68
CA ARG K 203 10.89 16.76 -40.22
C ARG K 203 12.21 17.29 -39.67
N PRO K 204 12.19 18.38 -38.87
CA PRO K 204 13.43 18.77 -38.19
C PRO K 204 13.95 17.68 -37.26
N ASN K 205 15.22 17.34 -37.41
CA ASN K 205 15.86 16.29 -36.63
C ASN K 205 16.65 16.92 -35.49
N LEU K 206 16.11 16.83 -34.28
CA LEU K 206 16.75 17.38 -33.09
C LEU K 206 18.10 16.71 -32.84
N VAL K 207 19.12 17.54 -32.65
CA VAL K 207 20.46 17.08 -32.27
C VAL K 207 20.39 16.80 -30.78
N GLU K 208 20.45 15.51 -30.41
CA GLU K 208 20.32 15.11 -29.02
C GLU K 208 21.54 15.58 -28.22
N THR K 209 21.34 15.87 -26.93
CA THR K 209 22.43 16.34 -26.07
C THR K 209 22.33 15.79 -24.66
N SER K 210 23.50 15.77 -23.99
CA SER K 210 23.64 15.46 -22.57
C SER K 210 23.97 16.73 -21.74
N CYS K 211 23.90 17.90 -22.38
CA CYS K 211 24.24 19.17 -21.72
C CYS K 211 23.06 19.69 -20.90
N PRO K 212 23.31 20.24 -19.68
CA PRO K 212 22.22 20.77 -18.85
C PRO K 212 21.49 21.99 -19.43
N ASN K 213 22.21 22.84 -20.15
CA ASN K 213 21.79 24.21 -20.48
C ASN K 213 21.62 24.41 -21.97
N ILE K 214 21.16 25.61 -22.32
CA ILE K 214 21.01 26.02 -23.70
C ILE K 214 22.34 25.95 -24.44
N ARG K 215 22.25 25.52 -25.69
CA ARG K 215 23.39 25.39 -26.59
C ARG K 215 23.28 26.54 -27.58
N MET K 216 24.40 27.24 -27.80
CA MET K 216 24.41 28.50 -28.56
C MET K 216 25.38 28.48 -29.76
N ASP K 217 25.07 29.31 -30.76
CA ASP K 217 25.91 29.53 -31.94
C ASP K 217 26.37 28.25 -32.67
N PRO K 218 25.42 27.38 -33.05
CA PRO K 218 25.80 26.13 -33.70
C PRO K 218 26.31 26.31 -35.13
N LYS K 219 27.38 25.58 -35.48
CA LYS K 219 28.04 25.69 -36.79
C LYS K 219 28.52 24.31 -37.26
N LEU K 220 28.23 23.97 -38.51
CA LEU K 220 28.78 22.76 -39.14
C LEU K 220 30.28 22.93 -39.40
N CYS K 221 31.02 21.84 -39.24
CA CYS K 221 32.36 21.75 -39.81
C CYS K 221 32.17 21.58 -41.32
N PRO K 222 32.75 22.48 -42.15
CA PRO K 222 32.68 22.25 -43.61
C PRO K 222 33.47 21.02 -44.03
N ALA K 223 34.56 20.74 -43.32
CA ALA K 223 35.41 19.58 -43.57
C ALA K 223 34.81 18.23 -43.15
N ASP K 224 33.69 18.26 -42.43
CA ASP K 224 32.88 17.06 -42.19
C ASP K 224 31.47 17.44 -41.74
N PRO K 225 30.46 17.29 -42.61
CA PRO K 225 29.09 17.70 -42.24
C PRO K 225 28.41 16.86 -41.16
N ASP K 226 29.01 15.72 -40.80
CA ASP K 226 28.54 14.93 -39.66
C ASP K 226 28.79 15.63 -38.31
N TRP K 227 29.84 16.45 -38.23
CA TRP K 227 30.18 17.18 -36.99
C TRP K 227 29.57 18.59 -36.91
N ILE K 228 29.20 19.01 -35.70
CA ILE K 228 28.92 20.42 -35.40
C ILE K 228 29.74 20.85 -34.19
N ALA K 229 29.69 22.15 -33.92
CA ALA K 229 30.18 22.70 -32.67
C ALA K 229 29.22 23.74 -32.13
N PHE K 230 29.22 23.91 -30.82
CA PHE K 230 28.37 24.89 -30.14
C PHE K 230 28.97 25.34 -28.83
N ILE K 231 28.46 26.47 -28.34
CA ILE K 231 28.82 27.00 -27.03
C ILE K 231 27.82 26.50 -25.99
N HIS K 232 28.34 26.07 -24.86
CA HIS K 232 27.53 25.75 -23.68
C HIS K 232 28.30 26.17 -22.43
N SER K 233 27.68 27.06 -21.65
CA SER K 233 28.31 27.63 -20.46
C SER K 233 29.73 28.10 -20.80
N ASN K 234 29.81 28.92 -21.85
CA ASN K 234 31.05 29.57 -22.31
C ASN K 234 32.26 28.64 -22.49
N ASP K 235 31.98 27.45 -22.99
CA ASP K 235 33.00 26.56 -23.47
C ASP K 235 32.54 26.00 -24.80
N ILE K 236 33.50 25.55 -25.61
CA ILE K 236 33.20 25.01 -26.93
C ILE K 236 32.93 23.51 -26.80
N TRP K 237 31.93 23.05 -27.55
CA TRP K 237 31.53 21.65 -27.59
C TRP K 237 31.45 21.22 -29.04
N ILE K 238 31.67 19.93 -29.28
CA ILE K 238 31.40 19.30 -30.58
C ILE K 238 30.48 18.11 -30.37
N SER K 239 29.61 17.90 -31.34
CA SER K 239 28.64 16.83 -31.28
C SER K 239 28.49 16.34 -32.70
N ASN K 240 28.55 15.02 -32.87
CA ASN K 240 28.45 14.39 -34.18
C ASN K 240 26.98 14.00 -34.41
N ILE K 241 26.38 14.50 -35.49
CA ILE K 241 24.94 14.26 -35.76
C ILE K 241 24.60 12.85 -36.26
N VAL K 242 25.59 11.95 -36.31
CA VAL K 242 25.40 10.53 -36.71
C VAL K 242 25.77 9.53 -35.60
N THR K 243 27.02 9.52 -35.14
CA THR K 243 27.42 8.69 -33.97
C THR K 243 26.82 9.16 -32.63
N ARG K 244 26.25 10.37 -32.61
CA ARG K 244 25.65 10.99 -31.40
C ARG K 244 26.65 11.27 -30.27
N GLU K 245 27.93 11.06 -30.55
CA GLU K 245 29.02 11.33 -29.63
C GLU K 245 29.06 12.80 -29.32
N GLU K 246 29.35 13.12 -28.07
CA GLU K 246 29.40 14.50 -27.62
C GLU K 246 30.72 14.69 -26.89
N ARG K 247 31.25 15.90 -26.98
CA ARG K 247 32.53 16.20 -26.35
C ARG K 247 32.65 17.68 -25.98
N ARG K 248 33.28 17.91 -24.83
CA ARG K 248 33.67 19.23 -24.39
C ARG K 248 35.12 19.46 -24.83
N LEU K 249 35.36 20.56 -25.55
CA LEU K 249 36.70 20.88 -26.07
C LEU K 249 37.49 21.81 -25.16
N THR K 250 36.80 22.74 -24.50
CA THR K 250 37.43 23.71 -23.59
C THR K 250 36.90 23.53 -22.18
N TYR K 251 37.80 23.69 -21.21
CA TYR K 251 37.50 23.49 -19.79
C TYR K 251 37.80 24.77 -19.02
N VAL K 252 37.23 25.86 -19.53
CA VAL K 252 37.51 27.21 -19.07
C VAL K 252 36.59 27.65 -17.94
N HIS K 253 35.29 27.42 -18.08
CA HIS K 253 34.28 28.07 -17.25
C HIS K 253 33.45 27.08 -16.45
N ASN K 254 33.70 27.04 -15.14
CA ASN K 254 32.86 26.30 -14.20
C ASN K 254 31.50 26.99 -14.10
N GLU K 255 30.44 26.31 -14.55
CA GLU K 255 29.10 26.91 -14.63
C GLU K 255 28.42 27.13 -13.27
N LEU K 256 28.69 26.24 -12.32
CA LEU K 256 28.11 26.32 -10.97
C LEU K 256 28.64 27.54 -10.20
N ALA K 257 29.97 27.67 -10.14
CA ALA K 257 30.60 28.84 -9.52
C ALA K 257 30.09 30.14 -10.15
N ASN K 258 29.95 31.18 -9.33
CA ASN K 258 29.36 32.47 -9.75
C ASN K 258 30.29 33.26 -10.70
N MET K 259 29.89 34.47 -11.06
CA MET K 259 30.69 35.33 -11.96
C MET K 259 31.96 35.89 -11.35
N GLU K 260 31.81 36.61 -10.24
CA GLU K 260 32.89 37.42 -9.64
C GLU K 260 34.21 36.67 -9.50
N GLU K 261 34.14 35.36 -9.18
CA GLU K 261 35.32 34.49 -9.06
C GLU K 261 35.48 33.46 -10.22
N ASP K 262 35.02 33.83 -11.43
CA ASP K 262 35.17 33.00 -12.64
C ASP K 262 34.68 33.76 -13.88
N ALA K 263 35.60 34.51 -14.50
CA ALA K 263 35.28 35.41 -15.62
C ALA K 263 36.03 35.02 -16.87
N ARG K 264 36.07 33.73 -17.16
CA ARG K 264 36.70 33.25 -18.37
C ARG K 264 35.69 32.56 -19.28
N SER K 265 36.02 32.55 -20.57
CA SER K 265 35.14 32.04 -21.62
C SER K 265 35.95 31.59 -22.83
N ALA K 266 35.38 30.65 -23.59
CA ALA K 266 36.03 30.06 -24.74
C ALA K 266 35.10 30.10 -25.95
N GLY K 267 35.49 30.86 -26.96
CA GLY K 267 34.72 30.92 -28.19
C GLY K 267 33.42 31.71 -28.13
N VAL K 268 33.36 32.69 -27.24
CA VAL K 268 32.25 33.62 -27.21
C VAL K 268 32.80 35.02 -27.47
N ALA K 269 31.97 35.86 -28.07
CA ALA K 269 32.27 37.28 -28.23
C ALA K 269 31.91 38.03 -26.94
N THR K 270 32.86 38.79 -26.37
CA THR K 270 32.56 39.62 -25.17
C THR K 270 31.56 40.72 -25.53
N PHE K 271 31.09 41.45 -24.51
CA PHE K 271 30.01 42.44 -24.70
C PHE K 271 30.30 43.45 -25.81
N VAL K 272 31.38 44.19 -25.61
CA VAL K 272 31.83 45.20 -26.57
C VAL K 272 31.85 44.71 -28.02
N LEU K 273 32.27 43.46 -28.22
CA LEU K 273 32.37 42.88 -29.56
C LEU K 273 31.01 42.62 -30.21
N GLN K 274 30.04 42.15 -29.44
CA GLN K 274 28.68 41.95 -29.96
C GLN K 274 27.93 43.28 -30.15
N GLU K 275 28.10 44.20 -29.20
CA GLU K 275 27.36 45.47 -29.22
C GLU K 275 27.99 46.56 -30.08
N GLU K 276 29.32 46.57 -30.20
CA GLU K 276 30.03 47.64 -30.94
C GLU K 276 30.68 47.24 -32.25
N PHE K 277 31.16 46.01 -32.37
CA PHE K 277 31.74 45.53 -33.63
C PHE K 277 30.86 44.54 -34.39
N ASP K 278 29.62 44.36 -33.95
CA ASP K 278 28.68 43.42 -34.55
C ASP K 278 29.32 42.08 -34.95
N ARG K 279 30.23 41.56 -34.11
CA ARG K 279 30.79 40.21 -34.29
C ARG K 279 30.25 39.30 -33.20
N TYR K 280 29.32 38.44 -33.58
CA TYR K 280 28.54 37.69 -32.60
C TYR K 280 29.02 36.24 -32.44
N SER K 281 30.32 36.00 -32.59
CA SER K 281 30.86 34.64 -32.45
C SER K 281 32.36 34.67 -32.26
N GLY K 282 32.88 33.60 -31.65
CA GLY K 282 34.30 33.50 -31.30
C GLY K 282 34.99 32.17 -31.57
N TYR K 283 34.39 31.30 -32.37
CA TYR K 283 35.09 30.10 -32.84
C TYR K 283 34.85 29.98 -34.33
N TRP K 284 35.83 29.34 -34.98
CA TRP K 284 35.84 29.19 -36.44
C TRP K 284 36.46 27.86 -36.80
N TRP K 285 35.68 27.01 -37.46
CA TRP K 285 36.18 25.75 -38.00
C TRP K 285 37.25 26.00 -39.06
N CYS K 286 38.26 25.13 -39.12
CA CYS K 286 39.18 25.09 -40.26
C CYS K 286 38.42 24.38 -41.37
N PRO K 287 38.25 25.04 -42.54
CA PRO K 287 37.36 24.47 -43.56
C PRO K 287 37.85 23.19 -44.24
N LYS K 288 39.05 22.70 -43.90
CA LYS K 288 39.59 21.45 -44.44
C LYS K 288 40.09 20.52 -43.35
N ALA K 289 39.88 19.22 -43.57
CA ALA K 289 40.33 18.16 -42.68
C ALA K 289 41.68 17.68 -43.18
N GLU K 290 42.67 17.73 -42.30
CA GLU K 290 44.00 17.19 -42.58
C GLU K 290 43.99 15.68 -42.30
N THR K 291 44.58 14.91 -43.22
CA THR K 291 44.60 13.43 -43.12
C THR K 291 45.70 12.91 -42.18
N THR K 292 45.49 11.73 -41.60
CA THR K 292 46.47 11.07 -40.72
C THR K 292 47.15 9.86 -41.39
N PRO K 293 48.24 9.33 -40.77
CA PRO K 293 48.78 8.01 -41.14
C PRO K 293 47.73 6.91 -41.15
N SER K 294 46.96 6.81 -40.06
CA SER K 294 46.01 5.72 -39.86
C SER K 294 44.70 5.80 -40.68
N GLY K 295 44.56 6.78 -41.58
CA GLY K 295 43.36 6.92 -42.40
C GLY K 295 42.18 7.49 -41.62
N GLY K 296 42.48 8.28 -40.60
CA GLY K 296 41.49 9.12 -39.93
C GLY K 296 41.71 10.54 -40.41
N LYS K 297 41.56 11.50 -39.50
CA LYS K 297 41.73 12.92 -39.83
C LYS K 297 41.91 13.83 -38.61
N ILE K 298 42.24 15.08 -38.89
CA ILE K 298 42.37 16.11 -37.88
C ILE K 298 41.50 17.31 -38.26
N LEU K 299 40.47 17.57 -37.44
CA LEU K 299 39.64 18.77 -37.57
C LEU K 299 40.19 19.82 -36.61
N ARG K 300 40.14 21.08 -37.01
CA ARG K 300 40.67 22.17 -36.19
C ARG K 300 39.63 23.24 -35.94
N ILE K 301 39.73 23.89 -34.78
CA ILE K 301 38.87 25.00 -34.40
C ILE K 301 39.74 26.07 -33.74
N LEU K 302 39.95 27.17 -34.45
CA LEU K 302 40.47 28.40 -33.89
C LEU K 302 39.40 29.02 -33.01
N TYR K 303 39.80 29.65 -31.92
CA TYR K 303 38.85 30.38 -31.08
C TYR K 303 39.48 31.47 -30.21
N GLU K 304 38.65 32.44 -29.83
CA GLU K 304 39.02 33.51 -28.89
C GLU K 304 38.85 32.97 -27.45
N GLU K 305 39.89 33.12 -26.62
CA GLU K 305 39.81 32.85 -25.19
C GLU K 305 39.88 34.17 -24.44
N ASN K 306 38.78 34.53 -23.77
CA ASN K 306 38.66 35.80 -23.07
C ASN K 306 38.83 35.59 -21.58
N ASP K 307 39.45 36.57 -20.92
CA ASP K 307 39.59 36.64 -19.46
C ASP K 307 39.14 38.03 -18.99
N GLU K 308 37.93 38.10 -18.44
CA GLU K 308 37.28 39.37 -18.10
C GLU K 308 37.44 39.72 -16.61
N SER K 309 38.52 39.23 -15.99
CA SER K 309 38.73 39.37 -14.55
C SER K 309 39.19 40.76 -14.13
N GLU K 310 39.79 41.49 -15.06
CA GLU K 310 40.16 42.88 -14.82
C GLU K 310 39.03 43.81 -15.24
N VAL K 311 38.07 43.31 -16.01
CA VAL K 311 36.98 44.14 -16.52
C VAL K 311 36.06 44.54 -15.38
N GLU K 312 35.58 45.77 -15.45
CA GLU K 312 34.71 46.32 -14.41
C GLU K 312 33.37 45.60 -14.37
N ILE K 313 32.95 45.24 -13.16
CA ILE K 313 31.65 44.62 -12.92
C ILE K 313 30.65 45.70 -12.56
N ILE K 314 29.48 45.60 -13.14
CA ILE K 314 28.42 46.53 -12.86
C ILE K 314 27.13 45.76 -12.56
N HIS K 315 26.27 46.31 -11.71
CA HIS K 315 24.94 45.76 -11.45
C HIS K 315 23.87 46.48 -12.24
N VAL K 316 23.06 45.71 -12.97
CA VAL K 316 21.85 46.22 -13.62
C VAL K 316 20.64 45.50 -13.02
N THR K 317 19.54 46.24 -12.83
CA THR K 317 18.33 45.73 -12.17
C THR K 317 17.80 44.45 -12.85
N SER K 318 17.40 43.50 -12.01
CA SER K 318 16.93 42.20 -12.45
C SER K 318 15.48 42.34 -12.89
N PRO K 319 15.09 41.69 -14.01
CA PRO K 319 13.73 41.87 -14.56
C PRO K 319 12.60 41.43 -13.65
N MET K 320 12.79 40.32 -12.92
CA MET K 320 11.79 39.87 -11.94
C MET K 320 11.87 40.82 -10.74
N LEU K 321 11.28 42.00 -10.90
CA LEU K 321 11.39 43.12 -9.95
C LEU K 321 11.09 42.70 -8.53
N GLU K 322 10.17 41.74 -8.41
CA GLU K 322 9.75 41.13 -7.13
C GLU K 322 10.90 40.66 -6.24
N THR K 323 12.00 40.21 -6.86
CA THR K 323 13.21 39.84 -6.12
C THR K 323 13.93 41.03 -5.49
N ARG K 324 13.85 42.20 -6.15
CA ARG K 324 14.51 43.45 -5.72
C ARG K 324 16.01 43.23 -5.66
N ARG K 325 16.52 42.81 -6.82
CA ARG K 325 17.90 42.37 -6.96
C ARG K 325 18.41 42.82 -8.30
N ALA K 326 19.72 42.65 -8.51
CA ALA K 326 20.38 43.09 -9.72
C ALA K 326 21.40 42.07 -10.20
N ASP K 327 21.57 42.01 -11.53
CA ASP K 327 22.44 41.05 -12.20
C ASP K 327 23.79 41.73 -12.44
N SER K 328 24.89 41.02 -12.17
CA SER K 328 26.24 41.55 -12.43
C SER K 328 26.60 41.36 -13.90
N PHE K 329 26.96 42.44 -14.59
CA PHE K 329 27.45 42.39 -15.98
C PHE K 329 28.89 42.91 -16.02
N ARG K 330 29.64 42.43 -17.00
CA ARG K 330 31.00 42.92 -17.27
C ARG K 330 30.93 44.05 -18.29
N TYR K 331 30.98 45.30 -17.82
CA TYR K 331 30.88 46.48 -18.70
C TYR K 331 32.21 47.22 -18.73
N PRO K 332 33.02 46.99 -19.79
CA PRO K 332 34.22 47.80 -19.97
C PRO K 332 33.86 49.25 -20.29
N LYS K 333 33.73 50.03 -19.22
CA LYS K 333 33.56 51.47 -19.26
C LYS K 333 34.76 52.10 -19.97
N THR K 334 34.48 53.12 -20.78
CA THR K 334 35.54 53.92 -21.42
C THR K 334 36.65 54.24 -20.43
N GLY K 335 37.89 54.04 -20.86
CA GLY K 335 39.06 54.24 -19.97
C GLY K 335 39.48 53.05 -19.10
N THR K 336 38.60 52.07 -18.90
CA THR K 336 38.90 50.93 -18.02
C THR K 336 39.43 49.76 -18.84
N ALA K 337 39.80 48.69 -18.16
CA ALA K 337 40.30 47.48 -18.82
C ALA K 337 39.24 46.83 -19.71
N ASN K 338 39.62 46.57 -20.96
CA ASN K 338 38.86 45.70 -21.88
C ASN K 338 39.16 44.24 -21.48
N PRO K 339 38.52 43.23 -22.13
CA PRO K 339 38.85 41.88 -21.68
C PRO K 339 40.20 41.42 -22.23
N LYS K 340 40.93 40.64 -21.43
CA LYS K 340 42.23 40.13 -21.85
C LYS K 340 42.01 38.98 -22.83
N VAL K 341 42.46 39.18 -24.07
CA VAL K 341 42.15 38.27 -25.16
C VAL K 341 43.40 37.57 -25.65
N THR K 342 43.21 36.35 -26.14
CA THR K 342 44.22 35.60 -26.89
C THR K 342 43.55 34.68 -27.92
N PHE K 343 44.37 34.10 -28.79
CA PHE K 343 43.93 33.04 -29.70
C PHE K 343 44.33 31.69 -29.13
N LYS K 344 43.55 30.69 -29.51
CA LYS K 344 43.75 29.30 -29.13
C LYS K 344 43.30 28.42 -30.29
N MET K 345 43.68 27.14 -30.22
CA MET K 345 43.30 26.15 -31.25
C MET K 345 43.06 24.77 -30.64
N SER K 346 41.99 24.11 -31.09
CA SER K 346 41.67 22.76 -30.68
C SER K 346 41.98 21.84 -31.86
N GLU K 347 42.80 20.81 -31.62
CA GLU K 347 43.05 19.77 -32.63
C GLU K 347 42.24 18.55 -32.25
N ILE K 348 41.18 18.29 -33.02
CA ILE K 348 40.26 17.19 -32.79
C ILE K 348 40.68 16.07 -33.74
N MET K 349 41.34 15.02 -33.21
CA MET K 349 41.84 13.88 -34.00
C MET K 349 40.79 12.77 -34.10
N ILE K 350 40.28 12.52 -35.30
CA ILE K 350 39.24 11.51 -35.58
C ILE K 350 39.93 10.30 -36.28
N ASP K 351 39.29 9.13 -36.22
CA ASP K 351 39.73 7.91 -36.95
C ASP K 351 38.83 7.64 -38.18
N ALA K 352 39.03 6.53 -38.87
CA ALA K 352 38.19 6.17 -40.03
C ALA K 352 36.70 5.99 -39.67
N GLU K 353 36.45 5.39 -38.50
CA GLU K 353 35.09 5.15 -38.01
C GLU K 353 34.24 6.43 -37.86
N GLY K 354 34.87 7.54 -37.47
CA GLY K 354 34.14 8.77 -37.08
C GLY K 354 34.04 8.95 -35.57
N ARG K 355 34.70 8.08 -34.83
CA ARG K 355 34.88 8.22 -33.38
C ARG K 355 36.03 9.21 -33.10
N ILE K 356 36.24 9.56 -31.83
CA ILE K 356 37.31 10.50 -31.45
C ILE K 356 38.49 9.77 -30.83
N ILE K 357 39.69 9.95 -31.42
CA ILE K 357 40.94 9.42 -30.87
C ILE K 357 41.27 10.21 -29.61
N ASP K 358 41.51 11.51 -29.80
CA ASP K 358 42.01 12.40 -28.75
C ASP K 358 41.73 13.84 -29.17
N VAL K 359 41.82 14.77 -28.21
CA VAL K 359 41.63 16.20 -28.45
C VAL K 359 42.73 16.97 -27.72
N ILE K 360 43.55 17.69 -28.50
CA ILE K 360 44.67 18.46 -27.98
C ILE K 360 44.30 19.94 -28.06
N ASP K 361 44.24 20.61 -26.92
CA ASP K 361 44.05 22.06 -26.85
C ASP K 361 45.40 22.70 -27.17
N LYS K 362 45.40 23.88 -27.81
CA LYS K 362 46.66 24.50 -28.26
C LYS K 362 46.74 26.02 -28.17
N GLU K 363 47.74 26.49 -27.40
CA GLU K 363 47.99 27.92 -27.15
C GLU K 363 49.06 28.48 -28.08
N LEU K 364 49.07 29.80 -28.25
CA LEU K 364 50.07 30.48 -29.08
C LEU K 364 51.46 30.26 -28.51
N ILE K 365 52.46 30.16 -29.41
CA ILE K 365 53.85 29.95 -28.99
C ILE K 365 54.44 31.10 -28.15
N GLN K 366 53.89 32.31 -28.31
CA GLN K 366 54.21 33.42 -27.43
C GLN K 366 52.92 34.17 -27.06
N PRO K 367 52.98 35.08 -26.06
CA PRO K 367 51.78 35.85 -25.69
C PRO K 367 51.18 36.70 -26.81
N PHE K 368 49.86 36.88 -26.76
CA PHE K 368 49.14 37.76 -27.69
C PHE K 368 49.71 39.19 -27.64
N GLU K 369 50.23 39.62 -26.49
CA GLU K 369 50.90 40.92 -26.37
C GLU K 369 52.14 41.03 -27.27
N ILE K 370 52.93 39.96 -27.32
CA ILE K 370 54.24 39.97 -27.99
C ILE K 370 54.08 39.85 -29.51
N LEU K 371 53.33 38.83 -29.93
CA LEU K 371 53.08 38.54 -31.35
C LEU K 371 52.26 39.62 -32.06
N PHE K 372 51.33 40.24 -31.34
CA PHE K 372 50.43 41.24 -31.91
C PHE K 372 50.46 42.51 -31.07
N GLU K 373 51.62 43.17 -31.06
CA GLU K 373 51.85 44.34 -30.19
C GLU K 373 51.06 45.58 -30.59
N GLY K 374 50.25 46.10 -29.67
CA GLY K 374 49.37 47.24 -29.91
C GLY K 374 47.90 46.86 -30.04
N VAL K 375 47.64 45.60 -30.38
CA VAL K 375 46.31 45.10 -30.70
C VAL K 375 45.51 44.90 -29.44
N GLU K 376 44.33 45.53 -29.35
CA GLU K 376 43.38 45.29 -28.24
C GLU K 376 42.02 44.65 -28.65
N TYR K 377 41.63 44.74 -29.91
CA TYR K 377 40.40 44.10 -30.39
C TYR K 377 40.68 43.08 -31.49
N ILE K 378 39.70 42.20 -31.70
CA ILE K 378 39.69 41.20 -32.78
C ILE K 378 38.40 41.45 -33.57
N ALA K 379 38.48 42.32 -34.57
CA ALA K 379 37.29 42.72 -35.30
C ALA K 379 36.65 41.51 -35.95
N ARG K 380 37.43 40.73 -36.71
CA ARG K 380 36.94 39.53 -37.38
C ARG K 380 38.03 38.47 -37.39
N ALA K 381 37.64 37.27 -37.78
CA ALA K 381 38.59 36.19 -37.98
C ALA K 381 37.97 35.11 -38.85
N GLY K 382 38.82 34.25 -39.39
CA GLY K 382 38.38 33.14 -40.24
C GLY K 382 39.54 32.29 -40.72
N TRP K 383 39.37 31.68 -41.90
CA TRP K 383 40.42 30.89 -42.55
C TRP K 383 40.49 31.17 -44.07
N THR K 384 41.71 31.07 -44.60
CA THR K 384 41.92 31.10 -46.05
C THR K 384 41.24 29.86 -46.63
N PRO K 385 40.58 29.98 -47.80
CA PRO K 385 39.84 28.89 -48.44
C PRO K 385 40.33 27.44 -48.17
N GLU K 386 41.64 27.24 -48.29
CA GLU K 386 42.25 25.90 -48.23
C GLU K 386 42.61 25.48 -46.82
N GLY K 387 42.49 26.41 -45.86
CA GLY K 387 42.79 26.11 -44.44
C GLY K 387 44.25 26.18 -44.05
N LYS K 388 45.11 26.67 -44.97
CA LYS K 388 46.54 26.74 -44.71
C LYS K 388 46.84 27.73 -43.59
N TYR K 389 46.19 28.90 -43.66
CA TYR K 389 46.30 29.94 -42.63
C TYR K 389 44.95 30.29 -42.05
N ALA K 390 44.95 30.54 -40.75
CA ALA K 390 43.88 31.29 -40.09
C ALA K 390 44.16 32.78 -40.26
N TRP K 391 43.14 33.57 -40.59
CA TRP K 391 43.31 35.02 -40.72
C TRP K 391 42.52 35.76 -39.65
N SER K 392 42.92 37.00 -39.43
CA SER K 392 42.31 37.85 -38.42
C SER K 392 42.42 39.32 -38.78
N ILE K 393 41.43 40.10 -38.35
CA ILE K 393 41.45 41.55 -38.50
C ILE K 393 41.52 42.16 -37.10
N LEU K 394 42.63 42.84 -36.83
CA LEU K 394 43.02 43.30 -35.50
C LEU K 394 43.14 44.82 -35.42
N LEU K 395 42.44 45.44 -34.48
CA LEU K 395 42.50 46.88 -34.25
C LEU K 395 43.30 47.17 -32.98
N ASP K 396 43.93 48.35 -32.92
CA ASP K 396 44.49 48.85 -31.65
C ASP K 396 43.39 49.54 -30.84
N ARG K 397 43.67 49.81 -29.56
CA ARG K 397 42.67 50.42 -28.66
C ARG K 397 41.97 51.66 -29.23
N SER K 398 42.77 52.53 -29.85
CA SER K 398 42.28 53.79 -30.42
C SER K 398 41.38 53.60 -31.65
N GLN K 399 41.50 52.43 -32.29
CA GLN K 399 40.75 52.06 -33.48
C GLN K 399 41.07 53.00 -34.63
N THR K 400 42.34 53.34 -34.72
CA THR K 400 42.87 54.19 -35.76
C THR K 400 43.90 53.42 -36.59
N ARG K 401 44.01 52.10 -36.37
CA ARG K 401 45.01 51.26 -37.02
C ARG K 401 44.53 49.81 -37.14
N LEU K 402 44.15 49.41 -38.37
CA LEU K 402 43.74 48.03 -38.67
C LEU K 402 44.91 47.23 -39.21
N GLN K 403 44.87 45.93 -38.95
CA GLN K 403 45.85 44.97 -39.47
C GLN K 403 45.14 43.68 -39.82
N ILE K 404 45.36 43.18 -41.04
CA ILE K 404 44.95 41.83 -41.41
C ILE K 404 46.17 40.95 -41.17
N VAL K 405 45.99 39.84 -40.45
CA VAL K 405 47.12 38.99 -40.07
C VAL K 405 46.83 37.50 -40.26
N LEU K 406 47.77 36.82 -40.92
CA LEU K 406 47.71 35.37 -41.15
C LEU K 406 48.52 34.60 -40.11
N ILE K 407 47.84 33.64 -39.49
CA ILE K 407 48.31 32.91 -38.34
C ILE K 407 48.35 31.45 -38.76
N SER K 408 49.55 30.92 -38.99
CA SER K 408 49.72 29.50 -39.32
C SER K 408 49.38 28.66 -38.09
N PRO K 409 48.57 27.59 -38.26
CA PRO K 409 48.30 26.66 -37.15
C PRO K 409 49.55 26.10 -36.42
N GLU K 410 50.70 26.15 -37.08
CA GLU K 410 51.99 25.77 -36.49
C GLU K 410 52.55 26.77 -35.44
N LEU K 411 51.98 27.97 -35.36
CA LEU K 411 52.21 28.87 -34.22
C LEU K 411 51.64 28.35 -32.90
N PHE K 412 50.65 27.47 -32.97
CA PHE K 412 50.04 26.88 -31.78
C PHE K 412 50.73 25.58 -31.34
N ILE K 413 51.21 25.58 -30.10
CA ILE K 413 51.82 24.41 -29.46
C ILE K 413 50.79 23.81 -28.48
N PRO K 414 50.97 22.54 -28.09
CA PRO K 414 50.11 21.98 -27.03
C PRO K 414 50.21 22.74 -25.70
N VAL K 415 49.07 22.88 -25.02
CA VAL K 415 49.03 23.30 -23.62
C VAL K 415 49.74 22.17 -22.89
N GLU K 416 50.84 22.50 -22.21
CA GLU K 416 51.57 21.51 -21.41
C GLU K 416 52.06 22.16 -20.12
N ASP K 417 51.99 21.41 -19.02
CA ASP K 417 52.31 21.93 -17.69
C ASP K 417 53.75 21.60 -17.29
N ASP K 418 54.14 20.33 -17.43
CA ASP K 418 55.53 19.89 -17.20
C ASP K 418 56.51 20.75 -18.03
N VAL K 419 57.14 21.71 -17.35
CA VAL K 419 57.89 22.81 -17.99
C VAL K 419 59.10 22.35 -18.85
N MET K 420 59.63 21.15 -18.57
CA MET K 420 60.67 20.53 -19.41
C MET K 420 60.10 20.19 -20.80
N GLU K 421 58.97 19.49 -20.81
CA GLU K 421 58.25 19.14 -22.05
C GLU K 421 57.85 20.38 -22.86
N ARG K 422 57.33 21.41 -22.18
CA ARG K 422 56.88 22.64 -22.84
C ARG K 422 58.05 23.46 -23.40
N GLN K 423 59.14 23.54 -22.64
CA GLN K 423 60.37 24.19 -23.12
C GLN K 423 60.99 23.51 -24.34
N ARG K 424 60.81 22.20 -24.43
CA ARG K 424 61.20 21.42 -25.62
C ARG K 424 60.20 21.62 -26.77
N LEU K 425 58.91 21.67 -26.44
CA LEU K 425 57.85 21.98 -27.43
C LEU K 425 57.99 23.36 -28.10
N ILE K 426 58.52 24.35 -27.37
CA ILE K 426 58.77 25.69 -27.92
C ILE K 426 59.80 25.63 -29.05
N GLU K 427 60.93 24.98 -28.78
CA GLU K 427 62.04 24.87 -29.74
C GLU K 427 61.72 23.99 -30.96
N SER K 428 60.73 23.11 -30.84
CA SER K 428 60.26 22.28 -31.97
C SER K 428 59.57 23.08 -33.09
N VAL K 429 59.10 24.28 -32.78
CA VAL K 429 58.50 25.19 -33.77
C VAL K 429 59.58 26.07 -34.41
N PRO K 430 59.62 26.12 -35.75
CA PRO K 430 60.63 26.97 -36.41
C PRO K 430 60.42 28.48 -36.23
N ASP K 431 61.50 29.24 -36.43
CA ASP K 431 61.45 30.73 -36.50
C ASP K 431 60.91 31.24 -37.84
N SER K 432 60.90 30.38 -38.85
CA SER K 432 60.25 30.66 -40.15
C SER K 432 58.72 30.71 -40.03
N VAL K 433 58.19 30.05 -38.99
CA VAL K 433 56.78 30.16 -38.60
C VAL K 433 56.64 31.46 -37.81
N THR K 434 55.93 32.42 -38.39
CA THR K 434 55.82 33.77 -37.85
C THR K 434 54.51 34.41 -38.32
N PRO K 435 53.83 35.20 -37.47
CA PRO K 435 52.60 35.86 -37.92
C PRO K 435 52.87 36.89 -39.02
N LEU K 436 51.95 36.99 -39.97
CA LEU K 436 52.20 37.70 -41.22
C LEU K 436 51.19 38.83 -41.40
N ILE K 437 51.64 40.08 -41.23
CA ILE K 437 50.75 41.25 -41.41
C ILE K 437 50.64 41.55 -42.90
N ILE K 438 49.62 40.98 -43.54
CA ILE K 438 49.45 41.08 -44.99
C ILE K 438 48.82 42.39 -45.48
N TYR K 439 48.34 43.22 -44.53
CA TYR K 439 47.87 44.59 -44.82
C TYR K 439 47.77 45.40 -43.51
N GLU K 440 48.26 46.65 -43.53
CA GLU K 440 48.22 47.51 -42.33
C GLU K 440 47.91 48.96 -42.72
N GLU K 441 46.69 49.39 -42.41
CA GLU K 441 46.25 50.77 -42.64
C GLU K 441 46.19 51.54 -41.33
N THR K 442 46.15 52.86 -41.44
CA THR K 442 46.00 53.76 -40.30
C THR K 442 45.07 54.90 -40.70
N THR K 443 44.72 55.76 -39.75
CA THR K 443 43.91 56.94 -40.05
C THR K 443 43.88 57.98 -38.93
N ASP K 444 43.81 59.24 -39.34
CA ASP K 444 43.62 60.36 -38.42
C ASP K 444 42.18 60.48 -37.86
N ILE K 445 41.29 59.56 -38.25
CA ILE K 445 39.91 59.54 -37.76
C ILE K 445 39.66 58.21 -37.03
N TRP K 446 39.12 57.20 -37.73
CA TRP K 446 38.77 55.90 -37.13
C TRP K 446 38.49 54.84 -38.19
N ILE K 447 38.66 53.58 -37.79
CA ILE K 447 38.42 52.43 -38.65
C ILE K 447 37.03 51.88 -38.41
N ASN K 448 36.18 52.02 -39.43
CA ASN K 448 34.88 51.36 -39.47
C ASN K 448 35.04 49.92 -40.01
N ILE K 449 34.74 48.96 -39.14
CA ILE K 449 34.79 47.55 -39.49
C ILE K 449 33.64 47.14 -40.42
N HIS K 450 33.94 46.20 -41.31
CA HIS K 450 32.96 45.60 -42.22
C HIS K 450 33.22 44.10 -42.34
N ASP K 451 32.29 43.41 -43.00
CA ASP K 451 32.39 41.98 -43.21
C ASP K 451 32.91 41.65 -44.62
N ILE K 452 33.58 42.60 -45.27
CA ILE K 452 34.23 42.37 -46.58
C ILE K 452 35.70 41.97 -46.41
N PHE K 453 36.05 40.83 -47.00
CA PHE K 453 37.42 40.37 -47.09
C PHE K 453 37.37 39.08 -47.89
N HIS K 454 37.66 39.14 -49.19
CA HIS K 454 37.68 37.94 -50.06
C HIS K 454 39.10 37.48 -50.36
N VAL K 455 39.44 36.28 -49.93
CA VAL K 455 40.72 35.66 -50.26
C VAL K 455 40.52 34.72 -51.44
N PHE K 456 41.41 34.87 -52.43
CA PHE K 456 41.44 34.01 -53.61
C PHE K 456 42.24 32.73 -53.31
N PRO K 457 42.07 31.69 -54.14
CA PRO K 457 42.97 30.53 -54.08
C PRO K 457 44.45 30.94 -54.18
N GLN K 458 45.27 30.42 -53.28
CA GLN K 458 46.68 30.78 -53.19
C GLN K 458 47.41 30.36 -54.47
N SER K 459 47.52 31.30 -55.42
CA SER K 459 48.02 31.01 -56.78
C SER K 459 49.54 30.71 -56.83
N HIS K 460 50.33 31.50 -56.10
CA HIS K 460 51.77 31.24 -55.93
C HIS K 460 52.07 31.03 -54.45
N GLU K 461 52.89 30.03 -54.12
CA GLU K 461 53.16 29.61 -52.72
C GLU K 461 53.73 30.70 -51.82
N GLU K 462 54.49 31.63 -52.39
CA GLU K 462 55.09 32.74 -51.63
C GLU K 462 54.20 33.99 -51.57
N GLU K 463 52.94 33.88 -52.00
CA GLU K 463 52.03 35.03 -52.14
C GLU K 463 50.57 34.75 -51.67
N ILE K 464 49.80 35.83 -51.52
CA ILE K 464 48.35 35.76 -51.26
C ILE K 464 47.63 36.99 -51.87
N GLU K 465 46.67 36.72 -52.75
CA GLU K 465 45.79 37.75 -53.30
C GLU K 465 44.54 37.84 -52.44
N PHE K 466 44.01 39.05 -52.26
CA PHE K 466 42.72 39.24 -51.61
C PHE K 466 42.09 40.57 -51.98
N ILE K 467 40.78 40.68 -51.76
CA ILE K 467 40.10 41.98 -51.82
C ILE K 467 39.72 42.35 -50.39
N PHE K 468 40.03 43.59 -50.00
CA PHE K 468 39.63 44.17 -48.74
C PHE K 468 39.23 45.58 -49.03
N ALA K 469 38.05 46.00 -48.56
CA ALA K 469 37.61 47.40 -48.70
C ALA K 469 38.31 48.32 -47.69
N SER K 470 38.23 49.64 -47.91
CA SER K 470 38.88 50.62 -47.02
C SER K 470 38.54 52.10 -47.28
N GLU K 471 38.33 52.81 -46.17
CA GLU K 471 38.16 54.26 -46.19
C GLU K 471 39.49 55.00 -46.05
N CYS K 472 40.58 54.26 -45.79
CA CYS K 472 41.84 54.86 -45.36
C CYS K 472 42.63 55.65 -46.41
N LYS K 473 42.42 55.36 -47.70
CA LYS K 473 43.15 56.05 -48.77
C LYS K 473 42.41 57.32 -49.15
N THR K 474 41.23 57.19 -49.73
CA THR K 474 40.47 58.33 -50.29
C THR K 474 39.61 59.11 -49.29
N GLY K 475 39.49 58.62 -48.05
CA GLY K 475 38.46 59.10 -47.12
C GLY K 475 37.05 58.64 -47.52
N PHE K 476 36.98 57.56 -48.31
CA PHE K 476 35.74 56.98 -48.88
C PHE K 476 35.98 55.46 -49.09
N ARG K 477 34.97 54.64 -48.78
CA ARG K 477 35.16 53.17 -48.74
C ARG K 477 35.20 52.54 -50.12
N HIS K 478 36.33 51.96 -50.48
CA HIS K 478 36.51 51.33 -51.82
C HIS K 478 37.27 50.02 -51.77
N LEU K 479 37.14 49.25 -52.83
CA LEU K 479 37.64 47.88 -52.88
C LEU K 479 39.04 47.87 -53.50
N TYR K 480 40.02 47.40 -52.75
CA TYR K 480 41.39 47.32 -53.25
C TYR K 480 41.79 45.84 -53.32
N LYS K 481 42.24 45.37 -54.49
CA LYS K 481 42.83 44.04 -54.65
C LYS K 481 44.33 44.12 -54.38
N ILE K 482 44.82 43.19 -53.57
CA ILE K 482 46.19 43.24 -53.04
C ILE K 482 46.82 41.87 -53.11
N THR K 483 47.99 41.78 -53.74
CA THR K 483 48.86 40.61 -53.65
C THR K 483 49.97 40.97 -52.63
N SER K 484 50.23 40.07 -51.67
CA SER K 484 51.18 40.33 -50.56
C SER K 484 52.28 39.28 -50.50
N ILE K 485 53.55 39.71 -50.39
CA ILE K 485 54.69 38.78 -50.36
C ILE K 485 54.85 38.18 -48.95
N LEU K 486 54.49 36.90 -48.82
CA LEU K 486 54.64 36.18 -47.56
C LEU K 486 56.12 35.87 -47.36
N LYS K 487 56.71 36.47 -46.32
CA LYS K 487 58.15 36.46 -46.11
C LYS K 487 58.55 35.76 -44.81
N GLU K 488 59.77 35.22 -44.79
CA GLU K 488 60.38 34.77 -43.55
C GLU K 488 60.76 36.04 -42.79
N SER K 489 60.53 36.04 -41.48
CA SER K 489 60.75 37.24 -40.67
C SER K 489 62.18 37.37 -40.20
N LYS K 490 62.60 38.61 -39.98
CA LYS K 490 63.91 38.92 -39.39
C LYS K 490 63.96 38.41 -37.97
N TYR K 491 62.82 38.45 -37.29
CA TYR K 491 62.70 38.00 -35.91
C TYR K 491 62.88 36.48 -35.74
N LYS K 492 64.00 36.13 -35.12
CA LYS K 492 64.30 34.78 -34.69
C LYS K 492 64.10 34.69 -33.17
N ARG K 493 63.12 33.87 -32.77
CA ARG K 493 62.84 33.57 -31.35
C ARG K 493 64.04 32.99 -30.60
N SER K 494 64.78 32.08 -31.24
CA SER K 494 65.94 31.39 -30.62
C SER K 494 66.99 32.34 -30.03
N SER K 495 67.06 33.56 -30.57
CA SER K 495 67.81 34.67 -29.96
C SER K 495 67.30 35.15 -28.59
N GLY K 496 66.16 34.61 -28.12
CA GLY K 496 65.57 35.02 -26.85
C GLY K 496 65.18 36.49 -26.83
N GLY K 497 64.83 37.04 -27.99
CA GLY K 497 64.52 38.46 -28.11
C GLY K 497 63.03 38.71 -28.24
N LEU K 498 62.63 39.98 -28.14
CA LEU K 498 61.25 40.41 -28.44
C LEU K 498 61.24 41.24 -29.73
N PRO K 499 60.22 41.07 -30.59
CA PRO K 499 60.28 41.57 -31.98
C PRO K 499 60.10 43.09 -32.17
N ALA K 500 60.82 43.64 -33.15
CA ALA K 500 60.69 45.04 -33.58
C ALA K 500 59.28 45.30 -34.13
N PRO K 501 58.86 46.58 -34.17
CA PRO K 501 57.45 46.83 -34.48
C PRO K 501 57.04 46.55 -35.94
N SER K 502 58.02 46.41 -36.85
CA SER K 502 57.79 46.08 -38.25
C SER K 502 58.30 44.69 -38.67
N ASP K 503 58.78 43.89 -37.71
CA ASP K 503 59.34 42.55 -38.02
C ASP K 503 58.36 41.59 -38.73
N PHE K 504 57.06 41.74 -38.47
CA PHE K 504 56.04 40.87 -39.07
C PHE K 504 55.26 41.51 -40.23
N LYS K 505 55.71 42.67 -40.71
CA LYS K 505 55.05 43.35 -41.84
C LYS K 505 55.41 42.68 -43.18
N CYS K 506 54.40 42.27 -43.93
CA CYS K 506 54.63 41.69 -45.26
C CYS K 506 54.73 42.81 -46.30
N PRO K 507 55.61 42.62 -47.31
CA PRO K 507 55.66 43.50 -48.50
C PRO K 507 54.42 43.45 -49.41
N ILE K 508 53.81 44.62 -49.64
CA ILE K 508 52.68 44.77 -50.56
C ILE K 508 53.24 44.73 -51.99
N LYS K 509 53.04 43.61 -52.69
CA LYS K 509 53.58 43.43 -54.04
C LYS K 509 52.87 44.31 -55.05
N GLU K 510 51.54 44.22 -55.07
CA GLU K 510 50.70 45.17 -55.80
C GLU K 510 49.45 45.53 -54.99
N GLU K 511 48.88 46.68 -55.29
CA GLU K 511 47.65 47.17 -54.66
C GLU K 511 46.80 47.89 -55.72
N ILE K 512 46.00 47.11 -56.46
CA ILE K 512 45.07 47.67 -57.45
C ILE K 512 43.85 48.21 -56.70
N ALA K 513 43.42 49.42 -57.04
CA ALA K 513 42.18 50.00 -56.52
C ALA K 513 41.09 49.74 -57.54
N ILE K 514 40.12 48.90 -57.17
CA ILE K 514 39.08 48.49 -58.09
C ILE K 514 38.06 49.61 -58.26
N THR K 515 37.65 50.25 -57.16
CA THR K 515 36.73 51.40 -57.22
C THR K 515 37.30 52.68 -56.62
N SER K 516 36.67 53.81 -56.96
CA SER K 516 37.00 55.12 -56.38
C SER K 516 35.96 56.18 -56.74
N GLY K 517 35.86 57.21 -55.90
CA GLY K 517 34.98 58.37 -56.16
C GLY K 517 34.51 59.08 -54.90
N GLU K 518 33.50 59.92 -55.09
CA GLU K 518 32.79 60.62 -53.99
C GLU K 518 31.58 59.79 -53.52
N TRP K 519 31.85 58.53 -53.16
CA TRP K 519 30.82 57.57 -52.79
C TRP K 519 31.49 56.40 -52.07
N GLU K 520 30.69 55.53 -51.45
CA GLU K 520 31.23 54.36 -50.73
C GLU K 520 30.64 53.02 -51.15
N VAL K 521 31.45 51.97 -51.02
CA VAL K 521 30.99 50.58 -51.05
C VAL K 521 30.40 50.28 -49.66
N LEU K 522 29.45 49.35 -49.61
CA LEU K 522 28.79 48.96 -48.35
C LEU K 522 29.27 47.58 -47.92
N GLY K 523 29.66 47.49 -46.65
CA GLY K 523 30.12 46.22 -46.06
C GLY K 523 29.47 45.75 -44.75
N ARG K 524 28.71 46.61 -44.10
CA ARG K 524 28.08 46.25 -42.83
C ARG K 524 26.64 45.78 -43.04
N HIS K 525 26.11 45.11 -42.02
CA HIS K 525 24.70 44.66 -41.96
C HIS K 525 24.29 43.78 -43.14
N GLY K 526 25.16 42.83 -43.50
CA GLY K 526 24.86 41.87 -44.56
C GLY K 526 25.02 42.33 -46.00
N SER K 527 25.17 43.65 -46.23
CA SER K 527 25.65 44.17 -47.51
C SER K 527 27.12 43.75 -47.62
N ASN K 528 27.51 43.24 -48.77
CA ASN K 528 28.81 42.59 -48.92
C ASN K 528 29.21 42.56 -50.41
N ILE K 529 30.14 41.67 -50.77
CA ILE K 529 30.57 41.50 -52.14
C ILE K 529 30.43 40.04 -52.57
N GLN K 530 30.14 39.83 -53.86
CA GLN K 530 30.12 38.52 -54.48
C GLN K 530 31.21 38.46 -55.56
N VAL K 531 32.07 37.45 -55.48
CA VAL K 531 33.25 37.37 -56.33
C VAL K 531 33.13 36.21 -57.32
N ASP K 532 33.10 36.57 -58.60
CA ASP K 532 33.08 35.63 -59.73
C ASP K 532 34.53 35.36 -60.16
N GLU K 533 35.10 34.22 -59.74
CA GLU K 533 36.47 33.85 -60.12
C GLU K 533 36.56 33.29 -61.54
N VAL K 534 35.42 32.93 -62.12
CA VAL K 534 35.34 32.47 -63.51
C VAL K 534 35.53 33.74 -64.35
N ARG K 535 34.54 34.63 -64.30
CA ARG K 535 34.51 35.87 -65.09
C ARG K 535 35.44 36.96 -64.57
N ARG K 536 35.92 36.80 -63.33
CA ARG K 536 36.87 37.71 -62.70
C ARG K 536 36.28 39.11 -62.54
N LEU K 537 35.07 39.11 -61.97
CA LEU K 537 34.30 40.31 -61.64
C LEU K 537 34.01 40.29 -60.14
N VAL K 538 33.32 41.33 -59.68
CA VAL K 538 32.97 41.45 -58.27
C VAL K 538 31.75 42.36 -58.14
N TYR K 539 30.67 41.81 -57.59
CA TYR K 539 29.41 42.53 -57.40
C TYR K 539 29.44 43.11 -56.00
N PHE K 540 29.14 44.40 -55.88
CA PHE K 540 29.06 45.08 -54.58
C PHE K 540 27.91 46.06 -54.57
N GLU K 541 27.60 46.59 -53.39
CA GLU K 541 26.55 47.60 -53.24
C GLU K 541 27.20 48.94 -52.89
N GLY K 542 26.57 50.05 -53.27
CA GLY K 542 27.15 51.38 -53.02
C GLY K 542 26.30 52.63 -53.26
N THR K 543 26.91 53.79 -53.02
CA THR K 543 26.23 55.09 -53.07
C THR K 543 26.62 55.96 -54.27
N LYS K 544 27.01 55.33 -55.38
CA LYS K 544 27.55 56.06 -56.52
C LYS K 544 26.47 56.90 -57.21
N ASP K 545 25.37 56.26 -57.58
CA ASP K 545 24.24 56.96 -58.18
C ASP K 545 23.63 58.03 -57.27
N SER K 546 23.57 57.72 -55.97
CA SER K 546 23.10 58.68 -54.98
C SER K 546 23.48 58.23 -53.56
N PRO K 547 23.65 59.17 -52.61
CA PRO K 547 23.75 58.79 -51.17
C PRO K 547 22.45 58.21 -50.62
N LEU K 548 21.32 58.54 -51.27
CA LEU K 548 19.99 58.17 -50.81
C LEU K 548 19.52 56.80 -51.32
N GLU K 549 20.17 56.27 -52.34
CA GLU K 549 19.80 54.98 -52.93
C GLU K 549 21.02 54.05 -52.98
N HIS K 550 20.88 52.88 -52.38
CA HIS K 550 21.92 51.85 -52.39
C HIS K 550 21.60 51.01 -53.61
N HIS K 551 22.61 50.71 -54.42
CA HIS K 551 22.42 49.98 -55.68
C HIS K 551 23.47 48.90 -55.84
N LEU K 552 23.10 47.83 -56.54
CA LEU K 552 24.02 46.76 -56.89
C LEU K 552 24.81 47.20 -58.12
N TYR K 553 26.13 47.17 -58.00
CA TYR K 553 27.03 47.47 -59.10
C TYR K 553 27.93 46.25 -59.34
N VAL K 554 28.50 46.15 -60.54
CA VAL K 554 29.52 45.13 -60.87
C VAL K 554 30.73 45.76 -61.58
N VAL K 555 31.90 45.15 -61.39
CA VAL K 555 33.14 45.60 -62.04
C VAL K 555 34.20 44.49 -62.03
N SER K 556 35.09 44.52 -63.01
CA SER K 556 36.25 43.63 -63.08
C SER K 556 37.26 44.01 -62.00
N TYR K 557 37.85 42.98 -61.36
CA TYR K 557 38.99 43.17 -60.44
C TYR K 557 40.35 42.99 -61.12
N VAL K 558 40.33 42.72 -62.43
CA VAL K 558 41.56 42.53 -63.23
C VAL K 558 42.03 43.91 -63.74
N ASN K 559 41.31 44.46 -64.72
CA ASN K 559 41.56 45.79 -65.23
C ASN K 559 40.30 46.58 -64.94
N PRO K 560 40.22 47.18 -63.74
CA PRO K 560 38.96 47.80 -63.31
C PRO K 560 38.55 48.99 -64.16
N GLY K 561 37.47 48.82 -64.91
CA GLY K 561 36.96 49.84 -65.81
C GLY K 561 35.81 50.62 -65.19
N GLU K 562 34.88 51.05 -66.03
CA GLU K 562 33.64 51.67 -65.58
C GLU K 562 32.89 50.70 -64.67
N VAL K 563 32.02 51.28 -63.86
CA VAL K 563 31.19 50.54 -62.90
C VAL K 563 29.82 50.35 -63.56
N THR K 564 29.30 49.12 -63.58
CA THR K 564 28.03 48.80 -64.25
C THR K 564 26.88 48.61 -63.22
N ARG K 565 25.96 49.56 -63.17
CA ARG K 565 24.80 49.48 -62.29
C ARG K 565 23.84 48.40 -62.79
N LEU K 566 23.37 47.55 -61.87
CA LEU K 566 22.48 46.44 -62.19
C LEU K 566 21.07 46.58 -61.59
N THR K 567 20.80 47.64 -60.82
CA THR K 567 19.48 47.86 -60.21
C THR K 567 18.89 49.17 -60.70
N ASP K 568 17.57 49.27 -60.63
CA ASP K 568 16.84 50.35 -61.29
C ASP K 568 16.74 51.60 -60.41
N ARG K 569 16.95 52.76 -61.02
CA ARG K 569 16.88 54.06 -60.32
C ARG K 569 15.51 54.32 -59.70
N GLY K 570 15.46 55.29 -58.79
CA GLY K 570 14.23 55.61 -58.05
C GLY K 570 13.89 54.72 -56.87
N TYR K 571 14.74 53.73 -56.58
CA TYR K 571 14.58 52.83 -55.43
C TYR K 571 15.92 52.60 -54.73
N SER K 572 15.87 52.08 -53.50
CA SER K 572 17.07 51.72 -52.72
C SER K 572 17.03 50.23 -52.43
N HIS K 573 18.07 49.52 -52.86
CA HIS K 573 18.04 48.06 -52.95
C HIS K 573 19.03 47.42 -52.01
N SER K 574 18.52 46.50 -51.19
CA SER K 574 19.33 45.60 -50.39
C SER K 574 19.36 44.28 -51.16
N CYS K 575 20.42 44.10 -51.95
CA CYS K 575 20.55 42.97 -52.87
C CYS K 575 21.30 41.77 -52.30
N CYS K 576 21.15 40.64 -52.96
CA CYS K 576 21.71 39.37 -52.52
C CYS K 576 21.99 38.48 -53.73
N ILE K 577 23.25 38.50 -54.18
CA ILE K 577 23.65 37.83 -55.42
C ILE K 577 23.86 36.35 -55.10
N SER K 578 23.62 35.50 -56.11
CA SER K 578 23.89 34.06 -55.99
C SER K 578 25.37 33.80 -55.84
N GLN K 579 25.73 32.70 -55.18
CA GLN K 579 27.14 32.29 -55.14
C GLN K 579 27.61 31.91 -56.54
N HIS K 580 26.70 31.41 -57.38
CA HIS K 580 27.00 31.06 -58.77
C HIS K 580 27.03 32.27 -59.73
N CYS K 581 26.64 33.44 -59.24
CA CYS K 581 26.80 34.74 -59.93
C CYS K 581 26.00 34.88 -61.23
N ASP K 582 24.88 34.16 -61.28
CA ASP K 582 23.99 34.06 -62.45
C ASP K 582 22.55 34.59 -62.24
N PHE K 583 22.10 34.67 -60.97
CA PHE K 583 20.94 35.45 -60.56
C PHE K 583 21.34 36.37 -59.42
N PHE K 584 20.56 37.43 -59.20
CA PHE K 584 20.62 38.21 -57.94
C PHE K 584 19.22 38.60 -57.51
N ILE K 585 19.01 38.64 -56.20
CA ILE K 585 17.73 39.02 -55.60
C ILE K 585 17.88 40.44 -55.11
N SER K 586 16.78 41.16 -55.08
CA SER K 586 16.78 42.55 -54.66
C SER K 586 15.46 42.91 -53.99
N LYS K 587 15.53 43.13 -52.68
CA LYS K 587 14.50 43.86 -51.97
C LYS K 587 14.67 45.30 -52.40
N TYR K 588 13.56 46.04 -52.51
CA TYR K 588 13.63 47.46 -52.89
C TYR K 588 12.38 48.23 -52.54
N SER K 589 12.54 49.53 -52.31
CA SER K 589 11.40 50.41 -52.07
C SER K 589 11.74 51.86 -52.34
N ASN K 590 10.74 52.72 -52.20
CA ASN K 590 10.94 54.16 -52.15
C ASN K 590 9.91 54.80 -51.24
N GLN K 591 10.21 56.03 -50.86
CA GLN K 591 9.34 56.87 -50.06
C GLN K 591 7.84 56.68 -50.35
N LYS K 592 7.51 56.57 -51.64
CA LYS K 592 6.13 56.33 -52.10
C LYS K 592 5.62 54.89 -51.92
N ASN K 593 6.41 53.89 -52.37
CA ASN K 593 5.95 52.49 -52.43
C ASN K 593 6.58 51.62 -51.32
N PRO K 594 5.82 50.61 -50.79
CA PRO K 594 6.45 49.63 -49.86
C PRO K 594 7.44 48.71 -50.56
N HIS K 595 8.03 47.78 -49.81
CA HIS K 595 9.15 46.99 -50.34
C HIS K 595 8.72 45.68 -50.96
N CYS K 596 8.97 45.56 -52.26
CA CYS K 596 8.93 44.28 -52.99
C CYS K 596 10.26 43.54 -52.82
N VAL K 597 10.23 42.25 -53.13
CA VAL K 597 11.43 41.46 -53.34
C VAL K 597 11.25 40.78 -54.68
N SER K 598 12.24 40.90 -55.55
CA SER K 598 12.17 40.31 -56.89
C SER K 598 13.49 39.65 -57.28
N LEU K 599 13.39 38.67 -58.16
CA LEU K 599 14.55 37.94 -58.70
C LEU K 599 14.91 38.40 -60.11
N TYR K 600 16.21 38.63 -60.34
CA TYR K 600 16.73 39.16 -61.59
C TYR K 600 17.80 38.20 -62.12
N LYS K 601 17.73 37.86 -63.42
CA LYS K 601 18.70 36.94 -64.03
C LYS K 601 19.85 37.64 -64.74
N LEU K 602 21.06 37.20 -64.39
CA LEU K 602 22.33 37.76 -64.89
C LEU K 602 22.89 36.96 -66.07
N SER K 603 23.11 37.69 -67.16
CA SER K 603 23.59 37.13 -68.41
C SER K 603 24.71 37.99 -68.92
N SER K 604 25.66 37.34 -69.59
CA SER K 604 26.74 38.01 -70.27
C SER K 604 26.77 37.52 -71.71
N PRO K 605 27.13 38.39 -72.68
CA PRO K 605 27.39 37.88 -74.02
C PRO K 605 28.70 37.08 -74.11
N GLU K 606 28.81 36.27 -75.16
CA GLU K 606 29.99 35.41 -75.35
C GLU K 606 31.20 36.21 -75.81
N ASP K 607 30.96 37.24 -76.62
CA ASP K 607 32.06 38.06 -77.14
C ASP K 607 32.89 38.76 -76.04
N ASP K 608 32.23 39.10 -74.93
CA ASP K 608 32.85 39.76 -73.76
C ASP K 608 32.20 39.28 -72.45
N PRO K 609 32.86 38.34 -71.73
CA PRO K 609 32.30 37.86 -70.45
C PRO K 609 32.26 38.89 -69.32
N THR K 610 33.15 39.89 -69.36
CA THR K 610 33.14 41.03 -68.42
C THR K 610 31.82 41.83 -68.44
N CYS K 611 31.20 41.96 -69.61
CA CYS K 611 29.92 42.67 -69.74
C CYS K 611 28.80 41.85 -69.10
N LYS K 612 27.92 42.51 -68.34
CA LYS K 612 26.80 41.84 -67.64
C LYS K 612 25.48 42.60 -67.79
N THR K 613 24.39 41.85 -67.97
CA THR K 613 23.03 42.40 -68.13
C THR K 613 22.05 41.71 -67.16
N LYS K 614 21.11 42.50 -66.63
CA LYS K 614 20.04 42.01 -65.76
C LYS K 614 18.86 41.55 -66.62
N GLU K 615 17.97 40.73 -66.05
CA GLU K 615 16.62 40.54 -66.61
C GLU K 615 15.66 40.22 -65.48
N PHE K 616 14.53 40.96 -65.38
CA PHE K 616 13.47 40.62 -64.40
C PHE K 616 13.03 39.20 -64.68
N TRP K 617 13.10 38.35 -63.66
CA TRP K 617 12.82 36.92 -63.81
C TRP K 617 11.60 36.45 -63.05
N ALA K 618 11.43 36.92 -61.82
CA ALA K 618 10.29 36.52 -60.99
C ALA K 618 10.04 37.52 -59.88
N THR K 619 8.81 37.54 -59.40
CA THR K 619 8.50 38.18 -58.12
C THR K 619 8.65 37.11 -57.04
N ILE K 620 9.18 37.52 -55.89
CA ILE K 620 9.16 36.72 -54.66
C ILE K 620 8.04 37.27 -53.78
N LEU K 621 8.20 38.52 -53.38
CA LEU K 621 7.21 39.22 -52.56
C LEU K 621 6.67 40.44 -53.30
N ASP K 622 5.37 40.43 -53.60
CA ASP K 622 4.66 41.63 -54.07
C ASP K 622 4.65 42.65 -52.95
N SER K 623 4.92 43.91 -53.32
CA SER K 623 4.62 45.05 -52.44
C SER K 623 3.15 44.94 -51.99
N ALA K 624 2.88 45.28 -50.74
CA ALA K 624 1.52 45.23 -50.19
C ALA K 624 0.58 46.33 -50.74
N GLY K 625 0.92 46.89 -51.91
CA GLY K 625 0.23 48.06 -52.45
C GLY K 625 0.54 49.30 -51.62
N PRO K 626 0.42 50.51 -52.21
CA PRO K 626 0.50 51.69 -51.34
C PRO K 626 -0.55 51.68 -50.20
N LEU K 627 -0.12 52.04 -48.99
CA LEU K 627 -0.97 51.99 -47.79
C LEU K 627 -1.96 53.15 -47.78
N PRO K 628 -3.28 52.88 -47.59
CA PRO K 628 -4.20 54.02 -47.39
C PRO K 628 -4.04 54.60 -45.99
N ASP K 629 -4.46 55.86 -45.82
CA ASP K 629 -4.26 56.61 -44.57
C ASP K 629 -2.76 56.74 -44.26
N TYR K 630 -2.03 57.24 -45.26
CA TYR K 630 -0.58 57.46 -45.14
C TYR K 630 -0.03 58.42 -46.21
N THR K 631 0.36 59.61 -45.78
CA THR K 631 1.07 60.60 -46.60
C THR K 631 2.58 60.51 -46.31
N PRO K 632 3.38 60.01 -47.27
CA PRO K 632 4.84 60.04 -47.03
C PRO K 632 5.41 61.46 -47.06
N PRO K 633 6.64 61.64 -46.56
CA PRO K 633 7.28 62.95 -46.62
C PRO K 633 7.94 63.15 -47.97
N GLU K 634 8.24 64.41 -48.30
CA GLU K 634 9.11 64.70 -49.43
C GLU K 634 10.50 64.92 -48.84
N ILE K 635 11.49 64.25 -49.44
CA ILE K 635 12.91 64.45 -49.13
C ILE K 635 13.29 65.83 -49.67
N PHE K 636 13.92 66.64 -48.82
CA PHE K 636 14.46 67.94 -49.22
C PHE K 636 15.97 67.95 -48.96
N SER K 637 16.65 68.93 -49.52
CA SER K 637 18.06 69.17 -49.21
C SER K 637 18.34 70.66 -49.10
N PHE K 638 19.57 70.98 -48.74
CA PHE K 638 20.02 72.37 -48.67
C PHE K 638 21.54 72.45 -48.65
N GLU K 639 22.08 73.56 -49.13
CA GLU K 639 23.51 73.84 -49.08
C GLU K 639 23.84 74.44 -47.72
N SER K 640 24.43 73.62 -46.84
CA SER K 640 24.80 74.07 -45.50
C SER K 640 26.02 74.99 -45.52
N THR K 641 25.99 76.00 -44.65
CA THR K 641 27.15 76.90 -44.39
C THR K 641 28.44 76.10 -44.16
N THR K 642 28.28 74.95 -43.53
CA THR K 642 29.36 74.02 -43.19
C THR K 642 30.15 73.49 -44.38
N GLY K 643 29.52 73.51 -45.56
CA GLY K 643 30.15 73.12 -46.81
C GLY K 643 29.81 71.70 -47.25
N PHE K 644 28.60 71.25 -46.93
CA PHE K 644 28.07 69.94 -47.33
C PHE K 644 26.61 70.08 -47.73
N THR K 645 26.17 69.29 -48.70
CA THR K 645 24.78 69.32 -49.15
C THR K 645 23.97 68.39 -48.23
N LEU K 646 23.35 68.96 -47.19
CA LEU K 646 22.61 68.18 -46.18
C LEU K 646 21.20 67.81 -46.61
N TYR K 647 20.73 66.66 -46.11
CA TYR K 647 19.45 66.06 -46.50
C TYR K 647 18.43 65.98 -45.37
N GLY K 648 17.15 66.15 -45.70
CA GLY K 648 16.05 66.11 -44.72
C GLY K 648 14.73 65.59 -45.29
N MET K 649 13.85 65.11 -44.40
CA MET K 649 12.48 64.70 -44.78
C MET K 649 11.50 65.72 -44.20
N LEU K 650 10.45 66.04 -44.94
CA LEU K 650 9.41 66.97 -44.46
C LEU K 650 8.01 66.35 -44.59
N TYR K 651 7.44 65.96 -43.45
CA TYR K 651 6.04 65.59 -43.34
C TYR K 651 5.22 66.86 -43.13
N LYS K 652 4.56 67.33 -44.19
CA LYS K 652 3.65 68.48 -44.08
C LYS K 652 2.39 68.04 -43.32
N PRO K 653 1.76 68.96 -42.57
CA PRO K 653 0.50 68.60 -41.89
C PRO K 653 -0.65 68.29 -42.88
N HIS K 654 -1.52 67.35 -42.50
CA HIS K 654 -2.61 66.88 -43.37
C HIS K 654 -3.76 67.88 -43.45
N ASP K 655 -4.33 68.04 -44.66
CA ASP K 655 -5.38 69.03 -44.94
C ASP K 655 -4.86 70.41 -44.50
N LEU K 656 -3.79 70.85 -45.16
CA LEU K 656 -3.10 72.07 -44.78
C LEU K 656 -4.01 73.27 -45.06
N GLN K 657 -4.27 74.08 -44.04
CA GLN K 657 -5.06 75.30 -44.18
C GLN K 657 -4.11 76.49 -44.37
N PRO K 658 -4.21 77.18 -45.53
CA PRO K 658 -3.43 78.41 -45.67
C PRO K 658 -3.90 79.50 -44.71
N GLY K 659 -3.01 80.48 -44.52
CA GLY K 659 -3.17 81.51 -43.51
C GLY K 659 -2.73 81.11 -42.11
N LYS K 660 -2.32 79.85 -41.91
CA LYS K 660 -2.04 79.32 -40.58
C LYS K 660 -0.69 78.63 -40.42
N LYS K 661 -0.15 78.73 -39.20
CA LYS K 661 1.16 78.18 -38.81
C LYS K 661 0.99 77.03 -37.81
N TYR K 662 1.78 75.98 -38.02
CA TYR K 662 1.57 74.69 -37.38
C TYR K 662 2.74 74.35 -36.45
N PRO K 663 2.45 73.70 -35.30
CA PRO K 663 3.53 73.31 -34.38
C PRO K 663 4.39 72.25 -35.02
N THR K 664 5.66 72.18 -34.61
CA THR K 664 6.67 71.35 -35.28
C THR K 664 7.30 70.32 -34.32
N VAL K 665 7.26 69.05 -34.72
CA VAL K 665 8.08 68.00 -34.12
C VAL K 665 9.29 67.78 -35.02
N LEU K 666 10.48 67.69 -34.41
CA LEU K 666 11.70 67.32 -35.11
C LEU K 666 12.16 66.00 -34.52
N PHE K 667 11.89 64.91 -35.23
CA PHE K 667 12.46 63.61 -34.85
C PHE K 667 13.92 63.60 -35.28
N ILE K 668 14.79 62.98 -34.47
CA ILE K 668 16.25 63.10 -34.66
C ILE K 668 17.00 61.83 -34.25
N TYR K 669 18.03 61.50 -35.03
CA TYR K 669 19.05 60.55 -34.56
C TYR K 669 20.42 61.19 -34.69
N GLY K 670 20.82 61.54 -35.90
CA GLY K 670 22.08 62.27 -36.14
C GLY K 670 23.30 61.86 -35.33
N GLY K 671 23.49 60.56 -35.20
CA GLY K 671 24.63 59.97 -34.51
C GLY K 671 25.30 59.11 -35.54
N PRO K 672 26.52 58.63 -35.25
CA PRO K 672 27.23 57.82 -36.24
C PRO K 672 26.57 56.47 -36.51
N GLN K 673 27.02 55.82 -37.58
CA GLN K 673 26.53 54.51 -38.04
C GLN K 673 25.11 54.49 -38.67
N VAL K 674 24.47 55.65 -38.83
CA VAL K 674 23.06 55.72 -39.24
C VAL K 674 22.77 56.90 -40.17
N GLN K 675 22.08 56.59 -41.26
CA GLN K 675 21.51 57.57 -42.17
C GLN K 675 19.99 57.37 -42.16
N LEU K 676 19.25 58.37 -41.70
CA LEU K 676 17.79 58.32 -41.70
C LEU K 676 17.23 58.75 -43.04
N VAL K 677 17.66 59.90 -43.53
CA VAL K 677 17.08 60.53 -44.71
C VAL K 677 17.62 59.87 -45.95
N ASN K 678 16.74 59.08 -46.59
CA ASN K 678 17.07 58.38 -47.83
C ASN K 678 15.78 57.94 -48.56
N ASN K 679 15.95 57.41 -49.76
CA ASN K 679 14.81 56.99 -50.58
C ASN K 679 14.40 55.54 -50.27
N ARG K 680 13.69 55.38 -49.15
CA ARG K 680 13.02 54.13 -48.77
C ARG K 680 11.66 54.45 -48.18
N PHE K 681 10.84 53.41 -48.00
CA PHE K 681 9.52 53.54 -47.39
C PHE K 681 9.64 53.70 -45.87
N LYS K 682 8.93 54.67 -45.32
CA LYS K 682 8.97 54.95 -43.87
C LYS K 682 7.65 54.65 -43.13
N GLY K 683 6.66 54.12 -43.85
CA GLY K 683 5.37 53.75 -43.23
C GLY K 683 5.34 52.51 -42.35
N VAL K 684 6.48 51.81 -42.22
CA VAL K 684 6.62 50.68 -41.30
C VAL K 684 7.15 51.17 -39.93
N LYS K 685 8.45 51.45 -39.83
CA LYS K 685 9.07 51.78 -38.54
C LYS K 685 8.63 53.18 -38.12
N TYR K 686 8.87 54.16 -38.98
CA TYR K 686 8.61 55.58 -38.68
C TYR K 686 7.17 55.96 -39.09
N PHE K 687 6.23 55.08 -38.76
CA PHE K 687 4.82 55.21 -39.13
C PHE K 687 4.15 56.33 -38.35
N ARG K 688 4.52 56.48 -37.08
CA ARG K 688 3.92 57.49 -36.21
C ARG K 688 4.26 58.93 -36.56
N LEU K 689 5.33 59.14 -37.32
CA LEU K 689 5.63 60.46 -37.89
C LEU K 689 4.52 60.90 -38.84
N ASN K 690 3.87 59.96 -39.52
CA ASN K 690 2.66 60.23 -40.29
C ASN K 690 1.49 60.60 -39.36
N THR K 691 1.25 59.77 -38.34
CA THR K 691 0.19 60.03 -37.37
C THR K 691 0.39 61.38 -36.68
N LEU K 692 1.64 61.75 -36.41
CA LEU K 692 1.97 63.10 -35.90
C LEU K 692 1.62 64.20 -36.90
N ALA K 693 1.90 63.95 -38.19
CA ALA K 693 1.51 64.88 -39.25
C ALA K 693 -0.01 65.01 -39.36
N SER K 694 -0.72 63.88 -39.30
CA SER K 694 -2.17 63.86 -39.44
C SER K 694 -2.88 64.72 -38.38
N LEU K 695 -2.41 64.68 -37.14
CA LEU K 695 -2.98 65.50 -36.06
C LEU K 695 -2.65 67.02 -36.12
N GLY K 696 -1.65 67.40 -36.94
CA GLY K 696 -1.31 68.82 -37.17
C GLY K 696 0.11 69.29 -36.86
N TYR K 697 0.96 68.40 -36.36
CA TYR K 697 2.36 68.74 -36.11
C TYR K 697 3.15 68.59 -37.42
N VAL K 698 3.93 69.60 -37.78
CA VAL K 698 4.92 69.45 -38.86
C VAL K 698 5.96 68.50 -38.32
N VAL K 699 6.42 67.54 -39.14
CA VAL K 699 7.41 66.56 -38.67
C VAL K 699 8.65 66.55 -39.57
N VAL K 700 9.75 67.09 -39.03
CA VAL K 700 11.01 67.22 -39.75
C VAL K 700 11.94 66.10 -39.28
N VAL K 701 12.79 65.62 -40.20
CA VAL K 701 13.89 64.71 -39.88
C VAL K 701 15.10 65.19 -40.66
N ILE K 702 16.27 65.26 -40.01
CA ILE K 702 17.51 65.72 -40.65
C ILE K 702 18.69 64.80 -40.31
N ASP K 703 19.55 64.59 -41.32
CA ASP K 703 20.84 63.90 -41.21
C ASP K 703 21.97 64.92 -41.11
N ASN K 704 22.27 65.33 -39.87
CA ASN K 704 23.40 66.22 -39.62
C ASN K 704 24.75 65.54 -39.83
N ARG K 705 25.80 66.37 -39.89
CA ARG K 705 27.19 65.91 -40.03
C ARG K 705 27.50 64.85 -39.00
N GLY K 706 28.11 63.75 -39.43
CA GLY K 706 28.21 62.55 -38.61
C GLY K 706 27.49 61.36 -39.20
N SER K 707 26.33 61.59 -39.81
CA SER K 707 25.49 60.50 -40.37
C SER K 707 26.29 59.65 -41.36
N CYS K 708 26.00 58.35 -41.44
CA CYS K 708 26.71 57.45 -42.35
C CYS K 708 26.28 57.62 -43.85
N HIS K 709 26.97 56.89 -44.72
CA HIS K 709 26.76 56.84 -46.20
C HIS K 709 27.28 58.05 -47.01
N ARG K 710 28.07 58.92 -46.39
CA ARG K 710 28.64 60.07 -47.09
C ARG K 710 30.13 60.25 -46.79
N GLY K 711 30.82 59.12 -46.60
CA GLY K 711 32.28 59.11 -46.48
C GLY K 711 32.79 59.49 -45.11
N LEU K 712 34.11 59.35 -44.94
CA LEU K 712 34.72 59.48 -43.64
C LEU K 712 34.86 60.94 -43.16
N LYS K 713 35.08 61.86 -44.08
CA LYS K 713 35.29 63.28 -43.71
C LYS K 713 34.01 63.90 -43.13
N PHE K 714 32.87 63.44 -43.64
CA PHE K 714 31.54 63.83 -43.14
C PHE K 714 31.26 63.21 -41.78
N GLU K 715 31.41 61.89 -41.69
CA GLU K 715 31.19 61.15 -40.43
C GLU K 715 32.11 61.68 -39.34
N GLY K 716 33.39 61.86 -39.69
CA GLY K 716 34.43 62.30 -38.77
C GLY K 716 34.34 63.68 -38.14
N ALA K 717 33.54 64.56 -38.73
CA ALA K 717 33.39 65.95 -38.26
C ALA K 717 33.27 66.10 -36.74
N PHE K 718 32.52 65.22 -36.08
CA PHE K 718 32.31 65.30 -34.59
C PHE K 718 33.31 64.56 -33.67
N LYS K 719 34.42 64.05 -34.24
CA LYS K 719 35.46 63.39 -33.46
C LYS K 719 35.94 64.28 -32.33
N TYR K 720 36.06 63.68 -31.14
CA TYR K 720 36.34 64.41 -29.89
C TYR K 720 35.33 65.52 -29.50
N LYS K 721 34.21 65.63 -30.22
CA LYS K 721 33.35 66.84 -30.14
C LYS K 721 31.86 66.53 -30.05
N MET K 722 31.49 65.28 -29.77
CA MET K 722 30.09 64.85 -29.92
C MET K 722 29.15 65.74 -29.09
N GLY K 723 27.95 65.95 -29.62
CA GLY K 723 26.98 66.88 -29.06
C GLY K 723 27.07 68.33 -29.54
N GLN K 724 28.28 68.78 -29.92
CA GLN K 724 28.56 70.21 -30.13
C GLN K 724 28.13 70.76 -31.49
N ILE K 725 28.24 69.94 -32.52
CA ILE K 725 27.99 70.37 -33.91
C ILE K 725 26.59 70.01 -34.43
N GLU K 726 25.98 68.96 -33.90
CA GLU K 726 24.82 68.32 -34.53
C GLU K 726 23.57 69.17 -34.49
N ILE K 727 23.35 69.89 -33.39
CA ILE K 727 22.19 70.75 -33.27
C ILE K 727 22.33 71.98 -34.19
N ASP K 728 23.56 72.48 -34.39
CA ASP K 728 23.77 73.61 -35.32
C ASP K 728 23.18 73.36 -36.71
N ASP K 729 23.32 72.12 -37.21
CA ASP K 729 22.77 71.71 -38.50
C ASP K 729 21.28 71.45 -38.49
N GLN K 730 20.83 70.75 -37.47
CA GLN K 730 19.41 70.48 -37.26
C GLN K 730 18.62 71.80 -37.28
N VAL K 731 19.16 72.83 -36.62
CA VAL K 731 18.54 74.15 -36.59
C VAL K 731 18.66 74.82 -37.96
N GLU K 732 19.82 74.71 -38.61
CA GLU K 732 20.00 75.34 -39.93
C GLU K 732 18.99 74.81 -40.95
N GLY K 733 19.00 73.50 -41.13
CA GLY K 733 18.04 72.82 -42.00
C GLY K 733 16.60 73.07 -41.63
N LEU K 734 16.35 73.26 -40.33
CA LEU K 734 15.02 73.63 -39.84
C LEU K 734 14.65 75.05 -40.26
N GLN K 735 15.51 76.01 -39.94
CA GLN K 735 15.31 77.43 -40.28
C GLN K 735 15.21 77.69 -41.79
N TYR K 736 15.92 76.87 -42.56
CA TYR K 736 15.75 76.81 -44.01
C TYR K 736 14.30 76.56 -44.42
N LEU K 737 13.69 75.52 -43.85
CA LEU K 737 12.31 75.16 -44.17
C LEU K 737 11.32 76.22 -43.73
N ALA K 738 11.53 76.75 -42.53
CA ALA K 738 10.73 77.86 -42.01
C ALA K 738 10.70 79.07 -42.97
N SER K 739 11.81 79.30 -43.70
CA SER K 739 11.88 80.36 -44.72
C SER K 739 11.02 80.06 -45.97
N ARG K 740 11.20 78.86 -46.52
CA ARG K 740 10.47 78.41 -47.71
C ARG K 740 8.98 78.15 -47.44
N TYR K 741 8.68 77.54 -46.29
CA TYR K 741 7.33 77.13 -45.94
C TYR K 741 6.84 77.94 -44.72
N ASP K 742 5.93 78.87 -44.98
CA ASP K 742 5.35 79.76 -43.93
C ASP K 742 4.50 79.03 -42.88
N PHE K 743 4.01 77.83 -43.20
CA PHE K 743 3.22 77.03 -42.24
C PHE K 743 3.98 76.44 -41.03
N ILE K 744 5.31 76.47 -41.06
CA ILE K 744 6.12 76.06 -39.92
C ILE K 744 6.17 77.15 -38.86
N ASP K 745 5.54 76.90 -37.71
CA ASP K 745 5.61 77.80 -36.53
C ASP K 745 6.90 77.51 -35.76
N LEU K 746 7.77 78.50 -35.64
CA LEU K 746 9.01 78.34 -34.87
C LEU K 746 8.85 78.63 -33.37
N ASP K 747 7.74 79.25 -32.98
CA ASP K 747 7.42 79.42 -31.55
C ASP K 747 6.96 78.11 -30.86
N ARG K 748 6.75 77.05 -31.62
CA ARG K 748 6.31 75.77 -31.08
C ARG K 748 7.02 74.61 -31.82
N VAL K 749 8.32 74.48 -31.57
CA VAL K 749 9.13 73.37 -32.10
C VAL K 749 9.56 72.43 -30.97
N GLY K 750 9.33 71.13 -31.18
CA GLY K 750 9.69 70.07 -30.23
C GLY K 750 10.57 69.01 -30.87
N ILE K 751 11.53 68.52 -30.10
CA ILE K 751 12.51 67.53 -30.61
C ILE K 751 12.30 66.20 -29.89
N HIS K 752 12.63 65.10 -30.54
CA HIS K 752 12.48 63.78 -29.93
C HIS K 752 13.34 62.76 -30.63
N GLY K 753 14.00 61.93 -29.85
CA GLY K 753 14.84 60.87 -30.40
C GLY K 753 15.15 59.84 -29.35
N TRP K 754 15.65 58.68 -29.82
CA TRP K 754 16.01 57.58 -28.95
C TRP K 754 17.51 57.34 -29.03
N SER K 755 18.11 57.07 -27.88
CA SER K 755 19.54 56.80 -27.74
C SER K 755 20.38 58.05 -28.09
N TYR K 756 21.18 58.02 -29.15
CA TYR K 756 21.93 59.23 -29.58
C TYR K 756 20.97 60.37 -29.96
N GLY K 757 19.79 60.02 -30.47
CA GLY K 757 18.71 60.98 -30.69
C GLY K 757 18.21 61.61 -29.40
N GLY K 758 18.07 60.78 -28.38
CA GLY K 758 17.73 61.26 -27.06
C GLY K 758 18.83 62.13 -26.49
N TYR K 759 20.07 61.66 -26.64
CA TYR K 759 21.24 62.43 -26.25
C TYR K 759 21.17 63.85 -26.85
N LEU K 760 20.96 63.90 -28.16
CA LEU K 760 20.84 65.18 -28.86
C LEU K 760 19.59 65.94 -28.46
N SER K 761 18.46 65.26 -28.35
CA SER K 761 17.22 65.88 -27.82
C SER K 761 17.48 66.67 -26.54
N LEU K 762 18.29 66.12 -25.64
CA LEU K 762 18.72 66.84 -24.44
C LEU K 762 19.63 68.01 -24.78
N MET K 763 20.63 67.75 -25.63
CA MET K 763 21.55 68.79 -26.08
C MET K 763 20.87 69.98 -26.76
N ALA K 764 19.81 69.69 -27.50
CA ALA K 764 18.97 70.70 -28.16
C ALA K 764 18.36 71.68 -27.15
N LEU K 765 17.81 71.16 -26.07
CA LEU K 765 17.19 71.98 -25.03
C LEU K 765 18.22 72.75 -24.19
N MET K 766 19.40 72.16 -24.03
CA MET K 766 20.47 72.77 -23.24
C MET K 766 21.19 73.86 -24.07
N GLN K 767 21.57 73.51 -25.30
CA GLN K 767 22.20 74.46 -26.23
C GLN K 767 21.21 75.54 -26.71
N ARG K 768 20.07 75.13 -27.24
CA ARG K 768 19.13 76.05 -27.91
C ARG K 768 17.74 76.08 -27.28
N SER K 769 17.71 76.62 -26.06
CA SER K 769 16.46 76.81 -25.30
C SER K 769 15.43 77.57 -26.12
N ASP K 770 15.89 78.68 -26.71
CA ASP K 770 15.12 79.48 -27.68
C ASP K 770 14.39 78.69 -28.79
N ILE K 771 15.10 77.85 -29.52
CA ILE K 771 14.56 77.20 -30.74
C ILE K 771 13.65 76.00 -30.43
N PHE K 772 13.89 75.31 -29.31
CA PHE K 772 13.10 74.13 -28.95
C PHE K 772 12.31 74.31 -27.67
N ARG K 773 10.99 74.15 -27.76
CA ARG K 773 10.12 74.28 -26.60
C ARG K 773 10.24 73.06 -25.71
N VAL K 774 10.01 71.88 -26.27
CA VAL K 774 10.11 70.62 -25.52
C VAL K 774 11.18 69.70 -26.10
N ALA K 775 11.91 69.03 -25.21
CA ALA K 775 12.80 67.95 -25.58
C ALA K 775 12.27 66.68 -24.93
N ILE K 776 12.27 65.59 -25.70
CA ILE K 776 11.74 64.31 -25.24
C ILE K 776 12.80 63.25 -25.51
N ALA K 777 13.57 62.95 -24.46
CA ALA K 777 14.82 62.20 -24.57
C ALA K 777 14.65 60.73 -24.19
N GLY K 778 14.73 59.85 -25.18
CA GLY K 778 14.63 58.41 -24.98
C GLY K 778 15.98 57.77 -24.72
N ALA K 779 16.10 57.07 -23.59
CA ALA K 779 17.32 56.38 -23.17
C ALA K 779 18.62 57.15 -23.49
N PRO K 780 18.70 58.41 -23.03
CA PRO K 780 19.82 59.27 -23.45
C PRO K 780 21.16 58.93 -22.79
N VAL K 781 22.22 59.53 -23.33
CA VAL K 781 23.56 59.45 -22.78
C VAL K 781 23.84 60.80 -22.15
N THR K 782 23.69 60.82 -20.84
CA THR K 782 23.92 62.02 -20.08
C THR K 782 25.38 62.20 -19.63
N LEU K 783 26.20 61.18 -19.81
CA LEU K 783 27.52 61.12 -19.19
C LEU K 783 28.41 60.11 -19.93
N TRP K 784 29.36 60.59 -20.72
CA TRP K 784 30.14 59.70 -21.58
C TRP K 784 31.00 58.71 -20.81
N ILE K 785 31.47 59.12 -19.64
CA ILE K 785 32.30 58.23 -18.81
C ILE K 785 31.60 56.89 -18.50
N PHE K 786 30.27 56.89 -18.43
CA PHE K 786 29.45 55.68 -18.21
C PHE K 786 29.34 54.72 -19.39
N TYR K 787 29.56 55.20 -20.60
CA TYR K 787 29.39 54.36 -21.78
C TYR K 787 30.68 53.56 -22.08
N ASP K 788 30.60 52.57 -22.95
CA ASP K 788 31.69 51.60 -23.16
C ASP K 788 32.87 52.07 -24.00
N THR K 789 33.93 51.26 -23.98
CA THR K 789 35.18 51.57 -24.65
C THR K 789 35.03 51.52 -26.17
N GLY K 790 34.53 50.38 -26.66
CA GLY K 790 34.38 50.11 -28.09
C GLY K 790 33.78 51.24 -28.89
N TYR K 791 32.76 51.87 -28.33
CA TYR K 791 32.09 52.99 -29.00
C TYR K 791 32.64 54.33 -28.58
N THR K 792 32.85 54.55 -27.28
CA THR K 792 33.17 55.91 -26.82
C THR K 792 34.57 56.32 -27.25
N GLU K 793 35.53 55.44 -27.01
CA GLU K 793 36.92 55.72 -27.36
C GLU K 793 37.10 55.95 -28.85
N ARG K 794 36.41 55.16 -29.67
CA ARG K 794 36.52 55.26 -31.12
C ARG K 794 36.27 56.69 -31.62
N TYR K 795 35.29 57.35 -31.01
CA TYR K 795 34.85 58.66 -31.46
C TYR K 795 35.40 59.78 -30.60
N MET K 796 35.29 59.61 -29.29
CA MET K 796 35.70 60.63 -28.33
C MET K 796 37.11 60.45 -27.77
N GLY K 797 37.79 59.36 -28.15
CA GLY K 797 39.12 59.08 -27.60
C GLY K 797 39.07 58.62 -26.16
N HIS K 798 40.25 58.26 -25.66
CA HIS K 798 40.41 57.89 -24.26
C HIS K 798 40.05 59.11 -23.39
N PRO K 799 39.29 58.92 -22.29
CA PRO K 799 38.73 60.08 -21.56
C PRO K 799 39.74 61.10 -21.03
N ASP K 800 40.91 60.61 -20.64
CA ASP K 800 42.01 61.45 -20.14
C ASP K 800 42.57 62.49 -21.13
N GLN K 801 42.52 62.20 -22.43
CA GLN K 801 42.97 63.15 -23.46
C GLN K 801 41.84 63.85 -24.22
N ASN K 802 40.63 63.86 -23.65
CA ASN K 802 39.52 64.63 -24.21
C ASN K 802 38.54 65.05 -23.09
N GLU K 803 39.10 65.56 -22.00
CA GLU K 803 38.32 65.91 -20.81
C GLU K 803 37.23 66.94 -21.11
N GLN K 804 37.55 67.96 -21.92
CA GLN K 804 36.53 68.96 -22.27
C GLN K 804 35.58 68.50 -23.36
N GLY K 805 36.02 67.64 -24.27
CA GLY K 805 35.11 66.99 -25.20
C GLY K 805 34.08 66.13 -24.48
N TYR K 806 34.53 65.44 -23.43
CA TYR K 806 33.66 64.65 -22.56
C TYR K 806 32.76 65.57 -21.76
N TYR K 807 33.34 66.56 -21.08
CA TYR K 807 32.56 67.49 -20.27
C TYR K 807 31.47 68.10 -21.14
N LEU K 808 31.87 68.74 -22.24
CA LEU K 808 30.93 69.47 -23.08
C LEU K 808 29.87 68.55 -23.67
N GLY K 809 30.29 67.33 -24.05
CA GLY K 809 29.37 66.31 -24.53
C GLY K 809 28.60 65.49 -23.49
N SER K 810 28.68 65.86 -22.22
CA SER K 810 27.97 65.17 -21.14
C SER K 810 26.98 66.13 -20.51
N VAL K 811 25.68 65.97 -20.86
CA VAL K 811 24.65 66.88 -20.32
C VAL K 811 24.55 66.88 -18.80
N ALA K 812 24.83 65.75 -18.16
CA ALA K 812 24.77 65.64 -16.70
C ALA K 812 25.70 66.60 -15.94
N MET K 813 26.84 66.93 -16.54
CA MET K 813 27.78 67.92 -15.99
C MET K 813 27.41 69.37 -16.34
N GLN K 814 26.34 69.57 -17.10
CA GLN K 814 25.83 70.89 -17.46
C GLN K 814 24.34 70.97 -17.12
N ALA K 815 24.01 70.61 -15.88
CA ALA K 815 22.62 70.57 -15.43
C ALA K 815 22.02 71.97 -15.33
N GLU K 816 22.79 72.89 -14.76
CA GLU K 816 22.39 74.30 -14.64
C GLU K 816 22.01 74.99 -15.96
N LYS K 817 22.61 74.56 -17.07
CA LYS K 817 22.25 75.08 -18.40
C LYS K 817 20.85 74.67 -18.91
N PHE K 818 20.18 73.74 -18.23
CA PHE K 818 18.81 73.35 -18.61
C PHE K 818 17.79 74.43 -18.25
N PRO K 819 16.64 74.47 -18.98
CA PRO K 819 15.58 75.44 -18.66
C PRO K 819 15.01 75.32 -17.25
N SER K 820 14.67 76.48 -16.68
CA SER K 820 13.92 76.59 -15.42
C SER K 820 12.41 76.76 -15.68
N GLU K 821 11.96 76.31 -16.85
CA GLU K 821 10.55 76.24 -17.21
C GLU K 821 10.16 74.74 -17.21
N PRO K 822 9.13 74.37 -16.43
CA PRO K 822 8.63 72.99 -16.47
C PRO K 822 7.86 72.69 -17.74
N ASN K 823 7.45 71.44 -17.92
CA ASN K 823 6.74 71.00 -19.12
C ASN K 823 7.58 71.17 -20.41
N ARG K 824 8.90 71.00 -20.26
CA ARG K 824 9.82 71.11 -21.38
C ARG K 824 10.78 69.93 -21.47
N LEU K 825 11.23 69.44 -20.32
CA LEU K 825 12.11 68.29 -20.28
C LEU K 825 11.30 67.04 -19.97
N LEU K 826 11.39 66.03 -20.85
CA LEU K 826 10.84 64.68 -20.62
C LEU K 826 11.91 63.62 -20.89
N LEU K 827 12.29 62.91 -19.84
CA LEU K 827 13.24 61.79 -19.92
C LEU K 827 12.48 60.45 -19.95
N LEU K 828 12.83 59.59 -20.88
CA LEU K 828 12.27 58.25 -20.97
C LEU K 828 13.43 57.30 -20.88
N HIS K 829 13.26 56.18 -20.18
CA HIS K 829 14.31 55.16 -20.12
C HIS K 829 13.80 53.76 -19.80
N GLY K 830 14.38 52.75 -20.44
CA GLY K 830 14.17 51.36 -20.05
C GLY K 830 14.91 51.09 -18.76
N PHE K 831 14.17 50.75 -17.70
CA PHE K 831 14.77 50.52 -16.36
C PHE K 831 15.81 49.39 -16.30
N LEU K 832 15.71 48.42 -17.22
CA LEU K 832 16.64 47.29 -17.28
C LEU K 832 17.70 47.44 -18.37
N ASP K 833 17.92 48.68 -18.82
CA ASP K 833 18.90 48.97 -19.88
C ASP K 833 20.31 48.64 -19.38
N GLU K 834 20.96 47.72 -20.09
CA GLU K 834 22.31 47.24 -19.82
C GLU K 834 23.36 47.83 -20.78
N ASN K 835 22.90 48.59 -21.79
CA ASN K 835 23.77 49.24 -22.77
C ASN K 835 23.94 50.71 -22.38
N VAL K 836 22.85 51.47 -22.40
CA VAL K 836 22.81 52.82 -21.85
C VAL K 836 22.15 52.76 -20.46
N HIS K 837 22.97 52.42 -19.47
CA HIS K 837 22.53 52.20 -18.08
C HIS K 837 21.59 53.30 -17.59
N PHE K 838 20.58 52.92 -16.81
CA PHE K 838 19.53 53.84 -16.34
C PHE K 838 20.12 55.01 -15.53
N ALA K 839 21.17 54.73 -14.78
CA ALA K 839 22.06 55.73 -14.18
C ALA K 839 22.33 57.00 -14.99
N HIS K 840 22.45 56.88 -16.31
CA HIS K 840 22.51 58.06 -17.18
C HIS K 840 21.35 59.00 -16.80
N THR K 841 20.13 58.48 -16.79
CA THR K 841 18.95 59.26 -16.36
C THR K 841 19.01 59.57 -14.86
N SER K 842 19.33 58.56 -14.04
CA SER K 842 19.31 58.75 -12.57
C SER K 842 20.32 59.82 -12.09
N ILE K 843 21.56 59.77 -12.59
CA ILE K 843 22.56 60.79 -12.22
C ILE K 843 22.20 62.19 -12.74
N LEU K 844 21.63 62.26 -13.96
CA LEU K 844 21.16 63.53 -14.55
C LEU K 844 20.05 64.13 -13.71
N LEU K 845 19.11 63.29 -13.29
CA LEU K 845 18.05 63.74 -12.39
C LEU K 845 18.60 64.30 -11.09
N SER K 846 19.62 63.67 -10.52
CA SER K 846 20.24 64.18 -9.30
C SER K 846 20.76 65.59 -9.53
N PHE K 847 21.56 65.74 -10.60
CA PHE K 847 22.15 67.04 -10.95
C PHE K 847 21.13 68.10 -11.36
N LEU K 848 20.03 67.67 -11.98
CA LEU K 848 18.89 68.54 -12.25
C LEU K 848 18.23 68.99 -10.93
N VAL K 849 17.89 67.99 -10.12
CA VAL K 849 17.31 68.22 -8.80
C VAL K 849 18.12 69.25 -8.01
N ARG K 850 19.44 69.09 -7.99
CA ARG K 850 20.28 69.95 -7.17
C ARG K 850 20.60 71.29 -7.86
N ALA K 851 20.55 71.31 -9.20
CA ALA K 851 20.53 72.57 -9.95
C ALA K 851 19.16 73.27 -9.94
N GLY K 852 18.16 72.60 -9.37
CA GLY K 852 16.83 73.18 -9.16
C GLY K 852 16.00 73.26 -10.43
N LYS K 853 16.28 72.36 -11.36
CA LYS K 853 15.61 72.34 -12.66
C LYS K 853 14.52 71.28 -12.67
N PRO K 854 13.32 71.61 -13.20
CA PRO K 854 12.26 70.63 -13.25
C PRO K 854 12.44 69.67 -14.41
N TYR K 855 11.97 68.44 -14.21
CA TYR K 855 11.94 67.40 -15.25
C TYR K 855 10.60 66.68 -15.22
N ASP K 856 10.19 66.14 -16.35
CA ASP K 856 9.17 65.10 -16.38
C ASP K 856 9.94 63.82 -16.66
N LEU K 857 9.47 62.71 -16.09
CA LEU K 857 10.14 61.42 -16.22
C LEU K 857 9.11 60.33 -16.36
N GLN K 858 9.39 59.38 -17.25
CA GLN K 858 8.63 58.13 -17.32
C GLN K 858 9.58 56.97 -17.60
N ILE K 859 9.30 55.84 -16.95
CA ILE K 859 10.13 54.64 -16.99
C ILE K 859 9.30 53.47 -17.49
N TYR K 860 9.96 52.53 -18.16
CA TYR K 860 9.33 51.28 -18.63
C TYR K 860 10.06 50.15 -17.96
N PRO K 861 9.56 49.67 -16.80
CA PRO K 861 10.35 48.72 -16.00
C PRO K 861 10.59 47.33 -16.62
N GLN K 862 9.94 47.03 -17.73
CA GLN K 862 10.04 45.73 -18.36
C GLN K 862 10.97 45.79 -19.57
N GLU K 863 11.82 46.81 -19.65
CA GLU K 863 12.52 47.13 -20.91
C GLU K 863 13.99 47.39 -20.74
N ARG K 864 14.73 47.06 -21.79
CA ARG K 864 16.19 47.22 -21.87
C ARG K 864 16.47 48.40 -22.81
N HIS K 865 17.47 48.30 -23.69
CA HIS K 865 17.66 49.30 -24.75
C HIS K 865 16.81 48.98 -25.97
N SER K 866 15.50 48.84 -25.73
CA SER K 866 14.50 48.39 -26.70
C SER K 866 13.16 48.28 -26.00
N ILE K 867 12.10 48.75 -26.64
CA ILE K 867 10.74 48.51 -26.18
C ILE K 867 10.26 47.23 -26.84
N ARG K 868 10.03 46.19 -26.03
CA ARG K 868 9.63 44.87 -26.52
C ARG K 868 8.28 44.37 -26.03
N VAL K 869 7.87 44.71 -24.82
CA VAL K 869 6.55 44.34 -24.30
C VAL K 869 5.51 45.23 -24.99
N PRO K 870 4.43 44.64 -25.53
CA PRO K 870 3.49 45.45 -26.33
C PRO K 870 2.82 46.57 -25.55
N GLU K 871 2.51 46.28 -24.28
CA GLU K 871 1.89 47.22 -23.36
C GLU K 871 2.74 48.48 -23.18
N SER K 872 4.07 48.30 -23.21
CA SER K 872 5.01 49.41 -23.06
C SER K 872 5.00 50.34 -24.27
N GLY K 873 5.08 49.74 -25.47
CA GLY K 873 5.05 50.47 -26.74
C GLY K 873 3.81 51.32 -26.96
N GLU K 874 2.66 50.78 -26.57
CA GLU K 874 1.38 51.51 -26.55
C GLU K 874 1.45 52.74 -25.66
N HIS K 875 1.94 52.53 -24.44
CA HIS K 875 2.05 53.57 -23.42
C HIS K 875 2.95 54.71 -23.87
N TYR K 876 4.14 54.36 -24.33
CA TYR K 876 5.11 55.32 -24.84
C TYR K 876 4.48 56.30 -25.83
N GLU K 877 3.85 55.73 -26.85
CA GLU K 877 3.22 56.50 -27.92
C GLU K 877 2.10 57.39 -27.35
N LEU K 878 1.21 56.78 -26.58
CA LEU K 878 0.09 57.49 -25.94
C LEU K 878 0.60 58.69 -25.12
N HIS K 879 1.53 58.42 -24.22
CA HIS K 879 2.10 59.47 -23.39
C HIS K 879 2.84 60.53 -24.22
N LEU K 880 3.65 60.09 -25.20
CA LEU K 880 4.36 61.01 -26.11
C LEU K 880 3.37 61.92 -26.83
N LEU K 881 2.38 61.30 -27.46
CA LEU K 881 1.31 61.99 -28.17
C LEU K 881 0.61 63.00 -27.25
N HIS K 882 0.24 62.50 -26.08
CA HIS K 882 -0.43 63.30 -25.05
C HIS K 882 0.49 64.41 -24.50
N TYR K 883 1.77 64.12 -24.28
CA TYR K 883 2.75 65.12 -23.81
C TYR K 883 2.94 66.23 -24.85
N LEU K 884 3.09 65.81 -26.11
CA LEU K 884 3.15 66.75 -27.23
C LEU K 884 1.88 67.60 -27.31
N GLN K 885 0.73 66.95 -27.16
CA GLN K 885 -0.54 67.66 -27.10
C GLN K 885 -0.58 68.68 -25.95
N GLU K 886 -0.36 68.22 -24.72
CA GLU K 886 -0.47 69.10 -23.54
C GLU K 886 0.58 70.19 -23.39
N ASN K 887 1.71 70.11 -24.12
CA ASN K 887 2.81 71.10 -23.96
C ASN K 887 3.43 71.68 -25.25
N LEU K 888 2.78 71.47 -26.40
CA LEU K 888 3.25 72.03 -27.67
C LEU K 888 2.10 72.42 -28.61
N GLY K 889 1.36 71.40 -29.08
CA GLY K 889 0.32 71.56 -30.07
C GLY K 889 -0.88 72.36 -29.60
N SER K 890 -1.60 71.80 -28.63
CA SER K 890 -2.93 72.27 -28.23
C SER K 890 -3.00 73.69 -27.68
N ARG K 891 -4.24 74.20 -27.61
CA ARG K 891 -4.55 75.54 -27.12
C ARG K 891 -4.00 75.76 -25.73
N ILE K 892 -4.34 74.85 -24.82
CA ILE K 892 -3.87 74.88 -23.42
C ILE K 892 -2.35 75.06 -23.28
N ALA K 893 -1.59 74.40 -24.14
CA ALA K 893 -0.13 74.38 -24.06
C ALA K 893 0.49 75.73 -24.32
N ALA K 894 0.11 76.32 -25.45
CA ALA K 894 0.52 77.68 -25.80
C ALA K 894 -0.09 78.72 -24.82
N LEU K 895 -1.26 78.42 -24.25
CA LEU K 895 -1.89 79.25 -23.21
C LEU K 895 -1.06 79.26 -21.92
N LYS K 896 -0.83 78.06 -21.38
CA LYS K 896 -0.09 77.83 -20.12
C LYS K 896 1.10 78.76 -19.79
N VAL K 897 1.85 79.15 -20.82
CA VAL K 897 3.14 79.83 -20.62
C VAL K 897 3.02 81.19 -19.95
N SER L 1 26.35 50.18 -29.59
CA SER L 1 25.87 51.28 -30.47
C SER L 1 24.73 52.00 -29.77
N LEU L 2 24.84 53.32 -29.68
CA LEU L 2 23.76 54.15 -29.16
C LEU L 2 22.60 54.16 -30.16
N ARG L 3 21.82 53.07 -30.14
CA ARG L 3 20.79 52.80 -31.14
C ARG L 3 19.68 51.86 -30.57
N PHE L 4 18.48 52.40 -30.41
CA PHE L 4 17.34 51.69 -29.82
C PHE L 4 16.73 50.71 -30.83
N LEU L 5 15.86 49.82 -30.34
CA LEU L 5 15.08 48.90 -31.19
C LEU L 5 13.62 49.04 -30.81
N TYR L 6 12.79 49.50 -31.74
CA TYR L 6 11.33 49.52 -31.55
C TYR L 6 10.58 49.29 -32.86
N GLU L 7 9.85 48.17 -32.92
CA GLU L 7 9.07 47.77 -34.09
C GLU L 7 7.66 48.39 -33.92
N GLY L 8 7.40 49.48 -34.65
CA GLY L 8 6.15 50.23 -34.51
C GLY L 8 6.31 51.69 -34.89
#